data_9B94
#
_entry.id   9B94
#
_cell.length_a   1.00
_cell.length_b   1.00
_cell.length_c   1.00
_cell.angle_alpha   90.00
_cell.angle_beta   90.00
_cell.angle_gamma   90.00
#
_symmetry.space_group_name_H-M   'P 1'
#
loop_
_entity.id
_entity.type
_entity.pdbx_description
1 polymer 'Transient receptor potential cation channel subfamily M member 4'
2 non-polymer 'CALCIUM ION'
#
_entity_poly.entity_id   1
_entity_poly.type   'polypeptide(L)'
_entity_poly.pdbx_seq_one_letter_code
;MVVPEKEQSWIPKIFKKKTCTTFIVDSTDPGGTLCQCGRPRTAHPAVAMEDAFGAAVVTVWDSDAHTTEKPTDAYGELDF
TGAGRKHSNFLRLSDRTDPAAVYSLVTRTWGFRAPNLVVSVLGGSGGPVLQTWLQDLLRRGLVRAAQSTGAWIVTGGLHT
GIGRHVGVAVRDHQMASTGGTKVVAMGVAPWGVVRNRDTLINPKGSFPARYRWRGDPEDGVQFPLDYNYSAFFLVDDGTH
GCLGGENRFRLRLESYISQQKTGVGGTGIDIPVLLLLIDGDEKMLTRIENATQAQLPCLLVAGSGGAADCLAETLEDTLA
PGSGGARQGEARDRIRRFFPKGDLEVLQAQVERIMTRKELLTVYSSEDGSEEFETIVLKALVKACGSSEASAYLDALRLA
VAWNRVDIAQSELFRGDIQWRSFHLEASLMDALLNDRPEFVRLLISHGLSLGHFLTPMRLAQLYSAAPSNSLIRNLLDQA
SHSAGTKAPALKGGAAELRPPDVGHVLRMLLGKMCAPRYPSGGAWDPHPGQGFGESMYLLSDKATSPLSLDAGLGQAPWS
DLLLWALLLNRAQMAMYFWEMGSNAVSSALGACLLLRVMARLEPDAEEAARRKDLAFKFEGMGVDLFGECYRSSEVRAAR
LLLRRCPLWGDATCLQLAMQADARAFFAQDGVQSLLTQKWWGDMASTTPIWALVLAFFCPPLIYTRLITFRKSEEEPTRE
ELEFDMDSVINGEGPVGTADPAEKTPLGVPRQSGRPGCCGGRCGGRRCLRRWFHFWGAPVTIFMGNVVSYLLFLLLFSRV
LLVDFQPAPPGSLELLLYFWAFTLLCEELRQGLSGGGGSLASGGPGPGHASLSQRLRLYLADSWNQCDLVALTCFLLGVG
CRLTPGLYHLGRTVLCIDFMVFTVRLLHIFTVNKQLGPKIVIVSKMMKDVFFFLFFLGVWLVAYGVATEGLLRPRDSDFP
SILRRVFYRPYLQIFGQIPQEDMDVALMEHSNCSSEPGFWAHPPGAQAGTCVSQYANWLVVLLLVIFLLVANILLVNLLI
AMFSYTFGKVQGNSDLYWKAQRYRLIREFHSRPALAPPFIVISHLRLLLRQLCRRPRSPQPSSPALEHFRVYLSKEAERK
LLTWESVHKENFLLARARDKRESDSERLKRTSQKVDLALKQLGHIREYEQRLKVLEREVQQCSRVLGWVAEALSRSALLP
PGGPPPPDLPGSKD
;
_entity_poly.pdbx_strand_id   A,B,C,D
#
loop_
_chem_comp.id
_chem_comp.type
_chem_comp.name
_chem_comp.formula
CA non-polymer 'CALCIUM ION' 'Ca 2'
#
# COMPACT_ATOMS: atom_id res chain seq x y z
N GLU A 7 -25.61 -42.15 -18.24
CA GLU A 7 -25.96 -43.45 -17.68
C GLU A 7 -27.33 -43.38 -17.01
N GLN A 8 -28.37 -43.64 -17.79
CA GLN A 8 -29.75 -43.60 -17.29
C GLN A 8 -30.59 -44.81 -17.68
N SER A 9 -30.23 -45.54 -18.75
CA SER A 9 -31.05 -46.64 -19.19
C SER A 9 -31.21 -47.70 -18.12
N TRP A 10 -30.29 -47.77 -17.16
CA TRP A 10 -30.41 -48.71 -16.07
C TRP A 10 -31.45 -48.28 -15.03
N ILE A 11 -31.80 -46.99 -14.98
CA ILE A 11 -32.78 -46.53 -14.01
C ILE A 11 -34.13 -47.21 -14.20
N PRO A 12 -34.69 -47.29 -15.41
CA PRO A 12 -35.93 -48.07 -15.58
C PRO A 12 -35.76 -49.53 -15.24
N LYS A 13 -34.55 -50.07 -15.37
CA LYS A 13 -34.34 -51.49 -15.15
C LYS A 13 -34.63 -51.89 -13.71
N ILE A 14 -34.20 -51.05 -12.75
CA ILE A 14 -34.24 -51.43 -11.34
C ILE A 14 -35.35 -50.73 -10.56
N PHE A 15 -36.01 -49.73 -11.15
CA PHE A 15 -37.08 -49.00 -10.48
C PHE A 15 -38.39 -49.22 -11.20
N LYS A 16 -39.48 -49.32 -10.42
CA LYS A 16 -40.79 -49.64 -10.95
C LYS A 16 -41.84 -48.68 -10.42
N LYS A 17 -42.84 -48.43 -11.24
CA LYS A 17 -44.04 -47.71 -10.89
C LYS A 17 -45.21 -48.67 -10.82
N LYS A 18 -46.31 -48.18 -10.24
CA LYS A 18 -47.47 -49.01 -9.92
C LYS A 18 -48.67 -48.60 -10.76
N THR A 19 -49.51 -49.59 -11.09
CA THR A 19 -50.71 -49.32 -11.94
C THR A 19 -51.95 -49.50 -11.12
N CYS A 20 -53.09 -48.95 -11.57
CA CYS A 20 -54.37 -49.15 -10.86
C CYS A 20 -54.74 -50.63 -10.85
N THR A 21 -54.56 -51.32 -11.99
CA THR A 21 -54.81 -52.78 -12.05
C THR A 21 -56.22 -53.10 -11.61
N THR A 22 -56.37 -54.06 -10.69
CA THR A 22 -57.71 -54.50 -10.23
C THR A 22 -58.56 -53.33 -9.78
N PHE A 23 -59.87 -53.42 -9.99
CA PHE A 23 -60.78 -52.35 -9.61
C PHE A 23 -61.53 -52.74 -8.34
N ILE A 24 -61.77 -51.74 -7.48
CA ILE A 24 -62.57 -51.90 -6.28
C ILE A 24 -63.48 -50.68 -6.16
N VAL A 25 -64.76 -50.93 -5.94
CA VAL A 25 -65.73 -49.83 -5.81
C VAL A 25 -65.63 -49.20 -4.42
N THR A 33 -68.16 -47.13 -10.06
CA THR A 33 -68.14 -45.67 -9.94
C THR A 33 -66.70 -45.17 -9.82
N LEU A 34 -66.15 -45.24 -8.62
CA LEU A 34 -64.80 -44.78 -8.32
C LEU A 34 -63.98 -45.93 -7.79
N CYS A 35 -62.75 -46.07 -8.29
CA CYS A 35 -61.85 -47.09 -7.80
C CYS A 35 -61.44 -46.78 -6.36
N GLN A 36 -61.20 -47.84 -5.59
CA GLN A 36 -60.50 -47.68 -4.34
C GLN A 36 -59.05 -47.27 -4.55
N CYS A 37 -58.57 -47.35 -5.79
CA CYS A 37 -57.23 -46.93 -6.17
C CYS A 37 -57.17 -45.46 -6.59
N GLY A 38 -58.24 -44.70 -6.38
CA GLY A 38 -58.24 -43.27 -6.64
C GLY A 38 -58.54 -42.88 -8.08
N ARG A 39 -58.69 -43.85 -8.97
CA ARG A 39 -58.99 -43.55 -10.37
C ARG A 39 -60.44 -43.87 -10.70
N PRO A 40 -61.05 -43.15 -11.63
CA PRO A 40 -62.43 -43.48 -12.00
C PRO A 40 -62.53 -44.87 -12.61
N ARG A 41 -63.65 -45.54 -12.34
CA ARG A 41 -63.85 -46.88 -12.87
C ARG A 41 -63.72 -46.90 -14.38
N THR A 42 -64.12 -45.82 -15.05
CA THR A 42 -64.05 -45.78 -16.51
C THR A 42 -62.60 -45.83 -16.99
N ALA A 43 -61.73 -45.03 -16.39
CA ALA A 43 -60.34 -44.93 -16.84
C ALA A 43 -59.50 -46.01 -16.16
N HIS A 44 -59.79 -47.25 -16.52
CA HIS A 44 -59.07 -48.40 -16.02
C HIS A 44 -58.75 -49.34 -17.17
N PRO A 45 -57.72 -50.18 -17.01
CA PRO A 45 -57.41 -51.16 -18.08
C PRO A 45 -58.49 -52.22 -18.20
N ALA A 46 -58.30 -53.17 -19.12
CA ALA A 46 -59.29 -54.22 -19.30
C ALA A 46 -59.36 -55.14 -18.09
N VAL A 47 -58.27 -55.26 -17.32
CA VAL A 47 -58.25 -56.14 -16.17
C VAL A 47 -59.17 -55.66 -15.05
N ALA A 48 -59.60 -54.40 -15.09
CA ALA A 48 -60.48 -53.87 -14.06
C ALA A 48 -61.93 -54.01 -14.49
N THR A 59 -62.79 -56.93 -2.62
CA THR A 59 -63.50 -56.34 -1.48
C THR A 59 -62.86 -55.00 -1.09
N VAL A 60 -61.72 -55.08 -0.39
CA VAL A 60 -60.96 -53.90 0.01
C VAL A 60 -59.69 -53.87 -0.83
N TRP A 61 -59.47 -52.75 -1.51
CA TRP A 61 -58.36 -52.65 -2.44
C TRP A 61 -57.03 -52.71 -1.70
N ASP A 62 -56.07 -53.43 -2.28
CA ASP A 62 -54.75 -53.62 -1.70
C ASP A 62 -53.72 -52.85 -2.53
N SER A 63 -52.87 -52.11 -1.85
CA SER A 63 -51.85 -51.31 -2.53
C SER A 63 -50.79 -52.17 -3.22
N ASP A 64 -50.74 -53.47 -2.93
CA ASP A 64 -49.78 -54.37 -3.55
C ASP A 64 -50.46 -55.55 -4.25
N ALA A 65 -51.48 -56.14 -3.64
CA ALA A 65 -52.14 -57.29 -4.27
C ALA A 65 -52.94 -56.85 -5.50
N HIS A 66 -53.54 -55.67 -5.45
CA HIS A 66 -54.45 -55.19 -6.49
C HIS A 66 -53.77 -54.17 -7.40
N THR A 67 -52.48 -54.35 -7.66
CA THR A 67 -51.73 -53.44 -8.51
C THR A 67 -50.68 -54.23 -9.26
N THR A 68 -50.11 -53.59 -10.29
CA THR A 68 -49.08 -54.20 -11.12
C THR A 68 -47.88 -53.28 -11.18
N GLU A 69 -46.69 -53.87 -11.31
CA GLU A 69 -45.44 -53.12 -11.37
C GLU A 69 -44.92 -53.09 -12.79
N LYS A 70 -44.57 -51.90 -13.27
CA LYS A 70 -44.02 -51.69 -14.59
C LYS A 70 -42.74 -50.87 -14.46
N PRO A 71 -41.87 -50.89 -15.46
CA PRO A 71 -40.65 -50.08 -15.39
C PRO A 71 -41.00 -48.61 -15.24
N THR A 72 -40.22 -47.91 -14.41
CA THR A 72 -40.46 -46.49 -14.18
C THR A 72 -40.20 -45.69 -15.45
N ASP A 73 -40.96 -44.60 -15.60
CA ASP A 73 -40.88 -43.76 -16.79
C ASP A 73 -40.96 -42.29 -16.44
N ALA A 74 -40.54 -41.91 -15.23
CA ALA A 74 -40.63 -40.53 -14.77
C ALA A 74 -39.33 -40.08 -14.11
N TYR A 75 -38.21 -40.72 -14.45
CA TYR A 75 -36.94 -40.37 -13.85
C TYR A 75 -36.39 -39.12 -14.53
N GLY A 76 -35.14 -38.79 -14.26
CA GLY A 76 -34.51 -37.62 -14.81
C GLY A 76 -34.23 -36.57 -13.74
N GLU A 77 -34.23 -35.31 -14.18
CA GLU A 77 -34.02 -34.19 -13.29
C GLU A 77 -34.99 -33.07 -13.62
N LEU A 78 -35.29 -32.26 -12.61
CA LEU A 78 -36.23 -31.15 -12.76
C LEU A 78 -35.47 -29.85 -12.93
N ASP A 79 -35.89 -29.06 -13.91
CA ASP A 79 -35.37 -27.72 -14.14
C ASP A 79 -36.53 -26.76 -13.93
N PHE A 80 -36.72 -26.34 -12.68
CA PHE A 80 -37.79 -25.40 -12.37
C PHE A 80 -37.62 -24.15 -13.24
N THR A 81 -38.70 -23.73 -13.88
CA THR A 81 -38.64 -22.63 -14.81
C THR A 81 -37.97 -21.43 -14.18
N GLY A 82 -36.82 -21.04 -14.74
CA GLY A 82 -36.12 -19.86 -14.27
C GLY A 82 -35.13 -20.16 -13.17
N ALA A 83 -35.47 -19.79 -11.93
CA ALA A 83 -34.55 -19.90 -10.82
C ALA A 83 -34.28 -21.37 -10.47
N GLY A 84 -33.22 -21.58 -9.71
CA GLY A 84 -32.79 -22.91 -9.31
C GLY A 84 -31.41 -23.22 -9.84
N ARG A 85 -30.90 -24.38 -9.40
CA ARG A 85 -29.62 -24.88 -9.86
C ARG A 85 -29.69 -25.57 -11.20
N LYS A 86 -30.80 -25.40 -11.94
CA LYS A 86 -31.03 -26.05 -13.22
C LYS A 86 -30.96 -27.57 -13.09
N HIS A 87 -31.08 -28.09 -11.88
CA HIS A 87 -31.05 -29.53 -11.67
C HIS A 87 -31.66 -29.81 -10.30
N SER A 88 -32.79 -30.51 -10.29
CA SER A 88 -33.39 -31.00 -9.05
C SER A 88 -33.84 -32.42 -9.34
N ASN A 89 -32.95 -33.37 -9.11
CA ASN A 89 -33.19 -34.74 -9.55
C ASN A 89 -34.50 -35.27 -8.97
N PHE A 90 -35.30 -35.86 -9.84
CA PHE A 90 -36.57 -36.46 -9.45
C PHE A 90 -36.51 -37.96 -9.73
N LEU A 91 -37.54 -38.67 -9.31
CA LEU A 91 -37.62 -40.09 -9.57
C LEU A 91 -38.99 -40.60 -9.14
N ARG A 92 -39.44 -41.64 -9.83
CA ARG A 92 -40.70 -42.32 -9.51
C ARG A 92 -40.39 -43.79 -9.30
N LEU A 93 -40.76 -44.31 -8.13
CA LEU A 93 -40.43 -45.69 -7.79
C LEU A 93 -41.54 -46.28 -6.93
N SER A 94 -41.64 -47.60 -6.97
CA SER A 94 -42.63 -48.31 -6.18
C SER A 94 -42.29 -48.22 -4.70
N ASP A 95 -43.34 -48.24 -3.86
CA ASP A 95 -43.11 -48.20 -2.42
C ASP A 95 -42.31 -49.41 -1.96
N ARG A 96 -42.64 -50.60 -2.48
CA ARG A 96 -41.93 -51.82 -2.11
C ARG A 96 -40.60 -51.91 -2.88
N THR A 97 -39.74 -50.93 -2.62
CA THR A 97 -38.44 -50.84 -3.24
C THR A 97 -37.36 -50.89 -2.17
N ASP A 98 -36.30 -51.64 -2.44
CA ASP A 98 -35.22 -51.76 -1.48
C ASP A 98 -34.46 -50.44 -1.37
N PRO A 99 -34.34 -49.85 -0.18
CA PRO A 99 -33.69 -48.54 -0.09
C PRO A 99 -32.24 -48.54 -0.49
N ALA A 100 -31.59 -49.71 -0.55
CA ALA A 100 -30.17 -49.75 -0.91
C ALA A 100 -29.94 -49.20 -2.30
N ALA A 101 -30.79 -49.58 -3.26
CA ALA A 101 -30.64 -49.06 -4.61
C ALA A 101 -30.83 -47.56 -4.65
N VAL A 102 -31.82 -47.05 -3.91
CA VAL A 102 -32.07 -45.62 -3.87
C VAL A 102 -30.85 -44.89 -3.32
N TYR A 103 -30.29 -45.41 -2.23
CA TYR A 103 -29.13 -44.77 -1.62
C TYR A 103 -27.94 -44.78 -2.58
N SER A 104 -27.72 -45.90 -3.26
CA SER A 104 -26.63 -45.97 -4.22
C SER A 104 -26.83 -44.97 -5.35
N LEU A 105 -28.04 -44.90 -5.88
CA LEU A 105 -28.33 -43.94 -6.95
C LEU A 105 -28.06 -42.52 -6.49
N VAL A 106 -28.52 -42.16 -5.29
CA VAL A 106 -28.35 -40.81 -4.80
C VAL A 106 -26.88 -40.50 -4.60
N THR A 107 -26.14 -41.43 -4.00
CA THR A 107 -24.76 -41.14 -3.62
C THR A 107 -23.85 -41.08 -4.84
N ARG A 108 -23.97 -42.05 -5.76
CA ARG A 108 -23.05 -42.16 -6.88
C ARG A 108 -23.56 -41.46 -8.13
N THR A 109 -24.73 -41.84 -8.62
CA THR A 109 -25.20 -41.32 -9.90
C THR A 109 -25.50 -39.82 -9.81
N TRP A 110 -26.27 -39.42 -8.80
CA TRP A 110 -26.67 -38.02 -8.68
C TRP A 110 -25.59 -37.15 -8.08
N GLY A 111 -24.52 -37.72 -7.53
CA GLY A 111 -23.39 -36.96 -7.06
C GLY A 111 -23.49 -36.46 -5.63
N PHE A 112 -24.60 -36.70 -4.94
CA PHE A 112 -24.71 -36.28 -3.56
C PHE A 112 -23.73 -37.05 -2.69
N ARG A 113 -23.01 -36.36 -1.83
CA ARG A 113 -22.10 -37.03 -0.92
C ARG A 113 -22.89 -37.77 0.16
N ALA A 114 -22.20 -38.66 0.85
CA ALA A 114 -22.82 -39.35 1.97
C ALA A 114 -23.18 -38.33 3.04
N PRO A 115 -24.37 -38.41 3.64
CA PRO A 115 -24.74 -37.43 4.66
C PRO A 115 -24.12 -37.76 6.00
N ASN A 116 -23.39 -36.80 6.57
CA ASN A 116 -22.87 -36.95 7.92
C ASN A 116 -23.98 -36.93 8.97
N LEU A 117 -25.20 -36.56 8.59
CA LEU A 117 -26.34 -36.49 9.48
C LEU A 117 -27.59 -36.33 8.63
N VAL A 118 -28.68 -36.93 9.10
CA VAL A 118 -29.96 -36.86 8.40
C VAL A 118 -31.01 -36.42 9.40
N VAL A 119 -31.70 -35.32 9.09
CA VAL A 119 -32.77 -34.80 9.93
C VAL A 119 -34.07 -35.04 9.20
N SER A 120 -34.89 -35.95 9.70
CA SER A 120 -36.18 -36.26 9.11
C SER A 120 -37.22 -35.38 9.81
N VAL A 121 -37.62 -34.31 9.15
CA VAL A 121 -38.51 -33.35 9.77
C VAL A 121 -39.95 -33.84 9.62
N LEU A 122 -40.68 -33.84 10.72
CA LEU A 122 -42.08 -34.22 10.76
C LEU A 122 -42.91 -33.03 11.24
N GLY A 123 -44.22 -33.23 11.30
CA GLY A 123 -45.10 -32.19 11.84
C GLY A 123 -46.12 -31.71 10.83
N GLY A 124 -47.39 -31.91 11.17
CA GLY A 124 -48.47 -31.43 10.33
C GLY A 124 -48.52 -29.92 10.27
N SER A 125 -48.33 -29.27 11.41
CA SER A 125 -48.34 -27.81 11.52
C SER A 125 -49.61 -27.24 10.87
N GLY A 126 -50.74 -27.57 11.47
CA GLY A 126 -52.02 -27.10 10.97
C GLY A 126 -52.04 -25.59 10.83
N GLY A 127 -52.48 -25.11 9.67
CA GLY A 127 -52.51 -23.69 9.39
C GLY A 127 -51.25 -23.26 8.66
N PRO A 128 -51.40 -22.55 7.54
CA PRO A 128 -50.21 -22.17 6.76
C PRO A 128 -49.23 -21.32 7.53
N VAL A 129 -49.70 -20.45 8.41
CA VAL A 129 -48.83 -19.58 9.20
C VAL A 129 -48.13 -20.43 10.25
N LEU A 130 -46.91 -20.01 10.62
CA LEU A 130 -46.13 -20.68 11.64
C LEU A 130 -45.56 -19.65 12.60
N GLN A 131 -45.32 -20.08 13.84
CA GLN A 131 -44.88 -19.16 14.87
C GLN A 131 -43.52 -18.58 14.53
N THR A 132 -43.28 -17.36 15.00
CA THR A 132 -42.03 -16.68 14.68
C THR A 132 -40.84 -17.42 15.26
N TRP A 133 -40.94 -17.89 16.50
CA TRP A 133 -39.81 -18.60 17.10
C TRP A 133 -39.51 -19.90 16.37
N LEU A 134 -40.55 -20.63 15.95
CA LEU A 134 -40.32 -21.86 15.19
C LEU A 134 -39.61 -21.57 13.88
N GLN A 135 -40.05 -20.54 13.16
CA GLN A 135 -39.41 -20.20 11.89
C GLN A 135 -37.97 -19.76 12.11
N ASP A 136 -37.72 -18.99 13.16
CA ASP A 136 -36.35 -18.59 13.48
C ASP A 136 -35.49 -19.81 13.78
N LEU A 137 -36.04 -20.76 14.54
CA LEU A 137 -35.28 -21.97 14.84
C LEU A 137 -34.95 -22.74 13.57
N LEU A 138 -35.93 -22.91 12.69
CA LEU A 138 -35.69 -23.65 11.46
C LEU A 138 -34.64 -22.96 10.60
N ARG A 139 -34.75 -21.65 10.43
CA ARG A 139 -33.84 -20.95 9.53
C ARG A 139 -32.46 -20.76 10.16
N ARG A 140 -32.37 -20.83 11.48
CA ARG A 140 -31.13 -20.52 12.20
C ARG A 140 -30.55 -21.71 12.93
N GLY A 141 -31.39 -22.60 13.45
CA GLY A 141 -30.91 -23.77 14.15
C GLY A 141 -30.77 -24.98 13.25
N LEU A 142 -31.81 -25.29 12.49
CA LEU A 142 -31.80 -26.50 11.67
C LEU A 142 -30.97 -26.32 10.41
N VAL A 143 -31.34 -25.34 9.58
CA VAL A 143 -30.68 -25.19 8.29
C VAL A 143 -29.20 -24.85 8.47
N ARG A 144 -28.89 -23.97 9.42
CA ARG A 144 -27.49 -23.63 9.66
C ARG A 144 -26.70 -24.86 10.05
N ALA A 145 -27.23 -25.66 10.97
CA ALA A 145 -26.53 -26.88 11.38
C ALA A 145 -26.38 -27.84 10.21
N ALA A 146 -27.42 -27.97 9.38
CA ALA A 146 -27.34 -28.88 8.25
C ALA A 146 -26.24 -28.45 7.29
N GLN A 147 -26.14 -27.16 7.02
CA GLN A 147 -25.07 -26.70 6.13
C GLN A 147 -23.71 -26.91 6.79
N SER A 148 -23.60 -26.65 8.09
CA SER A 148 -22.32 -26.80 8.77
C SER A 148 -21.84 -28.24 8.74
N THR A 149 -22.73 -29.18 9.01
CA THR A 149 -22.38 -30.59 9.05
C THR A 149 -22.64 -31.33 7.74
N GLY A 150 -23.07 -30.62 6.70
CA GLY A 150 -23.36 -31.26 5.44
C GLY A 150 -24.42 -32.33 5.55
N ALA A 151 -25.44 -32.10 6.36
CA ALA A 151 -26.50 -33.06 6.59
C ALA A 151 -27.57 -32.96 5.50
N TRP A 152 -28.40 -33.98 5.43
CA TRP A 152 -29.59 -33.98 4.59
C TRP A 152 -30.80 -33.67 5.44
N ILE A 153 -31.77 -32.98 4.85
CA ILE A 153 -33.05 -32.70 5.49
C ILE A 153 -34.10 -33.44 4.69
N VAL A 154 -34.75 -34.43 5.30
CA VAL A 154 -35.73 -35.27 4.64
C VAL A 154 -37.10 -34.81 5.06
N THR A 155 -37.91 -34.38 4.10
CA THR A 155 -39.27 -33.93 4.38
C THR A 155 -40.17 -34.42 3.25
N GLY A 156 -41.38 -33.87 3.21
CA GLY A 156 -42.29 -34.14 2.11
C GLY A 156 -42.08 -33.16 0.98
N GLY A 157 -41.76 -33.68 -0.20
CA GLY A 157 -41.47 -32.82 -1.34
C GLY A 157 -42.70 -32.15 -1.92
N LEU A 158 -43.43 -31.42 -1.09
CA LEU A 158 -44.63 -30.72 -1.53
C LEU A 158 -44.63 -29.31 -0.97
N HIS A 159 -45.30 -28.41 -1.67
CA HIS A 159 -45.35 -27.01 -1.27
C HIS A 159 -46.46 -26.79 -0.24
N THR A 160 -46.48 -27.59 0.82
CA THR A 160 -47.53 -27.53 1.81
C THR A 160 -47.03 -28.12 3.12
N GLY A 161 -47.77 -27.83 4.19
CA GLY A 161 -47.41 -28.38 5.47
C GLY A 161 -46.05 -27.89 5.94
N ILE A 162 -45.37 -28.74 6.71
CA ILE A 162 -44.04 -28.39 7.20
C ILE A 162 -43.03 -28.32 6.07
N GLY A 163 -43.29 -29.00 4.96
CA GLY A 163 -42.36 -28.94 3.84
C GLY A 163 -42.18 -27.54 3.30
N ARG A 164 -43.29 -26.80 3.17
CA ARG A 164 -43.20 -25.42 2.70
C ARG A 164 -42.38 -24.57 3.68
N HIS A 165 -42.60 -24.74 4.97
CA HIS A 165 -41.86 -23.97 5.95
C HIS A 165 -40.37 -24.29 5.88
N VAL A 166 -40.03 -25.56 5.75
CA VAL A 166 -38.63 -25.96 5.64
C VAL A 166 -38.02 -25.35 4.38
N GLY A 167 -38.76 -25.40 3.27
CA GLY A 167 -38.24 -24.85 2.02
C GLY A 167 -37.99 -23.35 2.12
N VAL A 168 -38.93 -22.62 2.72
CA VAL A 168 -38.74 -21.18 2.84
C VAL A 168 -37.58 -20.88 3.79
N ALA A 169 -37.42 -21.69 4.84
CA ALA A 169 -36.26 -21.50 5.71
C ALA A 169 -34.96 -21.70 4.95
N VAL A 170 -34.90 -22.75 4.12
CA VAL A 170 -33.71 -22.98 3.30
C VAL A 170 -33.46 -21.80 2.40
N ARG A 171 -34.50 -21.33 1.72
CA ARG A 171 -34.35 -20.22 0.79
C ARG A 171 -33.84 -18.98 1.49
N ASP A 172 -34.43 -18.65 2.65
CA ASP A 172 -33.99 -17.47 3.39
C ASP A 172 -32.54 -17.61 3.82
N HIS A 173 -32.16 -18.79 4.31
CA HIS A 173 -30.77 -19.00 4.71
C HIS A 173 -29.83 -18.79 3.54
N GLN A 174 -30.27 -19.15 2.33
CA GLN A 174 -29.45 -18.99 1.15
C GLN A 174 -29.35 -17.52 0.76
N LYS A 182 -25.10 -24.72 -1.00
CA LYS A 182 -26.50 -24.85 -0.64
C LYS A 182 -26.71 -26.04 0.28
N VAL A 183 -27.97 -26.25 0.68
CA VAL A 183 -28.33 -27.31 1.62
C VAL A 183 -29.08 -28.39 0.85
N VAL A 184 -28.92 -29.63 1.28
CA VAL A 184 -29.55 -30.77 0.62
C VAL A 184 -30.86 -31.07 1.33
N ALA A 185 -31.97 -30.93 0.60
CA ALA A 185 -33.32 -31.13 1.13
C ALA A 185 -34.00 -32.18 0.29
N MET A 186 -33.91 -33.43 0.72
CA MET A 186 -34.62 -34.51 0.04
C MET A 186 -36.10 -34.43 0.36
N GLY A 187 -36.92 -34.64 -0.67
CA GLY A 187 -38.35 -34.65 -0.47
C GLY A 187 -38.98 -35.93 -0.96
N VAL A 188 -39.53 -36.72 -0.05
CA VAL A 188 -40.20 -37.97 -0.38
C VAL A 188 -41.69 -37.69 -0.34
N ALA A 189 -42.34 -37.78 -1.50
CA ALA A 189 -43.75 -37.46 -1.59
C ALA A 189 -44.47 -38.52 -2.41
N PRO A 190 -45.77 -38.73 -2.17
CA PRO A 190 -46.51 -39.71 -2.95
C PRO A 190 -46.64 -39.28 -4.41
N TRP A 191 -46.75 -40.28 -5.28
CA TRP A 191 -47.04 -40.04 -6.69
C TRP A 191 -48.55 -40.13 -6.87
N GLY A 192 -49.18 -38.99 -7.13
CA GLY A 192 -50.63 -38.94 -7.22
C GLY A 192 -51.20 -37.70 -6.59
N VAL A 193 -50.51 -37.16 -5.58
CA VAL A 193 -50.87 -35.89 -4.99
C VAL A 193 -50.02 -34.75 -5.54
N VAL A 194 -49.20 -35.03 -6.55
CA VAL A 194 -48.33 -34.02 -7.15
C VAL A 194 -49.06 -33.37 -8.30
N ARG A 195 -49.18 -32.04 -8.25
CA ARG A 195 -49.82 -31.32 -9.33
C ARG A 195 -48.98 -31.38 -10.60
N ASN A 196 -49.64 -31.48 -11.74
CA ASN A 196 -48.98 -31.50 -13.05
C ASN A 196 -48.03 -32.69 -13.15
N ARG A 197 -48.53 -33.87 -12.79
CA ARG A 197 -47.72 -35.08 -12.93
C ARG A 197 -47.53 -35.48 -14.38
N ASP A 198 -48.39 -35.00 -15.28
CA ASP A 198 -48.29 -35.39 -16.69
C ASP A 198 -46.98 -34.91 -17.31
N THR A 199 -46.58 -33.68 -17.01
CA THR A 199 -45.41 -33.10 -17.66
C THR A 199 -44.10 -33.81 -17.31
N LEU A 200 -44.11 -34.65 -16.28
CA LEU A 200 -42.89 -35.35 -15.87
C LEU A 200 -42.71 -36.70 -16.55
N ILE A 201 -43.71 -37.19 -17.27
CA ILE A 201 -43.69 -38.55 -17.80
C ILE A 201 -42.93 -38.56 -19.12
N ASN A 202 -41.81 -39.29 -19.15
CA ASN A 202 -41.01 -39.47 -20.35
C ASN A 202 -40.22 -40.76 -20.23
N PRO A 203 -40.72 -41.89 -20.74
CA PRO A 203 -40.00 -43.16 -20.53
C PRO A 203 -38.58 -43.14 -21.06
N LYS A 204 -38.34 -42.45 -22.16
CA LYS A 204 -36.98 -42.34 -22.68
C LYS A 204 -36.06 -41.58 -21.74
N GLY A 205 -36.61 -40.78 -20.85
CA GLY A 205 -35.83 -39.95 -19.95
C GLY A 205 -36.40 -38.55 -19.99
N SER A 206 -36.14 -37.79 -18.92
CA SER A 206 -36.65 -36.43 -18.79
C SER A 206 -35.57 -35.51 -18.25
N PHE A 207 -34.35 -35.61 -18.79
CA PHE A 207 -33.25 -34.81 -18.26
C PHE A 207 -33.58 -33.33 -18.27
N PRO A 208 -33.97 -32.71 -19.38
CA PRO A 208 -34.59 -31.38 -19.31
C PRO A 208 -36.08 -31.53 -19.01
N ALA A 209 -36.47 -31.20 -17.78
CA ALA A 209 -37.85 -31.29 -17.36
C ALA A 209 -38.32 -29.93 -16.89
N ARG A 210 -39.46 -29.49 -17.42
CA ARG A 210 -40.02 -28.18 -17.10
C ARG A 210 -41.31 -28.40 -16.31
N TYR A 211 -41.39 -27.79 -15.13
CA TYR A 211 -42.50 -27.99 -14.21
C TYR A 211 -43.11 -26.64 -13.87
N ARG A 212 -44.43 -26.55 -13.99
CA ARG A 212 -45.18 -25.34 -13.65
C ARG A 212 -45.84 -25.59 -12.30
N TRP A 213 -45.11 -25.32 -11.23
CA TRP A 213 -45.61 -25.53 -9.88
C TRP A 213 -46.77 -24.61 -9.53
N ARG A 214 -47.01 -23.57 -10.32
CA ARG A 214 -47.97 -22.54 -10.00
C ARG A 214 -49.31 -22.73 -10.71
N GLY A 215 -49.73 -23.98 -10.89
CA GLY A 215 -51.00 -24.26 -11.52
C GLY A 215 -52.13 -23.47 -10.89
N ASP A 216 -52.98 -22.88 -11.73
CA ASP A 216 -54.02 -21.99 -11.23
C ASP A 216 -54.92 -22.67 -10.20
N PRO A 217 -55.48 -23.86 -10.44
CA PRO A 217 -56.34 -24.47 -9.43
C PRO A 217 -55.58 -24.70 -8.14
N GLU A 218 -56.29 -24.52 -7.02
CA GLU A 218 -55.71 -24.68 -5.68
C GLU A 218 -56.66 -25.57 -4.87
N ASP A 219 -56.40 -26.88 -4.89
CA ASP A 219 -57.21 -27.84 -4.17
C ASP A 219 -56.29 -28.75 -3.36
N GLY A 220 -56.82 -29.26 -2.25
CA GLY A 220 -56.03 -30.09 -1.37
C GLY A 220 -55.75 -31.48 -1.90
N VAL A 221 -56.41 -31.88 -2.99
CA VAL A 221 -56.18 -33.22 -3.52
C VAL A 221 -54.74 -33.36 -4.02
N GLN A 222 -54.23 -32.34 -4.70
CA GLN A 222 -52.87 -32.36 -5.23
C GLN A 222 -52.15 -31.08 -4.84
N PHE A 223 -50.83 -31.16 -4.80
CA PHE A 223 -49.99 -30.03 -4.42
C PHE A 223 -48.83 -29.95 -5.39
N PRO A 224 -48.18 -28.79 -5.49
CA PRO A 224 -47.01 -28.65 -6.34
C PRO A 224 -45.72 -28.97 -5.59
N LEU A 225 -44.78 -29.56 -6.32
CA LEU A 225 -43.47 -29.85 -5.75
C LEU A 225 -42.75 -28.55 -5.43
N ASP A 226 -42.21 -28.46 -4.22
CA ASP A 226 -41.49 -27.26 -3.82
C ASP A 226 -40.27 -27.07 -4.71
N TYR A 227 -39.83 -25.82 -4.82
CA TYR A 227 -38.67 -25.47 -5.64
C TYR A 227 -37.41 -25.27 -4.81
N ASN A 228 -37.44 -25.55 -3.52
CA ASN A 228 -36.28 -25.40 -2.66
C ASN A 228 -35.57 -26.71 -2.37
N TYR A 229 -36.07 -27.83 -2.89
CA TYR A 229 -35.54 -29.14 -2.57
C TYR A 229 -34.61 -29.63 -3.67
N SER A 230 -33.49 -30.21 -3.26
CA SER A 230 -32.47 -30.61 -4.22
C SER A 230 -32.87 -31.86 -4.99
N ALA A 231 -33.58 -32.78 -4.34
CA ALA A 231 -33.99 -34.01 -5.00
C ALA A 231 -35.32 -34.49 -4.44
N PHE A 232 -36.03 -35.25 -5.26
CA PHE A 232 -37.37 -35.73 -4.95
C PHE A 232 -37.43 -37.23 -5.16
N PHE A 233 -38.34 -37.87 -4.41
CA PHE A 233 -38.65 -39.28 -4.57
C PHE A 233 -40.16 -39.40 -4.60
N LEU A 234 -40.71 -39.66 -5.79
CA LEU A 234 -42.15 -39.74 -6.00
C LEU A 234 -42.55 -41.19 -5.80
N VAL A 235 -42.84 -41.54 -4.55
CA VAL A 235 -43.23 -42.91 -4.22
C VAL A 235 -44.56 -43.21 -4.89
N ASP A 236 -44.60 -44.29 -5.65
CA ASP A 236 -45.80 -44.72 -6.38
C ASP A 236 -46.34 -45.98 -5.74
N ASP A 237 -47.60 -45.92 -5.31
CA ASP A 237 -48.28 -47.07 -4.70
C ASP A 237 -49.52 -47.47 -5.49
N GLY A 238 -49.61 -47.08 -6.75
CA GLY A 238 -50.79 -47.37 -7.55
C GLY A 238 -52.02 -46.65 -7.05
N THR A 239 -51.87 -45.39 -6.65
CA THR A 239 -52.98 -44.57 -6.19
C THR A 239 -52.91 -43.20 -6.86
N HIS A 240 -54.09 -42.64 -7.12
CA HIS A 240 -54.20 -41.32 -7.74
C HIS A 240 -54.48 -40.22 -6.73
N GLY A 241 -53.91 -40.35 -5.54
CA GLY A 241 -54.07 -39.36 -4.49
C GLY A 241 -54.35 -40.02 -3.15
N CYS A 242 -53.48 -39.75 -2.18
CA CYS A 242 -53.57 -40.31 -0.84
C CYS A 242 -52.42 -39.75 -0.03
N LEU A 243 -52.53 -39.87 1.29
CA LEU A 243 -51.50 -39.43 2.21
C LEU A 243 -51.02 -40.62 3.04
N GLY A 244 -49.73 -40.64 3.34
CA GLY A 244 -49.15 -41.69 4.15
C GLY A 244 -48.79 -42.96 3.40
N GLY A 245 -49.02 -43.01 2.09
CA GLY A 245 -48.64 -44.17 1.33
C GLY A 245 -47.14 -44.33 1.14
N GLU A 246 -46.38 -43.25 1.28
CA GLU A 246 -44.94 -43.28 1.16
C GLU A 246 -44.24 -43.42 2.51
N ASN A 247 -44.99 -43.48 3.61
CA ASN A 247 -44.36 -43.56 4.93
C ASN A 247 -43.49 -44.80 5.05
N ARG A 248 -43.96 -45.94 4.53
CA ARG A 248 -43.18 -47.16 4.61
C ARG A 248 -41.81 -46.97 3.97
N PHE A 249 -41.78 -46.46 2.74
CA PHE A 249 -40.51 -46.26 2.05
C PHE A 249 -39.65 -45.23 2.78
N ARG A 250 -40.26 -44.17 3.29
CA ARG A 250 -39.49 -43.14 3.98
C ARG A 250 -38.80 -43.73 5.21
N LEU A 251 -39.54 -44.50 6.00
CA LEU A 251 -38.96 -45.11 7.20
C LEU A 251 -37.88 -46.12 6.81
N ARG A 252 -38.11 -46.91 5.78
CA ARG A 252 -37.11 -47.89 5.37
C ARG A 252 -35.83 -47.19 4.92
N LEU A 253 -35.96 -46.11 4.15
CA LEU A 253 -34.78 -45.37 3.72
C LEU A 253 -34.05 -44.76 4.92
N GLU A 254 -34.80 -44.20 5.86
CA GLU A 254 -34.16 -43.64 7.06
C GLU A 254 -33.37 -44.70 7.79
N SER A 255 -33.98 -45.86 8.02
CA SER A 255 -33.28 -46.94 8.71
C SER A 255 -32.02 -47.35 7.94
N TYR A 256 -32.17 -47.61 6.64
CA TYR A 256 -31.02 -48.07 5.87
C TYR A 256 -29.89 -47.06 5.92
N ILE A 257 -30.21 -45.77 5.80
CA ILE A 257 -29.18 -44.74 5.92
C ILE A 257 -28.52 -44.81 7.29
N SER A 258 -29.33 -44.97 8.34
CA SER A 258 -28.77 -45.08 9.67
C SER A 258 -27.87 -46.29 9.81
N GLN A 259 -28.00 -47.27 8.93
CA GLN A 259 -27.12 -48.44 8.95
C GLN A 259 -25.85 -48.26 8.14
N GLN A 260 -25.67 -47.13 7.46
CA GLN A 260 -24.48 -46.92 6.66
C GLN A 260 -23.34 -46.36 7.50
N LYS A 261 -22.23 -46.03 6.86
CA LYS A 261 -21.05 -45.51 7.52
C LYS A 261 -20.70 -44.13 6.97
N THR A 262 -20.01 -43.34 7.79
CA THR A 262 -19.72 -41.95 7.47
C THR A 262 -18.41 -41.84 6.69
N GLY A 263 -18.46 -42.34 5.45
CA GLY A 263 -17.36 -42.15 4.54
C GLY A 263 -16.09 -42.87 4.97
N VAL A 264 -15.03 -42.62 4.19
CA VAL A 264 -13.73 -43.23 4.45
C VAL A 264 -13.89 -44.74 4.52
N GLY A 265 -14.77 -45.29 3.68
CA GLY A 265 -15.08 -46.70 3.77
C GLY A 265 -15.79 -47.00 5.09
N GLY A 266 -15.43 -48.13 5.69
CA GLY A 266 -16.03 -48.54 6.94
C GLY A 266 -15.47 -47.86 8.17
N THR A 267 -14.49 -46.98 8.00
CA THR A 267 -13.90 -46.30 9.16
C THR A 267 -14.95 -45.47 9.90
N GLY A 268 -15.79 -44.75 9.16
CA GLY A 268 -16.73 -43.85 9.80
C GLY A 268 -17.72 -44.60 10.67
N ILE A 269 -18.32 -43.86 11.61
CA ILE A 269 -19.35 -44.42 12.49
C ILE A 269 -20.68 -44.41 11.75
N ASP A 270 -21.67 -45.10 12.31
CA ASP A 270 -22.99 -45.16 11.69
C ASP A 270 -23.56 -43.76 11.54
N ILE A 271 -24.10 -43.46 10.36
CA ILE A 271 -24.67 -42.14 10.14
C ILE A 271 -25.80 -41.90 11.14
N PRO A 272 -25.79 -40.80 11.89
CA PRO A 272 -26.90 -40.55 12.82
C PRO A 272 -28.12 -40.01 12.08
N VAL A 273 -29.25 -40.63 12.32
CA VAL A 273 -30.52 -40.21 11.72
C VAL A 273 -31.51 -39.97 12.84
N LEU A 274 -31.99 -38.74 12.95
CA LEU A 274 -32.91 -38.36 14.01
C LEU A 274 -34.12 -37.65 13.40
N LEU A 275 -35.25 -37.76 14.09
CA LEU A 275 -36.51 -37.20 13.64
C LEU A 275 -36.84 -35.96 14.46
N LEU A 276 -37.23 -34.89 13.77
CA LEU A 276 -37.67 -33.65 14.40
C LEU A 276 -39.16 -33.51 14.19
N LEU A 277 -39.89 -33.20 15.25
CA LEU A 277 -41.35 -33.16 15.23
C LEU A 277 -41.84 -31.80 15.71
N ILE A 278 -42.75 -31.20 14.95
CA ILE A 278 -43.39 -29.94 15.31
C ILE A 278 -44.89 -30.11 15.14
N ASP A 279 -45.64 -29.97 16.23
CA ASP A 279 -47.09 -30.14 16.19
C ASP A 279 -47.37 -31.57 15.69
N GLY A 280 -48.49 -31.78 15.01
CA GLY A 280 -48.81 -33.06 14.43
C GLY A 280 -50.20 -33.51 14.81
N ASP A 281 -50.40 -34.82 14.75
CA ASP A 281 -51.70 -35.43 15.02
C ASP A 281 -51.46 -36.92 15.30
N GLU A 282 -52.55 -37.69 15.35
CA GLU A 282 -52.43 -39.11 15.65
C GLU A 282 -51.55 -39.82 14.64
N LYS A 283 -51.63 -39.41 13.36
CA LYS A 283 -50.76 -40.01 12.35
C LYS A 283 -49.30 -39.76 12.68
N MET A 284 -48.98 -38.54 13.11
CA MET A 284 -47.61 -38.25 13.52
C MET A 284 -47.21 -39.10 14.72
N LEU A 285 -48.15 -39.35 15.64
CA LEU A 285 -47.85 -40.20 16.77
C LEU A 285 -47.51 -41.62 16.32
N THR A 286 -48.27 -42.15 15.36
CA THR A 286 -47.96 -43.47 14.82
C THR A 286 -46.61 -43.48 14.14
N ARG A 287 -46.30 -42.42 13.40
CA ARG A 287 -44.99 -42.35 12.74
C ARG A 287 -43.86 -42.33 13.77
N ILE A 288 -44.05 -41.59 14.86
CA ILE A 288 -43.05 -41.55 15.92
C ILE A 288 -42.89 -42.94 16.53
N GLU A 289 -44.00 -43.64 16.75
CA GLU A 289 -43.93 -44.99 17.28
C GLU A 289 -43.14 -45.90 16.36
N ASN A 290 -43.41 -45.83 15.06
CA ASN A 290 -42.67 -46.67 14.11
C ASN A 290 -41.19 -46.33 14.12
N ALA A 291 -40.86 -45.03 14.15
CA ALA A 291 -39.46 -44.63 14.17
C ALA A 291 -38.77 -45.17 15.41
N THR A 292 -39.41 -45.04 16.57
CA THR A 292 -38.82 -45.58 17.80
C THR A 292 -38.63 -47.08 17.69
N GLN A 293 -39.61 -47.78 17.12
CA GLN A 293 -39.43 -49.21 16.85
C GLN A 293 -38.22 -49.44 15.95
N ALA A 294 -37.90 -48.47 15.10
CA ALA A 294 -36.75 -48.56 14.22
C ALA A 294 -35.46 -48.07 14.86
N GLN A 295 -35.51 -47.72 16.15
CA GLN A 295 -34.34 -47.23 16.88
C GLN A 295 -33.77 -45.99 16.21
N LEU A 296 -34.58 -44.93 16.18
CA LEU A 296 -34.19 -43.65 15.62
C LEU A 296 -34.47 -42.57 16.65
N PRO A 297 -33.48 -41.78 17.05
CA PRO A 297 -33.75 -40.72 18.02
C PRO A 297 -34.81 -39.75 17.52
N CYS A 298 -35.62 -39.25 18.43
CA CYS A 298 -36.68 -38.30 18.12
C CYS A 298 -36.48 -37.03 18.94
N LEU A 299 -36.60 -35.88 18.28
CA LEU A 299 -36.53 -34.59 18.94
C LEU A 299 -37.92 -33.96 18.89
N LEU A 300 -38.48 -33.69 20.05
CA LEU A 300 -39.80 -33.09 20.17
C LEU A 300 -39.64 -31.63 20.57
N VAL A 301 -40.24 -30.74 19.78
CA VAL A 301 -40.13 -29.31 20.02
C VAL A 301 -41.14 -28.92 21.08
N ALA A 302 -40.65 -28.32 22.17
CA ALA A 302 -41.55 -27.89 23.24
C ALA A 302 -42.34 -26.67 22.79
N GLY A 303 -43.65 -26.71 23.02
CA GLY A 303 -44.53 -25.65 22.58
C GLY A 303 -44.90 -25.69 21.11
N SER A 304 -44.48 -26.74 20.38
CA SER A 304 -44.79 -26.81 18.96
C SER A 304 -46.29 -26.90 18.73
N GLY A 305 -46.98 -27.70 19.51
CA GLY A 305 -48.41 -27.85 19.39
C GLY A 305 -48.84 -29.27 19.71
N GLY A 306 -50.05 -29.60 19.28
CA GLY A 306 -50.61 -30.91 19.56
C GLY A 306 -49.81 -32.01 18.90
N ALA A 307 -49.80 -33.18 19.56
CA ALA A 307 -49.08 -34.37 19.15
C ALA A 307 -47.58 -34.25 19.37
N ALA A 308 -47.08 -33.07 19.71
CA ALA A 308 -45.67 -32.85 20.03
C ALA A 308 -45.49 -32.32 21.44
N ASP A 309 -46.35 -31.40 21.88
CA ASP A 309 -46.30 -30.95 23.27
C ASP A 309 -46.87 -32.02 24.20
N CYS A 310 -47.77 -32.87 23.69
CA CYS A 310 -48.28 -33.96 24.51
C CYS A 310 -47.16 -34.89 24.92
N LEU A 311 -46.35 -35.33 23.96
CA LEU A 311 -45.23 -36.21 24.27
C LEU A 311 -44.21 -35.50 25.16
N ALA A 312 -43.98 -34.21 24.90
CA ALA A 312 -43.03 -33.47 25.72
C ALA A 312 -43.48 -33.45 27.18
N GLU A 313 -44.76 -33.16 27.42
CA GLU A 313 -45.27 -33.15 28.79
C GLU A 313 -45.21 -34.54 29.40
N THR A 314 -45.58 -35.57 28.63
CA THR A 314 -45.54 -36.93 29.17
C THR A 314 -44.12 -37.31 29.58
N LEU A 315 -43.13 -36.96 28.75
CA LEU A 315 -41.74 -37.24 29.09
C LEU A 315 -41.31 -36.43 30.32
N GLU A 316 -41.73 -35.17 30.40
CA GLU A 316 -41.33 -34.32 31.52
C GLU A 316 -41.82 -34.90 32.84
N ASP A 317 -43.06 -35.38 32.88
CA ASP A 317 -43.61 -35.97 34.09
C ASP A 317 -42.96 -37.32 34.38
N GLN A 328 -54.57 -39.10 34.70
CA GLN A 328 -54.14 -37.78 34.23
C GLN A 328 -53.67 -37.85 32.79
N GLY A 329 -53.08 -38.98 32.40
CA GLY A 329 -52.60 -39.13 31.04
C GLY A 329 -53.71 -39.01 30.01
N GLU A 330 -54.86 -39.62 30.29
CA GLU A 330 -55.99 -39.50 29.38
C GLU A 330 -56.47 -38.05 29.31
N ALA A 331 -56.44 -37.34 30.44
CA ALA A 331 -56.78 -35.92 30.42
C ALA A 331 -55.82 -35.14 29.53
N ARG A 332 -54.52 -35.45 29.61
CA ARG A 332 -53.56 -34.78 28.75
C ARG A 332 -53.84 -35.09 27.28
N ASP A 333 -54.13 -36.35 26.97
CA ASP A 333 -54.44 -36.70 25.59
C ASP A 333 -55.65 -35.94 25.09
N ARG A 334 -56.69 -35.83 25.93
CA ARG A 334 -57.89 -35.13 25.53
C ARG A 334 -57.65 -33.64 25.32
N ILE A 335 -56.94 -33.00 26.26
CA ILE A 335 -56.76 -31.55 26.18
C ILE A 335 -55.82 -31.19 25.03
N ARG A 336 -54.71 -31.92 24.89
CA ARG A 336 -53.71 -31.56 23.89
C ARG A 336 -54.11 -32.08 22.51
N ARG A 337 -54.28 -33.38 22.38
CA ARG A 337 -54.70 -33.96 21.12
C ARG A 337 -56.14 -33.55 20.81
N PHE A 338 -56.52 -33.75 19.56
CA PHE A 338 -57.87 -33.40 19.14
C PHE A 338 -58.90 -34.25 19.88
N PHE A 339 -60.08 -33.68 20.08
CA PHE A 339 -61.15 -34.40 20.78
C PHE A 339 -61.41 -35.78 20.21
N PRO A 340 -61.51 -35.96 18.89
CA PRO A 340 -61.68 -37.31 18.35
C PRO A 340 -60.56 -38.23 18.80
N LYS A 341 -60.95 -39.44 19.23
CA LYS A 341 -60.04 -40.47 19.72
C LYS A 341 -59.37 -40.08 21.04
N GLY A 342 -59.64 -38.90 21.58
CA GLY A 342 -59.02 -38.51 22.83
C GLY A 342 -59.38 -39.46 23.97
N ASP A 343 -60.67 -39.77 24.09
CA ASP A 343 -61.10 -40.80 25.03
C ASP A 343 -60.74 -42.20 24.55
N LEU A 344 -60.45 -42.36 23.26
CA LEU A 344 -60.08 -43.67 22.74
C LEU A 344 -58.85 -44.20 23.46
N GLU A 345 -58.90 -45.46 23.87
CA GLU A 345 -57.78 -46.08 24.56
C GLU A 345 -56.60 -46.32 23.63
N VAL A 346 -56.80 -46.25 22.32
CA VAL A 346 -55.70 -46.44 21.39
C VAL A 346 -54.65 -45.34 21.57
N LEU A 347 -55.09 -44.10 21.77
CA LEU A 347 -54.14 -43.01 21.96
C LEU A 347 -53.30 -43.22 23.21
N GLN A 348 -53.94 -43.57 24.32
CA GLN A 348 -53.21 -43.78 25.56
C GLN A 348 -52.26 -44.97 25.45
N ALA A 349 -52.71 -46.06 24.81
CA ALA A 349 -51.85 -47.22 24.62
C ALA A 349 -50.64 -46.85 23.75
N GLN A 350 -50.86 -46.07 22.69
CA GLN A 350 -49.75 -45.64 21.85
C GLN A 350 -48.78 -44.76 22.61
N VAL A 351 -49.31 -43.87 23.45
CA VAL A 351 -48.43 -43.03 24.27
C VAL A 351 -47.61 -43.89 25.22
N GLU A 352 -48.24 -44.90 25.82
CA GLU A 352 -47.51 -45.79 26.72
C GLU A 352 -46.41 -46.54 25.97
N ARG A 353 -46.72 -47.04 24.77
CA ARG A 353 -45.70 -47.71 23.98
C ARG A 353 -44.57 -46.75 23.61
N ILE A 354 -44.90 -45.49 23.36
CA ILE A 354 -43.89 -44.48 23.08
C ILE A 354 -42.97 -44.32 24.28
N MET A 355 -43.56 -44.12 25.46
CA MET A 355 -42.75 -43.95 26.66
C MET A 355 -41.96 -45.22 26.99
N THR A 356 -42.40 -46.38 26.49
CA THR A 356 -41.64 -47.61 26.72
C THR A 356 -40.20 -47.47 26.26
N ARG A 357 -39.95 -46.67 25.24
CA ARG A 357 -38.60 -46.45 24.72
C ARG A 357 -38.23 -44.98 24.84
N LYS A 358 -38.49 -44.38 26.00
CA LYS A 358 -38.26 -42.95 26.17
C LYS A 358 -36.80 -42.57 26.02
N GLU A 359 -35.89 -43.55 26.08
CA GLU A 359 -34.47 -43.25 25.90
C GLU A 359 -34.23 -42.53 24.58
N LEU A 360 -34.94 -42.94 23.53
CA LEU A 360 -34.75 -42.30 22.24
C LEU A 360 -35.32 -40.89 22.22
N LEU A 361 -36.51 -40.70 22.78
CA LEU A 361 -37.15 -39.40 22.75
C LEU A 361 -36.36 -38.38 23.56
N THR A 362 -36.28 -37.17 23.04
CA THR A 362 -35.66 -36.06 23.76
C THR A 362 -36.39 -34.78 23.38
N VAL A 363 -36.51 -33.87 24.35
CA VAL A 363 -37.23 -32.63 24.17
C VAL A 363 -36.24 -31.51 23.91
N TYR A 364 -36.44 -30.79 22.82
CA TYR A 364 -35.63 -29.61 22.51
C TYR A 364 -36.07 -28.49 23.45
N SER A 365 -35.30 -28.29 24.51
CA SER A 365 -35.64 -27.26 25.49
C SER A 365 -35.77 -25.91 24.79
N SER A 366 -36.88 -25.22 25.08
CA SER A 366 -37.10 -23.91 24.46
C SER A 366 -35.94 -22.98 24.74
N GLU A 367 -35.57 -22.83 26.02
CA GLU A 367 -34.42 -22.03 26.42
C GLU A 367 -34.47 -20.65 25.80
N ASP A 368 -35.68 -20.09 25.71
CA ASP A 368 -35.89 -18.79 25.06
C ASP A 368 -35.29 -18.77 23.66
N GLY A 369 -35.50 -19.86 22.92
CA GLY A 369 -34.93 -20.00 21.59
C GLY A 369 -33.43 -20.13 21.63
N SER A 370 -32.94 -21.25 22.17
CA SER A 370 -31.51 -21.43 22.33
C SER A 370 -30.79 -21.38 20.98
N GLU A 371 -31.38 -22.00 19.96
CA GLU A 371 -30.78 -22.02 18.62
C GLU A 371 -29.38 -22.62 18.65
N GLU A 372 -29.18 -23.58 19.56
CA GLU A 372 -27.94 -24.34 19.66
C GLU A 372 -28.29 -25.77 19.26
N PHE A 373 -28.27 -26.03 17.95
CA PHE A 373 -28.81 -27.27 17.41
C PHE A 373 -27.82 -28.43 17.50
N GLU A 374 -26.56 -28.18 17.17
CA GLU A 374 -25.58 -29.26 17.12
C GLU A 374 -25.41 -29.91 18.48
N THR A 375 -25.30 -29.10 19.53
CA THR A 375 -25.11 -29.65 20.86
C THR A 375 -26.32 -30.47 21.29
N ILE A 376 -27.52 -29.99 20.99
CA ILE A 376 -28.73 -30.73 21.35
C ILE A 376 -28.77 -32.06 20.60
N VAL A 377 -28.42 -32.04 19.32
CA VAL A 377 -28.39 -33.28 18.55
C VAL A 377 -27.39 -34.25 19.16
N LEU A 378 -26.22 -33.76 19.52
CA LEU A 378 -25.19 -34.62 20.10
C LEU A 378 -25.68 -35.22 21.41
N LYS A 379 -26.32 -34.40 22.26
CA LYS A 379 -26.85 -34.92 23.52
C LYS A 379 -27.90 -35.99 23.27
N ALA A 380 -28.79 -35.75 22.30
CA ALA A 380 -29.82 -36.74 22.00
C ALA A 380 -29.21 -38.04 21.52
N LEU A 381 -28.21 -37.97 20.64
CA LEU A 381 -27.57 -39.17 20.16
C LEU A 381 -26.86 -39.91 21.29
N VAL A 382 -26.19 -39.17 22.18
CA VAL A 382 -25.51 -39.80 23.30
C VAL A 382 -26.51 -40.52 24.19
N LYS A 383 -27.62 -39.85 24.50
CA LYS A 383 -28.64 -40.47 25.34
C LYS A 383 -29.21 -41.72 24.67
N ALA A 384 -29.47 -41.65 23.37
CA ALA A 384 -30.00 -42.81 22.66
C ALA A 384 -29.00 -43.98 22.70
N CYS A 385 -27.72 -43.69 22.53
CA CYS A 385 -26.72 -44.75 22.52
C CYS A 385 -26.70 -45.48 23.86
N GLY A 386 -26.77 -44.74 24.96
CA GLY A 386 -26.76 -45.34 26.28
C GLY A 386 -25.41 -45.89 26.67
N TYR A 393 -17.56 -48.81 18.11
CA TYR A 393 -18.51 -48.18 19.02
C TYR A 393 -18.84 -46.77 18.58
N LEU A 394 -19.89 -46.20 19.16
CA LEU A 394 -20.33 -44.85 18.85
C LEU A 394 -19.86 -43.91 19.95
N ASP A 395 -19.10 -42.88 19.57
CA ASP A 395 -18.63 -41.87 20.50
C ASP A 395 -18.92 -40.49 19.94
N ALA A 396 -19.18 -39.55 20.84
CA ALA A 396 -19.36 -38.17 20.40
C ALA A 396 -18.12 -37.66 19.68
N LEU A 397 -16.93 -38.14 20.06
CA LEU A 397 -15.71 -37.69 19.40
C LEU A 397 -15.71 -38.09 17.93
N ARG A 398 -16.04 -39.34 17.63
CA ARG A 398 -16.01 -39.78 16.25
C ARG A 398 -17.03 -39.00 15.42
N LEU A 399 -18.21 -38.75 15.99
CA LEU A 399 -19.21 -37.97 15.26
C LEU A 399 -18.74 -36.54 15.03
N ALA A 400 -18.16 -35.91 16.05
CA ALA A 400 -17.67 -34.55 15.87
C ALA A 400 -16.59 -34.50 14.81
N VAL A 401 -15.73 -35.53 14.77
CA VAL A 401 -14.73 -35.61 13.70
C VAL A 401 -15.41 -35.78 12.35
N ALA A 402 -16.48 -36.57 12.30
CA ALA A 402 -17.22 -36.72 11.05
C ALA A 402 -17.69 -35.37 10.56
N TRP A 403 -18.37 -34.61 11.41
CA TRP A 403 -18.58 -33.21 11.13
C TRP A 403 -17.25 -32.48 11.24
N ASN A 404 -17.26 -31.19 10.90
CA ASN A 404 -16.07 -30.38 11.02
C ASN A 404 -16.09 -29.49 12.24
N ARG A 405 -17.03 -29.72 13.16
CA ARG A 405 -17.17 -28.89 14.35
C ARG A 405 -16.12 -29.33 15.36
N VAL A 406 -15.08 -28.53 15.55
CA VAL A 406 -14.07 -28.84 16.55
C VAL A 406 -14.42 -28.23 17.89
N ASP A 407 -15.21 -27.15 17.91
CA ASP A 407 -15.63 -26.56 19.18
C ASP A 407 -16.48 -27.53 19.99
N ILE A 408 -17.36 -28.27 19.31
CA ILE A 408 -18.21 -29.23 20.01
C ILE A 408 -17.34 -30.28 20.70
N ALA A 409 -16.37 -30.82 19.97
CA ALA A 409 -15.47 -31.81 20.57
C ALA A 409 -14.64 -31.18 21.68
N GLN A 410 -14.25 -29.92 21.51
CA GLN A 410 -13.49 -29.24 22.55
C GLN A 410 -14.29 -29.16 23.84
N SER A 411 -15.58 -28.84 23.73
CA SER A 411 -16.43 -28.81 24.92
C SER A 411 -16.62 -30.21 25.48
N GLU A 412 -16.78 -31.21 24.61
CA GLU A 412 -16.99 -32.58 25.08
C GLU A 412 -15.78 -33.08 25.87
N LEU A 413 -14.57 -32.82 25.37
CA LEU A 413 -13.35 -33.27 26.05
C LEU A 413 -13.01 -32.39 27.24
N PHE A 414 -13.36 -31.11 27.20
CA PHE A 414 -12.97 -30.19 28.27
C PHE A 414 -13.56 -30.63 29.60
N ARG A 415 -14.84 -31.02 29.60
CA ARG A 415 -15.45 -31.52 30.82
C ARG A 415 -14.66 -32.72 31.33
N GLY A 416 -14.32 -32.69 32.62
CA GLY A 416 -13.57 -33.79 33.21
C GLY A 416 -14.39 -35.02 33.50
N ASP A 417 -15.70 -34.94 33.35
CA ASP A 417 -16.56 -36.09 33.64
C ASP A 417 -16.18 -37.28 32.77
N ILE A 418 -15.92 -37.05 31.49
CA ILE A 418 -15.55 -38.14 30.60
C ILE A 418 -14.11 -38.54 30.87
N GLN A 419 -13.89 -39.83 31.10
CA GLN A 419 -12.56 -40.39 31.27
C GLN A 419 -12.25 -41.27 30.06
N TRP A 420 -11.17 -40.94 29.35
CA TRP A 420 -10.86 -41.54 28.07
C TRP A 420 -9.76 -42.59 28.22
N ARG A 421 -9.84 -43.63 27.41
CA ARG A 421 -8.84 -44.68 27.36
C ARG A 421 -7.99 -44.50 26.09
N SER A 422 -7.09 -45.45 25.87
CA SER A 422 -6.16 -45.33 24.76
C SER A 422 -6.88 -45.54 23.42
N PHE A 423 -7.46 -46.72 23.22
CA PHE A 423 -8.10 -47.01 21.94
C PHE A 423 -9.22 -46.01 21.63
N HIS A 424 -9.88 -45.49 22.66
CA HIS A 424 -10.95 -44.52 22.44
C HIS A 424 -10.43 -43.32 21.65
N LEU A 425 -9.33 -42.73 22.10
CA LEU A 425 -8.76 -41.61 21.37
C LEU A 425 -8.05 -42.06 20.11
N GLU A 426 -7.51 -43.27 20.09
CA GLU A 426 -6.79 -43.74 18.91
C GLU A 426 -7.73 -43.85 17.71
N ALA A 427 -8.93 -44.38 17.92
CA ALA A 427 -9.88 -44.51 16.81
C ALA A 427 -10.26 -43.14 16.27
N SER A 428 -10.55 -42.19 17.16
CA SER A 428 -10.90 -40.85 16.71
C SER A 428 -9.75 -40.19 15.97
N LEU A 429 -8.52 -40.40 16.45
CA LEU A 429 -7.36 -39.85 15.76
C LEU A 429 -7.22 -40.44 14.37
N MET A 430 -7.43 -41.75 14.24
CA MET A 430 -7.39 -42.37 12.92
C MET A 430 -8.45 -41.77 12.01
N ASP A 431 -9.66 -41.58 12.52
CA ASP A 431 -10.71 -40.97 11.72
C ASP A 431 -10.32 -39.57 11.27
N ALA A 432 -9.75 -38.78 12.19
CA ALA A 432 -9.35 -37.42 11.84
C ALA A 432 -8.27 -37.43 10.78
N LEU A 433 -7.31 -38.35 10.90
CA LEU A 433 -6.24 -38.43 9.90
C LEU A 433 -6.81 -38.80 8.53
N LEU A 434 -7.72 -39.76 8.49
CA LEU A 434 -8.23 -40.24 7.21
C LEU A 434 -9.04 -39.17 6.50
N ASN A 435 -9.70 -38.28 7.24
CA ASN A 435 -10.62 -37.30 6.66
C ASN A 435 -10.00 -35.92 6.51
N ASP A 436 -8.70 -35.78 6.74
CA ASP A 436 -8.00 -34.51 6.53
C ASP A 436 -8.59 -33.41 7.43
N ARG A 437 -8.47 -33.62 8.75
CA ARG A 437 -8.98 -32.70 9.76
C ARG A 437 -7.81 -32.27 10.64
N PRO A 438 -6.99 -31.33 10.18
CA PRO A 438 -5.79 -30.97 10.96
C PRO A 438 -6.10 -30.48 12.37
N GLU A 439 -7.17 -29.69 12.53
CA GLU A 439 -7.48 -29.14 13.84
C GLU A 439 -7.79 -30.26 14.83
N PHE A 440 -8.54 -31.27 14.39
CA PHE A 440 -8.91 -32.35 15.30
C PHE A 440 -7.70 -33.17 15.70
N VAL A 441 -6.79 -33.45 14.75
CA VAL A 441 -5.60 -34.20 15.13
C VAL A 441 -4.75 -33.39 16.09
N ARG A 442 -4.63 -32.08 15.86
CA ARG A 442 -3.90 -31.24 16.80
C ARG A 442 -4.51 -31.36 18.19
N LEU A 443 -5.82 -31.21 18.29
CA LEU A 443 -6.48 -31.25 19.59
C LEU A 443 -6.31 -32.61 20.25
N LEU A 444 -6.46 -33.68 19.49
CA LEU A 444 -6.35 -35.02 20.07
C LEU A 444 -4.94 -35.29 20.57
N ILE A 445 -3.93 -34.92 19.78
CA ILE A 445 -2.55 -35.10 20.22
C ILE A 445 -2.31 -34.26 21.48
N SER A 446 -2.90 -33.07 21.54
CA SER A 446 -2.69 -32.21 22.69
C SER A 446 -3.13 -32.85 24.00
N HIS A 447 -4.01 -33.85 23.95
CA HIS A 447 -4.53 -34.50 25.16
C HIS A 447 -3.66 -35.68 25.57
N GLY A 448 -2.34 -35.47 25.59
CA GLY A 448 -1.44 -36.47 26.11
C GLY A 448 -1.57 -37.83 25.46
N LEU A 449 -2.04 -37.89 24.23
CA LEU A 449 -2.17 -39.15 23.53
C LEU A 449 -0.78 -39.64 23.12
N SER A 450 -0.44 -40.86 23.52
CA SER A 450 0.84 -41.43 23.14
C SER A 450 0.81 -41.82 21.67
N LEU A 451 1.74 -41.26 20.89
CA LEU A 451 1.76 -41.49 19.45
C LEU A 451 2.65 -42.64 19.03
N GLY A 452 3.74 -42.90 19.76
CA GLY A 452 4.63 -43.97 19.35
C GLY A 452 3.93 -45.31 19.28
N HIS A 453 3.15 -45.63 20.31
CA HIS A 453 2.40 -46.87 20.31
C HIS A 453 1.19 -46.82 19.38
N PHE A 454 0.69 -45.62 19.07
CA PHE A 454 -0.49 -45.50 18.23
C PHE A 454 -0.22 -46.03 16.83
N LEU A 455 0.84 -45.54 16.19
CA LEU A 455 1.12 -45.91 14.82
C LEU A 455 1.62 -47.35 14.74
N THR A 456 1.01 -48.13 13.86
CA THR A 456 1.34 -49.53 13.66
C THR A 456 1.36 -49.81 12.17
N PRO A 457 2.04 -50.87 11.74
CA PRO A 457 2.06 -51.17 10.30
C PRO A 457 0.67 -51.29 9.70
N MET A 458 -0.27 -51.87 10.43
CA MET A 458 -1.64 -51.93 9.95
C MET A 458 -2.23 -50.54 9.78
N ARG A 459 -2.03 -49.67 10.78
CA ARG A 459 -2.57 -48.32 10.69
C ARG A 459 -1.91 -47.54 9.56
N LEU A 460 -0.60 -47.69 9.39
CA LEU A 460 0.07 -47.00 8.30
C LEU A 460 -0.42 -47.50 6.95
N ALA A 461 -0.63 -48.81 6.83
CA ALA A 461 -1.19 -49.35 5.60
C ALA A 461 -2.56 -48.77 5.33
N GLN A 462 -3.40 -48.65 6.36
CA GLN A 462 -4.70 -48.03 6.20
C GLN A 462 -4.56 -46.58 5.75
N LEU A 463 -3.66 -45.84 6.37
CA LEU A 463 -3.50 -44.42 6.03
C LEU A 463 -3.10 -44.26 4.57
N TYR A 464 -2.16 -45.07 4.10
CA TYR A 464 -1.76 -44.99 2.71
C TYR A 464 -2.87 -45.50 1.79
N SER A 465 -3.67 -46.45 2.26
CA SER A 465 -4.78 -46.95 1.46
C SER A 465 -5.81 -45.86 1.19
N ALA A 466 -5.83 -44.80 2.00
CA ALA A 466 -6.77 -43.70 1.82
C ALA A 466 -6.35 -42.76 0.71
N ALA A 467 -5.39 -43.13 -0.12
CA ALA A 467 -5.03 -42.28 -1.23
C ALA A 467 -6.23 -42.09 -2.15
N PRO A 468 -6.46 -40.89 -2.65
CA PRO A 468 -7.71 -40.61 -3.38
C PRO A 468 -7.72 -41.22 -4.76
N SER A 469 -8.47 -42.32 -4.91
CA SER A 469 -8.79 -42.91 -6.21
C SER A 469 -7.51 -42.99 -7.05
N ASN A 470 -7.49 -42.44 -8.25
CA ASN A 470 -6.31 -42.47 -9.12
C ASN A 470 -5.51 -41.20 -8.84
N SER A 471 -4.62 -41.28 -7.86
CA SER A 471 -3.69 -40.21 -7.51
C SER A 471 -2.27 -40.68 -7.75
N LEU A 472 -1.39 -39.72 -8.02
CA LEU A 472 0.00 -40.05 -8.35
C LEU A 472 0.59 -40.98 -7.30
N ILE A 473 0.33 -40.70 -6.02
CA ILE A 473 0.82 -41.60 -4.97
C ILE A 473 0.25 -42.99 -5.16
N ARG A 474 -1.04 -43.08 -5.53
CA ARG A 474 -1.64 -44.39 -5.75
C ARG A 474 -0.93 -45.13 -6.88
N ASN A 475 -0.65 -44.44 -7.98
CA ASN A 475 0.03 -45.07 -9.10
C ASN A 475 1.42 -45.54 -8.70
N LEU A 476 2.16 -44.71 -7.96
CA LEU A 476 3.50 -45.09 -7.56
C LEU A 476 3.47 -46.29 -6.62
N LEU A 477 2.52 -46.32 -5.68
CA LEU A 477 2.39 -47.46 -4.79
C LEU A 477 2.05 -48.72 -5.57
N ASP A 478 1.15 -48.62 -6.55
CA ASP A 478 0.81 -49.77 -7.36
C ASP A 478 2.01 -50.28 -8.13
N GLN A 479 2.79 -49.37 -8.72
CA GLN A 479 3.98 -49.78 -9.45
C GLN A 479 4.98 -50.47 -8.53
N ALA A 480 5.21 -49.90 -7.35
CA ALA A 480 6.16 -50.50 -6.41
C ALA A 480 5.68 -51.88 -5.99
N PRO A 500 1.39 -54.20 2.31
CA PRO A 500 2.08 -53.17 3.08
C PRO A 500 2.37 -51.91 2.26
N PRO A 501 2.64 -50.79 2.92
CA PRO A 501 2.85 -49.53 2.17
C PRO A 501 3.98 -49.62 1.16
N ASP A 502 5.09 -50.25 1.51
CA ASP A 502 6.27 -50.32 0.64
C ASP A 502 6.70 -48.92 0.20
N VAL A 503 6.70 -47.99 1.16
CA VAL A 503 7.02 -46.60 0.86
C VAL A 503 8.51 -46.39 0.55
N GLY A 504 9.39 -47.19 1.13
CA GLY A 504 10.81 -46.98 0.90
C GLY A 504 11.17 -47.09 -0.56
N HIS A 505 10.59 -48.06 -1.27
CA HIS A 505 10.92 -48.24 -2.67
C HIS A 505 10.51 -47.03 -3.50
N VAL A 506 9.29 -46.52 -3.27
CA VAL A 506 8.84 -45.36 -4.04
C VAL A 506 9.66 -44.14 -3.67
N LEU A 507 10.05 -44.00 -2.41
CA LEU A 507 10.90 -42.88 -2.02
C LEU A 507 12.23 -42.93 -2.74
N ARG A 508 12.86 -44.11 -2.79
CA ARG A 508 14.11 -44.24 -3.52
C ARG A 508 13.92 -43.95 -5.00
N MET A 509 12.81 -44.42 -5.57
CA MET A 509 12.55 -44.19 -6.99
C MET A 509 12.44 -42.69 -7.26
N LEU A 510 11.70 -41.97 -6.42
CA LEU A 510 11.58 -40.52 -6.61
C LEU A 510 12.93 -39.83 -6.45
N LEU A 511 13.61 -40.08 -5.34
CA LEU A 511 14.89 -39.43 -5.10
C LEU A 511 15.97 -39.98 -6.02
N GLY A 512 15.90 -41.27 -6.33
CA GLY A 512 16.89 -41.95 -7.16
C GLY A 512 17.88 -42.76 -6.36
N LYS A 513 18.04 -42.46 -5.07
CA LYS A 513 18.98 -43.19 -4.20
C LYS A 513 20.38 -43.20 -4.80
N MET A 514 20.79 -42.07 -5.35
CA MET A 514 22.11 -41.95 -5.96
C MET A 514 23.16 -41.62 -4.91
N ALA A 557 10.40 -43.16 14.50
CA ALA A 557 9.91 -41.82 14.80
C ALA A 557 8.55 -41.63 14.13
N PRO A 558 7.45 -41.64 14.88
CA PRO A 558 6.15 -41.50 14.21
C PRO A 558 5.99 -40.20 13.45
N TRP A 559 6.57 -39.11 13.95
CA TRP A 559 6.39 -37.82 13.31
C TRP A 559 6.99 -37.80 11.91
N SER A 560 8.17 -38.40 11.74
CA SER A 560 8.77 -38.44 10.41
C SER A 560 7.89 -39.22 9.44
N ASP A 561 7.39 -40.37 9.87
CA ASP A 561 6.53 -41.17 9.00
C ASP A 561 5.26 -40.42 8.63
N LEU A 562 4.64 -39.76 9.61
CA LEU A 562 3.42 -39.03 9.33
C LEU A 562 3.68 -37.84 8.41
N LEU A 563 4.80 -37.14 8.60
CA LEU A 563 5.14 -36.05 7.71
C LEU A 563 5.33 -36.57 6.28
N LEU A 564 6.03 -37.69 6.14
CA LEU A 564 6.22 -38.26 4.82
C LEU A 564 4.89 -38.64 4.19
N TRP A 565 4.00 -39.24 4.97
CA TRP A 565 2.68 -39.62 4.46
C TRP A 565 1.91 -38.40 4.01
N ALA A 566 1.90 -37.34 4.81
CA ALA A 566 1.17 -36.13 4.45
C ALA A 566 1.75 -35.51 3.18
N LEU A 567 3.08 -35.50 3.06
CA LEU A 567 3.68 -34.96 1.84
C LEU A 567 3.29 -35.79 0.62
N LEU A 568 3.32 -37.11 0.74
CA LEU A 568 2.96 -37.96 -0.39
C LEU A 568 1.52 -37.73 -0.80
N LEU A 569 0.60 -37.68 0.17
CA LEU A 569 -0.80 -37.44 -0.15
C LEU A 569 -1.11 -35.97 -0.37
N ASN A 570 -0.16 -35.08 -0.16
CA ASN A 570 -0.34 -33.65 -0.41
C ASN A 570 -1.48 -33.08 0.43
N ARG A 571 -1.29 -33.17 1.74
CA ARG A 571 -2.21 -32.57 2.71
C ARG A 571 -1.46 -31.42 3.39
N ALA A 572 -1.72 -30.20 2.94
CA ALA A 572 -0.86 -29.09 3.33
C ALA A 572 -0.87 -28.86 4.84
N GLN A 573 -2.05 -28.73 5.44
CA GLN A 573 -2.10 -28.37 6.85
C GLN A 573 -1.58 -29.51 7.72
N MET A 574 -1.92 -30.76 7.36
CA MET A 574 -1.46 -31.89 8.15
C MET A 574 0.05 -32.01 8.09
N ALA A 575 0.63 -31.86 6.90
CA ALA A 575 2.08 -31.90 6.78
C ALA A 575 2.72 -30.76 7.55
N MET A 576 2.13 -29.58 7.48
CA MET A 576 2.61 -28.46 8.29
C MET A 576 2.67 -28.82 9.76
N TYR A 577 1.56 -29.33 10.29
CA TYR A 577 1.52 -29.66 11.71
C TYR A 577 2.54 -30.72 12.07
N PHE A 578 2.65 -31.76 11.24
CA PHE A 578 3.62 -32.81 11.54
C PHE A 578 5.03 -32.27 11.52
N TRP A 579 5.33 -31.35 10.61
CA TRP A 579 6.65 -30.73 10.60
C TRP A 579 6.88 -29.95 11.89
N GLU A 580 5.86 -29.24 12.36
CA GLU A 580 6.02 -28.47 13.60
C GLU A 580 6.39 -29.36 14.77
N MET A 581 5.92 -30.59 14.78
CA MET A 581 6.21 -31.52 15.87
C MET A 581 7.41 -32.40 15.59
N GLY A 582 8.05 -32.26 14.44
CA GLY A 582 9.17 -33.12 14.09
C GLY A 582 10.45 -32.73 14.80
N SER A 583 11.48 -33.55 14.59
CA SER A 583 12.77 -33.35 15.25
C SER A 583 13.73 -32.56 14.38
N ASN A 584 14.06 -33.09 13.20
CA ASN A 584 15.03 -32.46 12.31
C ASN A 584 14.30 -31.43 11.47
N ALA A 585 14.10 -30.26 12.06
CA ALA A 585 13.23 -29.27 11.44
C ALA A 585 13.78 -28.77 10.11
N VAL A 586 15.03 -28.31 10.10
CA VAL A 586 15.58 -27.71 8.89
C VAL A 586 15.76 -28.74 7.80
N SER A 587 16.38 -29.87 8.14
CA SER A 587 16.59 -30.91 7.14
C SER A 587 15.26 -31.46 6.64
N SER A 588 14.29 -31.62 7.54
CA SER A 588 12.98 -32.11 7.11
C SER A 588 12.31 -31.11 6.19
N ALA A 589 12.43 -29.82 6.47
CA ALA A 589 11.85 -28.82 5.58
C ALA A 589 12.48 -28.88 4.19
N LEU A 590 13.81 -28.96 4.14
CA LEU A 590 14.47 -29.04 2.84
C LEU A 590 14.09 -30.31 2.10
N GLY A 591 14.04 -31.44 2.82
CA GLY A 591 13.66 -32.69 2.18
C GLY A 591 12.24 -32.67 1.68
N ALA A 592 11.33 -32.05 2.44
CA ALA A 592 9.95 -31.91 2.00
C ALA A 592 9.88 -31.08 0.74
N CYS A 593 10.63 -29.98 0.69
CA CYS A 593 10.66 -29.16 -0.52
C CYS A 593 11.15 -29.98 -1.70
N LEU A 594 12.24 -30.74 -1.51
CA LEU A 594 12.76 -31.58 -2.58
C LEU A 594 11.71 -32.56 -3.06
N LEU A 595 11.10 -33.29 -2.13
CA LEU A 595 10.14 -34.32 -2.50
C LEU A 595 8.94 -33.73 -3.22
N LEU A 596 8.42 -32.61 -2.72
CA LEU A 596 7.26 -32.00 -3.35
C LEU A 596 7.59 -31.51 -4.76
N ARG A 597 8.77 -30.89 -4.94
CA ARG A 597 9.13 -30.46 -6.28
C ARG A 597 9.28 -31.66 -7.21
N VAL A 598 9.90 -32.73 -6.73
CA VAL A 598 10.07 -33.91 -7.57
C VAL A 598 8.72 -34.47 -7.98
N MET A 599 7.79 -34.57 -7.04
CA MET A 599 6.46 -35.05 -7.37
C MET A 599 5.76 -34.13 -8.36
N ALA A 600 5.88 -32.82 -8.15
CA ALA A 600 5.22 -31.88 -9.06
C ALA A 600 5.72 -32.06 -10.48
N ARG A 601 7.03 -32.18 -10.66
CA ARG A 601 7.56 -32.43 -11.99
C ARG A 601 7.10 -33.76 -12.55
N LEU A 602 6.68 -34.69 -11.70
CA LEU A 602 6.32 -36.04 -12.10
C LEU A 602 4.81 -36.25 -12.15
N GLU A 603 4.05 -35.15 -12.03
CA GLU A 603 2.57 -35.25 -11.95
C GLU A 603 1.90 -35.16 -13.32
N PRO A 604 0.87 -36.00 -13.60
CA PRO A 604 0.13 -35.90 -14.85
C PRO A 604 -0.61 -34.57 -15.00
N ASP A 605 -1.20 -34.05 -13.91
CA ASP A 605 -2.04 -32.83 -14.03
C ASP A 605 -1.31 -31.62 -13.43
N ALA A 606 -1.18 -30.54 -14.21
CA ALA A 606 -0.49 -29.33 -13.75
C ALA A 606 -1.20 -28.68 -12.55
N GLU A 607 -2.53 -28.64 -12.56
CA GLU A 607 -3.24 -27.92 -11.47
C GLU A 607 -2.93 -28.63 -10.13
N GLU A 608 -2.93 -29.96 -10.11
CA GLU A 608 -2.54 -30.68 -8.87
C GLU A 608 -1.07 -30.35 -8.57
N ALA A 609 -0.25 -30.32 -9.62
CA ALA A 609 1.19 -30.03 -9.43
C ALA A 609 1.35 -28.63 -8.82
N ALA A 610 0.51 -27.66 -9.22
CA ALA A 610 0.74 -26.33 -8.69
C ALA A 610 0.56 -26.31 -7.18
N ARG A 611 -0.38 -27.10 -6.66
CA ARG A 611 -0.53 -27.19 -5.22
C ARG A 611 0.72 -27.75 -4.56
N ARG A 612 1.29 -28.81 -5.13
CA ARG A 612 2.51 -29.37 -4.59
C ARG A 612 3.65 -28.36 -4.67
N LYS A 613 3.74 -27.64 -5.78
CA LYS A 613 4.78 -26.63 -5.92
C LYS A 613 4.64 -25.53 -4.87
N ASP A 614 3.41 -25.10 -4.63
CA ASP A 614 3.17 -24.07 -3.61
C ASP A 614 3.52 -24.58 -2.22
N LEU A 615 3.15 -25.82 -1.92
CA LEU A 615 3.51 -26.39 -0.62
C LEU A 615 5.01 -26.49 -0.46
N ALA A 616 5.71 -26.87 -1.53
CA ALA A 616 7.17 -26.92 -1.49
C ALA A 616 7.74 -25.55 -1.22
N PHE A 617 7.19 -24.53 -1.88
CA PHE A 617 7.66 -23.16 -1.65
C PHE A 617 7.44 -22.76 -0.20
N LYS A 618 6.29 -23.12 0.37
CA LYS A 618 6.01 -22.78 1.76
C LYS A 618 6.99 -23.48 2.70
N PHE A 619 7.28 -24.75 2.44
CA PHE A 619 8.24 -25.46 3.27
C PHE A 619 9.63 -24.85 3.16
N GLU A 620 10.03 -24.44 1.95
CA GLU A 620 11.31 -23.76 1.79
C GLU A 620 11.34 -22.48 2.59
N GLY A 621 10.25 -21.71 2.56
CA GLY A 621 10.19 -20.49 3.34
C GLY A 621 10.35 -20.74 4.82
N MET A 622 9.67 -21.77 5.34
CA MET A 622 9.81 -22.08 6.75
C MET A 622 11.22 -22.53 7.08
N GLY A 623 11.82 -23.33 6.21
CA GLY A 623 13.19 -23.76 6.46
C GLY A 623 14.15 -22.60 6.52
N VAL A 624 14.03 -21.66 5.58
CA VAL A 624 14.92 -20.50 5.58
C VAL A 624 14.69 -19.66 6.82
N ASP A 625 13.44 -19.44 7.20
CA ASP A 625 13.17 -18.64 8.39
C ASP A 625 13.74 -19.28 9.64
N LEU A 626 13.50 -20.59 9.81
CA LEU A 626 14.00 -21.28 10.99
C LEU A 626 15.52 -21.26 11.03
N PHE A 627 16.16 -21.50 9.89
CA PHE A 627 17.61 -21.49 9.90
C PHE A 627 18.16 -20.10 10.15
N GLY A 628 17.48 -19.06 9.67
CA GLY A 628 17.91 -17.71 10.01
C GLY A 628 17.86 -17.47 11.50
N GLU A 629 16.78 -17.90 12.14
CA GLU A 629 16.69 -17.80 13.59
C GLU A 629 17.85 -18.53 14.26
N CYS A 630 18.05 -19.80 13.88
CA CYS A 630 19.09 -20.59 14.50
C CYS A 630 20.46 -19.96 14.31
N TYR A 631 20.75 -19.49 13.10
CA TYR A 631 22.05 -18.90 12.82
C TYR A 631 22.27 -17.63 13.62
N ARG A 632 21.30 -16.71 13.61
CA ARG A 632 21.47 -15.49 14.36
C ARG A 632 21.61 -15.77 15.85
N SER A 633 21.08 -16.89 16.34
CA SER A 633 21.28 -17.23 17.74
C SER A 633 22.73 -17.60 18.01
N SER A 634 23.31 -18.49 17.21
CA SER A 634 24.66 -18.97 17.44
C SER A 634 25.24 -19.51 16.14
N GLU A 635 26.28 -18.85 15.64
CA GLU A 635 26.86 -19.25 14.35
C GLU A 635 27.74 -20.48 14.46
N VAL A 636 28.46 -20.66 15.56
CA VAL A 636 29.31 -21.83 15.71
C VAL A 636 28.50 -23.10 15.58
N ARG A 637 27.34 -23.13 16.22
CA ARG A 637 26.34 -24.16 15.97
C ARG A 637 25.47 -23.66 14.82
N ALA A 638 24.34 -24.30 14.58
CA ALA A 638 23.53 -23.98 13.42
C ALA A 638 24.33 -24.29 12.16
N ALA A 639 24.83 -23.26 11.48
CA ALA A 639 25.47 -23.46 10.19
C ALA A 639 26.56 -24.52 10.29
N ARG A 640 27.48 -24.34 11.24
CA ARG A 640 28.61 -25.25 11.29
C ARG A 640 28.19 -26.68 11.59
N LEU A 641 27.02 -26.87 12.21
CA LEU A 641 26.60 -28.20 12.62
C LEU A 641 25.29 -28.64 11.99
N LEU A 642 24.26 -27.80 12.00
CA LEU A 642 22.98 -28.21 11.44
C LEU A 642 23.08 -28.52 9.96
N LEU A 643 23.78 -27.67 9.21
CA LEU A 643 23.82 -27.85 7.76
C LEU A 643 24.75 -28.98 7.37
N ARG A 644 25.86 -29.14 8.07
CA ARG A 644 26.91 -30.06 7.65
C ARG A 644 26.77 -31.45 8.23
N ARG A 645 25.70 -31.73 8.96
CA ARG A 645 25.43 -33.07 9.45
C ARG A 645 24.58 -33.83 8.43
N CYS A 646 24.70 -35.15 8.44
CA CYS A 646 23.96 -36.00 7.52
C CYS A 646 22.76 -36.59 8.23
N PRO A 647 21.53 -36.22 7.85
CA PRO A 647 20.36 -36.72 8.59
C PRO A 647 19.88 -38.07 8.11
N LEU A 648 18.74 -38.51 8.63
CA LEU A 648 18.16 -39.79 8.24
C LEU A 648 17.48 -39.75 6.88
N TRP A 649 17.24 -38.57 6.33
CA TRP A 649 16.50 -38.47 5.07
C TRP A 649 17.15 -39.30 3.97
N GLY A 650 18.37 -38.93 3.60
CA GLY A 650 19.12 -39.70 2.62
C GLY A 650 20.58 -39.71 2.97
N ASP A 651 20.89 -39.59 4.26
CA ASP A 651 22.25 -39.38 4.74
C ASP A 651 22.95 -38.34 3.89
N ALA A 652 22.22 -37.30 3.50
CA ALA A 652 22.73 -36.23 2.65
C ALA A 652 22.64 -34.92 3.41
N THR A 653 23.75 -34.18 3.45
CA THR A 653 23.78 -32.93 4.20
C THR A 653 22.71 -31.98 3.66
N CYS A 654 22.25 -31.09 4.54
CA CYS A 654 21.18 -30.17 4.17
C CYS A 654 21.53 -29.38 2.92
N LEU A 655 22.81 -29.06 2.74
CA LEU A 655 23.20 -28.32 1.55
C LEU A 655 22.94 -29.13 0.28
N GLN A 656 23.19 -30.44 0.34
CA GLN A 656 22.89 -31.27 -0.82
C GLN A 656 21.39 -31.26 -1.13
N LEU A 657 20.55 -31.35 -0.10
CA LEU A 657 19.11 -31.30 -0.33
C LEU A 657 18.71 -29.97 -0.93
N ALA A 658 19.27 -28.87 -0.43
CA ALA A 658 18.93 -27.56 -0.98
C ALA A 658 19.36 -27.48 -2.44
N MET A 659 20.54 -28.01 -2.77
CA MET A 659 21.00 -27.98 -4.14
C MET A 659 20.07 -28.78 -5.05
N GLN A 660 19.74 -30.00 -4.66
CA GLN A 660 18.87 -30.83 -5.48
C GLN A 660 17.48 -30.22 -5.63
N ALA A 661 16.96 -29.63 -4.56
CA ALA A 661 15.64 -29.01 -4.61
C ALA A 661 15.64 -27.67 -5.32
N ASP A 662 16.81 -27.16 -5.71
CA ASP A 662 16.90 -25.82 -6.32
C ASP A 662 16.29 -24.78 -5.41
N ALA A 663 16.55 -24.91 -4.10
CA ALA A 663 16.03 -23.98 -3.11
C ALA A 663 16.94 -22.75 -3.10
N ARG A 664 16.76 -21.90 -4.11
CA ARG A 664 17.60 -20.73 -4.24
C ARG A 664 17.44 -19.81 -3.03
N ALA A 665 16.21 -19.67 -2.53
CA ALA A 665 15.98 -18.80 -1.38
C ALA A 665 16.80 -19.28 -0.18
N PHE A 666 16.95 -20.58 -0.02
CA PHE A 666 17.73 -21.09 1.10
C PHE A 666 19.19 -20.72 0.99
N PHE A 667 19.75 -20.78 -0.21
CA PHE A 667 21.14 -20.36 -0.39
C PHE A 667 21.31 -18.86 -0.32
N ALA A 668 20.25 -18.10 -0.57
CA ALA A 668 20.39 -16.65 -0.62
C ALA A 668 20.66 -16.05 0.76
N GLN A 669 20.13 -16.66 1.82
CA GLN A 669 20.21 -16.02 3.12
C GLN A 669 21.64 -15.91 3.61
N ASP A 670 21.90 -14.89 4.42
CA ASP A 670 23.26 -14.52 4.77
C ASP A 670 23.97 -15.61 5.55
N GLY A 671 23.25 -16.37 6.37
CA GLY A 671 23.91 -17.42 7.13
C GLY A 671 24.56 -18.46 6.25
N VAL A 672 23.82 -18.94 5.25
CA VAL A 672 24.35 -19.95 4.36
C VAL A 672 25.51 -19.39 3.55
N GLN A 673 25.40 -18.15 3.10
CA GLN A 673 26.48 -17.54 2.32
C GLN A 673 27.74 -17.40 3.17
N SER A 674 27.59 -16.99 4.43
CA SER A 674 28.75 -16.89 5.31
C SER A 674 29.37 -18.26 5.53
N LEU A 675 28.54 -19.29 5.71
CA LEU A 675 29.08 -20.63 5.86
C LEU A 675 29.85 -21.06 4.62
N LEU A 676 29.29 -20.78 3.44
CA LEU A 676 29.97 -21.15 2.20
C LEU A 676 31.29 -20.40 2.07
N THR A 677 31.31 -19.12 2.44
CA THR A 677 32.57 -18.38 2.42
C THR A 677 33.58 -19.01 3.36
N GLN A 678 33.14 -19.39 4.56
CA GLN A 678 34.04 -20.02 5.52
C GLN A 678 34.62 -21.31 4.95
N LYS A 679 33.78 -22.13 4.31
CA LYS A 679 34.28 -23.35 3.70
C LYS A 679 35.22 -23.05 2.55
N TRP A 680 34.98 -21.95 1.83
CA TRP A 680 35.80 -21.59 0.68
C TRP A 680 37.24 -21.32 1.12
N TRP A 681 37.42 -20.64 2.23
CA TRP A 681 38.74 -20.30 2.74
C TRP A 681 39.36 -21.42 3.56
N GLY A 682 38.69 -22.55 3.71
CA GLY A 682 39.27 -23.64 4.48
C GLY A 682 39.54 -23.20 5.91
N ASP A 683 40.71 -23.58 6.41
CA ASP A 683 41.06 -23.26 7.79
C ASP A 683 41.51 -21.81 7.95
N MET A 684 41.87 -21.14 6.87
CA MET A 684 42.23 -19.74 6.96
C MET A 684 41.01 -18.91 7.34
N ALA A 685 41.25 -17.80 8.03
CA ALA A 685 40.17 -16.93 8.42
C ALA A 685 39.52 -16.32 7.18
N SER A 686 38.20 -16.20 7.20
CA SER A 686 37.47 -15.67 6.07
C SER A 686 37.81 -14.21 5.78
N THR A 687 38.43 -13.51 6.72
CA THR A 687 38.76 -12.10 6.55
C THR A 687 40.13 -11.88 5.93
N THR A 688 40.83 -12.94 5.55
CA THR A 688 42.16 -12.79 5.00
C THR A 688 42.10 -11.93 3.74
N PRO A 689 42.89 -10.86 3.64
CA PRO A 689 42.91 -10.08 2.40
C PRO A 689 43.47 -10.88 1.25
N ILE A 690 42.99 -10.57 0.04
CA ILE A 690 43.45 -11.30 -1.14
C ILE A 690 44.95 -11.11 -1.33
N TRP A 691 45.44 -9.89 -1.15
CA TRP A 691 46.87 -9.64 -1.33
C TRP A 691 47.69 -10.49 -0.37
N ALA A 692 47.21 -10.68 0.85
CA ALA A 692 47.89 -11.57 1.78
C ALA A 692 47.95 -12.99 1.24
N LEU A 693 46.84 -13.46 0.67
CA LEU A 693 46.84 -14.80 0.09
C LEU A 693 47.84 -14.91 -1.04
N VAL A 694 47.91 -13.89 -1.90
CA VAL A 694 48.85 -13.93 -3.01
C VAL A 694 50.29 -13.97 -2.50
N LEU A 695 50.59 -13.10 -1.54
CA LEU A 695 51.94 -13.08 -0.97
C LEU A 695 52.30 -14.43 -0.38
N ALA A 696 51.37 -15.03 0.37
CA ALA A 696 51.63 -16.36 0.93
C ALA A 696 51.85 -17.37 -0.18
N PHE A 697 51.06 -17.29 -1.25
CA PHE A 697 51.18 -18.24 -2.34
C PHE A 697 52.56 -18.17 -2.99
N PHE A 698 53.06 -16.97 -3.22
CA PHE A 698 54.37 -16.81 -3.83
C PHE A 698 55.52 -16.82 -2.83
N CYS A 699 55.21 -16.80 -1.53
CA CYS A 699 56.21 -16.91 -0.47
C CYS A 699 55.73 -17.97 0.51
N PRO A 700 55.91 -19.25 0.20
CA PRO A 700 55.41 -20.32 1.07
C PRO A 700 55.75 -20.07 2.53
N PRO A 701 57.01 -19.73 2.86
CA PRO A 701 57.32 -19.56 4.29
C PRO A 701 56.44 -18.54 4.98
N LEU A 702 56.01 -17.48 4.29
CA LEU A 702 55.18 -16.47 4.91
C LEU A 702 53.88 -17.03 5.48
N ILE A 703 53.51 -18.27 5.15
CA ILE A 703 52.30 -18.83 5.77
C ILE A 703 52.47 -18.90 7.27
N TYR A 704 53.68 -19.20 7.75
CA TYR A 704 53.93 -19.28 9.18
C TYR A 704 54.03 -17.93 9.86
N THR A 705 54.12 -16.85 9.09
CA THR A 705 54.14 -15.53 9.69
C THR A 705 52.76 -15.17 10.23
N ARG A 706 52.75 -14.27 11.22
CA ARG A 706 51.50 -13.84 11.83
C ARG A 706 50.63 -13.03 10.89
N LEU A 707 51.15 -12.61 9.74
CA LEU A 707 50.37 -11.78 8.82
C LEU A 707 49.23 -12.55 8.16
N ILE A 708 49.18 -13.86 8.32
CA ILE A 708 48.07 -14.68 7.85
C ILE A 708 47.50 -15.43 9.05
N THR A 709 46.19 -15.35 9.21
CA THR A 709 45.52 -15.86 10.40
C THR A 709 44.76 -17.15 10.09
N PHE A 710 44.74 -18.04 11.06
CA PHE A 710 44.06 -19.32 10.93
C PHE A 710 43.02 -19.52 12.02
N ARG A 766 52.72 -33.06 13.41
CA ARG A 766 53.47 -31.81 13.51
C ARG A 766 52.57 -30.61 13.25
N ARG A 767 52.77 -29.55 14.03
CA ARG A 767 52.04 -28.31 13.80
C ARG A 767 52.41 -27.69 12.46
N CYS A 768 53.70 -27.75 12.10
CA CYS A 768 54.15 -27.16 10.85
C CYS A 768 53.46 -27.81 9.66
N LEU A 769 53.46 -29.15 9.61
CA LEU A 769 52.80 -29.84 8.52
C LEU A 769 51.30 -29.60 8.54
N ARG A 770 50.71 -29.51 9.73
CA ARG A 770 49.28 -29.21 9.82
C ARG A 770 48.97 -27.87 9.16
N ARG A 771 49.74 -26.85 9.49
CA ARG A 771 49.51 -25.53 8.89
C ARG A 771 49.77 -25.56 7.39
N TRP A 772 50.81 -26.27 6.97
CA TRP A 772 51.13 -26.36 5.55
C TRP A 772 49.97 -26.96 4.77
N PHE A 773 49.46 -28.10 5.23
CA PHE A 773 48.35 -28.74 4.53
C PHE A 773 47.08 -27.91 4.65
N HIS A 774 46.89 -27.20 5.75
CA HIS A 774 45.73 -26.33 5.87
C HIS A 774 45.76 -25.23 4.82
N PHE A 775 46.94 -24.64 4.60
CA PHE A 775 47.04 -23.58 3.61
C PHE A 775 46.90 -24.13 2.20
N TRP A 776 47.60 -25.22 1.89
CA TRP A 776 47.61 -25.70 0.51
C TRP A 776 46.43 -26.61 0.19
N GLY A 777 45.53 -26.85 1.14
CA GLY A 777 44.38 -27.68 0.87
C GLY A 777 43.09 -26.90 0.83
N ALA A 778 43.14 -25.63 1.25
CA ALA A 778 41.94 -24.82 1.24
C ALA A 778 41.43 -24.68 -0.19
N PRO A 779 40.11 -24.67 -0.39
CA PRO A 779 39.62 -24.53 -1.77
C PRO A 779 40.13 -23.28 -2.45
N VAL A 780 40.26 -22.17 -1.72
CA VAL A 780 40.67 -20.92 -2.35
C VAL A 780 42.09 -21.03 -2.90
N THR A 781 42.99 -21.65 -2.15
CA THR A 781 44.37 -21.76 -2.63
C THR A 781 44.45 -22.73 -3.79
N ILE A 782 43.66 -23.80 -3.78
CA ILE A 782 43.62 -24.69 -4.93
C ILE A 782 43.14 -23.93 -6.16
N PHE A 783 42.11 -23.10 -5.98
CA PHE A 783 41.60 -22.31 -7.10
C PHE A 783 42.66 -21.34 -7.61
N MET A 784 43.38 -20.68 -6.70
CA MET A 784 44.40 -19.74 -7.13
C MET A 784 45.52 -20.45 -7.87
N GLY A 785 45.96 -21.60 -7.36
CA GLY A 785 46.98 -22.37 -8.06
C GLY A 785 46.50 -22.80 -9.44
N ASN A 786 45.23 -23.21 -9.53
CA ASN A 786 44.69 -23.60 -10.83
C ASN A 786 44.68 -22.43 -11.80
N VAL A 787 44.31 -21.25 -11.31
CA VAL A 787 44.29 -20.06 -12.17
C VAL A 787 45.68 -19.72 -12.64
N VAL A 788 46.66 -19.75 -11.73
CA VAL A 788 48.03 -19.43 -12.12
C VAL A 788 48.54 -20.45 -13.14
N SER A 789 48.26 -21.73 -12.91
CA SER A 789 48.70 -22.75 -13.85
C SER A 789 48.03 -22.57 -15.20
N TYR A 790 46.75 -22.22 -15.21
CA TYR A 790 46.07 -22.02 -16.49
C TYR A 790 46.65 -20.83 -17.24
N LEU A 791 46.97 -19.75 -16.52
CA LEU A 791 47.60 -18.61 -17.18
C LEU A 791 48.95 -18.99 -17.76
N LEU A 792 49.75 -19.75 -17.01
CA LEU A 792 51.02 -20.20 -17.54
C LEU A 792 50.83 -21.12 -18.73
N PHE A 793 49.78 -21.94 -18.71
CA PHE A 793 49.50 -22.81 -19.83
C PHE A 793 49.18 -22.00 -21.08
N LEU A 794 48.36 -20.97 -20.93
CA LEU A 794 48.05 -20.11 -22.08
C LEU A 794 49.31 -19.41 -22.57
N LEU A 795 50.17 -18.98 -21.66
CA LEU A 795 51.41 -18.34 -22.07
C LEU A 795 52.26 -19.29 -22.88
N LEU A 796 52.40 -20.53 -22.42
CA LEU A 796 53.19 -21.52 -23.14
C LEU A 796 52.55 -21.85 -24.49
N PHE A 797 51.22 -21.94 -24.52
CA PHE A 797 50.52 -22.21 -25.76
C PHE A 797 50.79 -21.13 -26.78
N SER A 798 50.70 -19.87 -26.36
CA SER A 798 51.00 -18.77 -27.27
C SER A 798 52.45 -18.81 -27.71
N ARG A 799 53.37 -19.05 -26.78
CA ARG A 799 54.79 -19.12 -27.13
C ARG A 799 55.03 -20.17 -28.21
N VAL A 800 54.42 -21.35 -28.05
CA VAL A 800 54.59 -22.40 -29.03
C VAL A 800 53.97 -22.00 -30.35
N LEU A 801 52.74 -21.48 -30.30
CA LEU A 801 51.99 -21.21 -31.51
C LEU A 801 52.65 -20.13 -32.36
N LEU A 802 53.16 -19.08 -31.73
CA LEU A 802 53.69 -17.95 -32.47
C LEU A 802 55.14 -18.13 -32.88
N VAL A 803 55.91 -18.94 -32.17
CA VAL A 803 57.36 -19.01 -32.40
C VAL A 803 57.81 -20.43 -32.71
N ASP A 804 57.60 -21.34 -31.77
CA ASP A 804 58.22 -22.66 -31.81
C ASP A 804 57.47 -23.66 -32.70
N PHE A 805 56.35 -23.26 -33.30
CA PHE A 805 55.59 -24.16 -34.16
C PHE A 805 56.18 -24.11 -35.57
N GLN A 806 56.72 -25.23 -36.02
CA GLN A 806 57.36 -25.33 -37.32
C GLN A 806 57.00 -26.66 -37.95
N PRO A 807 57.15 -26.79 -39.27
CA PRO A 807 56.88 -28.08 -39.92
C PRO A 807 57.77 -29.20 -39.40
N ALA A 808 58.95 -28.89 -38.91
CA ALA A 808 59.85 -29.91 -38.37
C ALA A 808 59.17 -30.65 -37.23
N PRO A 809 59.76 -31.76 -36.78
CA PRO A 809 59.17 -32.50 -35.66
C PRO A 809 59.10 -31.65 -34.41
N PRO A 810 58.17 -31.94 -33.49
CA PRO A 810 57.97 -31.06 -32.34
C PRO A 810 59.24 -30.88 -31.52
N GLY A 811 59.41 -29.68 -30.99
CA GLY A 811 60.52 -29.37 -30.12
C GLY A 811 60.20 -29.66 -28.66
N SER A 812 61.13 -29.29 -27.79
CA SER A 812 60.96 -29.57 -26.36
C SER A 812 59.74 -28.86 -25.82
N LEU A 813 59.59 -27.56 -26.13
CA LEU A 813 58.46 -26.82 -25.60
C LEU A 813 57.14 -27.37 -26.11
N GLU A 814 57.09 -27.77 -27.38
CA GLU A 814 55.86 -28.33 -27.93
C GLU A 814 55.50 -29.64 -27.23
N LEU A 815 56.50 -30.48 -26.94
CA LEU A 815 56.23 -31.71 -26.21
C LEU A 815 55.75 -31.41 -24.79
N LEU A 816 56.33 -30.39 -24.15
CA LEU A 816 55.84 -29.99 -22.84
C LEU A 816 54.38 -29.57 -22.93
N LEU A 817 54.02 -28.83 -23.98
CA LEU A 817 52.63 -28.43 -24.16
C LEU A 817 51.73 -29.64 -24.34
N TYR A 818 52.19 -30.63 -25.12
CA TYR A 818 51.39 -31.84 -25.29
C TYR A 818 51.16 -32.53 -23.95
N PHE A 819 52.21 -32.66 -23.14
CA PHE A 819 52.06 -33.29 -21.84
C PHE A 819 51.11 -32.50 -20.95
N TRP A 820 51.21 -31.17 -20.98
CA TRP A 820 50.33 -30.33 -20.19
C TRP A 820 48.87 -30.52 -20.60
N ALA A 821 48.62 -30.54 -21.90
CA ALA A 821 47.26 -30.76 -22.37
C ALA A 821 46.77 -32.15 -21.99
N PHE A 822 47.66 -33.13 -21.99
CA PHE A 822 47.27 -34.47 -21.56
C PHE A 822 46.86 -34.47 -20.10
N THR A 823 47.60 -33.76 -19.26
CA THR A 823 47.21 -33.68 -17.85
C THR A 823 45.87 -32.99 -17.69
N LEU A 824 45.62 -31.94 -18.47
CA LEU A 824 44.30 -31.31 -18.43
C LEU A 824 43.21 -32.30 -18.83
N LEU A 825 43.47 -33.11 -19.86
CA LEU A 825 42.50 -34.12 -20.27
C LEU A 825 42.25 -35.12 -19.15
N CYS A 826 43.32 -35.55 -18.47
CA CYS A 826 43.16 -36.48 -17.36
C CYS A 826 42.33 -35.84 -16.24
N GLU A 827 42.55 -34.56 -15.98
CA GLU A 827 41.78 -33.88 -14.94
C GLU A 827 40.31 -33.83 -15.31
N GLU A 828 39.99 -33.51 -16.56
CA GLU A 828 38.59 -33.50 -16.98
C GLU A 828 38.00 -34.90 -16.88
N LEU A 829 38.77 -35.92 -17.23
CA LEU A 829 38.31 -37.29 -17.09
C LEU A 829 38.00 -37.61 -15.64
N ARG A 830 38.86 -37.20 -14.73
CA ARG A 830 38.60 -37.43 -13.31
C ARG A 830 37.33 -36.72 -12.87
N GLN A 831 37.16 -35.46 -13.29
CA GLN A 831 35.98 -34.72 -12.88
C GLN A 831 34.71 -35.43 -13.36
N GLY A 832 34.71 -35.87 -14.63
CA GLY A 832 33.53 -36.56 -15.14
C GLY A 832 33.31 -37.91 -14.48
N LEU A 833 34.40 -38.62 -14.20
CA LEU A 833 34.28 -39.99 -13.72
C LEU A 833 33.79 -40.03 -12.27
N SER A 834 34.33 -39.18 -11.42
CA SER A 834 33.97 -39.15 -10.00
C SER A 834 33.33 -37.80 -9.72
N GLY A 835 32.01 -37.73 -9.91
CA GLY A 835 31.28 -36.50 -9.69
C GLY A 835 29.90 -36.52 -10.33
N SER A 851 26.20 -45.75 -11.43
CA SER A 851 25.55 -44.60 -12.05
C SER A 851 26.49 -43.93 -13.05
N LEU A 852 27.30 -44.73 -13.73
CA LEU A 852 28.31 -44.18 -14.64
C LEU A 852 27.67 -43.22 -15.62
N SER A 853 26.61 -43.66 -16.30
CA SER A 853 25.92 -42.77 -17.24
C SER A 853 25.33 -41.57 -16.53
N GLN A 854 24.78 -41.76 -15.33
CA GLN A 854 24.18 -40.65 -14.60
C GLN A 854 25.21 -39.58 -14.30
N ARG A 855 26.34 -39.96 -13.71
CA ARG A 855 27.36 -38.97 -13.36
C ARG A 855 28.02 -38.40 -14.61
N LEU A 856 28.15 -39.19 -15.67
CA LEU A 856 28.68 -38.65 -16.92
C LEU A 856 27.77 -37.55 -17.45
N ARG A 857 26.46 -37.77 -17.44
CA ARG A 857 25.53 -36.74 -17.88
C ARG A 857 25.59 -35.54 -16.96
N LEU A 858 25.69 -35.77 -15.65
CA LEU A 858 25.77 -34.66 -14.71
C LEU A 858 26.98 -33.78 -15.01
N TYR A 859 28.13 -34.42 -15.25
CA TYR A 859 29.33 -33.66 -15.59
C TYR A 859 29.14 -32.92 -16.91
N LEU A 860 28.69 -33.62 -17.95
CA LEU A 860 28.54 -33.02 -19.26
C LEU A 860 27.49 -31.94 -19.30
N ALA A 861 26.64 -31.84 -18.28
CA ALA A 861 25.60 -30.83 -18.26
C ALA A 861 26.13 -29.42 -18.04
N ASP A 862 27.29 -29.28 -17.40
CA ASP A 862 27.84 -27.96 -17.11
C ASP A 862 28.42 -27.33 -18.36
N SER A 863 28.14 -26.05 -18.56
CA SER A 863 28.64 -25.36 -19.75
C SER A 863 30.17 -25.32 -19.76
N TRP A 864 30.78 -25.05 -18.60
CA TRP A 864 32.23 -24.94 -18.55
C TRP A 864 32.88 -26.28 -18.91
N ASN A 865 32.30 -27.39 -18.46
CA ASN A 865 32.84 -28.69 -18.84
C ASN A 865 32.71 -28.91 -20.34
N GLN A 866 31.61 -28.46 -20.93
CA GLN A 866 31.47 -28.55 -22.38
C GLN A 866 32.56 -27.75 -23.09
N CYS A 867 32.84 -26.55 -22.59
CA CYS A 867 33.90 -25.73 -23.18
C CYS A 867 35.25 -26.43 -23.07
N ASP A 868 35.55 -26.98 -21.91
CA ASP A 868 36.81 -27.70 -21.74
C ASP A 868 36.89 -28.88 -22.69
N LEU A 869 35.79 -29.63 -22.83
CA LEU A 869 35.81 -30.81 -23.69
C LEU A 869 36.03 -30.42 -25.15
N VAL A 870 35.36 -29.36 -25.61
CA VAL A 870 35.54 -28.96 -27.00
C VAL A 870 36.96 -28.43 -27.22
N ALA A 871 37.50 -27.71 -26.24
CA ALA A 871 38.88 -27.24 -26.37
C ALA A 871 39.85 -28.39 -26.50
N LEU A 872 39.69 -29.41 -25.64
CA LEU A 872 40.61 -30.54 -25.68
C LEU A 872 40.44 -31.35 -26.96
N THR A 873 39.21 -31.50 -27.44
CA THR A 873 38.99 -32.19 -28.70
C THR A 873 39.67 -31.46 -29.85
N CYS A 874 39.53 -30.14 -29.90
CA CYS A 874 40.20 -29.36 -30.94
C CYS A 874 41.71 -29.50 -30.83
N PHE A 875 42.23 -29.51 -29.59
CA PHE A 875 43.67 -29.67 -29.41
C PHE A 875 44.15 -31.00 -29.95
N LEU A 876 43.43 -32.08 -29.63
CA LEU A 876 43.82 -33.38 -30.14
C LEU A 876 43.77 -33.41 -31.66
N LEU A 877 42.71 -32.85 -32.24
CA LEU A 877 42.59 -32.82 -33.70
C LEU A 877 43.74 -32.04 -34.31
N GLY A 878 44.09 -30.90 -33.72
CA GLY A 878 45.17 -30.10 -34.27
C GLY A 878 46.51 -30.80 -34.19
N VAL A 879 46.78 -31.45 -33.05
CA VAL A 879 48.05 -32.18 -32.93
C VAL A 879 48.10 -33.31 -33.94
N GLY A 880 47.00 -34.04 -34.09
CA GLY A 880 46.97 -35.12 -35.07
C GLY A 880 47.24 -34.61 -36.47
N CYS A 881 46.58 -33.51 -36.86
CA CYS A 881 46.81 -32.95 -38.18
C CYS A 881 48.25 -32.48 -38.34
N ARG A 882 48.82 -31.86 -37.31
CA ARG A 882 50.18 -31.38 -37.39
C ARG A 882 51.16 -32.52 -37.61
N LEU A 883 50.98 -33.62 -36.89
CA LEU A 883 51.92 -34.73 -37.01
C LEU A 883 51.89 -35.33 -38.41
N THR A 884 50.73 -35.35 -39.03
CA THR A 884 50.64 -35.90 -40.38
C THR A 884 51.47 -35.05 -41.33
N PRO A 885 52.21 -35.66 -42.26
CA PRO A 885 53.11 -34.86 -43.11
C PRO A 885 52.40 -33.79 -43.92
N GLY A 886 51.19 -34.07 -44.42
CA GLY A 886 50.57 -33.19 -45.38
C GLY A 886 49.63 -32.14 -44.80
N LEU A 887 49.24 -32.31 -43.54
CA LEU A 887 48.22 -31.47 -42.93
C LEU A 887 48.82 -30.52 -41.88
N TYR A 888 50.02 -30.01 -42.14
CA TYR A 888 50.65 -29.12 -41.16
C TYR A 888 49.87 -27.82 -41.02
N HIS A 889 49.56 -27.16 -42.14
CA HIS A 889 48.87 -25.89 -42.07
C HIS A 889 47.49 -26.04 -41.45
N LEU A 890 46.78 -27.11 -41.79
CA LEU A 890 45.48 -27.34 -41.20
C LEU A 890 45.59 -27.50 -39.69
N GLY A 891 46.60 -28.24 -39.23
CA GLY A 891 46.81 -28.38 -37.80
C GLY A 891 47.09 -27.05 -37.14
N ARG A 892 47.92 -26.22 -37.77
CA ARG A 892 48.22 -24.92 -37.19
C ARG A 892 46.96 -24.08 -37.08
N THR A 893 46.12 -24.10 -38.11
CA THR A 893 44.87 -23.32 -38.06
C THR A 893 43.96 -23.83 -36.95
N VAL A 894 43.81 -25.15 -36.84
CA VAL A 894 42.96 -25.71 -35.81
C VAL A 894 43.47 -25.31 -34.43
N LEU A 895 44.78 -25.36 -34.23
CA LEU A 895 45.32 -24.95 -32.94
C LEU A 895 45.14 -23.47 -32.69
N CYS A 896 45.20 -22.65 -33.74
CA CYS A 896 44.96 -21.22 -33.57
C CYS A 896 43.56 -20.97 -33.05
N ILE A 897 42.57 -21.67 -33.60
CA ILE A 897 41.21 -21.53 -33.08
C ILE A 897 41.09 -22.12 -31.68
N ASP A 898 41.78 -23.23 -31.45
CA ASP A 898 41.72 -23.86 -30.13
C ASP A 898 42.28 -22.94 -29.06
N PHE A 899 43.23 -22.08 -29.41
CA PHE A 899 43.74 -21.13 -28.42
C PHE A 899 42.64 -20.18 -27.97
N MET A 900 41.81 -19.71 -28.91
CA MET A 900 40.68 -18.88 -28.51
C MET A 900 39.74 -19.66 -27.61
N VAL A 901 39.48 -20.92 -27.96
CA VAL A 901 38.57 -21.71 -27.14
C VAL A 901 39.12 -21.86 -25.72
N PHE A 902 40.42 -22.11 -25.59
CA PHE A 902 41.03 -22.24 -24.28
C PHE A 902 40.97 -20.92 -23.52
N THR A 903 41.27 -19.81 -24.20
CA THR A 903 41.33 -18.53 -23.50
C THR A 903 39.96 -18.11 -22.99
N VAL A 904 38.90 -18.47 -23.71
CA VAL A 904 37.57 -18.10 -23.25
C VAL A 904 37.28 -18.70 -21.88
N ARG A 905 37.95 -19.79 -21.52
CA ARG A 905 37.71 -20.42 -20.22
C ARG A 905 38.08 -19.51 -19.05
N LEU A 906 38.93 -18.51 -19.27
CA LEU A 906 39.32 -17.64 -18.17
C LEU A 906 38.14 -16.87 -17.61
N LEU A 907 37.05 -16.73 -18.36
CA LEU A 907 35.89 -16.04 -17.82
C LEU A 907 35.35 -16.71 -16.58
N HIS A 908 35.63 -18.00 -16.40
CA HIS A 908 35.18 -18.70 -15.21
C HIS A 908 35.74 -18.09 -13.93
N ILE A 909 36.86 -17.36 -14.02
CA ILE A 909 37.46 -16.77 -12.83
C ILE A 909 36.49 -15.80 -12.18
N PHE A 910 35.81 -14.98 -12.97
CA PHE A 910 34.95 -13.95 -12.41
C PHE A 910 33.71 -14.51 -11.73
N THR A 911 33.44 -15.81 -11.87
CA THR A 911 32.29 -16.39 -11.19
C THR A 911 32.47 -16.46 -9.68
N VAL A 912 33.68 -16.21 -9.18
CA VAL A 912 33.91 -16.27 -7.74
C VAL A 912 33.72 -14.91 -7.08
N ASN A 913 33.97 -13.83 -7.79
CA ASN A 913 33.82 -12.51 -7.18
C ASN A 913 32.37 -12.24 -6.86
N LYS A 914 32.14 -11.52 -5.77
CA LYS A 914 30.78 -11.26 -5.31
C LYS A 914 30.03 -10.37 -6.30
N GLN A 915 30.73 -9.56 -7.08
CA GLN A 915 30.10 -8.64 -8.02
C GLN A 915 30.11 -9.16 -9.46
N LEU A 916 31.15 -9.88 -9.86
CA LEU A 916 31.28 -10.25 -11.27
C LEU A 916 30.41 -11.44 -11.66
N GLY A 917 30.15 -12.37 -10.74
CA GLY A 917 29.41 -13.56 -11.07
C GLY A 917 28.01 -13.27 -11.56
N PRO A 918 27.28 -12.43 -10.82
CA PRO A 918 25.96 -12.01 -11.31
C PRO A 918 26.04 -11.32 -12.66
N LYS A 919 27.10 -10.54 -12.89
CA LYS A 919 27.27 -9.90 -14.18
C LYS A 919 27.40 -10.93 -15.29
N ILE A 920 28.16 -11.99 -15.04
CA ILE A 920 28.32 -13.01 -16.07
C ILE A 920 27.01 -13.73 -16.32
N VAL A 921 26.22 -13.96 -15.27
CA VAL A 921 24.92 -14.59 -15.46
C VAL A 921 24.04 -13.70 -16.34
N ILE A 922 24.00 -12.42 -16.04
CA ILE A 922 23.18 -11.50 -16.84
C ILE A 922 23.66 -11.49 -18.28
N VAL A 923 24.97 -11.46 -18.48
CA VAL A 923 25.52 -11.51 -19.82
C VAL A 923 25.03 -12.74 -20.55
N SER A 924 25.06 -13.90 -19.88
CA SER A 924 24.55 -15.11 -20.50
C SER A 924 23.09 -14.96 -20.89
N LYS A 925 22.34 -14.17 -20.13
CA LYS A 925 20.92 -13.97 -20.44
C LYS A 925 20.67 -12.95 -21.53
N MET A 926 21.67 -12.13 -21.90
CA MET A 926 21.48 -11.13 -22.95
C MET A 926 21.42 -11.71 -24.37
N MET A 927 21.50 -13.03 -24.53
CA MET A 927 21.70 -13.58 -25.87
C MET A 927 20.46 -13.45 -26.74
N LYS A 928 19.26 -13.40 -26.15
CA LYS A 928 18.08 -13.19 -26.97
C LYS A 928 18.11 -11.83 -27.65
N ASP A 929 18.49 -10.79 -26.91
CA ASP A 929 18.63 -9.48 -27.52
C ASP A 929 19.72 -9.49 -28.59
N VAL A 930 20.83 -10.19 -28.29
CA VAL A 930 21.91 -10.26 -29.28
C VAL A 930 21.40 -10.89 -30.57
N PHE A 931 20.64 -11.98 -30.47
CA PHE A 931 20.15 -12.66 -31.66
C PHE A 931 19.14 -11.80 -32.42
N PHE A 932 18.27 -11.08 -31.70
CA PHE A 932 17.36 -10.17 -32.38
C PHE A 932 18.13 -9.16 -33.21
N PHE A 933 19.14 -8.54 -32.59
CA PHE A 933 19.94 -7.57 -33.31
C PHE A 933 20.63 -8.20 -34.51
N LEU A 934 21.18 -9.40 -34.34
CA LEU A 934 21.90 -10.03 -35.45
C LEU A 934 20.97 -10.34 -36.62
N PHE A 935 19.77 -10.84 -36.32
CA PHE A 935 18.84 -11.15 -37.40
C PHE A 935 18.41 -9.89 -38.14
N PHE A 936 18.07 -8.83 -37.38
CA PHE A 936 17.70 -7.58 -38.01
C PHE A 936 18.83 -7.06 -38.89
N LEU A 937 20.05 -7.07 -38.37
CA LEU A 937 21.18 -6.56 -39.12
C LEU A 937 21.47 -7.41 -40.34
N GLY A 938 21.30 -8.73 -40.24
CA GLY A 938 21.51 -9.57 -41.39
C GLY A 938 20.53 -9.27 -42.51
N VAL A 939 19.26 -9.12 -42.15
CA VAL A 939 18.26 -8.76 -43.17
C VAL A 939 18.63 -7.44 -43.83
N TRP A 940 18.96 -6.44 -43.01
CA TRP A 940 19.27 -5.13 -43.56
C TRP A 940 20.51 -5.18 -44.44
N LEU A 941 21.54 -5.90 -44.01
CA LEU A 941 22.77 -6.01 -44.79
C LEU A 941 22.50 -6.69 -46.12
N VAL A 942 21.75 -7.78 -46.11
CA VAL A 942 21.45 -8.45 -47.37
C VAL A 942 20.76 -7.48 -48.31
N ALA A 943 19.71 -6.81 -47.82
CA ALA A 943 18.96 -5.92 -48.70
C ALA A 943 19.85 -4.83 -49.27
N TYR A 944 20.54 -4.10 -48.40
CA TYR A 944 21.33 -2.96 -48.85
C TYR A 944 22.48 -3.40 -49.74
N GLY A 945 23.20 -4.44 -49.35
CA GLY A 945 24.35 -4.88 -50.12
C GLY A 945 23.95 -5.35 -51.50
N VAL A 946 22.89 -6.14 -51.60
CA VAL A 946 22.46 -6.61 -52.92
C VAL A 946 21.99 -5.44 -53.77
N ALA A 947 21.25 -4.50 -53.18
CA ALA A 947 20.79 -3.36 -53.95
C ALA A 947 21.97 -2.57 -54.50
N THR A 948 22.96 -2.29 -53.65
CA THR A 948 24.12 -1.52 -54.10
C THR A 948 24.91 -2.27 -55.15
N GLU A 949 25.12 -3.56 -54.95
CA GLU A 949 25.86 -4.35 -55.93
C GLU A 949 25.14 -4.36 -57.27
N GLY A 950 23.82 -4.45 -57.25
CA GLY A 950 23.07 -4.41 -58.49
C GLY A 950 23.16 -3.06 -59.17
N LEU A 951 23.11 -1.98 -58.39
CA LEU A 951 23.18 -0.65 -58.99
C LEU A 951 24.55 -0.39 -59.60
N LEU A 952 25.62 -0.79 -58.92
CA LEU A 952 26.96 -0.47 -59.41
C LEU A 952 27.31 -1.28 -60.64
N ARG A 953 26.91 -2.55 -60.69
CA ARG A 953 27.24 -3.43 -61.80
C ARG A 953 28.74 -3.54 -62.00
N PRO A 954 29.52 -3.83 -60.97
CA PRO A 954 30.96 -4.00 -61.17
C PRO A 954 31.22 -5.13 -62.14
N ARG A 955 32.29 -4.99 -62.94
CA ARG A 955 32.59 -5.94 -63.99
C ARG A 955 33.43 -7.11 -63.52
N ASP A 956 33.84 -7.15 -62.26
CA ASP A 956 34.49 -8.35 -61.74
C ASP A 956 33.55 -9.54 -61.79
N SER A 957 32.35 -9.38 -61.23
CA SER A 957 31.30 -10.40 -61.32
C SER A 957 31.85 -11.78 -60.96
N ASP A 958 32.69 -11.83 -59.94
CA ASP A 958 33.28 -13.06 -59.45
C ASP A 958 32.62 -13.41 -58.13
N PHE A 959 32.26 -14.68 -57.96
CA PHE A 959 31.43 -15.06 -56.81
C PHE A 959 32.07 -14.66 -55.48
N PRO A 960 33.35 -14.95 -55.21
CA PRO A 960 33.94 -14.42 -53.98
C PRO A 960 33.92 -12.91 -53.92
N SER A 961 34.18 -12.24 -55.05
CA SER A 961 34.13 -10.78 -55.05
C SER A 961 32.72 -10.28 -54.81
N ILE A 962 31.73 -10.93 -55.40
CA ILE A 962 30.35 -10.53 -55.20
C ILE A 962 29.97 -10.68 -53.73
N LEU A 963 30.34 -11.80 -53.13
CA LEU A 963 30.04 -11.99 -51.71
C LEU A 963 30.75 -10.94 -50.87
N ARG A 964 32.01 -10.63 -51.20
CA ARG A 964 32.73 -9.61 -50.47
C ARG A 964 31.98 -8.29 -50.52
N ARG A 965 31.67 -7.81 -51.72
CA ARG A 965 31.00 -6.52 -51.85
C ARG A 965 29.59 -6.54 -51.30
N VAL A 966 28.96 -7.70 -51.18
CA VAL A 966 27.59 -7.75 -50.71
C VAL A 966 27.51 -7.82 -49.20
N PHE A 967 28.47 -8.48 -48.53
CA PHE A 967 28.40 -8.66 -47.09
C PHE A 967 29.54 -7.97 -46.35
N TYR A 968 30.78 -8.19 -46.75
CA TYR A 968 31.91 -7.73 -45.96
C TYR A 968 31.98 -6.21 -45.95
N ARG A 969 31.94 -5.59 -47.12
CA ARG A 969 32.09 -4.13 -47.17
C ARG A 969 30.94 -3.42 -46.47
N PRO A 970 29.67 -3.72 -46.74
CA PRO A 970 28.60 -3.09 -45.96
C PRO A 970 28.74 -3.34 -44.47
N TYR A 971 29.19 -4.53 -44.08
CA TYR A 971 29.38 -4.79 -42.67
C TYR A 971 30.45 -3.88 -42.07
N LEU A 972 31.57 -3.75 -42.75
CA LEU A 972 32.63 -2.88 -42.24
C LEU A 972 32.19 -1.42 -42.21
N GLN A 973 31.26 -1.03 -43.07
CA GLN A 973 30.76 0.34 -43.01
C GLN A 973 30.13 0.66 -41.67
N ILE A 974 29.65 -0.35 -40.94
CA ILE A 974 29.05 -0.11 -39.63
C ILE A 974 30.09 0.41 -38.65
N PHE A 975 31.37 0.22 -38.93
CA PHE A 975 32.45 0.57 -38.01
C PHE A 975 33.35 1.65 -38.60
N GLY A 976 32.77 2.59 -39.32
CA GLY A 976 33.50 3.75 -39.78
C GLY A 976 34.37 3.52 -41.00
N GLN A 977 34.33 2.33 -41.60
CA GLN A 977 35.13 2.03 -42.78
C GLN A 977 34.26 2.23 -44.02
N ILE A 978 34.13 3.49 -44.43
CA ILE A 978 33.27 3.85 -45.54
C ILE A 978 34.14 4.16 -46.75
N PRO A 979 34.21 3.27 -47.74
CA PRO A 979 35.05 3.52 -48.93
C PRO A 979 34.31 4.32 -50.01
N GLN A 980 34.23 5.64 -49.81
CA GLN A 980 33.51 6.48 -50.75
C GLN A 980 34.09 6.38 -52.15
N GLU A 981 35.42 6.22 -52.26
CA GLU A 981 36.04 6.16 -53.58
C GLU A 981 35.56 4.98 -54.39
N ASP A 982 35.11 3.91 -53.74
CA ASP A 982 34.67 2.70 -54.43
C ASP A 982 33.17 2.69 -54.72
N MET A 983 32.45 3.70 -54.29
CA MET A 983 31.00 3.74 -54.49
C MET A 983 30.52 5.02 -55.15
N ASP A 984 31.14 6.15 -54.83
CA ASP A 984 30.71 7.44 -55.36
C ASP A 984 31.42 7.72 -56.67
N VAL A 985 30.64 7.99 -57.72
CA VAL A 985 31.23 8.21 -59.03
C VAL A 985 31.91 9.57 -59.10
N ALA A 986 31.47 10.53 -58.28
CA ALA A 986 32.11 11.84 -58.29
C ALA A 986 33.58 11.77 -57.89
N LEU A 987 33.99 10.71 -57.20
CA LEU A 987 35.35 10.57 -56.71
C LEU A 987 36.18 9.62 -57.56
N MET A 988 35.69 9.21 -58.73
CA MET A 988 36.37 8.23 -59.56
C MET A 988 36.66 8.85 -60.92
N GLU A 989 37.38 8.10 -61.75
CA GLU A 989 37.80 8.55 -63.07
C GLU A 989 36.92 7.92 -64.13
N HIS A 990 36.29 8.75 -64.96
CA HIS A 990 35.45 8.24 -66.02
C HIS A 990 36.30 7.56 -67.09
N SER A 991 35.84 6.41 -67.55
CA SER A 991 36.57 5.66 -68.58
C SER A 991 35.59 4.75 -69.30
N ASN A 992 35.95 4.40 -70.52
CA ASN A 992 35.14 3.49 -71.33
C ASN A 992 35.68 2.07 -71.24
N CYS A 993 35.60 1.52 -70.03
CA CYS A 993 36.12 0.18 -69.77
C CYS A 993 35.33 -0.88 -70.52
N SER A 994 34.00 -0.85 -70.39
CA SER A 994 33.15 -1.92 -70.87
C SER A 994 32.47 -1.53 -72.18
N SER A 995 32.37 -2.50 -73.09
CA SER A 995 31.73 -2.26 -74.37
C SER A 995 30.22 -2.08 -74.23
N GLU A 996 29.64 -2.48 -73.11
CA GLU A 996 28.20 -2.35 -72.94
C GLU A 996 27.82 -0.86 -72.96
N PRO A 997 26.63 -0.53 -73.46
CA PRO A 997 26.23 0.87 -73.55
C PRO A 997 26.11 1.49 -72.16
N GLY A 998 26.39 2.78 -72.08
CA GLY A 998 26.30 3.54 -70.85
C GLY A 998 27.64 4.19 -70.52
N PHE A 999 27.70 4.77 -69.34
CA PHE A 999 28.91 5.41 -68.83
C PHE A 999 29.45 4.60 -67.65
N TRP A 1000 30.77 4.56 -67.54
CA TRP A 1000 31.43 3.74 -66.53
C TRP A 1000 32.55 4.53 -65.89
N ALA A 1001 32.85 4.18 -64.65
CA ALA A 1001 33.94 4.79 -63.89
C ALA A 1001 34.84 3.70 -63.36
N HIS A 1002 36.08 4.08 -63.07
CA HIS A 1002 37.10 3.12 -62.64
C HIS A 1002 37.41 3.33 -61.16
N PRO A 1003 36.90 2.49 -60.26
CA PRO A 1003 37.26 2.63 -58.86
C PRO A 1003 38.74 2.33 -58.64
N PRO A 1004 39.38 2.98 -57.67
CA PRO A 1004 40.78 2.65 -57.37
C PRO A 1004 40.94 1.44 -56.47
N GLY A 1005 39.88 0.98 -55.82
CA GLY A 1005 40.00 -0.12 -54.88
C GLY A 1005 40.43 -1.41 -55.57
N ALA A 1006 41.16 -2.23 -54.81
CA ALA A 1006 41.63 -3.50 -55.36
C ALA A 1006 40.47 -4.46 -55.59
N GLN A 1007 39.57 -4.59 -54.61
CA GLN A 1007 38.44 -5.50 -54.69
C GLN A 1007 37.12 -4.74 -54.85
N ALA A 1008 37.15 -3.60 -55.54
CA ALA A 1008 35.98 -2.78 -55.74
C ALA A 1008 35.37 -2.96 -57.12
N GLY A 1009 35.83 -3.95 -57.89
CA GLY A 1009 35.37 -4.12 -59.25
C GLY A 1009 36.22 -3.31 -60.20
N THR A 1010 36.50 -3.86 -61.39
CA THR A 1010 37.36 -3.14 -62.31
C THR A 1010 36.76 -1.81 -62.71
N CYS A 1011 35.46 -1.78 -62.97
CA CYS A 1011 34.77 -0.53 -63.25
C CYS A 1011 33.29 -0.72 -62.97
N VAL A 1012 32.63 0.35 -62.52
CA VAL A 1012 31.24 0.29 -62.09
C VAL A 1012 30.42 1.24 -62.94
N SER A 1013 29.17 0.86 -63.18
CA SER A 1013 28.25 1.73 -63.88
C SER A 1013 27.97 2.97 -63.05
N GLN A 1014 27.71 4.08 -63.73
CA GLN A 1014 27.39 5.34 -63.08
C GLN A 1014 26.02 5.85 -63.50
N TYR A 1015 25.10 4.94 -63.81
CA TYR A 1015 23.80 5.36 -64.33
C TYR A 1015 23.07 6.23 -63.31
N ALA A 1016 22.72 5.67 -62.17
CA ALA A 1016 22.09 6.41 -61.08
C ALA A 1016 22.96 6.20 -59.86
N ASN A 1017 24.00 7.04 -59.73
CA ASN A 1017 24.90 6.92 -58.59
C ASN A 1017 24.40 7.71 -57.41
N TRP A 1018 23.63 8.79 -57.65
CA TRP A 1018 22.99 9.49 -56.55
C TRP A 1018 22.15 8.53 -55.73
N LEU A 1019 21.56 7.53 -56.38
CA LEU A 1019 20.77 6.54 -55.64
C LEU A 1019 21.67 5.67 -54.78
N VAL A 1020 22.86 5.33 -55.26
CA VAL A 1020 23.80 4.57 -54.44
C VAL A 1020 24.19 5.39 -53.21
N VAL A 1021 24.46 6.68 -53.40
CA VAL A 1021 24.81 7.52 -52.27
C VAL A 1021 23.65 7.65 -51.30
N LEU A 1022 22.43 7.75 -51.82
CA LEU A 1022 21.26 7.83 -50.94
C LEU A 1022 21.09 6.54 -50.14
N LEU A 1023 21.29 5.39 -50.79
CA LEU A 1023 21.23 4.13 -50.06
C LEU A 1023 22.31 4.06 -49.00
N LEU A 1024 23.50 4.56 -49.31
CA LEU A 1024 24.54 4.61 -48.29
C LEU A 1024 24.12 5.48 -47.11
N VAL A 1025 23.49 6.62 -47.39
CA VAL A 1025 23.05 7.49 -46.31
C VAL A 1025 22.03 6.77 -45.43
N ILE A 1026 21.03 6.14 -46.06
CA ILE A 1026 20.00 5.47 -45.29
C ILE A 1026 20.58 4.30 -44.50
N PHE A 1027 21.50 3.56 -45.11
CA PHE A 1027 22.12 2.43 -44.42
C PHE A 1027 22.91 2.90 -43.21
N LEU A 1028 23.73 3.93 -43.38
CA LEU A 1028 24.45 4.46 -42.25
C LEU A 1028 23.49 4.85 -41.14
N LEU A 1029 22.48 5.64 -41.47
CA LEU A 1029 21.50 6.01 -40.47
C LEU A 1029 21.01 4.78 -39.73
N VAL A 1030 20.34 3.88 -40.45
CA VAL A 1030 19.68 2.74 -39.81
C VAL A 1030 20.69 1.97 -38.99
N ALA A 1031 21.68 1.37 -39.67
CA ALA A 1031 22.61 0.48 -38.98
C ALA A 1031 23.31 1.19 -37.83
N ASN A 1032 24.10 2.23 -38.13
CA ASN A 1032 24.96 2.80 -37.10
C ASN A 1032 24.15 3.37 -35.95
N ILE A 1033 23.06 4.08 -36.22
CA ILE A 1033 22.37 4.79 -35.16
C ILE A 1033 21.22 3.98 -34.63
N LEU A 1034 20.22 3.69 -35.47
CA LEU A 1034 18.96 3.18 -34.95
C LEU A 1034 19.14 1.78 -34.36
N LEU A 1035 19.74 0.87 -35.12
CA LEU A 1035 19.87 -0.50 -34.64
C LEU A 1035 20.78 -0.57 -33.41
N VAL A 1036 21.89 0.14 -33.43
CA VAL A 1036 22.82 0.07 -32.30
C VAL A 1036 22.18 0.66 -31.04
N ASN A 1037 21.49 1.79 -31.17
CA ASN A 1037 20.83 2.37 -30.01
C ASN A 1037 19.68 1.50 -29.54
N LEU A 1038 18.97 0.84 -30.45
CA LEU A 1038 17.94 -0.09 -30.06
C LEU A 1038 18.53 -1.25 -29.27
N LEU A 1039 19.68 -1.76 -29.71
CA LEU A 1039 20.33 -2.81 -28.96
C LEU A 1039 20.74 -2.33 -27.57
N ILE A 1040 21.22 -1.10 -27.47
CA ILE A 1040 21.58 -0.56 -26.16
C ILE A 1040 20.34 -0.49 -25.27
N ALA A 1041 19.22 -0.04 -25.82
CA ALA A 1041 18.00 0.04 -25.03
C ALA A 1041 17.54 -1.33 -24.57
N MET A 1042 17.60 -2.32 -25.46
CA MET A 1042 17.21 -3.67 -25.09
C MET A 1042 18.13 -4.23 -24.00
N PHE A 1043 19.43 -4.00 -24.14
CA PHE A 1043 20.36 -4.45 -23.11
C PHE A 1043 20.06 -3.79 -21.77
N SER A 1044 19.78 -2.49 -21.78
CA SER A 1044 19.48 -1.80 -20.53
C SER A 1044 18.24 -2.40 -19.88
N TYR A 1045 17.18 -2.60 -20.67
CA TYR A 1045 15.97 -3.16 -20.11
C TYR A 1045 16.22 -4.54 -19.52
N THR A 1046 16.86 -5.42 -20.29
CA THR A 1046 17.08 -6.77 -19.81
C THR A 1046 17.96 -6.78 -18.57
N PHE A 1047 19.03 -5.97 -18.56
CA PHE A 1047 19.90 -5.91 -17.39
C PHE A 1047 19.14 -5.48 -16.17
N GLY A 1048 18.29 -4.46 -16.30
CA GLY A 1048 17.50 -4.04 -15.16
C GLY A 1048 16.46 -5.06 -14.74
N LYS A 1049 16.01 -5.92 -15.66
CA LYS A 1049 14.91 -6.82 -15.36
C LYS A 1049 15.38 -8.09 -14.64
N VAL A 1050 16.54 -8.62 -15.00
CA VAL A 1050 16.95 -9.94 -14.53
C VAL A 1050 18.07 -9.82 -13.51
N GLN A 1051 18.15 -8.68 -12.83
CA GLN A 1051 19.20 -8.51 -11.83
C GLN A 1051 19.01 -9.46 -10.65
N GLY A 1052 17.82 -9.46 -10.05
CA GLY A 1052 17.61 -10.24 -8.86
C GLY A 1052 17.71 -11.74 -9.09
N ASN A 1053 17.09 -12.23 -10.15
CA ASN A 1053 17.16 -13.65 -10.45
C ASN A 1053 18.58 -14.09 -10.72
N SER A 1054 19.35 -13.26 -11.44
CA SER A 1054 20.75 -13.59 -11.69
C SER A 1054 21.54 -13.65 -10.39
N ASP A 1055 21.29 -12.69 -9.50
CA ASP A 1055 22.00 -12.71 -8.22
C ASP A 1055 21.67 -13.97 -7.43
N LEU A 1056 20.39 -14.34 -7.38
CA LEU A 1056 20.01 -15.56 -6.68
C LEU A 1056 20.65 -16.78 -7.31
N TYR A 1057 20.66 -16.85 -8.64
CA TYR A 1057 21.25 -18.00 -9.32
C TYR A 1057 22.74 -18.10 -9.02
N TRP A 1058 23.45 -16.97 -9.00
CA TRP A 1058 24.86 -17.02 -8.66
C TRP A 1058 25.06 -17.49 -7.23
N LYS A 1059 24.26 -16.96 -6.30
CA LYS A 1059 24.39 -17.40 -4.92
C LYS A 1059 24.12 -18.89 -4.78
N ALA A 1060 23.22 -19.43 -5.61
CA ALA A 1060 22.93 -20.85 -5.56
C ALA A 1060 24.09 -21.67 -6.10
N GLN A 1061 24.64 -21.29 -7.26
CA GLN A 1061 25.70 -22.08 -7.86
C GLN A 1061 27.04 -21.90 -7.16
N ARG A 1062 27.14 -20.92 -6.26
CA ARG A 1062 28.34 -20.76 -5.47
C ARG A 1062 28.67 -22.05 -4.72
N TYR A 1063 27.65 -22.74 -4.22
CA TYR A 1063 27.89 -24.00 -3.53
C TYR A 1063 28.48 -25.04 -4.47
N ARG A 1064 27.98 -25.13 -5.69
CA ARG A 1064 28.54 -26.08 -6.63
C ARG A 1064 30.00 -25.77 -6.92
N LEU A 1065 30.32 -24.50 -7.11
CA LEU A 1065 31.72 -24.11 -7.32
C LEU A 1065 32.59 -24.55 -6.15
N ILE A 1066 32.16 -24.22 -4.93
CA ILE A 1066 32.98 -24.51 -3.76
C ILE A 1066 33.16 -26.01 -3.61
N ARG A 1067 32.09 -26.78 -3.80
CA ARG A 1067 32.21 -28.23 -3.67
C ARG A 1067 33.13 -28.80 -4.74
N GLU A 1068 33.05 -28.27 -5.96
CA GLU A 1068 33.94 -28.75 -7.01
C GLU A 1068 35.40 -28.52 -6.65
N PHE A 1069 35.73 -27.33 -6.14
CA PHE A 1069 37.10 -27.06 -5.79
C PHE A 1069 37.51 -27.65 -4.46
N HIS A 1070 36.57 -28.18 -3.69
CA HIS A 1070 36.91 -28.83 -2.43
C HIS A 1070 37.50 -30.21 -2.63
N SER A 1071 37.13 -30.88 -3.72
CA SER A 1071 37.54 -32.25 -3.97
C SER A 1071 38.66 -32.37 -4.99
N ARG A 1072 39.09 -31.26 -5.60
CA ARG A 1072 40.14 -31.35 -6.60
C ARG A 1072 41.48 -31.66 -5.94
N PRO A 1073 42.41 -32.26 -6.68
CA PRO A 1073 43.75 -32.45 -6.13
C PRO A 1073 44.41 -31.12 -5.81
N ALA A 1074 45.24 -31.13 -4.77
CA ALA A 1074 45.86 -29.91 -4.30
C ALA A 1074 46.94 -29.38 -5.25
N LEU A 1075 47.33 -30.14 -6.26
CA LEU A 1075 48.39 -29.76 -7.17
C LEU A 1075 47.83 -29.22 -8.49
N ALA A 1076 48.65 -28.44 -9.17
CA ALA A 1076 48.25 -27.80 -10.41
C ALA A 1076 48.29 -28.77 -11.58
N PRO A 1077 47.62 -28.44 -12.67
CA PRO A 1077 47.50 -29.36 -13.81
C PRO A 1077 48.85 -29.85 -14.31
N PRO A 1078 49.87 -28.98 -14.42
CA PRO A 1078 51.16 -29.51 -14.90
C PRO A 1078 51.71 -30.62 -14.03
N PHE A 1079 51.51 -30.52 -12.71
CA PHE A 1079 51.96 -31.54 -11.77
C PHE A 1079 50.83 -32.46 -11.32
N ILE A 1080 49.59 -32.15 -11.68
CA ILE A 1080 48.46 -32.94 -11.23
C ILE A 1080 48.57 -34.41 -11.61
N VAL A 1081 49.48 -34.74 -12.53
CA VAL A 1081 49.68 -36.14 -12.87
C VAL A 1081 50.18 -36.92 -11.65
N ILE A 1082 51.06 -36.30 -10.86
CA ILE A 1082 51.60 -36.98 -9.70
C ILE A 1082 50.51 -37.29 -8.69
N SER A 1083 49.42 -36.52 -8.69
CA SER A 1083 48.31 -36.76 -7.78
C SER A 1083 47.24 -37.66 -8.40
N HIS A 1084 47.03 -37.59 -9.71
CA HIS A 1084 46.16 -38.57 -10.35
C HIS A 1084 46.75 -39.96 -10.22
N LEU A 1085 48.07 -40.07 -10.21
CA LEU A 1085 48.70 -41.35 -9.95
C LEU A 1085 48.36 -41.85 -8.56
N ARG A 1086 48.42 -40.95 -7.57
CA ARG A 1086 48.03 -41.33 -6.21
C ARG A 1086 46.58 -41.77 -6.15
N LEU A 1087 45.69 -41.04 -6.81
CA LEU A 1087 44.29 -41.46 -6.86
C LEU A 1087 44.17 -42.81 -7.55
N LEU A 1088 44.90 -43.01 -8.64
CA LEU A 1088 45.04 -44.35 -9.18
C LEU A 1088 45.87 -45.18 -8.22
N LEU A 1089 45.94 -46.48 -8.48
CA LEU A 1089 46.57 -47.41 -7.55
C LEU A 1089 45.88 -47.38 -6.20
N ARG A 1090 44.56 -47.22 -6.21
CA ARG A 1090 43.78 -47.10 -4.99
C ARG A 1090 42.29 -47.15 -5.31
N LYS A 1115 25.12 -39.86 19.27
CA LYS A 1115 25.91 -39.16 20.29
C LYS A 1115 25.00 -38.33 21.19
N GLU A 1116 25.60 -37.73 22.21
CA GLU A 1116 24.89 -36.77 23.05
C GLU A 1116 24.94 -35.36 22.49
N ALA A 1117 26.04 -35.00 21.83
CA ALA A 1117 26.13 -33.67 21.24
C ALA A 1117 25.08 -33.47 20.15
N GLU A 1118 24.87 -34.50 19.34
CA GLU A 1118 23.85 -34.41 18.30
C GLU A 1118 22.47 -34.23 18.90
N ARG A 1119 22.16 -34.97 19.97
CA ARG A 1119 20.87 -34.83 20.62
C ARG A 1119 20.71 -33.43 21.20
N LYS A 1120 21.77 -32.89 21.81
CA LYS A 1120 21.70 -31.54 22.34
C LYS A 1120 21.47 -30.54 21.24
N LEU A 1121 22.14 -30.72 20.10
CA LEU A 1121 21.94 -29.83 18.96
C LEU A 1121 20.49 -29.87 18.48
N LEU A 1122 19.92 -31.07 18.38
CA LEU A 1122 18.53 -31.17 17.93
C LEU A 1122 17.59 -30.53 18.93
N THR A 1123 17.86 -30.69 20.22
CA THR A 1123 17.01 -30.05 21.23
C THR A 1123 17.07 -28.53 21.11
N TRP A 1124 18.27 -28.00 20.91
CA TRP A 1124 18.41 -26.55 20.75
C TRP A 1124 17.68 -26.06 19.49
N GLU A 1125 17.79 -26.83 18.41
CA GLU A 1125 17.04 -26.51 17.20
C GLU A 1125 15.54 -26.50 17.48
N SER A 1126 15.05 -27.48 18.22
CA SER A 1126 13.63 -27.55 18.51
C SER A 1126 13.19 -26.36 19.36
N VAL A 1127 14.02 -25.94 20.31
CA VAL A 1127 13.70 -24.76 21.10
C VAL A 1127 13.53 -23.55 20.19
N HIS A 1128 14.48 -23.38 19.25
CA HIS A 1128 14.38 -22.24 18.35
C HIS A 1128 13.15 -22.35 17.45
N LYS A 1129 12.81 -23.56 17.01
CA LYS A 1129 11.63 -23.73 16.19
C LYS A 1129 10.38 -23.35 16.95
N GLU A 1130 10.29 -23.75 18.22
CA GLU A 1130 9.13 -23.38 19.03
C GLU A 1130 9.06 -21.87 19.19
N ASN A 1131 10.19 -21.22 19.45
CA ASN A 1131 10.17 -19.77 19.56
C ASN A 1131 9.69 -19.12 18.28
N PHE A 1132 10.18 -19.60 17.13
CA PHE A 1132 9.78 -19.02 15.85
C PHE A 1132 8.30 -19.20 15.60
N LEU A 1133 7.77 -20.40 15.89
CA LEU A 1133 6.34 -20.63 15.68
C LEU A 1133 5.51 -19.74 16.60
N LEU A 1134 5.92 -19.60 17.85
CA LEU A 1134 5.19 -18.72 18.76
C LEU A 1134 5.21 -17.29 18.27
N ALA A 1135 6.36 -16.84 17.78
CA ALA A 1135 6.44 -15.48 17.27
C ALA A 1135 5.49 -15.28 16.09
N ARG A 1136 5.47 -16.24 15.16
CA ARG A 1136 4.57 -16.12 14.02
C ARG A 1136 3.11 -16.10 14.47
N ALA A 1137 2.75 -16.99 15.38
CA ALA A 1137 1.37 -17.05 15.83
C ALA A 1137 0.96 -15.75 16.52
N ARG A 1138 1.82 -15.24 17.39
CA ARG A 1138 1.51 -13.99 18.07
C ARG A 1138 1.39 -12.84 17.08
N ASP A 1139 2.29 -12.76 16.11
CA ASP A 1139 2.21 -11.69 15.13
C ASP A 1139 0.91 -11.76 14.34
N LYS A 1140 0.51 -12.97 13.95
CA LYS A 1140 -0.76 -13.12 13.24
C LYS A 1140 -1.93 -12.72 14.12
N ARG A 1141 -1.91 -13.13 15.39
CA ARG A 1141 -3.04 -12.84 16.27
C ARG A 1141 -3.19 -11.35 16.52
N GLU A 1142 -2.08 -10.63 16.60
CA GLU A 1142 -2.12 -9.19 16.86
C GLU A 1142 -2.32 -8.37 15.60
N SER A 1143 -2.46 -8.99 14.44
CA SER A 1143 -2.67 -8.25 13.22
C SER A 1143 -4.02 -7.56 13.23
N ASP A 1144 -4.15 -6.53 12.40
CA ASP A 1144 -5.38 -5.75 12.38
C ASP A 1144 -6.57 -6.60 11.95
N SER A 1145 -6.39 -7.44 10.94
CA SER A 1145 -7.50 -8.24 10.45
C SER A 1145 -8.00 -9.20 11.52
N GLU A 1146 -7.08 -9.88 12.20
CA GLU A 1146 -7.48 -10.82 13.24
C GLU A 1146 -8.15 -10.12 14.40
N ARG A 1147 -7.63 -8.96 14.80
CA ARG A 1147 -8.25 -8.21 15.88
C ARG A 1147 -9.64 -7.76 15.49
N LEU A 1148 -9.81 -7.33 14.24
CA LEU A 1148 -11.13 -6.94 13.77
C LEU A 1148 -12.09 -8.12 13.80
N LYS A 1149 -11.62 -9.29 13.40
CA LYS A 1149 -12.47 -10.48 13.43
C LYS A 1149 -12.87 -10.82 14.86
N ARG A 1150 -11.93 -10.76 15.79
CA ARG A 1150 -12.26 -11.03 17.19
C ARG A 1150 -13.25 -10.02 17.72
N THR A 1151 -13.09 -8.74 17.35
CA THR A 1151 -14.05 -7.73 17.78
C THR A 1151 -15.43 -8.01 17.22
N SER A 1152 -15.50 -8.43 15.96
CA SER A 1152 -16.80 -8.76 15.39
C SER A 1152 -17.45 -9.91 16.14
N GLN A 1153 -16.68 -10.94 16.45
CA GLN A 1153 -17.23 -12.07 17.19
C GLN A 1153 -17.69 -11.64 18.57
N LYS A 1154 -16.90 -10.82 19.27
CA LYS A 1154 -17.30 -10.37 20.60
C LYS A 1154 -18.54 -9.49 20.54
N VAL A 1155 -18.64 -8.65 19.51
CA VAL A 1155 -19.84 -7.83 19.35
C VAL A 1155 -21.05 -8.71 19.13
N ASP A 1156 -20.90 -9.75 18.31
CA ASP A 1156 -22.01 -10.66 18.08
C ASP A 1156 -22.41 -11.37 19.37
N LEU A 1157 -21.44 -11.79 20.16
CA LEU A 1157 -21.73 -12.43 21.43
C LEU A 1157 -22.46 -11.47 22.36
N ALA A 1158 -22.00 -10.22 22.42
CA ALA A 1158 -22.68 -9.23 23.25
C ALA A 1158 -24.10 -9.00 22.77
N LEU A 1159 -24.30 -8.95 21.45
CA LEU A 1159 -25.63 -8.75 20.91
C LEU A 1159 -26.55 -9.90 21.28
N LYS A 1160 -26.05 -11.13 21.18
CA LYS A 1160 -26.88 -12.28 21.53
C LYS A 1160 -27.23 -12.25 23.02
N GLN A 1161 -26.26 -11.96 23.87
CA GLN A 1161 -26.56 -11.90 25.30
C GLN A 1161 -27.52 -10.77 25.61
N LEU A 1162 -27.40 -9.65 24.88
CA LEU A 1162 -28.29 -8.52 25.10
C LEU A 1162 -29.72 -8.88 24.73
N GLY A 1163 -29.91 -9.52 23.57
CA GLY A 1163 -31.23 -10.00 23.21
C GLY A 1163 -31.75 -10.99 24.23
N HIS A 1164 -30.88 -11.85 24.74
CA HIS A 1164 -31.29 -12.84 25.72
C HIS A 1164 -31.78 -12.18 27.00
N ILE A 1165 -31.02 -11.21 27.52
CA ILE A 1165 -31.40 -10.54 28.76
C ILE A 1165 -32.65 -9.71 28.56
N ARG A 1166 -32.83 -9.10 27.38
CA ARG A 1166 -33.99 -8.26 27.15
C ARG A 1166 -35.29 -9.04 27.39
N GLU A 1167 -35.27 -10.34 27.12
CA GLU A 1167 -36.44 -11.17 27.37
C GLU A 1167 -36.65 -11.36 28.88
N GLU B 7 -38.68 29.84 -19.44
CA GLU B 7 -40.09 29.62 -19.73
C GLU B 7 -40.96 29.98 -18.52
N GLN B 8 -41.34 31.25 -18.44
CA GLN B 8 -42.16 31.73 -17.33
C GLN B 8 -43.37 32.56 -17.76
N SER B 9 -43.36 33.13 -18.96
CA SER B 9 -44.47 33.99 -19.35
C SER B 9 -45.80 33.26 -19.35
N TRP B 10 -45.78 31.92 -19.46
CA TRP B 10 -47.01 31.15 -19.40
C TRP B 10 -47.54 31.03 -17.98
N ILE B 11 -46.71 31.22 -16.97
CA ILE B 11 -47.17 31.10 -15.59
C ILE B 11 -48.28 32.10 -15.30
N PRO B 12 -48.15 33.39 -15.60
CA PRO B 12 -49.29 34.30 -15.42
C PRO B 12 -50.51 33.90 -16.24
N LYS B 13 -50.30 33.23 -17.37
CA LYS B 13 -51.42 32.91 -18.25
C LYS B 13 -52.41 31.97 -17.57
N ILE B 14 -51.92 30.98 -16.84
CA ILE B 14 -52.76 29.91 -16.31
C ILE B 14 -53.03 30.02 -14.82
N PHE B 15 -52.35 30.92 -14.11
CA PHE B 15 -52.52 31.08 -12.69
C PHE B 15 -53.05 32.48 -12.39
N LYS B 16 -53.93 32.57 -11.39
CA LYS B 16 -54.61 33.81 -11.06
C LYS B 16 -54.54 34.08 -9.56
N LYS B 17 -54.51 35.36 -9.23
CA LYS B 17 -54.64 35.87 -7.88
C LYS B 17 -56.00 36.54 -7.71
N LYS B 18 -56.34 36.80 -6.46
CA LYS B 18 -57.67 37.28 -6.09
C LYS B 18 -57.59 38.71 -5.55
N THR B 19 -58.65 39.49 -5.81
CA THR B 19 -58.68 40.90 -5.36
C THR B 19 -59.75 41.06 -4.29
N CYS B 20 -59.67 42.14 -3.51
CA CYS B 20 -60.70 42.41 -2.47
C CYS B 20 -62.06 42.63 -3.14
N THR B 21 -62.09 43.37 -4.25
CA THR B 21 -63.34 43.56 -5.03
C THR B 21 -64.44 44.12 -4.14
N THR B 22 -65.61 43.49 -4.16
CA THR B 22 -66.78 43.98 -3.38
C THR B 22 -66.43 44.19 -1.92
N PHE B 23 -67.03 45.19 -1.29
CA PHE B 23 -66.77 45.49 0.12
C PHE B 23 -67.91 44.99 0.98
N ILE B 24 -67.56 44.49 2.17
CA ILE B 24 -68.53 44.08 3.18
C ILE B 24 -68.04 44.57 4.53
N VAL B 25 -68.92 45.22 5.28
CA VAL B 25 -68.56 45.76 6.59
C VAL B 25 -68.54 44.63 7.61
N THR B 33 -65.95 50.61 7.53
CA THR B 33 -64.83 50.52 8.46
C THR B 33 -63.79 49.52 7.96
N LEU B 34 -64.04 48.24 8.21
CA LEU B 34 -63.15 47.16 7.82
C LEU B 34 -63.88 46.20 6.88
N CYS B 35 -63.21 45.81 5.80
CA CYS B 35 -63.78 44.84 4.89
C CYS B 35 -63.89 43.48 5.55
N GLN B 36 -64.92 42.73 5.16
CA GLN B 36 -64.92 41.30 5.48
C GLN B 36 -63.83 40.57 4.73
N CYS B 37 -63.19 41.21 3.76
CA CYS B 37 -62.08 40.64 3.02
C CYS B 37 -60.73 40.95 3.66
N GLY B 38 -60.70 41.48 4.87
CA GLY B 38 -59.48 41.71 5.60
C GLY B 38 -58.77 43.00 5.29
N ARG B 39 -59.26 43.78 4.34
CA ARG B 39 -58.64 45.04 3.99
C ARG B 39 -59.46 46.22 4.50
N PRO B 40 -58.82 47.35 4.83
CA PRO B 40 -59.59 48.51 5.28
C PRO B 40 -60.51 49.02 4.18
N ARG B 41 -61.68 49.51 4.60
CA ARG B 41 -62.65 50.03 3.63
C ARG B 41 -62.03 51.11 2.76
N THR B 42 -61.10 51.90 3.32
CA THR B 42 -60.48 52.97 2.55
C THR B 42 -59.65 52.42 1.39
N ALA B 43 -58.83 51.42 1.66
CA ALA B 43 -57.91 50.88 0.65
C ALA B 43 -58.63 49.80 -0.16
N HIS B 44 -59.62 50.25 -0.92
CA HIS B 44 -60.38 49.38 -1.82
C HIS B 44 -60.55 50.06 -3.16
N PRO B 45 -60.78 49.27 -4.23
CA PRO B 45 -61.00 49.88 -5.54
C PRO B 45 -62.31 50.65 -5.60
N ALA B 46 -62.62 51.22 -6.76
CA ALA B 46 -63.86 51.98 -6.90
C ALA B 46 -65.08 51.08 -6.80
N VAL B 47 -64.94 49.80 -7.14
CA VAL B 47 -66.08 48.87 -7.08
C VAL B 47 -66.56 48.62 -5.67
N ALA B 48 -65.75 48.94 -4.66
CA ALA B 48 -66.14 48.71 -3.27
C ALA B 48 -66.78 49.97 -2.70
N THR B 59 -74.01 41.33 2.13
CA THR B 59 -74.31 40.91 3.49
C THR B 59 -73.10 40.22 4.11
N VAL B 60 -72.88 38.96 3.74
CA VAL B 60 -71.74 38.18 4.20
C VAL B 60 -70.79 38.01 3.02
N TRP B 61 -69.53 38.41 3.22
CA TRP B 61 -68.58 38.41 2.13
C TRP B 61 -68.28 37.00 1.67
N ASP B 62 -68.17 36.83 0.35
CA ASP B 62 -67.91 35.54 -0.27
C ASP B 62 -66.51 35.53 -0.85
N SER B 63 -65.76 34.46 -0.57
CA SER B 63 -64.39 34.35 -1.05
C SER B 63 -64.31 34.20 -2.57
N ASP B 64 -65.43 33.93 -3.24
CA ASP B 64 -65.45 33.80 -4.69
C ASP B 64 -66.43 34.74 -5.36
N ALA B 65 -67.62 34.91 -4.79
CA ALA B 65 -68.61 35.80 -5.39
C ALA B 65 -68.19 37.27 -5.28
N HIS B 66 -67.54 37.63 -4.17
CA HIS B 66 -67.20 39.01 -3.87
C HIS B 66 -65.73 39.29 -4.11
N THR B 67 -65.15 38.67 -5.15
CA THR B 67 -63.75 38.86 -5.47
C THR B 67 -63.59 38.76 -6.99
N THR B 68 -62.42 39.20 -7.47
CA THR B 68 -62.10 39.17 -8.89
C THR B 68 -60.77 38.45 -9.09
N GLU B 69 -60.63 37.79 -10.24
CA GLU B 69 -59.43 37.05 -10.57
C GLU B 69 -58.61 37.83 -11.59
N LYS B 70 -57.32 37.97 -11.32
CA LYS B 70 -56.38 38.64 -12.21
C LYS B 70 -55.17 37.74 -12.41
N PRO B 71 -54.40 37.96 -13.48
CA PRO B 71 -53.21 37.14 -13.68
C PRO B 71 -52.26 37.25 -12.49
N THR B 72 -51.65 36.13 -12.12
CA THR B 72 -50.73 36.13 -11.00
C THR B 72 -49.49 36.94 -11.31
N ASP B 73 -48.93 37.56 -10.27
CA ASP B 73 -47.77 38.44 -10.42
C ASP B 73 -46.77 38.24 -9.30
N ALA B 74 -46.73 37.05 -8.70
CA ALA B 74 -45.85 36.76 -7.58
C ALA B 74 -45.13 35.43 -7.75
N TYR B 75 -44.97 34.98 -8.98
CA TYR B 75 -44.32 33.71 -9.24
C TYR B 75 -42.80 33.90 -9.16
N GLY B 76 -42.06 32.89 -9.58
CA GLY B 76 -40.61 32.93 -9.53
C GLY B 76 -40.06 31.95 -8.52
N GLU B 77 -38.89 32.30 -7.98
CA GLU B 77 -38.24 31.49 -6.97
C GLU B 77 -37.69 32.38 -5.87
N LEU B 78 -37.57 31.81 -4.68
CA LEU B 78 -37.08 32.53 -3.51
C LEU B 78 -35.63 32.20 -3.27
N ASP B 79 -34.83 33.23 -3.03
CA ASP B 79 -33.42 33.09 -2.65
C ASP B 79 -33.28 33.67 -1.25
N PHE B 80 -33.53 32.84 -0.24
CA PHE B 80 -33.40 33.30 1.14
C PHE B 80 -32.00 33.87 1.34
N THR B 81 -31.95 35.07 1.92
CA THR B 81 -30.68 35.76 2.08
C THR B 81 -29.65 34.86 2.73
N GLY B 82 -28.58 34.58 1.99
CA GLY B 82 -27.49 33.76 2.51
C GLY B 82 -27.67 32.28 2.30
N ALA B 83 -28.01 31.56 3.36
CA ALA B 83 -28.09 30.11 3.31
C ALA B 83 -29.26 29.65 2.43
N GLY B 84 -29.22 28.39 2.05
CA GLY B 84 -30.22 27.79 1.19
C GLY B 84 -29.60 27.31 -0.12
N ARG B 85 -30.45 26.64 -0.90
CA ARG B 85 -30.06 26.16 -2.22
C ARG B 85 -30.14 27.24 -3.28
N LYS B 86 -30.24 28.50 -2.88
CA LYS B 86 -30.39 29.63 -3.80
C LYS B 86 -31.60 29.48 -4.70
N HIS B 87 -32.54 28.61 -4.32
CA HIS B 87 -33.76 28.42 -5.10
C HIS B 87 -34.78 27.74 -4.21
N SER B 88 -35.87 28.44 -3.93
CA SER B 88 -37.03 27.86 -3.22
C SER B 88 -38.26 28.37 -3.97
N ASN B 89 -38.68 27.60 -4.98
CA ASN B 89 -39.70 28.08 -5.88
C ASN B 89 -40.97 28.46 -5.12
N PHE B 90 -41.49 29.63 -5.44
CA PHE B 90 -42.71 30.13 -4.84
C PHE B 90 -43.77 30.30 -5.93
N LEU B 91 -44.98 30.61 -5.51
CA LEU B 91 -46.05 30.85 -6.47
C LEU B 91 -47.27 31.38 -5.72
N ARG B 92 -48.05 32.19 -6.42
CA ARG B 92 -49.30 32.73 -5.92
C ARG B 92 -50.40 32.36 -6.90
N LEU B 93 -51.44 31.68 -6.40
CA LEU B 93 -52.51 31.20 -7.25
C LEU B 93 -53.82 31.24 -6.50
N SER B 94 -54.90 31.31 -7.26
CA SER B 94 -56.23 31.33 -6.68
C SER B 94 -56.57 29.97 -6.07
N ASP B 95 -57.40 29.99 -5.03
CA ASP B 95 -57.81 28.74 -4.40
C ASP B 95 -58.57 27.86 -5.38
N ARG B 96 -59.47 28.46 -6.17
CA ARG B 96 -60.24 27.71 -7.16
C ARG B 96 -59.39 27.45 -8.41
N THR B 97 -58.31 26.71 -8.21
CA THR B 97 -57.36 26.36 -9.26
C THR B 97 -57.31 24.84 -9.40
N ASP B 98 -57.30 24.37 -10.63
CA ASP B 98 -57.25 22.93 -10.87
C ASP B 98 -55.88 22.39 -10.47
N PRO B 99 -55.80 21.40 -9.58
CA PRO B 99 -54.49 20.93 -9.12
C PRO B 99 -53.65 20.31 -10.22
N ALA B 100 -54.25 19.93 -11.35
CA ALA B 100 -53.47 19.30 -12.42
C ALA B 100 -52.39 20.23 -12.93
N ALA B 101 -52.74 21.51 -13.14
CA ALA B 101 -51.74 22.46 -13.62
C ALA B 101 -50.62 22.64 -12.60
N VAL B 102 -50.98 22.70 -11.31
CA VAL B 102 -49.96 22.85 -10.28
C VAL B 102 -49.02 21.66 -10.29
N TYR B 103 -49.58 20.45 -10.39
CA TYR B 103 -48.75 19.25 -10.39
C TYR B 103 -47.84 19.23 -11.60
N SER B 104 -48.36 19.61 -12.77
CA SER B 104 -47.53 19.64 -13.97
C SER B 104 -46.40 20.65 -13.82
N LEU B 105 -46.71 21.84 -13.30
CA LEU B 105 -45.69 22.86 -13.10
C LEU B 105 -44.60 22.34 -12.17
N VAL B 106 -45.01 21.72 -11.05
CA VAL B 106 -44.03 21.26 -10.08
C VAL B 106 -43.16 20.16 -10.68
N THR B 107 -43.77 19.22 -11.39
CA THR B 107 -43.03 18.06 -11.86
C THR B 107 -42.09 18.42 -13.00
N ARG B 108 -42.57 19.18 -13.98
CA ARG B 108 -41.79 19.46 -15.19
C ARG B 108 -40.99 20.75 -15.09
N THR B 109 -41.68 21.88 -14.87
CA THR B 109 -41.00 23.16 -14.91
C THR B 109 -39.99 23.31 -13.78
N TRP B 110 -40.42 23.02 -12.55
CA TRP B 110 -39.55 23.21 -11.39
C TRP B 110 -38.56 22.07 -11.21
N GLY B 111 -38.72 20.96 -11.92
CA GLY B 111 -37.77 19.88 -11.90
C GLY B 111 -37.96 18.85 -10.82
N PHE B 112 -38.93 19.03 -9.93
CA PHE B 112 -39.18 18.04 -8.90
C PHE B 112 -39.66 16.74 -9.53
N ARG B 113 -39.09 15.62 -9.09
CA ARG B 113 -39.54 14.33 -9.58
C ARG B 113 -40.90 13.99 -9.00
N ALA B 114 -41.55 13.00 -9.61
CA ALA B 114 -42.81 12.53 -9.08
C ALA B 114 -42.59 11.95 -7.69
N PRO B 115 -43.45 12.24 -6.72
CA PRO B 115 -43.23 11.71 -5.36
C PRO B 115 -43.71 10.27 -5.26
N ASN B 116 -42.81 9.39 -4.83
CA ASN B 116 -43.20 8.01 -4.53
C ASN B 116 -44.11 7.92 -3.32
N LEU B 117 -44.25 8.99 -2.56
CA LEU B 117 -45.07 9.02 -1.36
C LEU B 117 -45.22 10.48 -0.94
N VAL B 118 -46.38 10.81 -0.40
CA VAL B 118 -46.67 12.16 0.06
C VAL B 118 -47.20 12.07 1.47
N VAL B 119 -46.54 12.75 2.40
CA VAL B 119 -46.96 12.80 3.80
C VAL B 119 -47.48 14.20 4.06
N SER B 120 -48.79 14.31 4.26
CA SER B 120 -49.42 15.58 4.56
C SER B 120 -49.48 15.73 6.08
N VAL B 121 -48.57 16.50 6.63
CA VAL B 121 -48.47 16.61 8.09
C VAL B 121 -49.48 17.63 8.59
N LEU B 122 -50.26 17.25 9.59
CA LEU B 122 -51.24 18.11 10.23
C LEU B 122 -50.85 18.29 11.69
N GLY B 123 -51.67 19.06 12.40
CA GLY B 123 -51.47 19.23 13.84
C GLY B 123 -51.17 20.66 14.23
N GLY B 124 -52.06 21.22 15.06
CA GLY B 124 -51.88 22.55 15.57
C GLY B 124 -50.69 22.65 16.50
N SER B 125 -50.52 21.65 17.36
CA SER B 125 -49.40 21.61 18.30
C SER B 125 -49.30 22.91 19.09
N GLY B 126 -50.34 23.17 19.88
CA GLY B 126 -50.38 24.37 20.69
C GLY B 126 -49.15 24.52 21.55
N GLY B 127 -48.53 25.70 21.51
CA GLY B 127 -47.31 25.95 22.25
C GLY B 127 -46.09 25.71 21.38
N PRO B 128 -45.17 26.69 21.33
CA PRO B 128 -44.01 26.53 20.44
C PRO B 128 -43.16 25.32 20.75
N VAL B 129 -43.02 24.96 22.02
CA VAL B 129 -42.23 23.80 22.41
C VAL B 129 -42.96 22.53 22.01
N LEU B 130 -42.19 21.48 21.72
CA LEU B 130 -42.74 20.19 21.36
C LEU B 130 -42.03 19.09 22.14
N GLN B 131 -42.71 17.99 22.36
CA GLN B 131 -42.18 16.92 23.19
C GLN B 131 -40.93 16.33 22.54
N THR B 132 -40.03 15.83 23.38
CA THR B 132 -38.78 15.28 22.87
C THR B 132 -39.01 14.07 21.98
N TRP B 133 -39.91 13.17 22.40
CA TRP B 133 -40.16 11.98 21.60
C TRP B 133 -40.77 12.33 20.25
N LEU B 134 -41.68 13.30 20.22
CA LEU B 134 -42.26 13.72 18.95
C LEU B 134 -41.21 14.29 18.01
N GLN B 135 -40.32 15.14 18.54
CA GLN B 135 -39.26 15.72 17.72
C GLN B 135 -38.31 14.63 17.22
N ASP B 136 -37.98 13.68 18.07
CA ASP B 136 -37.13 12.56 17.64
C ASP B 136 -37.81 11.77 16.54
N LEU B 137 -39.11 11.51 16.67
CA LEU B 137 -39.84 10.79 15.63
C LEU B 137 -39.80 11.55 14.32
N LEU B 138 -40.07 12.85 14.36
CA LEU B 138 -40.07 13.64 13.14
C LEU B 138 -38.70 13.63 12.48
N ARG B 139 -37.64 13.86 13.25
CA ARG B 139 -36.31 13.97 12.66
C ARG B 139 -35.74 12.61 12.27
N ARG B 140 -36.26 11.53 12.84
CA ARG B 140 -35.70 10.19 12.65
C ARG B 140 -36.66 9.24 11.94
N GLY B 141 -37.96 9.37 12.18
CA GLY B 141 -38.93 8.51 11.54
C GLY B 141 -39.46 9.09 10.26
N LEU B 142 -39.92 10.34 10.31
CA LEU B 142 -40.58 10.95 9.15
C LEU B 142 -39.55 11.39 8.12
N VAL B 143 -38.63 12.28 8.50
CA VAL B 143 -37.72 12.86 7.53
C VAL B 143 -36.81 11.78 6.94
N ARG B 144 -36.33 10.86 7.77
CA ARG B 144 -35.48 9.79 7.26
C ARG B 144 -36.23 8.97 6.22
N ALA B 145 -37.47 8.59 6.52
CA ALA B 145 -38.25 7.81 5.58
C ALA B 145 -38.50 8.59 4.30
N ALA B 146 -38.79 9.90 4.42
CA ALA B 146 -39.04 10.72 3.25
C ALA B 146 -37.81 10.76 2.35
N GLN B 147 -36.63 10.92 2.93
CA GLN B 147 -35.42 10.92 2.11
C GLN B 147 -35.19 9.54 1.49
N SER B 148 -35.43 8.47 2.26
CA SER B 148 -35.20 7.13 1.74
C SER B 148 -36.10 6.84 0.55
N THR B 149 -37.38 7.18 0.65
CA THR B 149 -38.35 6.91 -0.40
C THR B 149 -38.55 8.07 -1.35
N GLY B 150 -37.80 9.16 -1.19
CA GLY B 150 -37.97 10.30 -2.07
C GLY B 150 -39.36 10.89 -2.01
N ALA B 151 -39.97 10.90 -0.83
CA ALA B 151 -41.32 11.41 -0.65
C ALA B 151 -41.33 12.92 -0.51
N TRP B 152 -42.52 13.50 -0.65
CA TRP B 152 -42.77 14.90 -0.37
C TRP B 152 -43.41 15.03 1.00
N ILE B 153 -43.10 16.11 1.70
CA ILE B 153 -43.74 16.43 2.97
C ILE B 153 -44.52 17.71 2.76
N VAL B 154 -45.84 17.64 2.86
CA VAL B 154 -46.72 18.76 2.59
C VAL B 154 -47.17 19.31 3.94
N THR B 155 -46.85 20.58 4.19
CA THR B 155 -47.24 21.24 5.43
C THR B 155 -47.63 22.67 5.10
N GLY B 156 -47.76 23.48 6.15
CA GLY B 156 -47.98 24.90 5.97
C GLY B 156 -46.68 25.65 5.85
N GLY B 157 -46.49 26.36 4.74
CA GLY B 157 -45.24 27.06 4.51
C GLY B 157 -45.07 28.29 5.36
N LEU B 158 -45.14 28.13 6.67
CA LEU B 158 -44.99 29.25 7.60
C LEU B 158 -44.09 28.83 8.74
N HIS B 159 -43.43 29.81 9.35
CA HIS B 159 -42.49 29.55 10.44
C HIS B 159 -43.24 29.48 11.77
N THR B 160 -44.27 28.65 11.82
CA THR B 160 -45.11 28.56 13.01
C THR B 160 -45.83 27.23 13.02
N GLY B 161 -46.37 26.88 14.19
CA GLY B 161 -47.12 25.65 14.30
C GLY B 161 -46.26 24.44 14.01
N ILE B 162 -46.90 23.40 13.47
CA ILE B 162 -46.19 22.18 13.14
C ILE B 162 -45.22 22.40 11.99
N GLY B 163 -45.46 23.41 11.16
CA GLY B 163 -44.55 23.68 10.06
C GLY B 163 -43.15 24.00 10.53
N ARG B 164 -43.03 24.81 11.58
CA ARG B 164 -41.72 25.14 12.12
C ARG B 164 -41.02 23.89 12.64
N HIS B 165 -41.76 23.02 13.34
CA HIS B 165 -41.16 21.80 13.86
C HIS B 165 -40.68 20.90 12.72
N VAL B 166 -41.48 20.77 11.67
CA VAL B 166 -41.08 19.96 10.53
C VAL B 166 -39.84 20.55 9.89
N GLY B 167 -39.81 21.88 9.74
CA GLY B 167 -38.65 22.50 9.12
C GLY B 167 -37.39 22.30 9.93
N VAL B 168 -37.48 22.44 11.25
CA VAL B 168 -36.28 22.24 12.07
C VAL B 168 -35.85 20.79 12.04
N ALA B 169 -36.81 19.86 11.98
CA ALA B 169 -36.46 18.45 11.84
C ALA B 169 -35.71 18.21 10.54
N VAL B 170 -36.19 18.79 9.45
CA VAL B 170 -35.51 18.65 8.16
C VAL B 170 -34.10 19.21 8.26
N ARG B 171 -33.97 20.41 8.84
CA ARG B 171 -32.66 21.04 8.94
C ARG B 171 -31.70 20.19 9.75
N ASP B 172 -32.16 19.67 10.90
CA ASP B 172 -31.29 18.84 11.72
C ASP B 172 -30.88 17.58 10.99
N HIS B 173 -31.82 16.95 10.29
CA HIS B 173 -31.49 15.76 9.52
C HIS B 173 -30.42 16.06 8.47
N GLN B 174 -30.46 17.26 7.91
CA GLN B 174 -29.49 17.65 6.90
C GLN B 174 -28.12 17.90 7.53
N LYS B 182 -31.15 16.46 -0.32
CA LYS B 182 -32.05 17.08 0.63
C LYS B 182 -33.46 16.48 0.51
N VAL B 183 -34.37 16.98 1.35
CA VAL B 183 -35.74 16.47 1.40
C VAL B 183 -36.66 17.53 0.81
N VAL B 184 -37.74 17.08 0.18
CA VAL B 184 -38.69 17.98 -0.47
C VAL B 184 -39.81 18.26 0.50
N ALA B 185 -39.96 19.53 0.89
CA ALA B 185 -40.95 19.97 1.86
C ALA B 185 -41.80 21.06 1.20
N MET B 186 -42.91 20.65 0.61
CA MET B 186 -43.84 21.60 0.03
C MET B 186 -44.61 22.30 1.15
N GLY B 187 -44.77 23.62 0.99
CA GLY B 187 -45.53 24.37 1.96
C GLY B 187 -46.66 25.14 1.31
N VAL B 188 -47.90 24.77 1.62
CA VAL B 188 -49.08 25.44 1.10
C VAL B 188 -49.59 26.37 2.19
N ALA B 189 -49.52 27.67 1.94
CA ALA B 189 -49.90 28.65 2.94
C ALA B 189 -50.77 29.72 2.31
N PRO B 190 -51.64 30.36 3.10
CA PRO B 190 -52.49 31.42 2.55
C PRO B 190 -51.66 32.62 2.15
N TRP B 191 -52.16 33.36 1.16
CA TRP B 191 -51.57 34.64 0.75
C TRP B 191 -52.29 35.74 1.53
N GLY B 192 -51.60 36.35 2.47
CA GLY B 192 -52.20 37.35 3.33
C GLY B 192 -51.72 37.25 4.75
N VAL B 193 -51.37 36.04 5.17
CA VAL B 193 -50.74 35.84 6.48
C VAL B 193 -49.23 35.72 6.37
N VAL B 194 -48.67 35.98 5.18
CA VAL B 194 -47.23 35.89 4.96
C VAL B 194 -46.62 37.25 5.21
N ARG B 195 -45.65 37.31 6.11
CA ARG B 195 -44.96 38.56 6.40
C ARG B 195 -44.14 38.99 5.19
N ASN B 196 -44.10 40.30 4.96
CA ASN B 196 -43.30 40.87 3.88
C ASN B 196 -43.75 40.33 2.52
N ARG B 197 -45.07 40.37 2.28
CA ARG B 197 -45.59 39.94 0.98
C ARG B 197 -45.28 40.94 -0.12
N ASP B 198 -44.94 42.18 0.24
CA ASP B 198 -44.67 43.19 -0.78
C ASP B 198 -43.45 42.84 -1.60
N THR B 199 -42.38 42.38 -0.94
CA THR B 199 -41.12 42.15 -1.64
C THR B 199 -41.21 41.03 -2.67
N LEU B 200 -42.27 40.23 -2.66
CA LEU B 200 -42.40 39.12 -3.61
C LEU B 200 -43.12 39.51 -4.89
N ILE B 201 -43.71 40.71 -4.95
CA ILE B 201 -44.58 41.07 -6.06
C ILE B 201 -43.73 41.61 -7.21
N ASN B 202 -43.76 40.91 -8.34
CA ASN B 202 -43.07 41.32 -9.55
C ASN B 202 -43.76 40.70 -10.76
N PRO B 203 -44.71 41.41 -11.40
CA PRO B 203 -45.46 40.76 -12.50
C PRO B 203 -44.56 40.26 -13.62
N LYS B 204 -43.47 40.98 -13.92
CA LYS B 204 -42.56 40.51 -14.95
C LYS B 204 -41.86 39.22 -14.56
N GLY B 205 -41.84 38.89 -13.27
CA GLY B 205 -41.15 37.71 -12.78
C GLY B 205 -40.28 38.11 -11.60
N SER B 206 -39.97 37.14 -10.76
CA SER B 206 -39.18 37.38 -9.56
C SER B 206 -38.14 36.29 -9.37
N PHE B 207 -37.44 35.93 -10.45
CA PHE B 207 -36.48 34.82 -10.35
C PHE B 207 -35.46 35.06 -9.25
N PRO B 208 -34.74 36.17 -9.21
CA PRO B 208 -34.00 36.53 -8.00
C PRO B 208 -34.93 37.24 -7.03
N ALA B 209 -35.32 36.56 -5.96
CA ALA B 209 -36.21 37.10 -4.96
C ALA B 209 -35.53 37.07 -3.61
N ARG B 210 -35.52 38.19 -2.92
CA ARG B 210 -34.88 38.33 -1.62
C ARG B 210 -35.96 38.54 -0.58
N TYR B 211 -35.96 37.69 0.44
CA TYR B 211 -37.00 37.69 1.47
C TYR B 211 -36.35 37.83 2.85
N ARG B 212 -36.85 38.77 3.63
CA ARG B 212 -36.38 39.00 5.00
C ARG B 212 -37.40 38.38 5.94
N TRP B 213 -37.24 37.08 6.21
CA TRP B 213 -38.16 36.37 7.08
C TRP B 213 -38.12 36.85 8.51
N ARG B 214 -37.11 37.63 8.89
CA ARG B 214 -36.87 38.00 10.28
C ARG B 214 -37.39 39.40 10.59
N GLY B 215 -38.51 39.79 10.00
CA GLY B 215 -39.09 41.08 10.28
C GLY B 215 -39.25 41.33 11.76
N ASP B 216 -38.86 42.53 12.20
CA ASP B 216 -38.84 42.82 13.64
C ASP B 216 -40.19 42.59 14.30
N PRO B 217 -41.30 43.11 13.79
CA PRO B 217 -42.58 42.87 14.46
C PRO B 217 -42.91 41.39 14.52
N GLU B 218 -43.52 40.98 15.63
CA GLU B 218 -43.89 39.59 15.87
C GLU B 218 -45.34 39.56 16.32
N ASP B 219 -46.25 39.39 15.36
CA ASP B 219 -47.67 39.34 15.62
C ASP B 219 -48.27 38.12 14.93
N GLY B 220 -49.35 37.59 15.52
CA GLY B 220 -49.97 36.40 14.98
C GLY B 220 -50.74 36.61 13.70
N VAL B 221 -50.96 37.86 13.29
CA VAL B 221 -51.71 38.11 12.06
C VAL B 221 -50.95 37.56 10.86
N GLN B 222 -49.63 37.78 10.82
CA GLN B 222 -48.81 37.33 9.71
C GLN B 222 -47.59 36.59 10.24
N PHE B 223 -47.04 35.71 9.43
CA PHE B 223 -45.89 34.89 9.78
C PHE B 223 -44.91 34.90 8.64
N PRO B 224 -43.64 34.58 8.91
CA PRO B 224 -42.65 34.49 7.84
C PRO B 224 -42.57 33.09 7.26
N LEU B 225 -42.32 33.04 5.95
CA LEU B 225 -42.15 31.77 5.27
C LEU B 225 -40.90 31.08 5.80
N ASP B 226 -41.03 29.80 6.13
CA ASP B 226 -39.89 29.05 6.62
C ASP B 226 -38.81 28.96 5.54
N TYR B 227 -37.57 28.78 5.98
CA TYR B 227 -36.44 28.68 5.08
C TYR B 227 -35.99 27.24 4.85
N ASN B 228 -36.73 26.26 5.37
CA ASN B 228 -36.38 24.86 5.19
C ASN B 228 -37.20 24.17 4.11
N TYR B 229 -38.12 24.87 3.47
CA TYR B 229 -39.04 24.27 2.52
C TYR B 229 -38.56 24.52 1.09
N SER B 230 -38.64 23.47 0.27
CA SER B 230 -38.11 23.57 -1.09
C SER B 230 -39.00 24.40 -1.99
N ALA B 231 -40.31 24.34 -1.79
CA ALA B 231 -41.24 25.09 -2.62
C ALA B 231 -42.46 25.51 -1.83
N PHE B 232 -43.09 26.58 -2.27
CA PHE B 232 -44.23 27.18 -1.60
C PHE B 232 -45.37 27.36 -2.58
N PHE B 233 -46.59 27.36 -2.03
CA PHE B 233 -47.79 27.67 -2.79
C PHE B 233 -48.59 28.65 -1.95
N LEU B 234 -48.62 29.91 -2.40
CA LEU B 234 -49.28 30.99 -1.69
C LEU B 234 -50.70 31.07 -2.22
N VAL B 235 -51.59 30.29 -1.60
CA VAL B 235 -52.98 30.28 -2.03
C VAL B 235 -53.60 31.63 -1.75
N ASP B 236 -54.19 32.23 -2.78
CA ASP B 236 -54.82 33.54 -2.68
C ASP B 236 -56.33 33.39 -2.79
N ASP B 237 -57.04 33.86 -1.78
CA ASP B 237 -58.50 33.81 -1.75
C ASP B 237 -59.11 35.20 -1.64
N GLY B 238 -58.36 36.23 -2.01
CA GLY B 238 -58.85 37.59 -1.87
C GLY B 238 -59.05 38.01 -0.43
N THR B 239 -58.13 37.63 0.45
CA THR B 239 -58.18 37.98 1.85
C THR B 239 -56.82 38.47 2.31
N HIS B 240 -56.82 39.43 3.23
CA HIS B 240 -55.59 40.00 3.78
C HIS B 240 -55.24 39.41 5.14
N GLY B 241 -55.52 38.12 5.33
CA GLY B 241 -55.22 37.44 6.56
C GLY B 241 -56.38 36.58 7.02
N CYS B 242 -56.12 35.27 7.14
CA CYS B 242 -57.12 34.30 7.54
C CYS B 242 -56.43 32.94 7.60
N LEU B 243 -57.08 32.00 8.28
CA LEU B 243 -56.60 30.63 8.39
C LEU B 243 -57.62 29.67 7.80
N GLY B 244 -57.14 28.61 7.16
CA GLY B 244 -58.01 27.62 6.59
C GLY B 244 -58.55 27.95 5.22
N GLY B 245 -58.20 29.10 4.64
CA GLY B 245 -58.66 29.43 3.32
C GLY B 245 -58.01 28.62 2.22
N GLU B 246 -56.84 28.04 2.49
CA GLU B 246 -56.13 27.21 1.53
C GLU B 246 -56.42 25.72 1.71
N ASN B 247 -57.26 25.35 2.69
CA ASN B 247 -57.51 23.94 2.94
C ASN B 247 -58.13 23.27 1.72
N ARG B 248 -59.05 23.96 1.05
CA ARG B 248 -59.69 23.39 -0.13
C ARG B 248 -58.64 23.00 -1.17
N PHE B 249 -57.76 23.94 -1.51
CA PHE B 249 -56.74 23.66 -2.50
C PHE B 249 -55.79 22.56 -2.03
N ARG B 250 -55.42 22.58 -0.75
CA ARG B 250 -54.51 21.56 -0.24
C ARG B 250 -55.12 20.18 -0.38
N LEU B 251 -56.38 20.02 0.00
CA LEU B 251 -57.04 18.72 -0.11
C LEU B 251 -57.18 18.32 -1.58
N ARG B 252 -57.53 19.26 -2.46
CA ARG B 252 -57.67 18.91 -3.86
C ARG B 252 -56.34 18.46 -4.45
N LEU B 253 -55.24 19.14 -4.10
CA LEU B 253 -53.94 18.73 -4.59
C LEU B 253 -53.56 17.35 -4.05
N GLU B 254 -53.83 17.11 -2.76
CA GLU B 254 -53.54 15.80 -2.20
C GLU B 254 -54.28 14.71 -2.95
N SER B 255 -55.58 14.90 -3.18
CA SER B 255 -56.37 13.92 -3.90
C SER B 255 -55.80 13.70 -5.30
N TYR B 256 -55.59 14.79 -6.04
CA TYR B 256 -55.12 14.65 -7.41
C TYR B 256 -53.79 13.90 -7.45
N ILE B 257 -52.87 14.21 -6.54
CA ILE B 257 -51.62 13.47 -6.48
C ILE B 257 -51.88 12.00 -6.21
N SER B 258 -52.78 11.71 -5.28
CA SER B 258 -53.12 10.32 -5.00
C SER B 258 -53.71 9.62 -6.22
N GLN B 259 -54.21 10.38 -7.19
CA GLN B 259 -54.73 9.79 -8.41
C GLN B 259 -53.68 9.60 -9.50
N GLN B 260 -52.43 10.02 -9.26
CA GLN B 260 -51.40 9.88 -10.27
C GLN B 260 -50.74 8.51 -10.18
N LYS B 261 -49.69 8.31 -10.99
CA LYS B 261 -48.97 7.05 -11.06
C LYS B 261 -47.50 7.27 -10.71
N THR B 262 -46.87 6.20 -10.23
CA THR B 262 -45.49 6.29 -9.72
C THR B 262 -44.50 6.06 -10.85
N GLY B 263 -44.45 7.03 -11.75
CA GLY B 263 -43.42 7.03 -12.78
C GLY B 263 -43.55 5.88 -13.76
N VAL B 264 -42.57 5.81 -14.65
CA VAL B 264 -42.52 4.77 -15.69
C VAL B 264 -43.83 4.81 -16.46
N GLY B 265 -44.35 6.01 -16.70
CA GLY B 265 -45.67 6.11 -17.32
C GLY B 265 -46.73 5.56 -16.40
N GLY B 266 -47.69 4.85 -16.99
CA GLY B 266 -48.77 4.25 -16.25
C GLY B 266 -48.44 2.97 -15.54
N THR B 267 -47.21 2.48 -15.67
CA THR B 267 -46.84 1.23 -15.04
C THR B 267 -46.95 1.32 -13.52
N GLY B 268 -46.50 2.44 -12.94
CA GLY B 268 -46.47 2.56 -11.51
C GLY B 268 -47.87 2.51 -10.90
N ILE B 269 -47.93 2.18 -9.62
CA ILE B 269 -49.19 2.16 -8.89
C ILE B 269 -49.53 3.57 -8.44
N ASP B 270 -50.76 3.76 -7.98
CA ASP B 270 -51.20 5.08 -7.54
C ASP B 270 -50.31 5.58 -6.40
N ILE B 271 -49.88 6.83 -6.50
CA ILE B 271 -49.02 7.39 -5.46
C ILE B 271 -49.75 7.34 -4.13
N PRO B 272 -49.15 6.77 -3.08
CA PRO B 272 -49.83 6.76 -1.77
C PRO B 272 -49.69 8.11 -1.09
N VAL B 273 -50.82 8.65 -0.65
CA VAL B 273 -50.87 9.92 0.06
C VAL B 273 -51.57 9.69 1.39
N LEU B 274 -50.86 9.93 2.48
CA LEU B 274 -51.40 9.71 3.81
C LEU B 274 -51.17 10.95 4.66
N LEU B 275 -52.06 11.14 5.64
CA LEU B 275 -52.04 12.31 6.51
C LEU B 275 -51.53 11.90 7.88
N LEU B 276 -50.60 12.69 8.42
CA LEU B 276 -50.07 12.50 9.76
C LEU B 276 -50.59 13.62 10.65
N LEU B 277 -51.10 13.26 11.82
CA LEU B 277 -51.75 14.22 12.71
C LEU B 277 -51.08 14.18 14.09
N ILE B 278 -50.75 15.35 14.62
CA ILE B 278 -50.19 15.49 15.96
C ILE B 278 -50.97 16.58 16.68
N ASP B 279 -51.62 16.22 17.77
CA ASP B 279 -52.44 17.17 18.52
C ASP B 279 -53.51 17.72 17.58
N GLY B 280 -53.95 18.95 17.77
CA GLY B 280 -54.90 19.58 16.89
C GLY B 280 -56.07 20.18 17.66
N ASP B 281 -57.18 20.35 16.95
CA ASP B 281 -58.38 20.94 17.51
C ASP B 281 -59.55 20.55 16.60
N GLU B 282 -60.70 21.21 16.82
CA GLU B 282 -61.89 20.89 16.04
C GLU B 282 -61.64 21.09 14.55
N LYS B 283 -60.88 22.13 14.19
CA LYS B 283 -60.55 22.35 12.79
C LYS B 283 -59.79 21.17 12.22
N MET B 284 -58.83 20.64 12.98
CA MET B 284 -58.10 19.46 12.54
C MET B 284 -59.04 18.27 12.40
N LEU B 285 -60.03 18.17 13.28
CA LEU B 285 -61.01 17.08 13.16
C LEU B 285 -61.80 17.20 11.86
N THR B 286 -62.21 18.42 11.52
CA THR B 286 -62.91 18.61 10.25
C THR B 286 -62.01 18.28 9.07
N ARG B 287 -60.75 18.66 9.14
CA ARG B 287 -59.82 18.34 8.06
C ARG B 287 -59.65 16.83 7.91
N ILE B 288 -59.57 16.11 9.04
CA ILE B 288 -59.47 14.66 8.99
C ILE B 288 -60.73 14.07 8.37
N GLU B 289 -61.90 14.60 8.73
CA GLU B 289 -63.14 14.13 8.14
C GLU B 289 -63.14 14.33 6.63
N ASN B 290 -62.71 15.50 6.17
CA ASN B 290 -62.66 15.75 4.73
C ASN B 290 -61.70 14.80 4.04
N ALA B 291 -60.52 14.59 4.65
CA ALA B 291 -59.55 13.69 4.05
C ALA B 291 -60.11 12.27 3.94
N THR B 292 -60.76 11.78 5.00
CA THR B 292 -61.37 10.46 4.94
C THR B 292 -62.44 10.41 3.86
N GLN B 293 -63.25 11.46 3.74
CA GLN B 293 -64.18 11.54 2.63
C GLN B 293 -63.46 11.46 1.29
N ALA B 294 -62.21 11.92 1.25
CA ALA B 294 -61.40 11.87 0.04
C ALA B 294 -60.64 10.55 -0.10
N GLN B 295 -60.87 9.59 0.79
CA GLN B 295 -60.20 8.29 0.75
C GLN B 295 -58.69 8.46 0.82
N LEU B 296 -58.23 9.01 1.93
CA LEU B 296 -56.81 9.22 2.19
C LEU B 296 -56.48 8.62 3.55
N PRO B 297 -55.54 7.69 3.64
CA PRO B 297 -55.19 7.12 4.94
C PRO B 297 -54.74 8.20 5.91
N CYS B 298 -55.07 8.02 7.18
CA CYS B 298 -54.70 8.96 8.24
C CYS B 298 -53.91 8.21 9.30
N LEU B 299 -52.81 8.80 9.74
CA LEU B 299 -52.00 8.26 10.83
C LEU B 299 -52.13 9.20 12.02
N LEU B 300 -52.63 8.66 13.13
CA LEU B 300 -52.83 9.42 14.35
C LEU B 300 -51.74 9.03 15.34
N VAL B 301 -51.02 10.03 15.84
CA VAL B 301 -49.92 9.79 16.77
C VAL B 301 -50.51 9.63 18.16
N ALA B 302 -50.21 8.48 18.79
CA ALA B 302 -50.69 8.24 20.15
C ALA B 302 -49.94 9.10 21.14
N GLY B 303 -50.68 9.76 22.01
CA GLY B 303 -50.09 10.68 22.98
C GLY B 303 -49.74 12.04 22.42
N SER B 304 -50.09 12.32 21.16
CA SER B 304 -49.75 13.61 20.57
C SER B 304 -50.45 14.75 21.31
N GLY B 305 -51.71 14.58 21.64
CA GLY B 305 -52.46 15.59 22.35
C GLY B 305 -53.91 15.59 21.92
N GLY B 306 -54.58 16.69 22.23
CA GLY B 306 -56.00 16.80 21.93
C GLY B 306 -56.24 16.80 20.43
N ALA B 307 -57.41 16.28 20.05
CA ALA B 307 -57.87 16.10 18.67
C ALA B 307 -57.13 14.99 17.96
N ALA B 308 -56.09 14.42 18.54
CA ALA B 308 -55.38 13.28 17.98
C ALA B 308 -55.40 12.08 18.92
N ASP B 309 -55.24 12.30 20.23
CA ASP B 309 -55.40 11.20 21.17
C ASP B 309 -56.87 10.85 21.35
N CYS B 310 -57.78 11.79 21.13
CA CYS B 310 -59.19 11.48 21.19
C CYS B 310 -59.56 10.43 20.15
N LEU B 311 -59.16 10.66 18.90
CA LEU B 311 -59.44 9.68 17.85
C LEU B 311 -58.73 8.37 18.11
N ALA B 312 -57.50 8.42 18.63
CA ALA B 312 -56.77 7.20 18.92
C ALA B 312 -57.52 6.36 19.96
N GLU B 313 -58.00 7.01 21.03
CA GLU B 313 -58.75 6.28 22.04
C GLU B 313 -60.06 5.74 21.48
N THR B 314 -60.76 6.56 20.69
CA THR B 314 -62.02 6.09 20.11
C THR B 314 -61.80 4.87 19.23
N LEU B 315 -60.75 4.89 18.41
CA LEU B 315 -60.43 3.73 17.58
C LEU B 315 -60.06 2.53 18.43
N GLU B 316 -59.29 2.75 19.50
CA GLU B 316 -58.85 1.64 20.34
C GLU B 316 -60.04 0.92 20.96
N ASP B 317 -61.02 1.68 21.44
CA ASP B 317 -62.22 1.10 22.04
C ASP B 317 -63.09 0.44 20.97
N GLN B 328 -70.13 7.56 27.09
CA GLN B 328 -68.71 7.67 27.40
C GLN B 328 -67.98 8.49 26.33
N GLY B 329 -68.47 8.40 25.08
CA GLY B 329 -67.84 9.13 24.01
C GLY B 329 -67.88 10.64 24.23
N GLU B 330 -69.02 11.15 24.70
CA GLU B 330 -69.10 12.58 25.00
C GLU B 330 -68.15 12.95 26.12
N ALA B 331 -68.00 12.07 27.12
CA ALA B 331 -67.03 12.32 28.17
C ALA B 331 -65.62 12.40 27.62
N ARG B 332 -65.28 11.51 26.68
CA ARG B 332 -63.96 11.57 26.06
C ARG B 332 -63.78 12.87 25.30
N ASP B 333 -64.81 13.28 24.55
CA ASP B 333 -64.71 14.54 23.81
C ASP B 333 -64.49 15.70 24.76
N ARG B 334 -65.21 15.72 25.88
CA ARG B 334 -65.08 16.82 26.83
C ARG B 334 -63.70 16.83 27.47
N ILE B 335 -63.21 15.67 27.92
CA ILE B 335 -61.95 15.63 28.64
C ILE B 335 -60.78 15.92 27.71
N ARG B 336 -60.77 15.31 26.52
CA ARG B 336 -59.64 15.44 25.62
C ARG B 336 -59.71 16.76 24.85
N ARG B 337 -60.78 16.95 24.08
CA ARG B 337 -60.95 18.19 23.35
C ARG B 337 -61.20 19.34 24.30
N PHE B 338 -61.06 20.55 23.78
CA PHE B 338 -61.27 21.74 24.60
C PHE B 338 -62.71 21.80 25.08
N PHE B 339 -62.90 22.42 26.24
CA PHE B 339 -64.24 22.55 26.82
C PHE B 339 -65.24 23.14 25.84
N PRO B 340 -64.93 24.21 25.12
CA PRO B 340 -65.87 24.73 24.13
C PRO B 340 -66.25 23.66 23.11
N LYS B 341 -67.54 23.54 22.83
CA LYS B 341 -68.13 22.58 21.91
C LYS B 341 -68.00 21.14 22.42
N GLY B 342 -67.39 20.92 23.58
CA GLY B 342 -67.27 19.56 24.08
C GLY B 342 -68.62 18.91 24.30
N ASP B 343 -69.53 19.63 24.94
CA ASP B 343 -70.91 19.16 25.07
C ASP B 343 -71.67 19.29 23.76
N LEU B 344 -71.17 20.09 22.82
CA LEU B 344 -71.83 20.24 21.53
C LEU B 344 -71.93 18.89 20.84
N GLU B 345 -73.12 18.60 20.31
CA GLU B 345 -73.34 17.34 19.61
C GLU B 345 -72.61 17.30 18.27
N VAL B 346 -72.16 18.44 17.76
CA VAL B 346 -71.43 18.46 16.49
C VAL B 346 -70.14 17.65 16.62
N LEU B 347 -69.44 17.80 17.74
CA LEU B 347 -68.19 17.06 17.93
C LEU B 347 -68.44 15.56 17.94
N GLN B 348 -69.45 15.11 18.68
CA GLN B 348 -69.72 13.68 18.74
C GLN B 348 -70.19 13.15 17.39
N ALA B 349 -71.01 13.92 16.68
CA ALA B 349 -71.44 13.50 15.35
C ALA B 349 -70.26 13.40 14.40
N GLN B 350 -69.34 14.36 14.46
CA GLN B 350 -68.15 14.31 13.61
C GLN B 350 -67.29 13.12 13.95
N VAL B 351 -67.14 12.82 15.24
CA VAL B 351 -66.36 11.64 15.64
C VAL B 351 -67.03 10.37 15.11
N GLU B 352 -68.36 10.30 15.18
CA GLU B 352 -69.06 9.14 14.66
C GLU B 352 -68.85 9.01 13.15
N ARG B 353 -68.94 10.11 12.42
CA ARG B 353 -68.68 10.06 10.99
C ARG B 353 -67.24 9.64 10.70
N ILE B 354 -66.30 10.06 11.54
CA ILE B 354 -64.91 9.65 11.39
C ILE B 354 -64.80 8.14 11.55
N MET B 355 -65.38 7.61 12.63
CA MET B 355 -65.32 6.17 12.85
C MET B 355 -66.07 5.39 11.79
N THR B 356 -67.00 6.05 11.08
CA THR B 356 -67.71 5.37 10.00
C THR B 356 -66.75 4.80 8.98
N ARG B 357 -65.60 5.44 8.77
CA ARG B 357 -64.59 4.97 7.83
C ARG B 357 -63.30 4.67 8.56
N LYS B 358 -63.38 3.95 9.68
CA LYS B 358 -62.20 3.69 10.50
C LYS B 358 -61.15 2.88 9.75
N GLU B 359 -61.52 2.23 8.64
CA GLU B 359 -60.54 1.48 7.88
C GLU B 359 -59.35 2.35 7.50
N LEU B 360 -59.62 3.61 7.13
CA LEU B 360 -58.53 4.49 6.74
C LEU B 360 -57.67 4.89 7.94
N LEU B 361 -58.30 5.22 9.06
CA LEU B 361 -57.56 5.66 10.23
C LEU B 361 -56.69 4.55 10.78
N THR B 362 -55.48 4.91 11.21
CA THR B 362 -54.57 3.99 11.87
C THR B 362 -53.76 4.75 12.90
N VAL B 363 -53.46 4.09 14.02
CA VAL B 363 -52.76 4.71 15.13
C VAL B 363 -51.31 4.29 15.07
N TYR B 364 -50.41 5.28 15.07
CA TYR B 364 -48.98 5.01 15.14
C TYR B 364 -48.65 4.58 16.56
N SER B 365 -48.53 3.27 16.77
CA SER B 365 -48.24 2.75 18.09
C SER B 365 -46.98 3.40 18.65
N SER B 366 -47.05 3.88 19.88
CA SER B 366 -45.89 4.52 20.48
C SER B 366 -44.70 3.57 20.49
N GLU B 367 -44.90 2.35 21.02
CA GLU B 367 -43.87 1.32 21.02
C GLU B 367 -42.55 1.85 21.57
N ASP B 368 -42.66 2.70 22.59
CA ASP B 368 -41.48 3.34 23.18
C ASP B 368 -40.65 4.04 22.10
N GLY B 369 -41.33 4.73 21.20
CA GLY B 369 -40.67 5.39 20.09
C GLY B 369 -40.07 4.40 19.12
N SER B 370 -40.93 3.66 18.42
CA SER B 370 -40.45 2.62 17.51
C SER B 370 -39.57 3.20 16.42
N GLU B 371 -39.94 4.36 15.87
CA GLU B 371 -39.17 5.01 14.82
C GLU B 371 -39.00 4.08 13.62
N GLU B 372 -40.00 3.25 13.38
CA GLU B 372 -40.06 2.36 12.21
C GLU B 372 -41.21 2.88 11.35
N PHE B 373 -40.91 3.87 10.52
CA PHE B 373 -41.94 4.61 9.81
C PHE B 373 -42.42 3.91 8.55
N GLU B 374 -41.50 3.35 7.76
CA GLU B 374 -41.88 2.76 6.49
C GLU B 374 -42.82 1.59 6.69
N THR B 375 -42.53 0.72 7.65
CA THR B 375 -43.38 -0.44 7.89
C THR B 375 -44.77 0.00 8.34
N ILE B 376 -44.85 1.00 9.22
CA ILE B 376 -46.15 1.49 9.66
C ILE B 376 -46.93 2.06 8.51
N VAL B 377 -46.26 2.84 7.65
CA VAL B 377 -46.95 3.39 6.48
C VAL B 377 -47.47 2.28 5.59
N LEU B 378 -46.66 1.24 5.38
CA LEU B 378 -47.08 0.14 4.53
C LEU B 378 -48.28 -0.57 5.13
N LYS B 379 -48.26 -0.79 6.44
CA LYS B 379 -49.40 -1.43 7.10
C LYS B 379 -50.65 -0.58 6.96
N ALA B 380 -50.52 0.73 7.14
CA ALA B 380 -51.68 1.60 7.02
C ALA B 380 -52.24 1.57 5.60
N LEU B 381 -51.38 1.61 4.60
CA LEU B 381 -51.85 1.55 3.22
C LEU B 381 -52.52 0.22 2.92
N VAL B 382 -51.95 -0.88 3.42
CA VAL B 382 -52.55 -2.19 3.20
C VAL B 382 -53.94 -2.25 3.83
N LYS B 383 -54.05 -1.76 5.07
CA LYS B 383 -55.35 -1.77 5.75
C LYS B 383 -56.36 -0.92 4.98
N ALA B 384 -55.93 0.27 4.52
CA ALA B 384 -56.84 1.12 3.77
C ALA B 384 -57.30 0.46 2.49
N CYS B 385 -56.39 -0.23 1.78
CA CYS B 385 -56.77 -0.88 0.54
C CYS B 385 -57.84 -1.94 0.76
N GLY B 386 -57.71 -2.73 1.82
CA GLY B 386 -58.68 -3.76 2.13
C GLY B 386 -58.63 -4.92 1.17
N TYR B 393 -53.96 -3.37 -9.75
CA TYR B 393 -54.27 -3.47 -8.33
C TYR B 393 -53.13 -2.89 -7.49
N LEU B 394 -53.39 -2.67 -6.21
CA LEU B 394 -52.41 -2.13 -5.28
C LEU B 394 -51.86 -3.26 -4.43
N ASP B 395 -50.54 -3.44 -4.46
CA ASP B 395 -49.87 -4.45 -3.66
C ASP B 395 -48.70 -3.80 -2.94
N ALA B 396 -48.41 -4.33 -1.74
CA ALA B 396 -47.24 -3.86 -1.02
C ALA B 396 -45.97 -4.08 -1.84
N LEU B 397 -45.94 -5.14 -2.65
CA LEU B 397 -44.75 -5.41 -3.46
C LEU B 397 -44.50 -4.29 -4.45
N ARG B 398 -45.54 -3.86 -5.16
CA ARG B 398 -45.36 -2.81 -6.15
C ARG B 398 -44.90 -1.51 -5.49
N LEU B 399 -45.47 -1.20 -4.32
CA LEU B 399 -45.07 0.00 -3.61
C LEU B 399 -43.62 -0.09 -3.16
N ALA B 400 -43.22 -1.23 -2.60
CA ALA B 400 -41.84 -1.40 -2.17
C ALA B 400 -40.89 -1.27 -3.34
N VAL B 401 -41.28 -1.79 -4.50
CA VAL B 401 -40.47 -1.62 -5.70
C VAL B 401 -40.41 -0.15 -6.09
N ALA B 402 -41.52 0.56 -5.94
CA ALA B 402 -41.51 2.00 -6.23
C ALA B 402 -40.48 2.71 -5.38
N TRP B 403 -40.53 2.48 -4.06
CA TRP B 403 -39.42 2.85 -3.22
C TRP B 403 -38.24 1.93 -3.53
N ASN B 404 -37.10 2.22 -2.91
CA ASN B 404 -35.93 1.37 -3.09
C ASN B 404 -35.70 0.45 -1.90
N ARG B 405 -36.67 0.35 -1.00
CA ARG B 405 -36.53 -0.48 0.20
C ARG B 405 -36.78 -1.93 -0.18
N VAL B 406 -35.72 -2.73 -0.24
CA VAL B 406 -35.86 -4.14 -0.53
C VAL B 406 -36.05 -4.96 0.74
N ASP B 407 -35.58 -4.44 1.89
CA ASP B 407 -35.79 -5.15 3.14
C ASP B 407 -37.26 -5.23 3.49
N ILE B 408 -38.01 -4.17 3.23
CA ILE B 408 -39.45 -4.18 3.52
C ILE B 408 -40.13 -5.26 2.71
N ALA B 409 -39.82 -5.34 1.42
CA ALA B 409 -40.40 -6.38 0.58
C ALA B 409 -39.93 -7.76 1.02
N GLN B 410 -38.68 -7.86 1.47
CA GLN B 410 -38.18 -9.14 1.95
C GLN B 410 -38.98 -9.62 3.14
N SER B 411 -39.31 -8.71 4.07
CA SER B 411 -40.14 -9.08 5.20
C SER B 411 -41.55 -9.41 4.76
N GLU B 412 -42.09 -8.66 3.80
CA GLU B 412 -43.45 -8.91 3.34
C GLU B 412 -43.58 -10.29 2.71
N LEU B 413 -42.60 -10.67 1.88
CA LEU B 413 -42.64 -11.97 1.21
C LEU B 413 -42.24 -13.10 2.15
N PHE B 414 -41.37 -12.82 3.12
CA PHE B 414 -40.86 -13.88 3.99
C PHE B 414 -42.00 -14.53 4.76
N ARG B 415 -42.91 -13.74 5.30
CA ARG B 415 -44.06 -14.30 5.99
C ARG B 415 -44.84 -15.20 5.04
N GLY B 416 -45.14 -16.41 5.51
CA GLY B 416 -45.88 -17.36 4.69
C GLY B 416 -47.35 -17.07 4.59
N ASP B 417 -47.87 -16.12 5.36
CA ASP B 417 -49.29 -15.81 5.33
C ASP B 417 -49.73 -15.41 3.93
N ILE B 418 -48.93 -14.58 3.26
CA ILE B 418 -49.28 -14.13 1.91
C ILE B 418 -49.02 -15.27 0.93
N GLN B 419 -50.03 -15.60 0.14
CA GLN B 419 -49.90 -16.58 -0.93
C GLN B 419 -49.99 -15.86 -2.26
N TRP B 420 -48.95 -16.01 -3.07
CA TRP B 420 -48.79 -15.23 -4.29
C TRP B 420 -49.17 -16.06 -5.51
N ARG B 421 -49.72 -15.39 -6.52
CA ARG B 421 -50.06 -16.00 -7.80
C ARG B 421 -49.04 -15.57 -8.85
N SER B 422 -49.27 -15.99 -10.09
CA SER B 422 -48.32 -15.71 -11.15
C SER B 422 -48.31 -14.24 -11.52
N PHE B 423 -49.45 -13.72 -11.99
CA PHE B 423 -49.49 -12.33 -12.43
C PHE B 423 -49.11 -11.37 -11.30
N HIS B 424 -49.41 -11.74 -10.06
CA HIS B 424 -49.07 -10.87 -8.94
C HIS B 424 -47.57 -10.57 -8.92
N LEU B 425 -46.75 -11.62 -9.00
CA LEU B 425 -45.31 -11.40 -9.04
C LEU B 425 -44.85 -10.88 -10.39
N GLU B 426 -45.54 -11.24 -11.47
CA GLU B 426 -45.13 -10.79 -12.80
C GLU B 426 -45.20 -9.27 -12.90
N ALA B 427 -46.28 -8.67 -12.39
CA ALA B 427 -46.41 -7.22 -12.46
C ALA B 427 -45.30 -6.54 -11.67
N SER B 428 -45.01 -7.03 -10.47
CA SER B 428 -43.94 -6.44 -9.67
C SER B 428 -42.60 -6.60 -10.35
N LEU B 429 -42.36 -7.76 -10.97
CA LEU B 429 -41.12 -7.95 -11.69
C LEU B 429 -40.99 -6.97 -12.85
N MET B 430 -42.08 -6.76 -13.58
CA MET B 430 -42.05 -5.78 -14.66
C MET B 430 -41.72 -4.39 -14.12
N ASP B 431 -42.35 -4.03 -13.01
CA ASP B 431 -42.06 -2.72 -12.41
C ASP B 431 -40.59 -2.61 -12.02
N ALA B 432 -40.04 -3.66 -11.42
CA ALA B 432 -38.64 -3.63 -11.02
C ALA B 432 -37.73 -3.50 -12.23
N LEU B 433 -38.03 -4.22 -13.31
CA LEU B 433 -37.23 -4.13 -14.52
C LEU B 433 -37.27 -2.72 -15.10
N LEU B 434 -38.46 -2.13 -15.15
CA LEU B 434 -38.58 -0.81 -15.78
C LEU B 434 -37.86 0.26 -15.01
N ASN B 435 -37.74 0.13 -13.68
CA ASN B 435 -37.18 1.16 -12.83
C ASN B 435 -35.73 0.90 -12.44
N ASP B 436 -35.09 -0.10 -13.03
CA ASP B 436 -33.67 -0.37 -12.78
C ASP B 436 -33.42 -0.67 -11.30
N ARG B 437 -34.02 -1.76 -10.83
CA ARG B 437 -33.93 -2.21 -9.44
C ARG B 437 -33.37 -3.63 -9.43
N PRO B 438 -32.05 -3.79 -9.60
CA PRO B 438 -31.50 -5.14 -9.70
C PRO B 438 -31.78 -6.02 -8.49
N GLU B 439 -31.73 -5.45 -7.28
CA GLU B 439 -31.95 -6.26 -6.10
C GLU B 439 -33.35 -6.84 -6.08
N PHE B 440 -34.34 -6.03 -6.46
CA PHE B 440 -35.71 -6.52 -6.44
C PHE B 440 -35.95 -7.61 -7.47
N VAL B 441 -35.39 -7.46 -8.66
CA VAL B 441 -35.54 -8.52 -9.66
C VAL B 441 -34.87 -9.79 -9.18
N ARG B 442 -33.68 -9.67 -8.59
CA ARG B 442 -33.04 -10.85 -8.03
C ARG B 442 -33.94 -11.54 -7.03
N LEU B 443 -34.48 -10.77 -6.08
CA LEU B 443 -35.32 -11.35 -5.04
C LEU B 443 -36.57 -11.99 -5.63
N LEU B 444 -37.21 -11.32 -6.58
CA LEU B 444 -38.43 -11.86 -7.17
C LEU B 444 -38.17 -13.14 -7.93
N ILE B 445 -37.10 -13.18 -8.72
CA ILE B 445 -36.76 -14.41 -9.43
C ILE B 445 -36.45 -15.51 -8.44
N SER B 446 -35.81 -15.16 -7.32
CA SER B 446 -35.47 -16.17 -6.33
C SER B 446 -36.69 -16.91 -5.79
N HIS B 447 -37.87 -16.32 -5.88
CA HIS B 447 -39.08 -16.93 -5.34
C HIS B 447 -39.77 -17.82 -6.37
N GLY B 448 -38.99 -18.66 -7.04
CA GLY B 448 -39.56 -19.66 -7.92
C GLY B 448 -40.45 -19.10 -9.01
N LEU B 449 -40.25 -17.84 -9.39
CA LEU B 449 -41.05 -17.24 -10.44
C LEU B 449 -40.62 -17.81 -11.79
N SER B 450 -41.57 -18.36 -12.53
CA SER B 450 -41.28 -18.89 -13.85
C SER B 450 -41.04 -17.73 -14.82
N LEU B 451 -39.86 -17.72 -15.44
CA LEU B 451 -39.48 -16.63 -16.32
C LEU B 451 -39.81 -16.90 -17.79
N GLY B 452 -39.77 -18.15 -18.23
CA GLY B 452 -40.05 -18.42 -19.63
C GLY B 452 -41.42 -17.94 -20.06
N HIS B 453 -42.44 -18.24 -19.26
CA HIS B 453 -43.78 -17.77 -19.55
C HIS B 453 -43.96 -16.29 -19.27
N PHE B 454 -43.13 -15.71 -18.38
CA PHE B 454 -43.28 -14.31 -18.04
C PHE B 454 -43.04 -13.41 -19.25
N LEU B 455 -41.90 -13.59 -19.92
CA LEU B 455 -41.54 -12.71 -21.01
C LEU B 455 -42.42 -12.99 -22.21
N THR B 456 -43.00 -11.94 -22.78
CA THR B 456 -43.87 -12.00 -23.93
C THR B 456 -43.51 -10.87 -24.88
N PRO B 457 -43.87 -11.00 -26.16
CA PRO B 457 -43.55 -9.90 -27.09
C PRO B 457 -44.08 -8.55 -26.63
N MET B 458 -45.27 -8.53 -26.03
CA MET B 458 -45.78 -7.27 -25.49
C MET B 458 -44.88 -6.76 -24.37
N ARG B 459 -44.48 -7.64 -23.45
CA ARG B 459 -43.63 -7.21 -22.35
C ARG B 459 -42.27 -6.75 -22.85
N LEU B 460 -41.70 -7.46 -23.83
CA LEU B 460 -40.42 -7.04 -24.37
C LEU B 460 -40.54 -5.69 -25.07
N ALA B 461 -41.64 -5.48 -25.80
CA ALA B 461 -41.86 -4.18 -26.42
C ALA B 461 -41.95 -3.09 -25.36
N GLN B 462 -42.64 -3.36 -24.26
CA GLN B 462 -42.71 -2.39 -23.18
C GLN B 462 -41.32 -2.11 -22.62
N LEU B 463 -40.54 -3.16 -22.39
CA LEU B 463 -39.21 -2.98 -21.81
C LEU B 463 -38.34 -2.11 -22.70
N TYR B 464 -38.36 -2.37 -24.00
CA TYR B 464 -37.57 -1.53 -24.91
C TYR B 464 -38.15 -0.13 -25.02
N SER B 465 -39.46 0.01 -24.87
CA SER B 465 -40.08 1.32 -24.90
C SER B 465 -39.61 2.21 -23.75
N ALA B 466 -39.09 1.60 -22.68
CA ALA B 466 -38.60 2.35 -21.54
C ALA B 466 -37.22 2.96 -21.78
N ALA B 467 -36.75 2.99 -23.02
CA ALA B 467 -35.47 3.62 -23.30
C ALA B 467 -35.55 5.09 -22.92
N PRO B 468 -34.51 5.64 -22.31
CA PRO B 468 -34.61 7.00 -21.74
C PRO B 468 -34.57 8.07 -22.82
N SER B 469 -35.74 8.64 -23.12
CA SER B 469 -35.87 9.85 -23.94
C SER B 469 -35.01 9.67 -25.19
N ASN B 470 -34.11 10.60 -25.49
CA ASN B 470 -33.24 10.50 -26.67
C ASN B 470 -31.96 9.78 -26.24
N SER B 471 -31.97 8.46 -26.33
CA SER B 471 -30.81 7.63 -26.06
C SER B 471 -30.41 6.90 -27.33
N LEU B 472 -29.14 6.56 -27.42
CA LEU B 472 -28.63 5.93 -28.63
C LEU B 472 -29.48 4.73 -29.02
N ILE B 473 -29.86 3.91 -28.04
CA ILE B 473 -30.73 2.78 -28.34
C ILE B 473 -32.04 3.27 -28.94
N ARG B 474 -32.58 4.36 -28.41
CA ARG B 474 -33.83 4.90 -28.96
C ARG B 474 -33.65 5.32 -30.41
N ASN B 475 -32.55 5.99 -30.72
CA ASN B 475 -32.30 6.41 -32.09
C ASN B 475 -32.18 5.22 -33.01
N LEU B 476 -31.44 4.18 -32.58
CA LEU B 476 -31.26 3.01 -33.42
C LEU B 476 -32.59 2.30 -33.65
N LEU B 477 -33.40 2.18 -32.61
CA LEU B 477 -34.72 1.57 -32.77
C LEU B 477 -35.58 2.36 -33.73
N ASP B 478 -35.55 3.70 -33.61
CA ASP B 478 -36.32 4.52 -34.53
C ASP B 478 -35.86 4.33 -35.96
N GLN B 479 -34.55 4.30 -36.18
CA GLN B 479 -34.03 4.11 -37.53
C GLN B 479 -34.44 2.75 -38.08
N ALA B 480 -34.33 1.70 -37.27
CA ALA B 480 -34.72 0.37 -37.74
C ALA B 480 -36.21 0.33 -38.06
N PRO B 500 -43.24 -3.36 -32.62
CA PRO B 500 -42.38 -4.39 -32.01
C PRO B 500 -40.94 -3.91 -31.86
N PRO B 501 -40.16 -4.58 -30.98
CA PRO B 501 -38.79 -4.12 -30.75
C PRO B 501 -37.93 -4.06 -32.00
N ASP B 502 -38.04 -5.06 -32.87
CA ASP B 502 -37.20 -5.14 -34.07
C ASP B 502 -35.73 -5.05 -33.71
N VAL B 503 -35.35 -5.78 -32.65
CA VAL B 503 -33.98 -5.73 -32.15
C VAL B 503 -32.99 -6.43 -33.09
N GLY B 504 -33.42 -7.46 -33.81
CA GLY B 504 -32.50 -8.19 -34.66
C GLY B 504 -31.84 -7.29 -35.70
N HIS B 505 -32.63 -6.39 -36.30
CA HIS B 505 -32.09 -5.52 -37.32
C HIS B 505 -31.00 -4.61 -36.76
N VAL B 506 -31.27 -4.00 -35.61
CA VAL B 506 -30.28 -3.11 -35.01
C VAL B 506 -29.05 -3.89 -34.58
N LEU B 507 -29.24 -5.11 -34.09
CA LEU B 507 -28.10 -5.94 -33.73
C LEU B 507 -27.23 -6.23 -34.93
N ARG B 508 -27.85 -6.61 -36.05
CA ARG B 508 -27.07 -6.85 -37.26
C ARG B 508 -26.38 -5.58 -37.72
N MET B 509 -27.06 -4.45 -37.64
CA MET B 509 -26.45 -3.19 -38.05
C MET B 509 -25.22 -2.88 -37.22
N LEU B 510 -25.31 -3.06 -35.91
CA LEU B 510 -24.15 -2.81 -35.05
C LEU B 510 -23.03 -3.78 -35.37
N LEU B 511 -23.32 -5.07 -35.36
CA LEU B 511 -22.28 -6.07 -35.62
C LEU B 511 -21.87 -6.06 -37.08
N GLY B 512 -22.80 -5.79 -37.98
CA GLY B 512 -22.56 -5.79 -39.41
C GLY B 512 -23.04 -7.05 -40.10
N LYS B 513 -23.21 -8.14 -39.36
CA LYS B 513 -23.67 -9.41 -39.92
C LYS B 513 -22.79 -9.85 -41.08
N MET B 514 -21.48 -9.68 -40.93
CA MET B 514 -20.54 -10.04 -41.98
C MET B 514 -20.17 -11.51 -41.88
N ALA B 557 -34.82 -18.35 -25.13
CA ALA B 557 -34.11 -18.25 -23.86
C ALA B 557 -34.35 -16.86 -23.27
N PRO B 558 -35.16 -16.74 -22.21
CA PRO B 558 -35.42 -15.39 -21.68
C PRO B 558 -34.17 -14.69 -21.19
N TRP B 559 -33.22 -15.44 -20.63
CA TRP B 559 -32.04 -14.80 -20.05
C TRP B 559 -31.20 -14.11 -21.12
N SER B 560 -31.06 -14.75 -22.29
CA SER B 560 -30.30 -14.10 -23.37
C SER B 560 -30.97 -12.81 -23.80
N ASP B 561 -32.29 -12.83 -23.97
CA ASP B 561 -33.00 -11.62 -24.39
C ASP B 561 -32.87 -10.51 -23.34
N LEU B 562 -33.00 -10.87 -22.06
CA LEU B 562 -32.90 -9.86 -21.03
C LEU B 562 -31.48 -9.30 -20.93
N LEU B 563 -30.47 -10.16 -21.09
CA LEU B 563 -29.09 -9.66 -21.10
C LEU B 563 -28.87 -8.71 -22.25
N LEU B 564 -29.39 -9.05 -23.43
CA LEU B 564 -29.24 -8.16 -24.57
C LEU B 564 -29.94 -6.83 -24.31
N TRP B 565 -31.14 -6.88 -23.75
CA TRP B 565 -31.86 -5.65 -23.44
C TRP B 565 -31.09 -4.78 -22.45
N ALA B 566 -30.56 -5.40 -21.39
CA ALA B 566 -29.81 -4.64 -20.41
C ALA B 566 -28.56 -4.02 -21.03
N LEU B 567 -27.88 -4.77 -21.89
CA LEU B 567 -26.70 -4.22 -22.55
C LEU B 567 -27.08 -3.04 -23.43
N LEU B 568 -28.16 -3.17 -24.20
CA LEU B 568 -28.57 -2.08 -25.08
C LEU B 568 -28.92 -0.83 -24.28
N LEU B 569 -29.68 -1.00 -23.19
CA LEU B 569 -30.04 0.14 -22.36
C LEU B 569 -28.93 0.54 -21.40
N ASN B 570 -27.85 -0.23 -21.32
CA ASN B 570 -26.71 0.11 -20.47
C ASN B 570 -27.12 0.19 -19.00
N ARG B 571 -27.60 -0.94 -18.48
CA ARG B 571 -27.93 -1.09 -17.08
C ARG B 571 -26.93 -2.08 -16.49
N ALA B 572 -25.90 -1.56 -15.82
CA ALA B 572 -24.75 -2.38 -15.45
C ALA B 572 -25.16 -3.54 -14.55
N GLN B 573 -25.84 -3.24 -13.44
CA GLN B 573 -26.13 -4.30 -12.48
C GLN B 573 -27.12 -5.31 -13.03
N MET B 574 -28.12 -4.84 -13.77
CA MET B 574 -29.10 -5.75 -14.34
C MET B 574 -28.45 -6.67 -15.36
N ALA B 575 -27.61 -6.12 -16.23
CA ALA B 575 -26.91 -6.95 -17.19
C ALA B 575 -25.99 -7.95 -16.49
N MET B 576 -25.30 -7.50 -15.44
CA MET B 576 -24.50 -8.41 -14.65
C MET B 576 -25.32 -9.58 -14.15
N TYR B 577 -26.45 -9.29 -13.51
CA TYR B 577 -27.27 -10.36 -12.95
C TYR B 577 -27.75 -11.30 -14.04
N PHE B 578 -28.22 -10.76 -15.16
CA PHE B 578 -28.71 -11.61 -16.23
C PHE B 578 -27.60 -12.50 -16.79
N TRP B 579 -26.38 -11.97 -16.87
CA TRP B 579 -25.27 -12.80 -17.29
C TRP B 579 -25.02 -13.93 -16.30
N GLU B 580 -25.12 -13.63 -15.00
CA GLU B 580 -24.90 -14.67 -14.00
C GLU B 580 -25.88 -15.82 -14.17
N MET B 581 -27.09 -15.55 -14.62
CA MET B 581 -28.10 -16.58 -14.80
C MET B 581 -28.13 -17.15 -16.22
N GLY B 582 -27.27 -16.67 -17.10
CA GLY B 582 -27.29 -17.12 -18.48
C GLY B 582 -26.63 -18.47 -18.66
N SER B 583 -26.73 -18.98 -19.89
CA SER B 583 -26.20 -20.31 -20.21
C SER B 583 -24.79 -20.25 -20.77
N ASN B 584 -24.60 -19.56 -21.89
CA ASN B 584 -23.30 -19.48 -22.56
C ASN B 584 -22.51 -18.35 -21.92
N ALA B 585 -21.90 -18.67 -20.77
CA ALA B 585 -21.29 -17.61 -19.96
C ALA B 585 -20.13 -16.94 -20.68
N VAL B 586 -19.17 -17.73 -21.17
CA VAL B 586 -17.97 -17.14 -21.74
C VAL B 586 -18.29 -16.42 -23.04
N SER B 587 -19.02 -17.09 -23.94
CA SER B 587 -19.37 -16.47 -25.20
C SER B 587 -20.24 -15.25 -24.99
N SER B 588 -21.17 -15.32 -24.03
CA SER B 588 -22.01 -14.17 -23.75
C SER B 588 -21.20 -13.01 -23.21
N ALA B 589 -20.22 -13.29 -22.36
CA ALA B 589 -19.36 -12.22 -21.85
C ALA B 589 -18.59 -11.56 -22.99
N LEU B 590 -18.00 -12.36 -23.88
CA LEU B 590 -17.26 -11.78 -24.98
C LEU B 590 -18.17 -11.00 -25.91
N GLY B 591 -19.35 -11.52 -26.20
CA GLY B 591 -20.28 -10.81 -27.05
C GLY B 591 -20.76 -9.51 -26.43
N ALA B 592 -20.99 -9.52 -25.11
CA ALA B 592 -21.36 -8.29 -24.43
C ALA B 592 -20.25 -7.26 -24.51
N CYS B 593 -19.00 -7.70 -24.32
CA CYS B 593 -17.88 -6.77 -24.46
C CYS B 593 -17.85 -6.19 -25.87
N LEU B 594 -18.01 -7.04 -26.89
CA LEU B 594 -18.02 -6.55 -28.26
C LEU B 594 -19.12 -5.53 -28.47
N LEU B 595 -20.34 -5.86 -28.06
CA LEU B 595 -21.47 -4.97 -28.30
C LEU B 595 -21.31 -3.66 -27.58
N LEU B 596 -20.85 -3.69 -26.34
CA LEU B 596 -20.68 -2.45 -25.58
C LEU B 596 -19.60 -1.58 -26.20
N ARG B 597 -18.48 -2.18 -26.63
CA ARG B 597 -17.46 -1.37 -27.28
C ARG B 597 -17.97 -0.76 -28.57
N VAL B 598 -18.72 -1.54 -29.36
CA VAL B 598 -19.26 -1.03 -30.62
C VAL B 598 -20.18 0.15 -30.34
N MET B 599 -21.06 0.01 -29.34
CA MET B 599 -21.95 1.11 -29.01
C MET B 599 -21.18 2.32 -28.53
N ALA B 600 -20.16 2.12 -27.69
CA ALA B 600 -19.38 3.24 -27.19
C ALA B 600 -18.75 4.02 -28.33
N ARG B 601 -18.15 3.31 -29.30
CA ARG B 601 -17.60 3.99 -30.45
C ARG B 601 -18.65 4.71 -31.27
N LEU B 602 -19.91 4.31 -31.13
CA LEU B 602 -21.01 4.83 -31.94
C LEU B 602 -21.87 5.83 -31.19
N GLU B 603 -21.40 6.23 -30.01
CA GLU B 603 -22.22 7.11 -29.11
C GLU B 603 -21.94 8.60 -29.36
N PRO B 604 -22.98 9.45 -29.38
CA PRO B 604 -22.80 10.89 -29.51
C PRO B 604 -22.03 11.50 -28.33
N ASP B 605 -22.31 11.04 -27.11
CA ASP B 605 -21.69 11.69 -25.92
C ASP B 605 -20.61 10.78 -25.31
N ALA B 606 -19.41 11.31 -25.13
CA ALA B 606 -18.28 10.52 -24.58
C ALA B 606 -18.56 10.07 -23.15
N GLU B 607 -19.15 10.93 -22.32
CA GLU B 607 -19.35 10.55 -20.89
C GLU B 607 -20.26 9.32 -20.82
N GLU B 608 -21.33 9.27 -21.62
CA GLU B 608 -22.19 8.06 -21.66
C GLU B 608 -21.34 6.90 -22.20
N ALA B 609 -20.52 7.17 -23.21
CA ALA B 609 -19.69 6.12 -23.81
C ALA B 609 -18.73 5.57 -22.76
N ALA B 610 -18.21 6.43 -21.87
CA ALA B 610 -17.24 5.89 -20.91
C ALA B 610 -17.89 4.84 -20.02
N ARG B 611 -19.16 5.03 -19.67
CA ARG B 611 -19.85 4.01 -18.89
C ARG B 611 -19.94 2.70 -19.65
N ARG B 612 -20.30 2.77 -20.94
CA ARG B 612 -20.37 1.56 -21.73
C ARG B 612 -19.01 0.91 -21.85
N LYS B 613 -17.96 1.72 -22.03
CA LYS B 613 -16.61 1.17 -22.13
C LYS B 613 -16.22 0.47 -20.84
N ASP B 614 -16.54 1.08 -19.69
CA ASP B 614 -16.23 0.45 -18.41
C ASP B 614 -17.00 -0.84 -18.22
N LEU B 615 -18.27 -0.86 -18.60
CA LEU B 615 -19.04 -2.09 -18.49
C LEU B 615 -18.47 -3.17 -19.39
N ALA B 616 -18.03 -2.80 -20.60
CA ALA B 616 -17.40 -3.77 -21.48
C ALA B 616 -16.13 -4.32 -20.85
N PHE B 617 -15.33 -3.45 -20.24
CA PHE B 617 -14.12 -3.92 -19.58
C PHE B 617 -14.45 -4.88 -18.45
N LYS B 618 -15.50 -4.59 -17.68
CA LYS B 618 -15.89 -5.48 -16.60
C LYS B 618 -16.33 -6.84 -17.14
N PHE B 619 -17.11 -6.84 -18.22
CA PHE B 619 -17.54 -8.10 -18.82
C PHE B 619 -16.34 -8.89 -19.33
N GLU B 620 -15.38 -8.21 -19.94
CA GLU B 620 -14.17 -8.89 -20.40
C GLU B 620 -13.43 -9.51 -19.22
N GLY B 621 -13.33 -8.79 -18.11
CA GLY B 621 -12.69 -9.33 -16.94
C GLY B 621 -13.38 -10.58 -16.42
N MET B 622 -14.71 -10.55 -16.37
CA MET B 622 -15.43 -11.74 -15.92
C MET B 622 -15.24 -12.89 -16.88
N GLY B 623 -15.27 -12.62 -18.19
CA GLY B 623 -15.05 -13.68 -19.15
C GLY B 623 -13.70 -14.33 -18.98
N VAL B 624 -12.65 -13.51 -18.82
CA VAL B 624 -11.31 -14.07 -18.67
C VAL B 624 -11.22 -14.88 -17.37
N ASP B 625 -11.78 -14.36 -16.28
CA ASP B 625 -11.72 -15.10 -15.02
C ASP B 625 -12.45 -16.44 -15.12
N LEU B 626 -13.65 -16.43 -15.68
CA LEU B 626 -14.41 -17.66 -15.80
C LEU B 626 -13.70 -18.66 -16.69
N PHE B 627 -13.14 -18.20 -17.81
CA PHE B 627 -12.45 -19.13 -18.68
C PHE B 627 -11.18 -19.66 -18.03
N GLY B 628 -10.50 -18.84 -17.24
CA GLY B 628 -9.35 -19.35 -16.50
C GLY B 628 -9.76 -20.46 -15.56
N GLU B 629 -10.86 -20.27 -14.84
CA GLU B 629 -11.36 -21.33 -13.98
C GLU B 629 -11.65 -22.59 -14.79
N CYS B 630 -12.42 -22.45 -15.87
CA CYS B 630 -12.79 -23.61 -16.67
C CYS B 630 -11.57 -24.33 -17.22
N TYR B 631 -10.59 -23.57 -17.72
CA TYR B 631 -9.40 -24.17 -18.30
C TYR B 631 -8.60 -24.91 -17.25
N ARG B 632 -8.32 -24.27 -16.12
CA ARG B 632 -7.56 -24.95 -15.09
C ARG B 632 -8.28 -26.19 -14.58
N SER B 633 -9.61 -26.24 -14.68
CA SER B 633 -10.31 -27.45 -14.30
C SER B 633 -10.02 -28.60 -15.27
N SER B 634 -10.15 -28.34 -16.57
CA SER B 634 -9.96 -29.40 -17.56
C SER B 634 -9.62 -28.78 -18.91
N GLU B 635 -8.42 -29.04 -19.40
CA GLU B 635 -7.97 -28.42 -20.64
C GLU B 635 -8.58 -29.09 -21.88
N VAL B 636 -8.79 -30.40 -21.85
CA VAL B 636 -9.36 -31.07 -23.01
C VAL B 636 -10.72 -30.48 -23.35
N ARG B 637 -11.53 -30.22 -22.33
CA ARG B 637 -12.73 -29.41 -22.49
C ARG B 637 -12.31 -27.96 -22.25
N ALA B 638 -13.27 -27.06 -22.08
CA ALA B 638 -12.95 -25.65 -21.99
C ALA B 638 -12.34 -25.19 -23.30
N ALA B 639 -11.03 -24.97 -23.32
CA ALA B 639 -10.40 -24.39 -24.50
C ALA B 639 -10.75 -25.17 -25.75
N ARG B 640 -10.54 -26.49 -25.72
CA ARG B 640 -10.74 -27.27 -26.93
C ARG B 640 -12.20 -27.24 -27.39
N LEU B 641 -13.14 -26.98 -26.47
CA LEU B 641 -14.55 -27.04 -26.82
C LEU B 641 -15.27 -25.73 -26.62
N LEU B 642 -15.10 -25.07 -25.47
CA LEU B 642 -15.83 -23.83 -25.23
C LEU B 642 -15.46 -22.75 -26.23
N LEU B 643 -14.17 -22.60 -26.53
CA LEU B 643 -13.74 -21.53 -27.41
C LEU B 643 -14.05 -21.83 -28.86
N ARG B 644 -13.92 -23.08 -29.28
CA ARG B 644 -13.98 -23.44 -30.68
C ARG B 644 -15.38 -23.80 -31.14
N ARG B 645 -16.39 -23.70 -30.29
CA ARG B 645 -17.77 -23.91 -30.69
C ARG B 645 -18.38 -22.60 -31.17
N CYS B 646 -19.38 -22.70 -32.04
CA CYS B 646 -20.05 -21.53 -32.57
C CYS B 646 -21.36 -21.31 -31.84
N PRO B 647 -21.51 -20.24 -31.05
CA PRO B 647 -22.74 -20.07 -30.26
C PRO B 647 -23.85 -19.40 -31.05
N LEU B 648 -24.95 -19.10 -30.37
CA LEU B 648 -26.09 -18.44 -30.99
C LEU B 648 -25.87 -16.95 -31.25
N TRP B 649 -24.82 -16.35 -30.66
CA TRP B 649 -24.62 -14.91 -30.80
C TRP B 649 -24.55 -14.50 -32.26
N GLY B 650 -23.54 -14.98 -32.98
CA GLY B 650 -23.43 -14.72 -34.39
C GLY B 650 -22.87 -15.93 -35.12
N ASP B 651 -23.12 -17.11 -34.55
CA ASP B 651 -22.49 -18.35 -35.02
C ASP B 651 -21.01 -18.12 -35.24
N ALA B 652 -20.38 -17.34 -34.37
CA ALA B 652 -18.97 -16.99 -34.46
C ALA B 652 -18.26 -17.50 -33.22
N THR B 653 -17.16 -18.23 -33.42
CA THR B 653 -16.44 -18.81 -32.29
C THR B 653 -15.98 -17.71 -31.34
N CYS B 654 -15.83 -18.09 -30.07
CA CYS B 654 -15.48 -17.10 -29.06
C CYS B 654 -14.20 -16.36 -29.42
N LEU B 655 -13.27 -17.02 -30.10
CA LEU B 655 -12.05 -16.34 -30.50
C LEU B 655 -12.34 -15.22 -31.48
N GLN B 656 -13.28 -15.43 -32.40
CA GLN B 656 -13.65 -14.36 -33.31
C GLN B 656 -14.22 -13.17 -32.57
N LEU B 657 -15.09 -13.42 -31.58
CA LEU B 657 -15.64 -12.34 -30.80
C LEU B 657 -14.55 -11.59 -30.04
N ALA B 658 -13.60 -12.32 -29.46
CA ALA B 658 -12.51 -11.66 -28.75
C ALA B 658 -11.68 -10.82 -29.70
N MET B 659 -11.43 -11.32 -30.91
CA MET B 659 -10.66 -10.55 -31.88
C MET B 659 -11.39 -9.27 -32.26
N GLN B 660 -12.67 -9.38 -32.60
CA GLN B 660 -13.42 -8.20 -33.00
C GLN B 660 -13.54 -7.20 -31.86
N ALA B 661 -13.73 -7.68 -30.64
CA ALA B 661 -13.85 -6.80 -29.48
C ALA B 661 -12.51 -6.23 -29.04
N ASP B 662 -11.40 -6.66 -29.63
CA ASP B 662 -10.07 -6.24 -29.20
C ASP B 662 -9.87 -6.54 -27.72
N ALA B 663 -10.35 -7.71 -27.29
CA ALA B 663 -10.24 -8.14 -25.90
C ALA B 663 -8.84 -8.70 -25.69
N ARG B 664 -7.86 -7.80 -25.59
CA ARG B 664 -6.48 -8.22 -25.45
C ARG B 664 -6.29 -9.04 -24.17
N ALA B 665 -6.95 -8.64 -23.09
CA ALA B 665 -6.81 -9.37 -21.83
C ALA B 665 -7.25 -10.82 -22.00
N PHE B 666 -8.27 -11.05 -22.82
CA PHE B 666 -8.75 -12.42 -23.02
C PHE B 666 -7.70 -13.26 -23.73
N PHE B 667 -7.03 -12.70 -24.73
CA PHE B 667 -5.97 -13.44 -25.41
C PHE B 667 -4.73 -13.59 -24.56
N ALA B 668 -4.53 -12.70 -23.58
CA ALA B 668 -3.30 -12.73 -22.81
C ALA B 668 -3.21 -13.96 -21.91
N GLN B 669 -4.35 -14.45 -21.41
CA GLN B 669 -4.31 -15.50 -20.40
C GLN B 669 -3.71 -16.78 -20.96
N ASP B 670 -3.10 -17.56 -20.07
CA ASP B 670 -2.30 -18.69 -20.49
C ASP B 670 -3.12 -19.76 -21.19
N GLY B 671 -4.38 -19.94 -20.80
CA GLY B 671 -5.18 -20.96 -21.44
C GLY B 671 -5.36 -20.70 -22.93
N VAL B 672 -5.71 -19.47 -23.27
CA VAL B 672 -5.92 -19.14 -24.68
C VAL B 672 -4.63 -19.25 -25.45
N GLN B 673 -3.51 -18.81 -24.85
CA GLN B 673 -2.23 -18.90 -25.53
C GLN B 673 -1.84 -20.35 -25.79
N SER B 674 -2.06 -21.22 -24.80
CA SER B 674 -1.77 -22.63 -24.99
C SER B 674 -2.65 -23.22 -26.09
N LEU B 675 -3.93 -22.84 -26.12
CA LEU B 675 -4.79 -23.32 -27.19
C LEU B 675 -4.29 -22.86 -28.55
N LEU B 676 -3.89 -21.59 -28.64
CA LEU B 676 -3.39 -21.07 -29.90
C LEU B 676 -2.13 -21.81 -30.33
N THR B 677 -1.23 -22.09 -29.38
CA THR B 677 -0.04 -22.87 -29.70
C THR B 677 -0.42 -24.25 -30.21
N GLN B 678 -1.39 -24.89 -29.56
CA GLN B 678 -1.82 -26.20 -29.99
C GLN B 678 -2.36 -26.16 -31.41
N LYS B 679 -3.15 -25.14 -31.73
CA LYS B 679 -3.65 -25.01 -33.10
C LYS B 679 -2.53 -24.71 -34.08
N TRP B 680 -1.51 -23.99 -33.62
CA TRP B 680 -0.39 -23.64 -34.49
C TRP B 680 0.33 -24.87 -34.99
N TRP B 681 0.55 -25.85 -34.10
CA TRP B 681 1.24 -27.07 -34.44
C TRP B 681 0.34 -28.12 -35.07
N GLY B 682 -0.93 -27.81 -35.28
CA GLY B 682 -1.81 -28.78 -35.89
C GLY B 682 -1.87 -30.06 -35.07
N ASP B 683 -1.82 -31.20 -35.75
CA ASP B 683 -1.92 -32.48 -35.06
C ASP B 683 -0.62 -32.86 -34.37
N MET B 684 0.49 -32.26 -34.73
CA MET B 684 1.74 -32.54 -34.05
C MET B 684 1.68 -32.05 -32.62
N ALA B 685 2.41 -32.72 -31.74
CA ALA B 685 2.44 -32.31 -30.34
C ALA B 685 3.09 -30.95 -30.22
N SER B 686 2.54 -30.12 -29.33
CA SER B 686 3.06 -28.77 -29.14
C SER B 686 4.48 -28.74 -28.61
N THR B 687 4.97 -29.85 -28.08
CA THR B 687 6.31 -29.92 -27.52
C THR B 687 7.37 -30.30 -28.53
N THR B 688 7.00 -30.48 -29.79
CA THR B 688 7.98 -30.90 -30.80
C THR B 688 9.11 -29.88 -30.87
N PRO B 689 10.37 -30.29 -30.76
CA PRO B 689 11.46 -29.34 -30.92
C PRO B 689 11.53 -28.82 -32.35
N ILE B 690 12.01 -27.59 -32.48
CA ILE B 690 12.11 -26.97 -33.81
C ILE B 690 13.04 -27.78 -34.70
N TRP B 691 14.18 -28.22 -34.16
CA TRP B 691 15.11 -28.99 -34.98
C TRP B 691 14.46 -30.26 -35.50
N ALA B 692 13.61 -30.89 -34.69
CA ALA B 692 12.89 -32.06 -35.17
C ALA B 692 11.99 -31.70 -36.34
N LEU B 693 11.31 -30.56 -36.25
CA LEU B 693 10.46 -30.12 -37.36
C LEU B 693 11.28 -29.90 -38.62
N VAL B 694 12.45 -29.27 -38.48
CA VAL B 694 13.29 -29.01 -39.65
C VAL B 694 13.75 -30.31 -40.27
N LEU B 695 14.22 -31.25 -39.43
CA LEU B 695 14.66 -32.54 -39.96
C LEU B 695 13.53 -33.24 -40.69
N ALA B 696 12.32 -33.24 -40.11
CA ALA B 696 11.19 -33.85 -40.78
C ALA B 696 10.90 -33.15 -42.10
N PHE B 697 11.01 -31.81 -42.12
CA PHE B 697 10.72 -31.07 -43.34
C PHE B 697 11.67 -31.45 -44.46
N PHE B 698 12.96 -31.57 -44.15
CA PHE B 698 13.93 -31.93 -45.17
C PHE B 698 14.08 -33.43 -45.35
N CYS B 699 13.47 -34.24 -44.50
CA CYS B 699 13.45 -35.70 -44.62
C CYS B 699 12.01 -36.16 -44.46
N PRO B 700 11.20 -36.05 -45.51
CA PRO B 700 9.78 -36.42 -45.41
C PRO B 700 9.59 -37.75 -44.73
N PRO B 701 10.32 -38.81 -45.11
CA PRO B 701 10.07 -40.10 -44.47
C PRO B 701 10.19 -40.06 -42.95
N LEU B 702 11.10 -39.25 -42.42
CA LEU B 702 11.27 -39.18 -40.97
C LEU B 702 10.00 -38.79 -40.23
N ILE B 703 8.95 -38.32 -40.92
CA ILE B 703 7.70 -38.03 -40.22
C ILE B 703 7.16 -39.30 -39.59
N TYR B 704 7.31 -40.44 -40.26
CA TYR B 704 6.80 -41.70 -39.74
C TYR B 704 7.68 -42.28 -38.62
N THR B 705 8.87 -41.72 -38.41
CA THR B 705 9.71 -42.18 -37.31
C THR B 705 9.12 -41.72 -35.99
N ARG B 706 9.46 -42.46 -34.93
CA ARG B 706 8.98 -42.13 -33.60
C ARG B 706 9.56 -40.84 -33.05
N LEU B 707 10.58 -40.28 -33.71
CA LEU B 707 11.22 -39.07 -33.20
C LEU B 707 10.32 -37.84 -33.31
N ILE B 708 9.20 -37.94 -34.01
CA ILE B 708 8.20 -36.88 -34.07
C ILE B 708 6.88 -37.45 -33.57
N THR B 709 6.25 -36.74 -32.63
CA THR B 709 5.07 -37.23 -31.93
C THR B 709 3.81 -36.53 -32.42
N PHE B 710 2.72 -37.28 -32.44
CA PHE B 710 1.43 -36.75 -32.88
C PHE B 710 0.36 -36.94 -31.80
N ARG B 766 -6.30 -44.38 -45.21
CA ARG B 766 -5.00 -44.91 -44.85
C ARG B 766 -4.37 -44.12 -43.72
N ARG B 767 -3.73 -44.84 -42.79
CA ARG B 767 -3.00 -44.17 -41.71
C ARG B 767 -1.83 -43.38 -42.26
N CYS B 768 -1.12 -43.92 -43.25
CA CYS B 768 0.03 -43.23 -43.80
C CYS B 768 -0.36 -41.88 -44.39
N LEU B 769 -1.40 -41.86 -45.22
CA LEU B 769 -1.84 -40.61 -45.80
C LEU B 769 -2.37 -39.66 -44.74
N ARG B 770 -3.04 -40.20 -43.72
CA ARG B 770 -3.51 -39.36 -42.63
C ARG B 770 -2.35 -38.64 -41.97
N ARG B 771 -1.29 -39.38 -41.63
CA ARG B 771 -0.13 -38.75 -40.99
C ARG B 771 0.54 -37.76 -41.95
N TRP B 772 0.63 -38.11 -43.22
CA TRP B 772 1.25 -37.22 -44.20
C TRP B 772 0.52 -35.88 -44.26
N PHE B 773 -0.80 -35.92 -44.41
CA PHE B 773 -1.57 -34.69 -44.47
C PHE B 773 -1.56 -33.96 -43.15
N HIS B 774 -1.50 -34.68 -42.03
CA HIS B 774 -1.41 -34.01 -40.74
C HIS B 774 -0.12 -33.22 -40.63
N PHE B 775 0.99 -33.79 -41.10
CA PHE B 775 2.25 -33.08 -41.02
C PHE B 775 2.29 -31.91 -41.99
N TRP B 776 1.87 -32.12 -43.24
CA TRP B 776 2.01 -31.08 -44.25
C TRP B 776 0.86 -30.10 -44.25
N GLY B 777 -0.12 -30.25 -43.37
CA GLY B 777 -1.22 -29.33 -43.31
C GLY B 777 -1.20 -28.46 -42.06
N ALA B 778 -0.34 -28.80 -41.10
CA ALA B 778 -0.26 -28.02 -39.89
C ALA B 778 0.16 -26.59 -40.24
N PRO B 779 -0.39 -25.59 -39.54
CA PRO B 779 0.02 -24.21 -39.86
C PRO B 779 1.51 -24.00 -39.76
N VAL B 780 2.17 -24.63 -38.79
CA VAL B 780 3.60 -24.39 -38.60
C VAL B 780 4.40 -24.87 -39.80
N THR B 781 4.05 -26.04 -40.34
CA THR B 781 4.79 -26.54 -41.48
C THR B 781 4.52 -25.72 -42.73
N ILE B 782 3.29 -25.23 -42.89
CA ILE B 782 3.00 -24.33 -44.00
C ILE B 782 3.84 -23.07 -43.87
N PHE B 783 3.93 -22.54 -42.66
CA PHE B 783 4.74 -21.34 -42.43
C PHE B 783 6.20 -21.61 -42.75
N MET B 784 6.73 -22.76 -42.32
CA MET B 784 8.12 -23.07 -42.59
C MET B 784 8.38 -23.23 -44.08
N GLY B 785 7.47 -23.92 -44.78
CA GLY B 785 7.62 -24.03 -46.23
C GLY B 785 7.57 -22.68 -46.90
N ASN B 786 6.68 -21.80 -46.44
CA ASN B 786 6.61 -20.46 -47.01
C ASN B 786 7.89 -19.70 -46.78
N VAL B 787 8.47 -19.82 -45.59
CA VAL B 787 9.73 -19.13 -45.30
C VAL B 787 10.84 -19.65 -46.18
N VAL B 788 10.95 -20.97 -46.32
CA VAL B 788 11.99 -21.54 -47.16
C VAL B 788 11.81 -21.09 -48.60
N SER B 789 10.57 -21.11 -49.10
CA SER B 789 10.33 -20.68 -50.46
C SER B 789 10.67 -19.21 -50.65
N TYR B 790 10.36 -18.38 -49.66
CA TYR B 790 10.67 -16.96 -49.78
C TYR B 790 12.18 -16.73 -49.79
N LEU B 791 12.92 -17.48 -48.96
CA LEU B 791 14.36 -17.35 -48.99
C LEU B 791 14.92 -17.78 -50.34
N LEU B 792 14.41 -18.88 -50.90
CA LEU B 792 14.87 -19.29 -52.23
C LEU B 792 14.49 -18.25 -53.28
N PHE B 793 13.33 -17.62 -53.13
CA PHE B 793 12.94 -16.58 -54.06
C PHE B 793 13.89 -15.40 -54.00
N LEU B 794 14.28 -14.99 -52.80
CA LEU B 794 15.24 -13.90 -52.69
C LEU B 794 16.58 -14.30 -53.28
N LEU B 795 16.99 -15.55 -53.06
CA LEU B 795 18.24 -16.02 -53.64
C LEU B 795 18.20 -15.95 -55.16
N LEU B 796 17.11 -16.41 -55.75
CA LEU B 796 16.97 -16.37 -57.20
C LEU B 796 16.93 -14.93 -57.70
N PHE B 797 16.23 -14.06 -56.97
CA PHE B 797 16.14 -12.66 -57.35
C PHE B 797 17.53 -12.03 -57.38
N SER B 798 18.33 -12.28 -56.34
CA SER B 798 19.68 -11.75 -56.32
C SER B 798 20.51 -12.35 -57.45
N ARG B 799 20.40 -13.65 -57.68
CA ARG B 799 21.15 -14.28 -58.75
C ARG B 799 20.84 -13.63 -60.09
N VAL B 800 19.56 -13.37 -60.36
CA VAL B 800 19.18 -12.74 -61.62
C VAL B 800 19.70 -11.31 -61.66
N LEU B 801 19.51 -10.57 -60.58
CA LEU B 801 19.83 -9.15 -60.57
C LEU B 801 21.32 -8.91 -60.77
N LEU B 802 22.15 -9.71 -60.11
CA LEU B 802 23.59 -9.47 -60.11
C LEU B 802 24.30 -10.07 -61.32
N VAL B 803 23.75 -11.12 -61.92
CA VAL B 803 24.47 -11.86 -62.95
C VAL B 803 23.67 -11.92 -64.25
N ASP B 804 22.48 -12.53 -64.19
CA ASP B 804 21.75 -12.90 -65.39
C ASP B 804 20.94 -11.77 -65.99
N PHE B 805 20.96 -10.58 -65.39
CA PHE B 805 20.21 -9.44 -65.90
C PHE B 805 21.06 -8.74 -66.95
N GLN B 806 20.60 -8.75 -68.20
CA GLN B 806 21.32 -8.15 -69.31
C GLN B 806 20.33 -7.46 -70.23
N PRO B 807 20.80 -6.53 -71.07
CA PRO B 807 19.89 -5.88 -72.02
C PRO B 807 19.22 -6.86 -72.98
N ALA B 808 19.85 -8.00 -73.26
CA ALA B 808 19.26 -8.99 -74.14
C ALA B 808 17.91 -9.45 -73.60
N PRO B 809 17.14 -10.18 -74.40
CA PRO B 809 15.85 -10.68 -73.92
C PRO B 809 16.02 -11.59 -72.71
N PRO B 810 15.00 -11.71 -71.87
CA PRO B 810 15.17 -12.45 -70.61
C PRO B 810 15.59 -13.90 -70.85
N GLY B 811 16.43 -14.40 -69.96
CA GLY B 811 16.87 -15.77 -70.00
C GLY B 811 15.94 -16.69 -69.22
N SER B 812 16.34 -17.96 -69.13
CA SER B 812 15.50 -18.95 -68.46
C SER B 812 15.27 -18.58 -67.00
N LEU B 813 16.34 -18.23 -66.29
CA LEU B 813 16.21 -17.90 -64.88
C LEU B 813 15.34 -16.67 -64.68
N GLU B 814 15.47 -15.66 -65.54
CA GLU B 814 14.65 -14.48 -65.41
C GLU B 814 13.18 -14.80 -65.63
N LEU B 815 12.89 -15.66 -66.60
CA LEU B 815 11.50 -16.08 -66.81
C LEU B 815 10.97 -16.85 -65.61
N LEU B 816 11.80 -17.71 -65.02
CA LEU B 816 11.39 -18.39 -63.80
C LEU B 816 11.07 -17.39 -62.71
N LEU B 817 11.88 -16.34 -62.58
CA LEU B 817 11.61 -15.32 -61.58
C LEU B 817 10.29 -14.62 -61.88
N TYR B 818 10.02 -14.33 -63.15
CA TYR B 818 8.74 -13.70 -63.50
C TYR B 818 7.57 -14.59 -63.08
N PHE B 819 7.67 -15.88 -63.37
CA PHE B 819 6.60 -16.80 -63.00
C PHE B 819 6.44 -16.87 -61.49
N TRP B 820 7.54 -16.90 -60.77
CA TRP B 820 7.49 -16.94 -59.31
C TRP B 820 6.81 -15.69 -58.76
N ALA B 821 7.17 -14.52 -59.28
CA ALA B 821 6.52 -13.29 -58.83
C ALA B 821 5.05 -13.30 -59.18
N PHE B 822 4.70 -13.87 -60.33
CA PHE B 822 3.29 -13.98 -60.68
C PHE B 822 2.53 -14.84 -59.68
N THR B 823 3.14 -15.96 -59.26
CA THR B 823 2.48 -16.79 -58.26
C THR B 823 2.32 -16.05 -56.95
N LEU B 824 3.33 -15.27 -56.56
CA LEU B 824 3.18 -14.45 -55.36
C LEU B 824 2.04 -13.46 -55.50
N LEU B 825 1.92 -12.85 -56.68
CA LEU B 825 0.80 -11.93 -56.91
C LEU B 825 -0.53 -12.65 -56.79
N CYS B 826 -0.63 -13.85 -57.36
CA CYS B 826 -1.86 -14.62 -57.24
C CYS B 826 -2.17 -14.94 -55.79
N GLU B 827 -1.15 -15.27 -55.00
CA GLU B 827 -1.38 -15.57 -53.59
C GLU B 827 -1.89 -14.34 -52.85
N GLU B 828 -1.31 -13.17 -53.13
CA GLU B 828 -1.81 -11.96 -52.48
C GLU B 828 -3.25 -11.68 -52.91
N LEU B 829 -3.55 -11.91 -54.19
CA LEU B 829 -4.91 -11.74 -54.67
C LEU B 829 -5.87 -12.65 -53.93
N ARG B 830 -5.48 -13.92 -53.74
CA ARG B 830 -6.32 -14.85 -52.99
C ARG B 830 -6.53 -14.37 -51.56
N GLN B 831 -5.45 -13.92 -50.91
CA GLN B 831 -5.58 -13.46 -49.53
C GLN B 831 -6.56 -12.30 -49.44
N GLY B 832 -6.43 -11.33 -50.35
CA GLY B 832 -7.34 -10.19 -50.33
C GLY B 832 -8.76 -10.57 -50.68
N LEU B 833 -8.92 -11.49 -51.62
CA LEU B 833 -10.25 -11.80 -52.14
C LEU B 833 -11.07 -12.60 -51.13
N SER B 834 -10.46 -13.60 -50.50
CA SER B 834 -11.14 -14.46 -49.53
C SER B 834 -10.48 -14.24 -48.18
N GLY B 835 -10.98 -13.26 -47.44
CA GLY B 835 -10.44 -12.95 -46.13
C GLY B 835 -10.86 -11.58 -45.64
N SER B 851 -19.52 -8.49 -49.57
CA SER B 851 -18.68 -7.57 -48.79
C SER B 851 -17.33 -7.40 -49.46
N LEU B 852 -17.33 -7.41 -50.80
CA LEU B 852 -16.06 -7.35 -51.53
C LEU B 852 -15.23 -6.16 -51.07
N SER B 853 -15.82 -4.96 -51.03
CA SER B 853 -15.09 -3.79 -50.57
C SER B 853 -14.68 -3.95 -49.11
N GLN B 854 -15.56 -4.52 -48.28
CA GLN B 854 -15.24 -4.70 -46.87
C GLN B 854 -14.00 -5.57 -46.68
N ARG B 855 -14.01 -6.75 -47.31
CA ARG B 855 -12.87 -7.65 -47.14
C ARG B 855 -11.62 -7.11 -47.82
N LEU B 856 -11.78 -6.39 -48.93
CA LEU B 856 -10.64 -5.75 -49.56
C LEU B 856 -9.98 -4.76 -48.62
N ARG B 857 -10.79 -3.92 -47.96
CA ARG B 857 -10.24 -2.98 -46.99
C ARG B 857 -9.61 -3.71 -45.82
N LEU B 858 -10.25 -4.78 -45.35
CA LEU B 858 -9.68 -5.55 -44.24
C LEU B 858 -8.31 -6.08 -44.60
N TYR B 859 -8.16 -6.63 -45.79
CA TYR B 859 -6.86 -7.12 -46.24
C TYR B 859 -5.86 -5.98 -46.35
N LEU B 860 -6.24 -4.90 -47.04
CA LEU B 860 -5.33 -3.79 -47.26
C LEU B 860 -4.96 -3.07 -45.98
N ALA B 861 -5.67 -3.32 -44.88
CA ALA B 861 -5.37 -2.64 -43.62
C ALA B 861 -4.10 -3.14 -42.98
N ASP B 862 -3.67 -4.37 -43.27
CA ASP B 862 -2.48 -4.92 -42.65
C ASP B 862 -1.22 -4.32 -43.27
N SER B 863 -0.26 -3.98 -42.43
CA SER B 863 0.98 -3.38 -42.92
C SER B 863 1.74 -4.34 -43.82
N TRP B 864 1.81 -5.62 -43.43
CA TRP B 864 2.55 -6.58 -44.23
C TRP B 864 1.95 -6.74 -45.61
N ASN B 865 0.62 -6.72 -45.71
CA ASN B 865 -0.01 -6.80 -47.02
C ASN B 865 0.32 -5.56 -47.84
N GLN B 866 0.38 -4.40 -47.21
CA GLN B 866 0.79 -3.20 -47.93
C GLN B 866 2.21 -3.34 -48.46
N CYS B 867 3.10 -3.88 -47.64
CA CYS B 867 4.48 -4.09 -48.08
C CYS B 867 4.53 -5.04 -49.27
N ASP B 868 3.78 -6.14 -49.20
CA ASP B 868 3.75 -7.08 -50.32
C ASP B 868 3.21 -6.42 -51.57
N LEU B 869 2.16 -5.62 -51.43
CA LEU B 869 1.55 -4.98 -52.59
C LEU B 869 2.52 -4.00 -53.24
N VAL B 870 3.22 -3.20 -52.42
CA VAL B 870 4.16 -2.24 -52.99
C VAL B 870 5.32 -2.97 -53.66
N ALA B 871 5.79 -4.06 -53.04
CA ALA B 871 6.87 -4.83 -53.65
C ALA B 871 6.45 -5.36 -55.02
N LEU B 872 5.26 -5.93 -55.10
CA LEU B 872 4.80 -6.50 -56.36
C LEU B 872 4.56 -5.42 -57.40
N THR B 873 4.04 -4.27 -56.99
CA THR B 873 3.87 -3.17 -57.92
C THR B 873 5.21 -2.71 -58.49
N CYS B 874 6.21 -2.57 -57.61
CA CYS B 874 7.54 -2.18 -58.09
C CYS B 874 8.11 -3.24 -59.02
N PHE B 875 7.87 -4.51 -58.72
CA PHE B 875 8.36 -5.57 -59.59
C PHE B 875 7.74 -5.48 -60.97
N LEU B 876 6.42 -5.28 -61.02
CA LEU B 876 5.76 -5.16 -62.32
C LEU B 876 6.30 -3.95 -63.09
N LEU B 877 6.46 -2.82 -62.40
CA LEU B 877 6.98 -1.63 -63.05
C LEU B 877 8.38 -1.88 -63.60
N GLY B 878 9.23 -2.53 -62.80
CA GLY B 878 10.58 -2.79 -63.25
C GLY B 878 10.63 -3.73 -64.45
N VAL B 879 9.81 -4.78 -64.44
CA VAL B 879 9.78 -5.68 -65.58
C VAL B 879 9.30 -4.95 -66.82
N GLY B 880 8.25 -4.14 -66.67
CA GLY B 880 7.77 -3.39 -67.81
C GLY B 880 8.83 -2.47 -68.38
N CYS B 881 9.53 -1.75 -67.51
CA CYS B 881 10.59 -0.86 -67.98
C CYS B 881 11.71 -1.65 -68.66
N ARG B 882 12.07 -2.80 -68.09
CA ARG B 882 13.14 -3.60 -68.67
C ARG B 882 12.78 -4.07 -70.08
N LEU B 883 11.54 -4.53 -70.26
CA LEU B 883 11.16 -5.06 -71.57
C LEU B 883 11.19 -3.97 -72.63
N THR B 884 10.86 -2.74 -72.26
CA THR B 884 10.90 -1.65 -73.22
C THR B 884 12.33 -1.44 -73.71
N PRO B 885 12.55 -1.20 -75.00
CA PRO B 885 13.94 -1.11 -75.49
C PRO B 885 14.75 -0.01 -74.83
N GLY B 886 14.15 1.13 -74.53
CA GLY B 886 14.91 2.28 -74.10
C GLY B 886 15.07 2.44 -72.61
N LEU B 887 14.28 1.73 -71.82
CA LEU B 887 14.23 1.91 -70.37
C LEU B 887 14.87 0.74 -69.63
N TYR B 888 15.94 0.18 -70.17
CA TYR B 888 16.58 -0.96 -69.52
C TYR B 888 17.19 -0.55 -68.18
N HIS B 889 17.99 0.51 -68.17
CA HIS B 889 18.65 0.91 -66.93
C HIS B 889 17.64 1.31 -65.87
N LEU B 890 16.58 2.02 -66.27
CA LEU B 890 15.55 2.38 -65.31
C LEU B 890 14.90 1.15 -64.71
N GLY B 891 14.62 0.15 -65.54
CA GLY B 891 14.06 -1.09 -65.02
C GLY B 891 15.00 -1.77 -64.04
N ARG B 892 16.30 -1.81 -64.37
CA ARG B 892 17.25 -2.42 -63.45
C ARG B 892 17.27 -1.69 -62.12
N THR B 893 17.26 -0.37 -62.15
CA THR B 893 17.26 0.39 -60.90
C THR B 893 16.00 0.13 -60.08
N VAL B 894 14.85 0.11 -60.74
CA VAL B 894 13.60 -0.14 -60.03
C VAL B 894 13.64 -1.51 -59.39
N LEU B 895 14.14 -2.52 -60.12
CA LEU B 895 14.24 -3.86 -59.54
C LEU B 895 15.24 -3.90 -58.40
N CYS B 896 16.32 -3.13 -58.48
CA CYS B 896 17.27 -3.08 -57.37
C CYS B 896 16.61 -2.59 -56.10
N ILE B 897 15.78 -1.54 -56.21
CA ILE B 897 15.06 -1.07 -55.02
C ILE B 897 14.00 -2.09 -54.60
N ASP B 898 13.34 -2.72 -55.57
CA ASP B 898 12.32 -3.70 -55.26
C ASP B 898 12.91 -4.87 -54.48
N PHE B 899 14.17 -5.19 -54.71
CA PHE B 899 14.80 -6.26 -53.94
C PHE B 899 14.86 -5.90 -52.46
N MET B 900 15.20 -4.65 -52.16
CA MET B 900 15.17 -4.22 -50.76
C MET B 900 13.76 -4.33 -50.21
N VAL B 901 12.78 -3.90 -50.99
CA VAL B 901 11.40 -3.97 -50.50
C VAL B 901 11.01 -5.42 -50.19
N PHE B 902 11.37 -6.34 -51.08
CA PHE B 902 11.06 -7.75 -50.84
C PHE B 902 11.80 -8.28 -49.62
N THR B 903 13.07 -7.94 -49.47
CA THR B 903 13.86 -8.49 -48.37
C THR B 903 13.34 -8.01 -47.04
N VAL B 904 12.82 -6.78 -46.97
CA VAL B 904 12.31 -6.28 -45.70
C VAL B 904 11.18 -7.16 -45.19
N ARG B 905 10.49 -7.88 -46.08
CA ARG B 905 9.39 -8.73 -45.64
C ARG B 905 9.84 -9.85 -44.72
N LEU B 906 11.12 -10.22 -44.75
CA LEU B 906 11.58 -11.30 -43.89
C LEU B 906 11.42 -10.97 -42.42
N LEU B 907 11.30 -9.70 -42.05
CA LEU B 907 11.09 -9.35 -40.66
C LEU B 907 9.83 -9.99 -40.10
N HIS B 908 8.86 -10.32 -40.96
CA HIS B 908 7.65 -10.96 -40.50
C HIS B 908 7.92 -12.29 -39.82
N ILE B 909 9.05 -12.92 -40.09
CA ILE B 909 9.36 -14.21 -39.49
C ILE B 909 9.42 -14.09 -37.98
N PHE B 910 10.04 -13.04 -37.48
CA PHE B 910 10.24 -12.91 -36.04
C PHE B 910 8.94 -12.65 -35.28
N THR B 911 7.84 -12.38 -35.98
CA THR B 911 6.57 -12.18 -35.28
C THR B 911 6.03 -13.47 -34.67
N VAL B 912 6.62 -14.62 -34.98
CA VAL B 912 6.13 -15.87 -34.43
C VAL B 912 6.86 -16.24 -33.15
N ASN B 913 8.12 -15.85 -33.01
CA ASN B 913 8.86 -16.19 -31.81
C ASN B 913 8.27 -15.51 -30.58
N LYS B 914 8.31 -16.20 -29.45
CA LYS B 914 7.70 -15.68 -28.24
C LYS B 914 8.43 -14.43 -27.75
N GLN B 915 9.71 -14.26 -28.08
CA GLN B 915 10.49 -13.13 -27.63
C GLN B 915 10.63 -12.03 -28.68
N LEU B 916 10.70 -12.39 -29.95
CA LEU B 916 11.00 -11.39 -30.98
C LEU B 916 9.79 -10.56 -31.38
N GLY B 917 8.59 -11.11 -31.32
CA GLY B 917 7.42 -10.40 -31.76
C GLY B 917 7.17 -9.12 -30.97
N PRO B 918 7.20 -9.22 -29.65
CA PRO B 918 7.10 -8.00 -28.84
C PRO B 918 8.18 -7.00 -29.16
N LYS B 919 9.39 -7.49 -29.45
CA LYS B 919 10.48 -6.60 -29.82
C LYS B 919 10.15 -5.83 -31.09
N ILE B 920 9.58 -6.53 -32.09
CA ILE B 920 9.24 -5.85 -33.33
C ILE B 920 8.13 -4.83 -33.09
N VAL B 921 7.17 -5.14 -32.22
CA VAL B 921 6.13 -4.16 -31.91
C VAL B 921 6.75 -2.92 -31.29
N ILE B 922 7.64 -3.11 -30.32
CA ILE B 922 8.27 -1.96 -29.68
C ILE B 922 9.07 -1.16 -30.70
N VAL B 923 9.78 -1.84 -31.59
CA VAL B 923 10.52 -1.16 -32.64
C VAL B 923 9.58 -0.30 -33.46
N SER B 924 8.42 -0.85 -33.84
CA SER B 924 7.46 -0.05 -34.59
C SER B 924 7.03 1.17 -33.80
N LYS B 925 7.01 1.08 -32.47
CA LYS B 925 6.61 2.22 -31.67
C LYS B 925 7.72 3.24 -31.45
N MET B 926 8.98 2.90 -31.73
CA MET B 926 10.09 3.84 -31.56
C MET B 926 10.13 4.97 -32.60
N MET B 927 9.19 5.01 -33.53
CA MET B 927 9.35 5.91 -34.67
C MET B 927 9.20 7.38 -34.29
N LYS B 928 8.45 7.68 -33.22
CA LYS B 928 8.37 9.07 -32.80
C LYS B 928 9.72 9.60 -32.35
N ASP B 929 10.44 8.81 -31.56
CA ASP B 929 11.79 9.20 -31.16
C ASP B 929 12.69 9.31 -32.39
N VAL B 930 12.56 8.38 -33.32
CA VAL B 930 13.38 8.45 -34.53
C VAL B 930 13.14 9.76 -35.27
N PHE B 931 11.87 10.15 -35.41
CA PHE B 931 11.55 11.38 -36.14
C PHE B 931 12.05 12.61 -35.39
N PHE B 932 11.93 12.62 -34.06
CA PHE B 932 12.47 13.74 -33.31
C PHE B 932 13.96 13.89 -33.58
N PHE B 933 14.70 12.78 -33.50
CA PHE B 933 16.12 12.85 -33.77
C PHE B 933 16.40 13.33 -35.18
N LEU B 934 15.66 12.82 -36.16
CA LEU B 934 15.91 13.21 -37.55
C LEU B 934 15.67 14.70 -37.76
N PHE B 935 14.58 15.24 -37.19
CA PHE B 935 14.31 16.65 -37.37
C PHE B 935 15.38 17.51 -36.71
N PHE B 936 15.78 17.15 -35.49
CA PHE B 936 16.84 17.89 -34.82
C PHE B 936 18.12 17.87 -35.64
N LEU B 937 18.49 16.68 -36.12
CA LEU B 937 19.72 16.54 -36.88
C LEU B 937 19.64 17.29 -38.20
N GLY B 938 18.48 17.30 -38.84
CA GLY B 938 18.35 18.04 -40.07
C GLY B 938 18.54 19.53 -39.87
N VAL B 939 17.93 20.07 -38.82
CA VAL B 939 18.11 21.49 -38.52
C VAL B 939 19.59 21.78 -38.27
N TRP B 940 20.23 20.96 -37.45
CA TRP B 940 21.64 21.20 -37.13
C TRP B 940 22.52 21.08 -38.36
N LEU B 941 22.27 20.08 -39.20
CA LEU B 941 23.07 19.90 -40.40
C LEU B 941 22.90 21.09 -41.34
N VAL B 942 21.67 21.55 -41.55
CA VAL B 942 21.48 22.69 -42.41
C VAL B 942 22.28 23.88 -41.88
N ALA B 943 22.12 24.19 -40.60
CA ALA B 943 22.81 25.35 -40.04
C ALA B 943 24.32 25.24 -40.22
N TYR B 944 24.89 24.13 -39.75
CA TYR B 944 26.35 23.99 -39.77
C TYR B 944 26.88 23.94 -41.19
N GLY B 945 26.24 23.15 -42.06
CA GLY B 945 26.74 23.02 -43.41
C GLY B 945 26.70 24.33 -44.17
N VAL B 946 25.60 25.07 -44.05
CA VAL B 946 25.53 26.34 -44.75
C VAL B 946 26.55 27.32 -44.19
N ALA B 947 26.73 27.35 -42.87
CA ALA B 947 27.71 28.25 -42.30
C ALA B 947 29.10 27.93 -42.81
N THR B 948 29.47 26.65 -42.80
CA THR B 948 30.80 26.27 -43.26
C THR B 948 30.99 26.56 -44.74
N GLU B 949 29.98 26.26 -45.56
CA GLU B 949 30.08 26.53 -46.98
C GLU B 949 30.24 28.02 -47.23
N GLY B 950 29.53 28.85 -46.48
CA GLY B 950 29.68 30.29 -46.64
C GLY B 950 31.06 30.77 -46.22
N LEU B 951 31.59 30.21 -45.13
CA LEU B 951 32.91 30.64 -44.68
C LEU B 951 34.00 30.25 -45.66
N LEU B 952 33.93 29.04 -46.20
CA LEU B 952 35.00 28.56 -47.08
C LEU B 952 35.00 29.28 -48.42
N ARG B 953 33.82 29.55 -48.96
CA ARG B 953 33.69 30.19 -50.26
C ARG B 953 34.40 29.38 -51.35
N PRO B 954 34.15 28.09 -51.47
CA PRO B 954 34.78 27.32 -52.55
C PRO B 954 34.37 27.89 -53.90
N ARG B 955 35.29 27.82 -54.85
CA ARG B 955 35.07 28.43 -56.16
C ARG B 955 34.37 27.52 -57.14
N ASP B 956 34.05 26.28 -56.76
CA ASP B 956 33.21 25.45 -57.62
C ASP B 956 31.85 26.08 -57.80
N SER B 957 31.19 26.41 -56.69
CA SER B 957 29.91 27.13 -56.72
C SER B 957 28.94 26.49 -57.71
N ASP B 958 28.92 25.16 -57.73
CA ASP B 958 28.02 24.41 -58.59
C ASP B 958 26.93 23.80 -57.72
N PHE B 959 25.69 23.89 -58.18
CA PHE B 959 24.57 23.52 -57.32
C PHE B 959 24.67 22.09 -56.80
N PRO B 960 24.94 21.07 -57.61
CA PRO B 960 25.18 19.75 -57.02
C PRO B 960 26.34 19.74 -56.05
N SER B 961 27.43 20.44 -56.38
CA SER B 961 28.57 20.50 -55.46
C SER B 961 28.20 21.21 -54.17
N ILE B 962 27.44 22.30 -54.28
CA ILE B 962 27.02 23.03 -53.09
C ILE B 962 26.18 22.13 -52.20
N LEU B 963 25.22 21.42 -52.79
CA LEU B 963 24.40 20.52 -51.99
C LEU B 963 25.25 19.42 -51.37
N ARG B 964 26.21 18.89 -52.11
CA ARG B 964 27.10 17.87 -51.55
C ARG B 964 27.80 18.41 -50.32
N ARG B 965 28.49 19.53 -50.45
CA ARG B 965 29.26 20.08 -49.34
C ARG B 965 28.36 20.56 -48.20
N VAL B 966 27.09 20.85 -48.47
CA VAL B 966 26.22 21.36 -47.43
C VAL B 966 25.54 20.25 -46.64
N PHE B 967 25.23 19.12 -47.29
CA PHE B 967 24.51 18.05 -46.62
C PHE B 967 25.31 16.76 -46.50
N TYR B 968 25.88 16.27 -47.60
CA TYR B 968 26.49 14.95 -47.60
C TYR B 968 27.72 14.92 -46.71
N ARG B 969 28.64 15.85 -46.91
CA ARG B 969 29.88 15.82 -46.14
C ARG B 969 29.63 16.02 -44.65
N PRO B 970 28.89 17.04 -44.21
CA PRO B 970 28.59 17.12 -42.77
C PRO B 970 27.90 15.88 -42.24
N TYR B 971 27.03 15.29 -43.04
CA TYR B 971 26.36 14.06 -42.60
C TYR B 971 27.37 12.95 -42.38
N LEU B 972 28.27 12.75 -43.33
CA LEU B 972 29.26 11.69 -43.18
C LEU B 972 30.20 11.96 -42.02
N GLN B 973 30.39 13.23 -41.65
CA GLN B 973 31.23 13.52 -40.49
C GLN B 973 30.66 12.89 -39.22
N ILE B 974 29.36 12.62 -39.17
CA ILE B 974 28.77 12.00 -38.00
C ILE B 974 29.31 10.58 -37.80
N PHE B 975 29.87 9.99 -38.84
CA PHE B 975 30.31 8.60 -38.81
C PHE B 975 31.81 8.48 -38.99
N GLY B 976 32.56 9.42 -38.44
CA GLY B 976 34.00 9.33 -38.42
C GLY B 976 34.69 9.71 -39.71
N GLN B 977 33.97 10.19 -40.72
CA GLN B 977 34.55 10.57 -41.99
C GLN B 977 34.77 12.09 -41.98
N ILE B 978 35.86 12.50 -41.34
CA ILE B 978 36.17 13.92 -41.17
C ILE B 978 37.28 14.29 -42.13
N PRO B 979 36.98 15.01 -43.22
CA PRO B 979 38.03 15.40 -44.18
C PRO B 979 38.74 16.70 -43.81
N GLN B 980 39.66 16.61 -42.85
CA GLN B 980 40.34 17.80 -42.39
C GLN B 980 41.07 18.50 -43.52
N GLU B 981 41.61 17.76 -44.47
CA GLU B 981 42.37 18.37 -45.56
C GLU B 981 41.50 19.28 -46.41
N ASP B 982 40.20 19.06 -46.44
CA ASP B 982 39.30 19.85 -47.27
C ASP B 982 38.69 21.03 -46.52
N MET B 983 38.98 21.18 -45.25
CA MET B 983 38.40 22.26 -44.45
C MET B 983 39.44 23.08 -43.72
N ASP B 984 40.51 22.46 -43.24
CA ASP B 984 41.52 23.14 -42.46
C ASP B 984 42.58 23.71 -43.40
N VAL B 985 42.83 25.02 -43.30
CA VAL B 985 43.79 25.66 -44.19
C VAL B 985 45.21 25.28 -43.81
N ALA B 986 45.46 24.96 -42.54
CA ALA B 986 46.80 24.58 -42.14
C ALA B 986 47.29 23.33 -42.87
N LEU B 987 46.37 22.52 -43.41
CA LEU B 987 46.73 21.28 -44.07
C LEU B 987 46.70 21.39 -45.59
N MET B 988 46.58 22.60 -46.14
CA MET B 988 46.44 22.79 -47.57
C MET B 988 47.59 23.66 -48.06
N GLU B 989 47.64 23.83 -49.38
CA GLU B 989 48.70 24.58 -50.04
C GLU B 989 48.18 25.96 -50.43
N HIS B 990 48.87 27.00 -49.97
CA HIS B 990 48.45 28.35 -50.31
C HIS B 990 48.74 28.63 -51.78
N SER B 991 47.77 29.26 -52.45
CA SER B 991 47.92 29.57 -53.86
C SER B 991 47.00 30.73 -54.19
N ASN B 992 47.36 31.45 -55.26
CA ASN B 992 46.57 32.58 -55.74
C ASN B 992 45.66 32.14 -56.88
N CYS B 993 44.72 31.25 -56.54
CA CYS B 993 43.80 30.70 -57.54
C CYS B 993 42.88 31.79 -58.09
N SER B 994 42.23 32.52 -57.20
CA SER B 994 41.14 33.43 -57.58
C SER B 994 41.64 34.87 -57.61
N SER B 995 41.16 35.62 -58.60
CA SER B 995 41.53 37.03 -58.71
C SER B 995 40.91 37.88 -57.62
N GLU B 996 39.90 37.38 -56.93
CA GLU B 996 39.25 38.16 -55.90
C GLU B 996 40.25 38.45 -54.77
N PRO B 997 40.14 39.60 -54.11
CA PRO B 997 41.10 39.92 -53.06
C PRO B 997 41.00 38.95 -51.89
N GLY B 998 42.13 38.73 -51.24
CA GLY B 998 42.23 37.84 -50.11
C GLY B 998 43.24 36.75 -50.35
N PHE B 999 43.29 35.79 -49.42
CA PHE B 999 44.18 34.65 -49.50
C PHE B 999 43.35 33.39 -49.72
N TRP B 1000 43.90 32.45 -50.49
CA TRP B 1000 43.18 31.26 -50.87
C TRP B 1000 44.09 30.05 -50.74
N ALA B 1001 43.48 28.89 -50.50
CA ALA B 1001 44.20 27.64 -50.40
C ALA B 1001 43.57 26.63 -51.35
N HIS B 1002 44.34 25.62 -51.72
CA HIS B 1002 43.89 24.62 -52.69
C HIS B 1002 43.65 23.29 -52.01
N PRO B 1003 42.40 22.91 -51.74
CA PRO B 1003 42.15 21.60 -51.16
C PRO B 1003 42.54 20.50 -52.13
N PRO B 1004 42.99 19.35 -51.62
CA PRO B 1004 43.26 18.22 -52.52
C PRO B 1004 42.04 17.41 -52.89
N GLY B 1005 40.93 17.57 -52.19
CA GLY B 1005 39.77 16.76 -52.46
C GLY B 1005 39.20 17.00 -53.84
N ALA B 1006 38.61 15.94 -54.40
CA ALA B 1006 38.02 16.05 -55.74
C ALA B 1006 36.80 16.96 -55.74
N GLN B 1007 35.90 16.77 -54.78
CA GLN B 1007 34.68 17.54 -54.68
C GLN B 1007 34.71 18.51 -53.50
N ALA B 1008 35.89 19.04 -53.18
CA ALA B 1008 36.07 19.96 -52.07
C ALA B 1008 36.15 21.41 -52.51
N GLY B 1009 35.88 21.69 -53.79
CA GLY B 1009 36.04 23.03 -54.31
C GLY B 1009 37.45 23.24 -54.82
N THR B 1010 37.60 23.95 -55.93
CA THR B 1010 38.92 24.13 -56.50
C THR B 1010 39.85 24.84 -55.52
N CYS B 1011 39.36 25.88 -54.85
CA CYS B 1011 40.13 26.54 -53.82
C CYS B 1011 39.17 27.26 -52.89
N VAL B 1012 39.54 27.35 -51.62
CA VAL B 1012 38.66 27.90 -50.59
C VAL B 1012 39.35 29.09 -49.94
N SER B 1013 38.55 30.07 -49.54
CA SER B 1013 39.06 31.21 -48.81
C SER B 1013 39.60 30.77 -47.45
N GLN B 1014 40.62 31.47 -46.98
CA GLN B 1014 41.22 31.18 -45.68
C GLN B 1014 41.13 32.39 -44.75
N TYR B 1015 40.09 33.21 -44.91
CA TYR B 1015 40.01 34.44 -44.13
C TYR B 1015 39.97 34.13 -42.64
N ALA B 1016 38.91 33.47 -42.18
CA ALA B 1016 38.79 33.04 -40.79
C ALA B 1016 38.58 31.54 -40.83
N ASN B 1017 39.68 30.79 -40.88
CA ASN B 1017 39.58 29.35 -40.92
C ASN B 1017 39.53 28.75 -39.52
N TRP B 1018 40.11 29.45 -38.53
CA TRP B 1018 39.95 29.02 -37.15
C TRP B 1018 38.47 28.91 -36.80
N LEU B 1019 37.63 29.77 -37.38
CA LEU B 1019 36.21 29.70 -37.13
C LEU B 1019 35.61 28.44 -37.76
N VAL B 1020 36.09 28.05 -38.94
CA VAL B 1020 35.62 26.81 -39.54
C VAL B 1020 35.98 25.63 -38.66
N VAL B 1021 37.21 25.63 -38.13
CA VAL B 1021 37.63 24.53 -37.25
C VAL B 1021 36.79 24.54 -35.98
N LEU B 1022 36.49 25.71 -35.44
CA LEU B 1022 35.67 25.78 -34.23
C LEU B 1022 34.26 25.27 -34.50
N LEU B 1023 33.69 25.61 -35.65
CA LEU B 1023 32.38 25.08 -36.01
C LEU B 1023 32.44 23.57 -36.16
N LEU B 1024 33.52 23.05 -36.73
CA LEU B 1024 33.67 21.61 -36.82
C LEU B 1024 33.70 20.98 -35.44
N VAL B 1025 34.42 21.60 -34.50
CA VAL B 1025 34.49 21.07 -33.14
C VAL B 1025 33.10 21.03 -32.52
N ILE B 1026 32.37 22.14 -32.62
CA ILE B 1026 31.05 22.20 -32.01
C ILE B 1026 30.11 21.21 -32.67
N PHE B 1027 30.18 21.07 -33.99
CA PHE B 1027 29.32 20.14 -34.69
C PHE B 1027 29.61 18.71 -34.27
N LEU B 1028 30.88 18.34 -34.23
CA LEU B 1028 31.22 17.01 -33.77
C LEU B 1028 30.64 16.77 -32.37
N LEU B 1029 30.92 17.68 -31.45
CA LEU B 1029 30.35 17.54 -30.11
C LEU B 1029 28.87 17.27 -30.20
N VAL B 1030 28.11 18.23 -30.69
CA VAL B 1030 26.65 18.15 -30.66
C VAL B 1030 26.22 16.86 -31.33
N ALA B 1031 26.45 16.74 -32.63
CA ALA B 1031 25.93 15.62 -33.39
C ALA B 1031 26.39 14.29 -32.80
N ASN B 1032 27.70 14.04 -32.80
CA ASN B 1032 28.17 12.71 -32.45
C ASN B 1032 27.80 12.34 -31.02
N ILE B 1033 27.96 13.25 -30.06
CA ILE B 1033 27.80 12.87 -28.67
C ILE B 1033 26.39 13.19 -28.19
N LEU B 1034 26.02 14.48 -28.18
CA LEU B 1034 24.81 14.87 -27.48
C LEU B 1034 23.56 14.29 -28.13
N LEU B 1035 23.42 14.48 -29.44
CA LEU B 1035 22.21 14.00 -30.11
C LEU B 1035 22.12 12.48 -30.07
N VAL B 1036 23.22 11.78 -30.32
CA VAL B 1036 23.16 10.33 -30.34
C VAL B 1036 22.85 9.78 -28.96
N ASN B 1037 23.48 10.33 -27.92
CA ASN B 1037 23.18 9.86 -26.56
C ASN B 1037 21.76 10.22 -26.15
N LEU B 1038 21.26 11.37 -26.60
CA LEU B 1038 19.87 11.71 -26.33
C LEU B 1038 18.93 10.71 -26.99
N LEU B 1039 19.23 10.31 -28.22
CA LEU B 1039 18.42 9.30 -28.88
C LEU B 1039 18.47 7.98 -28.12
N ILE B 1040 19.65 7.61 -27.62
CA ILE B 1040 19.75 6.39 -26.83
C ILE B 1040 18.88 6.49 -25.59
N ALA B 1041 18.91 7.63 -24.91
CA ALA B 1041 18.09 7.80 -23.72
C ALA B 1041 16.61 7.72 -24.04
N MET B 1042 16.19 8.36 -25.13
CA MET B 1042 14.79 8.30 -25.52
C MET B 1042 14.37 6.88 -25.87
N PHE B 1043 15.22 6.15 -26.59
CA PHE B 1043 14.92 4.76 -26.89
C PHE B 1043 14.79 3.93 -25.63
N SER B 1044 15.70 4.14 -24.67
CA SER B 1044 15.63 3.37 -23.43
C SER B 1044 14.32 3.65 -22.71
N TYR B 1045 13.95 4.93 -22.59
CA TYR B 1045 12.72 5.26 -21.91
C TYR B 1045 11.52 4.63 -22.60
N THR B 1046 11.41 4.81 -23.92
CA THR B 1046 10.27 4.27 -24.63
C THR B 1046 10.21 2.76 -24.53
N PHE B 1047 11.34 2.09 -24.68
CA PHE B 1047 11.37 0.64 -24.58
C PHE B 1047 10.88 0.18 -23.22
N GLY B 1048 11.34 0.84 -22.16
CA GLY B 1048 10.86 0.47 -20.84
C GLY B 1048 9.41 0.80 -20.60
N LYS B 1049 8.87 1.77 -21.34
CA LYS B 1049 7.51 2.24 -21.06
C LYS B 1049 6.45 1.37 -21.75
N VAL B 1050 6.72 0.91 -22.96
CA VAL B 1050 5.68 0.26 -23.77
C VAL B 1050 5.92 -1.24 -23.85
N GLN B 1051 6.61 -1.80 -22.86
CA GLN B 1051 6.86 -3.24 -22.88
C GLN B 1051 5.57 -4.04 -22.74
N GLY B 1052 4.77 -3.74 -21.72
CA GLY B 1052 3.59 -4.54 -21.44
C GLY B 1052 2.55 -4.44 -22.53
N ASN B 1053 2.27 -3.22 -23.00
CA ASN B 1053 1.29 -3.05 -24.06
C ASN B 1053 1.73 -3.77 -25.33
N SER B 1054 3.01 -3.69 -25.67
CA SER B 1054 3.51 -4.40 -26.84
C SER B 1054 3.35 -5.90 -26.68
N ASP B 1055 3.65 -6.43 -25.50
CA ASP B 1055 3.48 -7.86 -25.29
C ASP B 1055 2.02 -8.27 -25.46
N LEU B 1056 1.11 -7.50 -24.87
CA LEU B 1056 -0.31 -7.81 -25.02
C LEU B 1056 -0.74 -7.75 -26.48
N TYR B 1057 -0.27 -6.73 -27.21
CA TYR B 1057 -0.65 -6.60 -28.61
C TYR B 1057 -0.14 -7.79 -29.42
N TRP B 1058 1.09 -8.23 -29.16
CA TRP B 1058 1.59 -9.39 -29.87
C TRP B 1058 0.76 -10.63 -29.54
N LYS B 1059 0.45 -10.84 -28.26
CA LYS B 1059 -0.36 -11.98 -27.89
C LYS B 1059 -1.72 -11.94 -28.56
N ALA B 1060 -2.26 -10.73 -28.77
CA ALA B 1060 -3.55 -10.61 -29.43
C ALA B 1060 -3.44 -10.95 -30.92
N GLN B 1061 -2.44 -10.38 -31.61
CA GLN B 1061 -2.34 -10.62 -33.05
C GLN B 1061 -1.82 -12.00 -33.39
N ARG B 1062 -1.34 -12.75 -32.39
CA ARG B 1062 -0.94 -14.13 -32.62
C ARG B 1062 -2.08 -14.93 -33.22
N TYR B 1063 -3.31 -14.66 -32.77
CA TYR B 1063 -4.47 -15.37 -33.32
C TYR B 1063 -4.64 -15.05 -34.79
N ARG B 1064 -4.50 -13.78 -35.17
CA ARG B 1064 -4.63 -13.42 -36.57
C ARG B 1064 -3.58 -14.13 -37.41
N LEU B 1065 -2.34 -14.17 -36.93
CA LEU B 1065 -1.30 -14.89 -37.66
C LEU B 1065 -1.68 -16.35 -37.84
N ILE B 1066 -2.07 -17.01 -36.76
CA ILE B 1066 -2.37 -18.44 -36.84
C ILE B 1066 -3.53 -18.70 -37.78
N ARG B 1067 -4.57 -17.88 -37.70
CA ARG B 1067 -5.71 -18.07 -38.59
C ARG B 1067 -5.32 -17.85 -40.03
N GLU B 1068 -4.47 -16.85 -40.30
CA GLU B 1068 -4.03 -16.61 -41.67
C GLU B 1068 -3.30 -17.82 -42.22
N PHE B 1069 -2.40 -18.39 -41.43
CA PHE B 1069 -1.65 -19.54 -41.93
C PHE B 1069 -2.44 -20.84 -41.85
N HIS B 1070 -3.60 -20.84 -41.21
CA HIS B 1070 -4.43 -22.03 -41.16
C HIS B 1070 -5.17 -22.27 -42.46
N SER B 1071 -5.47 -21.21 -43.21
CA SER B 1071 -6.26 -21.29 -44.41
C SER B 1071 -5.44 -21.22 -45.69
N ARG B 1072 -4.12 -21.01 -45.60
CA ARG B 1072 -3.31 -20.91 -46.79
C ARG B 1072 -3.17 -22.28 -47.45
N PRO B 1073 -2.93 -22.31 -48.76
CA PRO B 1073 -2.65 -23.59 -49.42
C PRO B 1073 -1.41 -24.24 -48.84
N ALA B 1074 -1.41 -25.57 -48.82
CA ALA B 1074 -0.32 -26.32 -48.21
C ALA B 1074 0.96 -26.26 -49.02
N LEU B 1075 0.92 -25.74 -50.24
CA LEU B 1075 2.09 -25.72 -51.12
C LEU B 1075 2.74 -24.34 -51.13
N ALA B 1076 4.02 -24.32 -51.50
CA ALA B 1076 4.81 -23.11 -51.50
C ALA B 1076 4.50 -22.25 -52.72
N PRO B 1077 4.85 -20.96 -52.66
CA PRO B 1077 4.50 -20.03 -53.74
C PRO B 1077 4.94 -20.51 -55.11
N PRO B 1078 6.15 -21.06 -55.27
CA PRO B 1078 6.53 -21.52 -56.61
C PRO B 1078 5.59 -22.56 -57.17
N PHE B 1079 5.07 -23.45 -56.32
CA PHE B 1079 4.11 -24.46 -56.73
C PHE B 1079 2.67 -24.11 -56.37
N ILE B 1080 2.46 -23.03 -55.61
CA ILE B 1080 1.13 -22.67 -55.17
C ILE B 1080 0.17 -22.48 -56.33
N VAL B 1081 0.68 -22.35 -57.55
CA VAL B 1081 -0.20 -22.23 -58.71
C VAL B 1081 -1.04 -23.49 -58.86
N ILE B 1082 -0.44 -24.66 -58.61
CA ILE B 1082 -1.17 -25.91 -58.76
C ILE B 1082 -2.31 -25.99 -57.76
N SER B 1083 -2.21 -25.29 -56.63
CA SER B 1083 -3.28 -25.28 -55.64
C SER B 1083 -4.27 -24.14 -55.86
N HIS B 1084 -3.82 -22.99 -56.35
CA HIS B 1084 -4.76 -21.96 -56.75
C HIS B 1084 -5.64 -22.44 -57.90
N LEU B 1085 -5.09 -23.30 -58.75
CA LEU B 1085 -5.91 -23.92 -59.79
C LEU B 1085 -6.99 -24.78 -59.16
N ARG B 1086 -6.64 -25.56 -58.14
CA ARG B 1086 -7.63 -26.37 -57.45
C ARG B 1086 -8.70 -25.50 -56.80
N LEU B 1087 -8.28 -24.41 -56.15
CA LEU B 1087 -9.27 -23.49 -55.59
C LEU B 1087 -10.13 -22.91 -56.69
N LEU B 1088 -9.53 -22.52 -57.81
CA LEU B 1088 -10.32 -22.21 -58.99
C LEU B 1088 -10.97 -23.50 -59.50
N LEU B 1089 -11.86 -23.36 -60.48
CA LEU B 1089 -12.65 -24.49 -60.95
C LEU B 1089 -13.47 -25.09 -59.81
N ARG B 1090 -13.96 -24.23 -58.92
CA ARG B 1090 -14.70 -24.68 -57.75
C ARG B 1090 -15.32 -23.49 -57.04
N LYS B 1115 -27.03 -31.38 -29.61
CA LYS B 1115 -26.48 -32.64 -29.13
C LYS B 1115 -26.60 -32.75 -27.63
N GLU B 1116 -26.22 -33.91 -27.09
CA GLU B 1116 -26.13 -34.09 -25.65
C GLU B 1116 -24.77 -33.68 -25.11
N ALA B 1117 -23.71 -33.86 -25.90
CA ALA B 1117 -22.38 -33.46 -25.45
C ALA B 1117 -22.31 -31.95 -25.25
N GLU B 1118 -22.92 -31.18 -26.16
CA GLU B 1118 -22.94 -29.74 -26.02
C GLU B 1118 -23.68 -29.32 -24.76
N ARG B 1119 -24.82 -29.96 -24.48
CA ARG B 1119 -25.57 -29.63 -23.27
C ARG B 1119 -24.75 -29.96 -22.03
N LYS B 1120 -24.06 -31.10 -22.04
CA LYS B 1120 -23.22 -31.46 -20.90
C LYS B 1120 -22.11 -30.43 -20.72
N LEU B 1121 -21.51 -29.99 -21.81
CA LEU B 1121 -20.46 -28.97 -21.73
C LEU B 1121 -21.00 -27.68 -21.13
N LEU B 1122 -22.18 -27.25 -21.57
CA LEU B 1122 -22.76 -26.03 -21.02
C LEU B 1122 -23.06 -26.19 -19.53
N THR B 1123 -23.57 -27.36 -19.14
CA THR B 1123 -23.84 -27.59 -17.72
C THR B 1123 -22.56 -27.50 -16.89
N TRP B 1124 -21.49 -28.11 -17.39
CA TRP B 1124 -20.21 -28.06 -16.68
C TRP B 1124 -19.70 -26.62 -16.60
N GLU B 1125 -19.85 -25.86 -17.67
CA GLU B 1125 -19.48 -24.45 -17.64
C GLU B 1125 -20.29 -23.70 -16.59
N SER B 1126 -21.59 -23.98 -16.50
CA SER B 1126 -22.42 -23.30 -15.53
C SER B 1126 -22.01 -23.65 -14.12
N VAL B 1127 -21.65 -24.92 -13.88
CA VAL B 1127 -21.16 -25.30 -12.56
C VAL B 1127 -19.93 -24.47 -12.20
N HIS B 1128 -19.00 -24.35 -13.14
CA HIS B 1128 -17.79 -23.58 -12.84
C HIS B 1128 -18.11 -22.11 -12.64
N LYS B 1129 -19.08 -21.57 -13.39
CA LYS B 1129 -19.47 -20.18 -13.19
C LYS B 1129 -20.04 -19.97 -11.81
N GLU B 1130 -20.90 -20.89 -11.36
CA GLU B 1130 -21.45 -20.79 -10.01
C GLU B 1130 -20.35 -20.83 -8.96
N ASN B 1131 -19.39 -21.74 -9.13
CA ASN B 1131 -18.29 -21.81 -8.16
C ASN B 1131 -17.51 -20.50 -8.15
N PHE B 1132 -17.23 -19.94 -9.33
CA PHE B 1132 -16.47 -18.70 -9.38
C PHE B 1132 -17.23 -17.55 -8.72
N LEU B 1133 -18.53 -17.45 -8.98
CA LEU B 1133 -19.31 -16.39 -8.37
C LEU B 1133 -19.36 -16.55 -6.85
N LEU B 1134 -19.53 -17.78 -6.37
CA LEU B 1134 -19.53 -17.99 -4.92
C LEU B 1134 -18.19 -17.61 -4.33
N ALA B 1135 -17.09 -17.96 -4.99
CA ALA B 1135 -15.78 -17.60 -4.48
C ALA B 1135 -15.63 -16.08 -4.39
N ARG B 1136 -16.05 -15.37 -5.43
CA ARG B 1136 -15.95 -13.91 -5.39
C ARG B 1136 -16.79 -13.34 -4.27
N ALA B 1137 -18.03 -13.82 -4.12
CA ALA B 1137 -18.90 -13.28 -3.09
C ALA B 1137 -18.32 -13.54 -1.71
N ARG B 1138 -17.83 -14.75 -1.46
CA ARG B 1138 -17.25 -15.06 -0.16
C ARG B 1138 -16.02 -14.20 0.10
N ASP B 1139 -15.15 -14.03 -0.90
CA ASP B 1139 -13.97 -13.21 -0.70
C ASP B 1139 -14.35 -11.77 -0.36
N LYS B 1140 -15.36 -11.23 -1.06
CA LYS B 1140 -15.80 -9.88 -0.73
C LYS B 1140 -16.37 -9.81 0.67
N ARG B 1141 -17.17 -10.80 1.06
CA ARG B 1141 -17.82 -10.76 2.37
C ARG B 1141 -16.79 -10.83 3.50
N GLU B 1142 -15.73 -11.60 3.30
CA GLU B 1142 -14.71 -11.76 4.33
C GLU B 1142 -13.67 -10.64 4.31
N SER B 1143 -13.79 -9.67 3.41
CA SER B 1143 -12.84 -8.58 3.36
C SER B 1143 -12.94 -7.72 4.62
N ASP B 1144 -11.86 -6.98 4.90
CA ASP B 1144 -11.82 -6.18 6.11
C ASP B 1144 -12.89 -5.09 6.09
N SER B 1145 -13.10 -4.44 4.96
CA SER B 1145 -14.08 -3.37 4.89
C SER B 1145 -15.48 -3.89 5.16
N GLU B 1146 -15.84 -5.01 4.53
CA GLU B 1146 -17.18 -5.56 4.74
C GLU B 1146 -17.36 -6.02 6.17
N ARG B 1147 -16.35 -6.65 6.75
CA ARG B 1147 -16.46 -7.08 8.15
C ARG B 1147 -16.61 -5.88 9.06
N LEU B 1148 -15.88 -4.81 8.80
CA LEU B 1148 -16.03 -3.59 9.59
C LEU B 1148 -17.43 -3.02 9.47
N LYS B 1149 -17.98 -3.03 8.25
CA LYS B 1149 -19.33 -2.53 8.07
C LYS B 1149 -20.34 -3.37 8.84
N ARG B 1150 -20.20 -4.69 8.78
CA ARG B 1150 -21.10 -5.56 9.53
C ARG B 1150 -20.98 -5.32 11.02
N THR B 1151 -19.74 -5.13 11.51
CA THR B 1151 -19.56 -4.84 12.92
C THR B 1151 -20.23 -3.53 13.30
N SER B 1152 -20.11 -2.52 12.45
CA SER B 1152 -20.77 -1.25 12.74
C SER B 1152 -22.28 -1.43 12.83
N GLN B 1153 -22.85 -2.18 11.88
CA GLN B 1153 -24.29 -2.41 11.91
C GLN B 1153 -24.70 -3.18 13.17
N LYS B 1154 -23.94 -4.19 13.54
CA LYS B 1154 -24.27 -4.96 14.73
C LYS B 1154 -24.14 -4.13 15.99
N VAL B 1155 -23.13 -3.25 16.04
CA VAL B 1155 -22.99 -2.35 17.18
C VAL B 1155 -24.18 -1.42 17.26
N ASP B 1156 -24.63 -0.90 16.12
CA ASP B 1156 -25.78 -0.02 16.13
C ASP B 1156 -27.02 -0.76 16.60
N LEU B 1157 -27.20 -2.01 16.15
CA LEU B 1157 -28.33 -2.80 16.60
C LEU B 1157 -28.27 -3.04 18.10
N ALA B 1158 -27.08 -3.38 18.61
CA ALA B 1158 -26.92 -3.57 20.05
C ALA B 1158 -27.24 -2.28 20.80
N LEU B 1159 -26.79 -1.15 20.28
CA LEU B 1159 -27.06 0.13 20.94
C LEU B 1159 -28.55 0.41 20.98
N LYS B 1160 -29.25 0.16 19.88
CA LYS B 1160 -30.68 0.41 19.87
C LYS B 1160 -31.39 -0.51 20.85
N GLN B 1161 -31.03 -1.79 20.88
CA GLN B 1161 -31.67 -2.70 21.83
C GLN B 1161 -31.34 -2.32 23.27
N LEU B 1162 -30.12 -1.81 23.50
CA LEU B 1162 -29.74 -1.40 24.84
C LEU B 1162 -30.56 -0.20 25.30
N GLY B 1163 -30.70 0.79 24.42
CA GLY B 1163 -31.59 1.91 24.75
C GLY B 1163 -33.00 1.45 24.99
N HIS B 1164 -33.47 0.49 24.19
CA HIS B 1164 -34.83 -0.02 24.35
C HIS B 1164 -35.02 -0.68 25.71
N ILE B 1165 -34.08 -1.55 26.09
CA ILE B 1165 -34.21 -2.26 27.36
C ILE B 1165 -34.06 -1.29 28.53
N ARG B 1166 -33.21 -0.27 28.39
CA ARG B 1166 -33.02 0.66 29.49
C ARG B 1166 -34.33 1.29 29.94
N GLU B 1167 -35.26 1.47 29.00
CA GLU B 1167 -36.57 2.02 29.33
C GLU B 1167 -37.38 0.99 30.11
N GLU C 7 12.70 40.03 31.65
CA GLU C 7 11.96 41.14 32.22
C GLU C 7 11.38 40.76 33.57
N GLN C 8 12.16 40.97 34.64
CA GLN C 8 11.75 40.64 35.98
C GLN C 8 11.98 41.75 37.00
N SER C 9 12.90 42.68 36.74
CA SER C 9 13.21 43.71 37.72
C SER C 9 11.99 44.54 38.08
N TRP C 10 11.00 44.59 37.21
CA TRP C 10 9.77 45.32 37.51
C TRP C 10 8.87 44.57 38.48
N ILE C 11 9.05 43.25 38.62
CA ILE C 11 8.21 42.49 39.54
C ILE C 11 8.35 42.98 40.98
N PRO C 12 9.56 43.16 41.52
CA PRO C 12 9.67 43.75 42.86
C PRO C 12 9.09 45.15 42.93
N LYS C 13 9.08 45.88 41.82
CA LYS C 13 8.63 47.27 41.85
C LYS C 13 7.16 47.37 42.23
N ILE C 14 6.32 46.47 41.70
CA ILE C 14 4.87 46.60 41.84
C ILE C 14 4.28 45.62 42.82
N PHE C 15 5.05 44.65 43.32
CA PHE C 15 4.55 43.66 44.26
C PHE C 15 5.28 43.78 45.59
N LYS C 16 4.56 43.58 46.68
CA LYS C 16 5.10 43.78 48.02
C LYS C 16 4.77 42.59 48.90
N LYS C 17 5.69 42.32 49.83
CA LYS C 17 5.51 41.37 50.91
C LYS C 17 5.34 42.12 52.23
N LYS C 18 4.90 41.38 53.24
CA LYS C 18 4.51 41.94 54.53
C LYS C 18 5.47 41.49 55.62
N THR C 19 5.68 42.38 56.61
CA THR C 19 6.62 42.07 57.71
C THR C 19 5.84 41.93 59.01
N CYS C 20 6.44 41.29 60.02
CA CYS C 20 5.77 41.16 61.33
C CYS C 20 5.55 42.54 61.94
N THR C 21 6.56 43.42 61.85
CA THR C 21 6.40 44.82 62.33
C THR C 21 5.99 44.85 63.78
N THR C 22 4.94 45.60 64.11
CA THR C 22 4.48 45.75 65.52
C THR C 22 4.25 44.40 66.18
N PHE C 23 4.52 44.32 67.48
CA PHE C 23 4.35 43.07 68.21
C PHE C 23 3.08 43.12 69.04
N ILE C 24 2.40 41.98 69.13
CA ILE C 24 1.24 41.81 69.99
C ILE C 24 1.35 40.47 70.69
N VAL C 25 1.16 40.46 72.00
CA VAL C 25 1.25 39.23 72.78
C VAL C 25 -0.03 38.42 72.61
N THR C 33 5.98 36.90 74.63
CA THR C 33 6.09 35.47 74.38
C THR C 33 5.98 35.18 72.88
N LEU C 34 4.75 35.14 72.38
CA LEU C 34 4.47 34.86 70.98
C LEU C 34 3.72 36.02 70.37
N CYS C 35 4.14 36.43 69.17
CA CYS C 35 3.43 37.49 68.45
C CYS C 35 2.06 37.02 68.04
N GLN C 36 1.12 37.96 68.00
CA GLN C 36 -0.14 37.71 67.30
C GLN C 36 0.08 37.58 65.80
N CYS C 37 1.27 37.92 65.31
CA CYS C 37 1.63 37.78 63.92
C CYS C 37 2.27 36.44 63.60
N GLY C 38 2.24 35.49 64.54
CA GLY C 38 2.72 34.15 64.29
C GLY C 38 4.21 33.95 64.50
N ARG C 39 4.95 35.01 64.79
CA ARG C 39 6.39 34.90 64.99
C ARG C 39 6.74 35.04 66.47
N PRO C 40 7.80 34.40 66.94
CA PRO C 40 8.19 34.56 68.34
C PRO C 40 8.57 36.00 68.65
N ARG C 41 8.25 36.43 69.87
CA ARG C 41 8.57 37.79 70.27
C ARG C 41 10.06 38.09 70.11
N THR C 42 10.92 37.07 70.31
CA THR C 42 12.35 37.29 70.19
C THR C 42 12.74 37.64 68.77
N ALA C 43 12.24 36.89 67.79
CA ALA C 43 12.63 37.08 66.39
C ALA C 43 11.74 38.15 65.76
N HIS C 44 11.92 39.37 66.25
CA HIS C 44 11.21 40.53 65.73
C HIS C 44 12.18 41.69 65.53
N PRO C 45 11.85 42.64 64.66
CA PRO C 45 12.72 43.80 64.48
C PRO C 45 12.73 44.69 65.72
N ALA C 46 13.49 45.79 65.67
CA ALA C 46 13.55 46.70 66.81
C ALA C 46 12.21 47.39 67.06
N VAL C 47 11.39 47.55 66.02
CA VAL C 47 10.10 48.22 66.17
C VAL C 47 9.13 47.43 67.02
N ALA C 48 9.38 46.15 67.25
CA ALA C 48 8.49 45.32 68.05
C ALA C 48 8.97 45.31 69.50
N THR C 59 -3.16 46.09 71.11
CA THR C 59 -4.15 45.22 71.73
C THR C 59 -4.36 43.96 70.89
N VAL C 60 -5.11 44.09 69.81
CA VAL C 60 -5.37 43.00 68.87
C VAL C 60 -4.60 43.30 67.59
N TRP C 61 -3.76 42.35 67.19
CA TRP C 61 -2.89 42.59 66.04
C TRP C 61 -3.69 42.73 64.76
N ASP C 62 -3.27 43.67 63.92
CA ASP C 62 -3.95 43.97 62.66
C ASP C 62 -3.06 43.52 61.51
N SER C 63 -3.66 42.82 60.55
CA SER C 63 -2.92 42.31 59.40
C SER C 63 -2.42 43.43 58.48
N ASP C 64 -2.92 44.65 58.65
CA ASP C 64 -2.48 45.78 57.84
C ASP C 64 -1.94 46.93 58.67
N ALA C 65 -2.59 47.26 59.79
CA ALA C 65 -2.12 48.36 60.62
C ALA C 65 -0.80 48.02 61.31
N HIS C 66 -0.63 46.77 61.71
CA HIS C 66 0.52 46.33 62.50
C HIS C 66 1.53 45.58 61.64
N THR C 67 1.71 46.01 60.40
CA THR C 67 2.65 45.37 59.49
C THR C 67 3.22 46.42 58.55
N THR C 68 4.30 46.06 57.87
CA THR C 68 4.96 46.95 56.92
C THR C 68 5.11 46.25 55.58
N GLU C 69 5.09 47.03 54.52
CA GLU C 69 5.20 46.51 53.15
C GLU C 69 6.59 46.79 52.61
N LYS C 70 7.21 45.76 52.05
CA LYS C 70 8.52 45.86 51.44
C LYS C 70 8.47 45.23 50.06
N PRO C 71 9.41 45.56 49.17
CA PRO C 71 9.40 44.94 47.85
C PRO C 71 9.49 43.43 47.95
N THR C 72 8.76 42.74 47.08
CA THR C 72 8.76 41.28 47.10
C THR C 72 10.12 40.74 46.69
N ASP C 73 10.48 39.59 47.26
CA ASP C 73 11.78 38.97 47.01
C ASP C 73 11.67 37.47 46.86
N ALA C 74 10.51 36.98 46.40
CA ALA C 74 10.28 35.54 46.29
C ALA C 74 9.63 35.21 44.95
N TYR C 75 9.81 36.05 43.95
CA TYR C 75 9.22 35.82 42.64
C TYR C 75 10.05 34.79 41.88
N GLY C 76 9.78 34.62 40.60
CA GLY C 76 10.47 33.67 39.77
C GLY C 76 9.57 32.52 39.36
N GLU C 77 10.20 31.37 39.15
CA GLU C 77 9.48 30.16 38.77
C GLU C 77 10.03 28.97 39.54
N LEU C 78 9.19 27.97 39.74
CA LEU C 78 9.54 26.76 40.47
C LEU C 78 9.88 25.64 39.50
N ASP C 79 10.98 24.96 39.77
CA ASP C 79 11.40 23.78 39.03
C ASP C 79 11.39 22.62 40.02
N PHE C 80 10.23 21.99 40.19
CA PHE C 80 10.14 20.85 41.08
C PHE C 80 11.17 19.81 40.69
N THR C 81 11.93 19.34 41.68
CA THR C 81 13.03 18.42 41.43
C THR C 81 12.54 17.25 40.58
N GLY C 82 13.11 17.14 39.37
CA GLY C 82 12.78 16.03 38.50
C GLY C 82 11.60 16.30 37.59
N ALA C 83 10.46 15.68 37.90
CA ALA C 83 9.30 15.75 37.04
C ALA C 83 8.72 17.17 37.03
N GLY C 84 7.88 17.41 36.03
CA GLY C 84 7.26 18.70 35.83
C GLY C 84 7.66 19.32 34.50
N ARG C 85 7.02 20.45 34.21
CA ARG C 85 7.32 21.22 33.01
C ARG C 85 8.55 22.09 33.17
N LYS C 86 9.36 21.87 34.20
CA LYS C 86 10.52 22.68 34.51
C LYS C 86 10.18 24.15 34.69
N HIS C 87 8.90 24.44 34.92
CA HIS C 87 8.46 25.82 35.14
C HIS C 87 7.10 25.77 35.80
N SER C 88 7.02 26.27 37.04
CA SER C 88 5.76 26.45 37.74
C SER C 88 5.86 27.82 38.41
N ASN C 89 5.43 28.85 37.69
CA ASN C 89 5.67 30.21 38.14
C ASN C 89 5.08 30.43 39.52
N PHE C 90 5.88 31.03 40.40
CA PHE C 90 5.47 31.35 41.75
C PHE C 90 5.51 32.86 41.92
N LEU C 91 5.03 33.32 43.07
CA LEU C 91 5.07 34.74 43.38
C LEU C 91 4.64 34.95 44.82
N ARG C 92 5.18 36.01 45.42
CA ARG C 92 4.81 36.42 46.77
C ARG C 92 4.36 37.87 46.71
N LEU C 93 3.15 38.13 47.18
CA LEU C 93 2.59 39.47 47.10
C LEU C 93 1.69 39.73 48.31
N SER C 94 1.53 41.00 48.62
CA SER C 94 0.69 41.41 49.74
C SER C 94 -0.77 41.14 49.42
N ASP C 95 -1.55 40.86 50.47
CA ASP C 95 -2.98 40.62 50.29
C ASP C 95 -3.65 41.85 49.70
N ARG C 96 -3.31 43.04 50.21
CA ARG C 96 -3.90 44.29 49.71
C ARG C 96 -3.23 44.70 48.40
N THR C 97 -3.38 43.84 47.40
CA THR C 97 -2.81 44.05 46.08
C THR C 97 -3.93 44.10 45.05
N ASP C 98 -3.83 45.04 44.12
CA ASP C 98 -4.86 45.17 43.10
C ASP C 98 -4.79 43.98 42.14
N PRO C 99 -5.88 43.24 41.95
CA PRO C 99 -5.80 42.04 41.10
C PRO C 99 -5.48 42.34 39.65
N ALA C 100 -5.63 43.59 39.21
CA ALA C 100 -5.36 43.90 37.80
C ALA C 100 -3.91 43.62 37.45
N ALA C 101 -2.98 44.02 38.33
CA ALA C 101 -1.58 43.77 38.07
C ALA C 101 -1.29 42.27 38.01
N VAL C 102 -1.89 41.51 38.92
CA VAL C 102 -1.69 40.07 38.93
C VAL C 102 -2.18 39.47 37.63
N TYR C 103 -3.37 39.87 37.19
CA TYR C 103 -3.92 39.33 35.95
C TYR C 103 -3.04 39.68 34.77
N SER C 104 -2.56 40.92 34.71
CA SER C 104 -1.67 41.32 33.61
C SER C 104 -0.39 40.50 33.62
N LEU C 105 0.20 40.31 34.80
CA LEU C 105 1.41 39.52 34.90
C LEU C 105 1.17 38.09 34.41
N VAL C 106 0.07 37.49 34.84
CA VAL C 106 -0.21 36.12 34.47
C VAL C 106 -0.44 36.00 32.97
N THR C 107 -1.21 36.93 32.41
CA THR C 107 -1.60 36.80 31.00
C THR C 107 -0.43 37.10 30.07
N ARG C 108 0.32 38.16 30.32
CA ARG C 108 1.36 38.60 29.40
C ARG C 108 2.74 38.03 29.76
N THR C 109 3.21 38.31 30.97
CA THR C 109 4.59 37.93 31.31
C THR C 109 4.74 36.41 31.37
N TRP C 110 3.85 35.73 32.09
CA TRP C 110 3.97 34.29 32.26
C TRP C 110 3.46 33.51 31.06
N GLY C 111 2.78 34.14 30.12
CA GLY C 111 2.37 33.50 28.90
C GLY C 111 1.04 32.78 28.94
N PHE C 112 0.39 32.72 30.09
CA PHE C 112 -0.92 32.07 30.17
C PHE C 112 -1.93 32.84 29.35
N ARG C 113 -2.72 32.13 28.54
CA ARG C 113 -3.77 32.77 27.78
C ARG C 113 -4.91 33.20 28.70
N ALA C 114 -5.77 34.07 28.18
CA ALA C 114 -6.94 34.46 28.93
C ALA C 114 -7.82 33.24 29.16
N PRO C 115 -8.37 33.03 30.36
CA PRO C 115 -9.20 31.85 30.59
C PRO C 115 -10.61 32.06 30.05
N ASN C 116 -11.05 31.14 29.21
CA ASN C 116 -12.44 31.15 28.75
C ASN C 116 -13.41 30.79 29.86
N LEU C 117 -12.91 30.29 30.99
CA LEU C 117 -13.73 29.90 32.13
C LEU C 117 -12.80 29.69 33.32
N VAL C 118 -13.30 30.02 34.50
CA VAL C 118 -12.53 29.87 35.73
C VAL C 118 -13.40 29.12 36.73
N VAL C 119 -12.90 27.99 37.21
CA VAL C 119 -13.59 27.18 38.20
C VAL C 119 -12.83 27.33 39.52
N SER C 120 -13.44 28.01 40.48
CA SER C 120 -12.83 28.20 41.79
C SER C 120 -13.33 27.08 42.69
N VAL C 121 -12.49 26.07 42.89
CA VAL C 121 -12.91 24.89 43.64
C VAL C 121 -12.77 25.17 45.13
N LEU C 122 -13.82 24.88 45.89
CA LEU C 122 -13.85 25.03 47.32
C LEU C 122 -14.08 23.66 47.96
N GLY C 123 -14.11 23.64 49.29
CA GLY C 123 -14.44 22.40 50.00
C GLY C 123 -13.32 21.94 50.89
N GLY C 124 -13.61 21.87 52.19
CA GLY C 124 -12.66 21.38 53.16
C GLY C 124 -12.36 19.90 52.96
N SER C 125 -13.41 19.12 52.69
CA SER C 125 -13.28 17.69 52.47
C SER C 125 -12.49 17.02 53.61
N GLY C 126 -13.07 17.08 54.80
CA GLY C 126 -12.44 16.50 55.97
C GLY C 126 -12.07 15.05 55.75
N GLY C 127 -10.82 14.70 56.08
CA GLY C 127 -10.33 13.37 55.86
C GLY C 127 -9.60 13.25 54.54
N PRO C 128 -8.38 12.72 54.55
CA PRO C 128 -7.60 12.66 53.30
C PRO C 128 -8.29 11.86 52.21
N VAL C 129 -8.99 10.80 52.54
CA VAL C 129 -9.68 9.97 51.56
C VAL C 129 -10.89 10.73 51.03
N LEU C 130 -11.24 10.45 49.79
CA LEU C 130 -12.40 11.07 49.14
C LEU C 130 -13.21 9.99 48.44
N GLN C 131 -14.51 10.25 48.30
CA GLN C 131 -15.41 9.25 47.75
C GLN C 131 -15.05 8.96 46.30
N THR C 132 -15.33 7.72 45.88
CA THR C 132 -14.98 7.30 44.53
C THR C 132 -15.72 8.13 43.48
N TRP C 133 -17.01 8.38 43.69
CA TRP C 133 -17.78 9.13 42.71
C TRP C 133 -17.27 10.56 42.60
N LEU C 134 -16.92 11.18 43.73
CA LEU C 134 -16.38 12.54 43.68
C LEU C 134 -15.07 12.58 42.91
N GLN C 135 -14.17 11.62 43.16
CA GLN C 135 -12.91 11.59 42.44
C GLN C 135 -13.12 11.36 40.96
N ASP C 136 -14.05 10.48 40.60
CA ASP C 136 -14.37 10.25 39.20
C ASP C 136 -14.91 11.52 38.55
N LEU C 137 -15.78 12.24 39.26
CA LEU C 137 -16.30 13.49 38.73
C LEU C 137 -15.18 14.50 38.49
N LEU C 138 -14.29 14.65 39.47
CA LEU C 138 -13.20 15.61 39.32
C LEU C 138 -12.30 15.24 38.16
N ARG C 139 -11.91 13.97 38.04
CA ARG C 139 -10.97 13.59 37.00
C ARG C 139 -11.63 13.50 35.63
N ARG C 140 -12.95 13.38 35.58
CA ARG C 140 -13.67 13.16 34.34
C ARG C 140 -14.61 14.29 33.97
N GLY C 141 -15.22 14.94 34.95
CA GLY C 141 -16.12 16.04 34.70
C GLY C 141 -15.43 17.38 34.72
N LEU C 142 -14.67 17.65 35.78
CA LEU C 142 -14.06 18.96 35.96
C LEU C 142 -12.83 19.11 35.07
N VAL C 143 -11.83 18.24 35.26
CA VAL C 143 -10.56 18.42 34.55
C VAL C 143 -10.76 18.28 33.05
N ARG C 144 -11.59 17.32 32.62
CA ARG C 144 -11.84 17.16 31.19
C ARG C 144 -12.45 18.42 30.61
N ALA C 145 -13.46 18.98 31.29
CA ALA C 145 -14.09 20.20 30.80
C ALA C 145 -13.09 21.36 30.78
N ALA C 146 -12.25 21.45 31.81
CA ALA C 146 -11.27 22.53 31.85
C ALA C 146 -10.32 22.45 30.68
N GLN C 147 -9.84 21.24 30.35
CA GLN C 147 -8.97 21.11 29.20
C GLN C 147 -9.71 21.42 27.91
N SER C 148 -10.96 20.96 27.80
CA SER C 148 -11.72 21.20 26.57
C SER C 148 -11.93 22.69 26.33
N THR C 149 -12.30 23.43 27.37
CA THR C 149 -12.59 24.85 27.25
C THR C 149 -11.39 25.73 27.59
N GLY C 150 -10.23 25.13 27.89
CA GLY C 150 -9.07 25.94 28.25
C GLY C 150 -9.29 26.79 29.48
N ALA C 151 -10.01 26.26 30.46
CA ALA C 151 -10.34 27.00 31.66
C ALA C 151 -9.18 26.91 32.66
N TRP C 152 -9.25 27.79 33.66
CA TRP C 152 -8.35 27.75 34.81
C TRP C 152 -9.07 27.11 35.98
N ILE C 153 -8.34 26.38 36.81
CA ILE C 153 -8.86 25.81 38.04
C ILE C 153 -8.13 26.50 39.19
N VAL C 154 -8.87 27.26 39.99
CA VAL C 154 -8.29 28.04 41.08
C VAL C 154 -8.57 27.30 42.37
N THR C 155 -7.51 26.91 43.08
CA THR C 155 -7.65 26.22 44.34
C THR C 155 -6.56 26.73 45.29
N GLY C 156 -6.38 26.02 46.39
CA GLY C 156 -5.29 26.32 47.31
C GLY C 156 -4.03 25.59 46.90
N GLY C 157 -2.96 26.33 46.66
CA GLY C 157 -1.73 25.72 46.19
C GLY C 157 -0.98 24.97 47.28
N LEU C 158 -1.64 24.01 47.91
CA LEU C 158 -1.04 23.21 48.96
C LEU C 158 -1.38 21.75 48.75
N HIS C 159 -0.52 20.88 49.25
CA HIS C 159 -0.69 19.44 49.09
C HIS C 159 -1.61 18.89 50.17
N THR C 160 -2.78 19.50 50.33
CA THR C 160 -3.70 19.11 51.39
C THR C 160 -5.10 19.54 51.02
N GLY C 161 -6.08 18.99 51.73
CA GLY C 161 -7.45 19.36 51.50
C GLY C 161 -7.91 19.02 50.09
N ILE C 162 -8.82 19.83 49.57
CA ILE C 162 -9.32 19.61 48.23
C ILE C 162 -8.25 19.89 47.19
N GLY C 163 -7.24 20.69 47.52
CA GLY C 163 -6.19 20.97 46.57
C GLY C 163 -5.44 19.71 46.16
N ARG C 164 -5.14 18.84 47.12
CA ARG C 164 -4.46 17.59 46.80
C ARG C 164 -5.32 16.72 45.88
N HIS C 165 -6.63 16.64 46.16
CA HIS C 165 -7.51 15.85 45.32
C HIS C 165 -7.56 16.41 43.91
N VAL C 166 -7.65 17.73 43.77
CA VAL C 166 -7.67 18.34 42.44
C VAL C 166 -6.37 18.06 41.72
N GLY C 167 -5.24 18.16 42.43
CA GLY C 167 -3.96 17.91 41.80
C GLY C 167 -3.84 16.48 41.31
N VAL C 168 -4.26 15.51 42.14
CA VAL C 168 -4.17 14.13 41.71
C VAL C 168 -5.11 13.86 40.55
N ALA C 169 -6.28 14.51 40.54
CA ALA C 169 -7.17 14.37 39.40
C ALA C 169 -6.51 14.89 38.13
N VAL C 170 -5.87 16.05 38.22
CA VAL C 170 -5.16 16.60 37.06
C VAL C 170 -4.09 15.62 36.59
N ARG C 171 -3.29 15.11 37.54
CA ARG C 171 -2.20 14.21 37.18
C ARG C 171 -2.73 12.96 36.50
N ASP C 172 -3.79 12.36 37.04
CA ASP C 172 -4.36 11.17 36.44
C ASP C 172 -4.89 11.47 35.05
N HIS C 173 -5.58 12.59 34.87
CA HIS C 173 -6.07 12.94 33.55
C HIS C 173 -4.93 13.08 32.55
N GLN C 174 -3.78 13.55 33.02
CA GLN C 174 -2.61 13.72 32.15
C GLN C 174 -2.01 12.36 31.80
N LYS C 182 -1.61 20.33 28.73
CA LYS C 182 -1.91 20.17 30.15
C LYS C 182 -3.00 21.15 30.57
N VAL C 183 -3.37 21.10 31.86
CA VAL C 183 -4.43 21.93 32.41
C VAL C 183 -3.81 22.98 33.31
N VAL C 184 -4.44 24.14 33.36
CA VAL C 184 -3.93 25.26 34.16
C VAL C 184 -4.61 25.24 35.51
N ALA C 185 -3.82 25.04 36.56
CA ALA C 185 -4.31 24.94 37.93
C ALA C 185 -3.60 26.00 38.77
N MET C 186 -4.23 27.16 38.89
CA MET C 186 -3.70 28.21 39.74
C MET C 186 -3.92 27.85 41.20
N GLY C 187 -2.90 28.10 42.02
CA GLY C 187 -3.02 27.84 43.44
C GLY C 187 -2.71 29.07 44.26
N VAL C 188 -3.70 29.61 44.94
CA VAL C 188 -3.54 30.77 45.80
C VAL C 188 -3.45 30.27 47.23
N ALA C 189 -2.30 30.44 47.85
CA ALA C 189 -2.08 29.92 49.19
C ALA C 189 -1.40 30.98 50.06
N PRO C 190 -1.61 30.93 51.37
CA PRO C 190 -0.96 31.91 52.24
C PRO C 190 0.56 31.71 52.27
N TRP C 191 1.26 32.80 52.51
CA TRP C 191 2.70 32.75 52.72
C TRP C 191 2.95 32.63 54.23
N GLY C 192 3.41 31.46 54.66
CA GLY C 192 3.59 31.20 56.08
C GLY C 192 3.19 29.80 56.46
N VAL C 193 2.25 29.23 55.72
CA VAL C 193 1.88 27.83 55.88
C VAL C 193 2.55 26.95 54.83
N VAL C 194 3.46 27.51 54.05
CA VAL C 194 4.16 26.77 53.01
C VAL C 194 5.44 26.20 53.60
N ARG C 195 5.60 24.89 53.51
CA ARG C 195 6.81 24.24 53.99
C ARG C 195 8.01 24.65 53.14
N ASN C 196 9.16 24.81 53.79
CA ASN C 196 10.41 25.16 53.10
C ASN C 196 10.28 26.49 52.35
N ARG C 197 9.76 27.50 53.05
CA ARG C 197 9.68 28.82 52.45
C ARG C 197 11.04 29.48 52.29
N ASP C 198 12.05 29.03 53.03
CA ASP C 198 13.36 29.64 52.96
C ASP C 198 13.98 29.49 51.58
N THR C 199 13.87 28.30 50.99
CA THR C 199 14.54 28.02 49.73
C THR C 199 14.01 28.86 48.56
N LEU C 200 12.87 29.52 48.73
CA LEU C 200 12.28 30.31 47.66
C LEU C 200 12.74 31.77 47.68
N ILE C 201 13.42 32.21 48.72
CA ILE C 201 13.73 33.62 48.91
C ILE C 201 14.99 33.97 48.13
N ASN C 202 14.85 34.86 47.15
CA ASN C 202 15.97 35.36 46.35
C ASN C 202 15.61 36.72 45.78
N PRO C 203 15.96 37.82 46.45
CA PRO C 203 15.52 39.14 45.95
C PRO C 203 15.97 39.42 44.54
N LYS C 204 17.16 38.97 44.16
CA LYS C 204 17.62 39.16 42.79
C LYS C 204 16.77 38.41 41.78
N GLY C 205 16.04 37.40 42.22
CA GLY C 205 15.24 36.57 41.33
C GLY C 205 15.52 35.11 41.66
N SER C 206 14.58 34.25 41.31
CA SER C 206 14.69 32.83 41.59
C SER C 206 14.25 32.00 40.40
N PHE C 207 14.70 32.38 39.20
CA PHE C 207 14.25 31.68 38.00
C PHE C 207 14.50 30.19 38.09
N PRO C 208 15.71 29.71 38.34
CA PRO C 208 15.88 28.31 38.73
C PRO C 208 15.64 28.16 40.23
N ALA C 209 14.50 27.59 40.59
CA ALA C 209 14.14 27.39 41.98
C ALA C 209 13.91 25.91 42.24
N ARG C 210 14.56 25.39 43.28
CA ARG C 210 14.47 23.98 43.63
C ARG C 210 13.72 23.87 44.95
N TYR C 211 12.67 23.07 44.96
CA TYR C 211 11.79 22.95 46.11
C TYR C 211 11.69 21.47 46.50
N ARG C 212 11.88 21.20 47.79
CA ARG C 212 11.78 19.85 48.34
C ARG C 212 10.44 19.77 49.07
N TRP C 213 9.38 19.44 48.31
CA TRP C 213 8.05 19.36 48.89
C TRP C 213 7.90 18.22 49.89
N ARG C 214 8.86 17.30 49.94
CA ARG C 214 8.75 16.09 50.74
C ARG C 214 9.49 16.19 52.05
N GLY C 215 9.49 17.37 52.67
CA GLY C 215 10.14 17.54 53.95
C GLY C 215 9.70 16.50 54.97
N ASP C 216 10.66 15.92 55.67
CA ASP C 216 10.35 14.81 56.58
C ASP C 216 9.28 15.16 57.60
N PRO C 217 9.36 16.27 58.34
CA PRO C 217 8.30 16.57 59.31
C PRO C 217 6.96 16.71 58.64
N GLU C 218 5.92 16.24 59.32
CA GLU C 218 4.55 16.26 58.82
C GLU C 218 3.66 16.85 59.91
N ASP C 219 3.46 18.17 59.87
CA ASP C 219 2.63 18.86 60.84
C ASP C 219 1.65 19.76 60.10
N GLY C 220 0.50 20.00 60.73
CA GLY C 220 -0.54 20.80 60.11
C GLY C 220 -0.25 22.28 60.04
N VAL C 221 0.79 22.74 60.73
CA VAL C 221 1.11 24.17 60.72
C VAL C 221 1.50 24.60 59.31
N GLN C 222 2.30 23.80 58.62
CA GLN C 222 2.76 24.12 57.27
C GLN C 222 2.55 22.93 56.37
N PHE C 223 2.42 23.20 55.07
CA PHE C 223 2.18 22.18 54.07
C PHE C 223 3.08 22.43 52.88
N PRO C 224 3.33 21.42 52.06
CA PRO C 224 4.14 21.60 50.86
C PRO C 224 3.29 21.98 49.65
N LEU C 225 3.86 22.84 48.81
CA LEU C 225 3.20 23.22 47.58
C LEU C 225 3.04 22.01 46.67
N ASP C 226 1.83 21.82 46.15
CA ASP C 226 1.60 20.70 45.25
C ASP C 226 2.45 20.85 44.00
N TYR C 227 2.72 19.72 43.35
CA TYR C 227 3.53 19.69 42.14
C TYR C 227 2.69 19.56 40.87
N ASN C 228 1.36 19.63 41.00
CA ASN C 228 0.47 19.52 39.84
C ASN C 228 -0.05 20.86 39.37
N TYR C 229 0.32 21.96 40.02
CA TYR C 229 -0.23 23.27 39.72
C TYR C 229 0.74 24.06 38.85
N SER C 230 0.18 24.74 37.86
CA SER C 230 1.01 25.44 36.89
C SER C 230 1.59 26.72 37.47
N ALA C 231 0.86 27.40 38.34
CA ALA C 231 1.33 28.64 38.92
C ALA C 231 0.76 28.81 40.32
N PHE C 232 1.49 29.57 41.13
CA PHE C 232 1.17 29.78 42.53
C PHE C 232 1.15 31.27 42.84
N PHE C 233 0.37 31.62 43.85
CA PHE C 233 0.32 32.98 44.37
C PHE C 233 0.41 32.86 45.90
N LEU C 234 1.56 33.23 46.44
CA LEU C 234 1.83 33.12 47.87
C LEU C 234 1.42 34.43 48.52
N VAL C 235 0.15 34.52 48.88
CA VAL C 235 -0.36 35.74 49.50
C VAL C 235 0.31 35.93 50.85
N ASP C 236 0.90 37.12 51.04
CA ASP C 236 1.60 37.45 52.26
C ASP C 236 0.81 38.50 53.02
N ASP C 237 0.46 38.18 54.27
CA ASP C 237 -0.28 39.09 55.14
C ASP C 237 0.49 39.41 56.41
N GLY C 238 1.80 39.22 56.40
CA GLY C 238 2.59 39.45 57.60
C GLY C 238 2.28 38.47 58.71
N THR C 239 2.08 37.20 58.36
CA THR C 239 1.80 36.16 59.34
C THR C 239 2.68 34.95 59.03
N HIS C 240 3.08 34.25 60.09
CA HIS C 240 3.91 33.06 59.98
C HIS C 240 3.09 31.78 60.09
N GLY C 241 1.86 31.80 59.58
CA GLY C 241 0.99 30.64 59.62
C GLY C 241 -0.42 31.02 60.02
N CYS C 242 -1.37 30.73 59.15
CA CYS C 242 -2.77 31.04 59.36
C CYS C 242 -3.54 30.55 58.15
N LEU C 243 -4.86 30.43 58.31
CA LEU C 243 -5.76 30.02 57.25
C LEU C 243 -6.77 31.12 56.99
N GLY C 244 -7.14 31.29 55.73
CA GLY C 244 -8.13 32.27 55.34
C GLY C 244 -7.61 33.68 55.18
N GLY C 245 -6.31 33.91 55.37
CA GLY C 245 -5.76 35.23 55.17
C GLY C 245 -5.68 35.65 53.72
N GLU C 246 -5.69 34.68 52.81
CA GLU C 246 -5.65 34.96 51.37
C GLU C 246 -7.03 34.99 50.74
N ASN C 247 -8.09 34.76 51.52
CA ASN C 247 -9.43 34.72 50.94
C ASN C 247 -9.80 36.05 50.29
N ARG C 248 -9.43 37.16 50.93
CA ARG C 248 -9.74 38.47 50.35
C ARG C 248 -9.16 38.59 48.95
N PHE C 249 -7.87 38.29 48.81
CA PHE C 249 -7.22 38.41 47.51
C PHE C 249 -7.82 37.43 46.51
N ARG C 250 -8.11 36.21 46.95
CA ARG C 250 -8.68 35.22 46.05
C ARG C 250 -10.02 35.70 45.50
N LEU C 251 -10.89 36.21 46.37
CA LEU C 251 -12.18 36.71 45.92
C LEU C 251 -12.02 37.91 45.01
N ARG C 252 -11.11 38.83 45.34
CA ARG C 252 -10.90 39.99 44.49
C ARG C 252 -10.42 39.59 43.12
N LEU C 253 -9.49 38.64 43.05
CA LEU C 253 -9.01 38.16 41.76
C LEU C 253 -10.12 37.50 40.97
N GLU C 254 -10.94 36.68 41.64
CA GLU C 254 -12.06 36.04 40.95
C GLU C 254 -12.99 37.07 40.35
N SER C 255 -13.36 38.08 41.15
CA SER C 255 -14.25 39.13 40.65
C SER C 255 -13.62 39.85 39.46
N TYR C 256 -12.38 40.29 39.61
CA TYR C 256 -11.74 41.04 38.54
C TYR C 256 -11.69 40.22 37.26
N ILE C 257 -11.35 38.94 37.36
CA ILE C 257 -11.36 38.08 36.18
C ILE C 257 -12.75 38.03 35.58
N SER C 258 -13.77 37.88 36.43
CA SER C 258 -15.14 37.86 35.93
C SER C 258 -15.51 39.16 35.24
N GLN C 259 -14.78 40.24 35.51
CA GLN C 259 -15.03 41.51 34.84
C GLN C 259 -14.27 41.67 33.53
N GLN C 260 -13.43 40.70 33.15
CA GLN C 260 -12.66 40.81 31.92
C GLN C 260 -13.47 40.31 30.73
N LYS C 261 -12.83 40.26 29.56
CA LYS C 261 -13.47 39.84 28.32
C LYS C 261 -12.73 38.64 27.74
N THR C 262 -13.45 37.85 26.95
CA THR C 262 -12.93 36.58 26.44
C THR C 262 -12.20 36.80 25.11
N GLY C 263 -11.06 37.49 25.21
CA GLY C 263 -10.19 37.62 24.06
C GLY C 263 -10.79 38.45 22.94
N VAL C 264 -10.04 38.51 21.83
CA VAL C 264 -10.44 39.26 20.66
C VAL C 264 -10.75 40.69 21.07
N GLY C 265 -9.95 41.22 21.99
CA GLY C 265 -10.26 42.53 22.54
C GLY C 265 -11.56 42.51 23.31
N GLY C 266 -12.35 43.56 23.16
CA GLY C 266 -13.61 43.67 23.85
C GLY C 266 -14.76 42.90 23.22
N THR C 267 -14.49 42.21 22.11
CA THR C 267 -15.56 41.46 21.44
C THR C 267 -16.11 40.37 22.36
N GLY C 268 -15.23 39.65 23.05
CA GLY C 268 -15.68 38.53 23.85
C GLY C 268 -16.60 38.95 24.97
N ILE C 269 -17.37 38.00 25.47
CA ILE C 269 -18.28 38.23 26.59
C ILE C 269 -17.49 38.14 27.89
N ASP C 270 -18.10 38.57 28.99
CA ASP C 270 -17.43 38.51 30.28
C ASP C 270 -17.03 37.09 30.62
N ILE C 271 -15.80 36.90 31.08
CA ILE C 271 -15.34 35.56 31.42
C ILE C 271 -16.24 35.00 32.51
N PRO C 272 -16.82 33.80 32.35
CA PRO C 272 -17.63 33.23 33.41
C PRO C 272 -16.75 32.63 34.51
N VAL C 273 -17.02 33.02 35.75
CA VAL C 273 -16.31 32.52 36.91
C VAL C 273 -17.33 31.94 37.87
N LEU C 274 -17.21 30.64 38.15
CA LEU C 274 -18.15 29.96 39.03
C LEU C 274 -17.39 29.18 40.08
N LEU C 275 -18.03 29.00 41.24
CA LEU C 275 -17.42 28.32 42.38
C LEU C 275 -18.03 26.94 42.53
N LEU C 276 -17.16 25.95 42.72
CA LEU C 276 -17.57 24.57 42.97
C LEU C 276 -17.26 24.23 44.41
N LEU C 277 -18.23 23.65 45.11
CA LEU C 277 -18.12 23.38 46.54
C LEU C 277 -18.37 21.90 46.81
N ILE C 278 -17.47 21.30 47.60
CA ILE C 278 -17.60 19.91 48.04
C ILE C 278 -17.38 19.87 49.54
N ASP C 279 -18.40 19.44 50.27
CA ASP C 279 -18.32 19.40 51.74
C ASP C 279 -18.03 20.82 52.22
N GLY C 280 -17.34 20.96 53.35
CA GLY C 280 -16.95 22.25 53.86
C GLY C 280 -17.33 22.41 55.31
N ASP C 281 -17.45 23.66 55.73
CA ASP C 281 -17.76 24.02 57.11
C ASP C 281 -18.28 25.44 57.12
N GLU C 282 -18.39 26.02 58.32
CA GLU C 282 -18.91 27.38 58.45
C GLU C 282 -18.07 28.38 57.66
N LYS C 283 -16.75 28.17 57.64
CA LYS C 283 -15.88 29.05 56.87
C LYS C 283 -16.24 28.98 55.39
N MET C 284 -16.50 27.77 54.89
CA MET C 284 -16.92 27.64 53.49
C MET C 284 -18.26 28.34 53.27
N LEU C 285 -19.15 28.28 54.26
CA LEU C 285 -20.42 28.98 54.13
C LEU C 285 -20.21 30.49 54.02
N THR C 286 -19.31 31.03 54.82
CA THR C 286 -19.01 32.46 54.73
C THR C 286 -18.39 32.79 53.37
N ARG C 287 -17.51 31.94 52.87
CA ARG C 287 -16.93 32.18 51.56
C ARG C 287 -17.99 32.16 50.46
N ILE C 288 -18.94 31.22 50.55
CA ILE C 288 -20.03 31.19 49.59
C ILE C 288 -20.86 32.46 49.68
N GLU C 289 -21.13 32.93 50.89
CA GLU C 289 -21.87 34.17 51.05
C GLU C 289 -21.14 35.34 50.40
N ASN C 290 -19.83 35.44 50.62
CA ASN C 290 -19.06 36.51 50.01
C ASN C 290 -19.10 36.41 48.49
N ALA C 291 -18.94 35.20 47.96
CA ALA C 291 -18.97 35.03 46.51
C ALA C 291 -20.32 35.45 45.94
N THR C 292 -21.41 35.05 46.58
CA THR C 292 -22.72 35.46 46.12
C THR C 292 -22.87 36.97 46.18
N GLN C 293 -22.37 37.60 47.25
CA GLN C 293 -22.32 39.06 47.29
C GLN C 293 -21.53 39.61 46.11
N ALA C 294 -20.56 38.86 45.61
CA ALA C 294 -19.76 39.27 44.47
C ALA C 294 -20.39 38.89 43.14
N GLN C 295 -21.60 38.33 43.16
CA GLN C 295 -22.30 37.92 41.95
C GLN C 295 -21.47 36.91 41.16
N LEU C 296 -21.24 35.75 41.79
CA LEU C 296 -20.51 34.66 41.19
C LEU C 296 -21.34 33.39 41.31
N PRO C 297 -21.66 32.72 40.22
CA PRO C 297 -22.44 31.48 40.34
C PRO C 297 -21.74 30.46 41.21
N CYS C 298 -22.52 29.69 41.95
CA CYS C 298 -22.00 28.66 42.84
C CYS C 298 -22.63 27.32 42.45
N LEU C 299 -21.80 26.29 42.37
CA LEU C 299 -22.25 24.92 42.11
C LEU C 299 -22.03 24.10 43.37
N LEU C 300 -23.11 23.56 43.91
CA LEU C 300 -23.07 22.76 45.11
C LEU C 300 -23.23 21.29 44.73
N VAL C 301 -22.29 20.46 45.15
CA VAL C 301 -22.31 19.05 44.82
C VAL C 301 -23.25 18.33 45.79
N ALA C 302 -24.26 17.66 45.24
CA ALA C 302 -25.19 16.92 46.07
C ALA C 302 -24.52 15.67 46.65
N GLY C 303 -24.68 15.49 47.95
CA GLY C 303 -24.04 14.39 48.64
C GLY C 303 -22.59 14.60 48.97
N SER C 304 -22.05 15.80 48.71
CA SER C 304 -20.64 16.05 48.99
C SER C 304 -20.35 15.94 50.48
N GLY C 305 -21.21 16.50 51.31
CA GLY C 305 -21.04 16.43 52.75
C GLY C 305 -21.55 17.69 53.41
N GLY C 306 -21.12 17.89 54.64
CA GLY C 306 -21.58 19.03 55.41
C GLY C 306 -21.14 20.35 54.79
N ALA C 307 -21.97 21.37 54.99
CA ALA C 307 -21.80 22.72 54.46
C ALA C 307 -22.07 22.79 52.96
N ALA C 308 -22.24 21.67 52.28
CA ALA C 308 -22.60 21.63 50.87
C ALA C 308 -23.91 20.91 50.64
N ASP C 309 -24.16 19.80 51.34
CA ASP C 309 -25.47 19.16 51.26
C ASP C 309 -26.52 19.96 52.01
N CYS C 310 -26.11 20.72 53.04
CA CYS C 310 -27.06 21.58 53.74
C CYS C 310 -27.67 22.60 52.79
N LEU C 311 -26.83 23.31 52.04
CA LEU C 311 -27.33 24.28 51.08
C LEU C 311 -28.13 23.61 49.98
N ALA C 312 -27.71 22.43 49.54
CA ALA C 312 -28.45 21.72 48.50
C ALA C 312 -29.86 21.39 48.98
N GLU C 313 -29.98 20.88 50.20
CA GLU C 313 -31.30 20.57 50.74
C GLU C 313 -32.13 21.82 50.92
N THR C 314 -31.52 22.90 51.43
CA THR C 314 -32.26 24.14 51.62
C THR C 314 -32.80 24.66 50.29
N LEU C 315 -31.98 24.61 49.24
CA LEU C 315 -32.42 25.04 47.92
C LEU C 315 -33.52 24.13 47.40
N GLU C 316 -33.38 22.82 47.62
CA GLU C 316 -34.38 21.88 47.12
C GLU C 316 -35.75 22.15 47.71
N ASP C 317 -35.80 22.42 49.02
CA ASP C 317 -37.06 22.71 49.69
C ASP C 317 -37.59 24.08 49.28
N GLN C 328 -37.60 23.96 61.01
CA GLN C 328 -36.95 22.81 60.37
C GLN C 328 -35.56 23.18 59.88
N GLY C 329 -35.39 24.45 59.48
CA GLY C 329 -34.09 24.88 58.99
C GLY C 329 -33.00 24.75 60.04
N GLU C 330 -33.31 25.13 61.28
CA GLU C 330 -32.34 24.98 62.36
C GLU C 330 -32.02 23.51 62.60
N ALA C 331 -33.02 22.63 62.47
CA ALA C 331 -32.77 21.20 62.58
C ALA C 331 -31.82 20.73 61.49
N ARG C 332 -32.01 21.22 60.25
CA ARG C 332 -31.10 20.86 59.18
C ARG C 332 -29.69 21.35 59.47
N ASP C 333 -29.56 22.59 59.95
CA ASP C 333 -28.24 23.12 60.28
C ASP C 333 -27.57 22.26 61.35
N ARG C 334 -28.33 21.85 62.37
CA ARG C 334 -27.76 21.05 63.44
C ARG C 334 -27.33 19.67 62.94
N ILE C 335 -28.20 19.00 62.17
CA ILE C 335 -27.90 17.64 61.75
C ILE C 335 -26.76 17.62 60.73
N ARG C 336 -26.80 18.51 59.75
CA ARG C 336 -25.80 18.49 58.68
C ARG C 336 -24.50 19.15 59.13
N ARG C 337 -24.57 20.43 59.51
CA ARG C 337 -23.39 21.12 59.99
C ARG C 337 -22.95 20.56 61.33
N PHE C 338 -21.72 20.88 61.71
CA PHE C 338 -21.19 20.40 62.98
C PHE C 338 -22.01 20.96 64.14
N PHE C 339 -22.06 20.18 65.22
CA PHE C 339 -22.81 20.60 66.41
C PHE C 339 -22.43 21.99 66.87
N PRO C 340 -21.16 22.37 66.96
CA PRO C 340 -20.82 23.74 67.35
C PRO C 340 -21.47 24.75 66.40
N LYS C 341 -22.07 25.79 66.98
CA LYS C 341 -22.76 26.85 66.27
C LYS C 341 -24.03 26.37 65.58
N GLY C 342 -24.36 25.08 65.67
CA GLY C 342 -25.58 24.60 65.02
C GLY C 342 -26.82 25.28 65.56
N ASP C 343 -26.92 25.37 66.89
CA ASP C 343 -28.00 26.15 67.49
C ASP C 343 -27.76 27.65 67.36
N LEU C 344 -26.53 28.06 67.07
CA LEU C 344 -26.24 29.48 66.90
C LEU C 344 -27.10 30.06 65.79
N GLU C 345 -27.69 31.22 66.07
CA GLU C 345 -28.52 31.89 65.07
C GLU C 345 -27.70 32.45 63.92
N VAL C 346 -26.39 32.57 64.07
CA VAL C 346 -25.55 33.08 62.99
C VAL C 346 -25.62 32.15 61.79
N LEU C 347 -25.60 30.83 62.03
CA LEU C 347 -25.66 29.88 60.91
C LEU C 347 -26.97 30.02 60.16
N GLN C 348 -28.09 30.09 60.87
CA GLN C 348 -29.38 30.20 60.21
C GLN C 348 -29.51 31.53 59.47
N ALA C 349 -29.02 32.61 60.07
CA ALA C 349 -29.06 33.91 59.39
C ALA C 349 -28.20 33.89 58.13
N GLN C 350 -27.03 33.26 58.19
CA GLN C 350 -26.18 33.16 57.01
C GLN C 350 -26.85 32.33 55.94
N VAL C 351 -27.51 31.24 56.32
CA VAL C 351 -28.23 30.43 55.34
C VAL C 351 -29.35 31.23 54.70
N GLU C 352 -30.06 32.04 55.50
CA GLU C 352 -31.12 32.87 54.95
C GLU C 352 -30.56 33.89 53.97
N ARG C 353 -29.44 34.52 54.32
CA ARG C 353 -28.81 35.47 53.40
C ARG C 353 -28.35 34.77 52.13
N ILE C 354 -27.89 33.51 52.24
CA ILE C 354 -27.50 32.75 51.07
C ILE C 354 -28.71 32.53 50.16
N MET C 355 -29.81 32.06 50.74
CA MET C 355 -31.02 31.83 49.95
C MET C 355 -31.58 33.13 49.38
N THR C 356 -31.24 34.27 49.99
CA THR C 356 -31.70 35.55 49.45
C THR C 356 -31.30 35.71 47.99
N ARG C 357 -30.17 35.14 47.59
CA ARG C 357 -29.71 35.22 46.21
C ARG C 357 -29.61 33.83 45.61
N LYS C 358 -30.64 33.01 45.80
CA LYS C 358 -30.60 31.63 45.35
C LYS C 358 -30.47 31.52 43.84
N GLU C 359 -30.73 32.59 43.10
CA GLU C 359 -30.58 32.55 41.65
C GLU C 359 -29.18 32.10 41.26
N LEU C 360 -28.16 32.56 42.00
CA LEU C 360 -26.79 32.19 41.68
C LEU C 360 -26.53 30.72 42.01
N LEU C 361 -27.00 30.26 43.17
CA LEU C 361 -26.73 28.90 43.60
C LEU C 361 -27.41 27.90 42.67
N THR C 362 -26.71 26.80 42.37
CA THR C 362 -27.28 25.71 41.60
C THR C 362 -26.67 24.41 42.11
N VAL C 363 -27.47 23.36 42.10
CA VAL C 363 -27.07 22.06 42.61
C VAL C 363 -26.69 21.16 41.44
N TYR C 364 -25.49 20.61 41.49
CA TYR C 364 -25.04 19.63 40.51
C TYR C 364 -25.77 18.33 40.77
N SER C 365 -26.83 18.07 40.00
CA SER C 365 -27.61 16.86 40.20
C SER C 365 -26.71 15.64 40.10
N SER C 366 -26.82 14.74 41.08
CA SER C 366 -25.99 13.54 41.07
C SER C 366 -26.19 12.76 39.78
N GLU C 367 -27.44 12.47 39.44
CA GLU C 367 -27.77 11.81 38.17
C GLU C 367 -26.93 10.55 37.98
N ASP C 368 -26.70 9.83 39.08
CA ASP C 368 -25.85 8.64 39.06
C ASP C 368 -24.49 8.95 38.43
N GLY C 369 -23.92 10.09 38.80
CA GLY C 369 -22.67 10.53 38.23
C GLY C 369 -22.80 10.89 36.77
N SER C 370 -23.53 11.97 36.48
CA SER C 370 -23.79 12.34 35.09
C SER C 370 -22.49 12.62 34.35
N GLU C 371 -21.55 13.30 35.00
CA GLU C 371 -20.26 13.62 34.39
C GLU C 371 -20.46 14.43 33.10
N GLU C 372 -21.51 15.25 33.08
CA GLU C 372 -21.78 16.17 31.99
C GLU C 372 -21.60 17.57 32.56
N PHE C 373 -20.36 18.04 32.54
CA PHE C 373 -19.99 19.25 33.26
C PHE C 373 -20.31 20.51 32.48
N GLU C 374 -20.00 20.53 31.18
CA GLU C 374 -20.17 21.74 30.40
C GLU C 374 -21.62 22.18 30.36
N THR C 375 -22.53 21.23 30.15
CA THR C 375 -23.95 21.58 30.09
C THR C 375 -24.44 22.12 31.42
N ILE C 376 -24.01 21.52 32.52
CA ILE C 376 -24.41 21.99 33.84
C ILE C 376 -23.89 23.40 34.07
N VAL C 377 -22.63 23.65 33.70
CA VAL C 377 -22.07 24.98 33.85
C VAL C 377 -22.87 26.00 33.04
N LEU C 378 -23.21 25.63 31.81
CA LEU C 378 -23.97 26.54 30.96
C LEU C 378 -25.33 26.84 31.57
N LYS C 379 -26.00 25.81 32.08
CA LYS C 379 -27.30 26.02 32.73
C LYS C 379 -27.16 26.94 33.93
N ALA C 380 -26.13 26.72 34.74
CA ALA C 380 -25.94 27.57 35.91
C ALA C 380 -25.70 29.02 35.51
N LEU C 381 -24.87 29.24 34.49
CA LEU C 381 -24.61 30.60 34.04
C LEU C 381 -25.88 31.25 33.48
N VAL C 382 -26.67 30.48 32.73
CA VAL C 382 -27.92 31.02 32.19
C VAL C 382 -28.86 31.41 33.32
N LYS C 383 -29.01 30.54 34.30
CA LYS C 383 -29.88 30.85 35.43
C LYS C 383 -29.39 32.09 36.17
N ALA C 384 -28.07 32.19 36.39
CA ALA C 384 -27.53 33.36 37.08
C ALA C 384 -27.81 34.63 36.30
N CYS C 385 -27.65 34.58 34.98
CA CYS C 385 -27.86 35.77 34.17
C CYS C 385 -29.29 36.27 34.29
N GLY C 386 -30.26 35.37 34.27
CA GLY C 386 -31.66 35.73 34.39
C GLY C 386 -32.20 36.42 33.16
N TYR C 393 -24.61 41.87 25.68
CA TYR C 393 -25.37 40.97 26.53
C TYR C 393 -24.69 39.61 26.62
N LEU C 394 -25.12 38.79 27.58
CA LEU C 394 -24.58 37.47 27.79
C LEU C 394 -25.54 36.45 27.20
N ASP C 395 -25.04 35.63 26.27
CA ASP C 395 -25.83 34.57 25.67
C ASP C 395 -25.04 33.26 25.73
N ALA C 396 -25.77 32.15 25.84
CA ALA C 396 -25.12 30.86 25.77
C ALA C 396 -24.38 30.68 24.46
N LEU C 397 -24.90 31.26 23.37
CA LEU C 397 -24.24 31.13 22.09
C LEU C 397 -22.84 31.75 22.10
N ARG C 398 -22.73 32.97 22.63
CA ARG C 398 -21.43 33.62 22.64
C ARG C 398 -20.45 32.84 23.50
N LEU C 399 -20.91 32.31 24.64
CA LEU C 399 -20.03 31.53 25.48
C LEU C 399 -19.59 30.24 24.78
N ALA C 400 -20.52 29.55 24.13
CA ALA C 400 -20.16 28.33 23.41
C ALA C 400 -19.16 28.63 22.32
N VAL C 401 -19.31 29.77 21.64
CA VAL C 401 -18.34 30.18 20.64
C VAL C 401 -17.00 30.45 21.30
N ALA C 402 -17.02 31.07 22.48
CA ALA C 402 -15.77 31.30 23.20
C ALA C 402 -15.04 29.99 23.45
N TRP C 403 -15.73 29.01 24.01
CA TRP C 403 -15.23 27.65 23.99
C TRP C 403 -15.28 27.13 22.56
N ASN C 404 -14.76 25.93 22.35
CA ASN C 404 -14.79 25.30 21.04
C ASN C 404 -15.87 24.24 20.95
N ARG C 405 -16.76 24.16 21.94
CA ARG C 405 -17.80 23.14 21.96
C ARG C 405 -18.94 23.57 21.04
N VAL C 406 -19.03 22.92 19.88
CA VAL C 406 -20.12 23.22 18.96
C VAL C 406 -21.34 22.35 19.23
N ASP C 407 -21.14 21.18 19.84
CA ASP C 407 -22.28 20.33 20.19
C ASP C 407 -23.18 21.00 21.21
N ILE C 408 -22.59 21.70 22.18
CA ILE C 408 -23.39 22.38 23.18
C ILE C 408 -24.28 23.43 22.53
N ALA C 409 -23.69 24.24 21.63
CA ALA C 409 -24.48 25.23 20.92
C ALA C 409 -25.52 24.59 20.02
N GLN C 410 -25.17 23.43 19.43
CA GLN C 410 -26.13 22.72 18.60
C GLN C 410 -27.35 22.32 19.41
N SER C 411 -27.13 21.81 20.62
CA SER C 411 -28.25 21.46 21.49
C SER C 411 -29.02 22.71 21.92
N GLU C 412 -28.30 23.81 22.21
CA GLU C 412 -28.98 25.02 22.64
C GLU C 412 -29.89 25.58 21.56
N LEU C 413 -29.41 25.59 20.32
CA LEU C 413 -30.22 26.11 19.21
C LEU C 413 -31.27 25.12 18.74
N PHE C 414 -31.01 23.81 18.88
CA PHE C 414 -31.94 22.81 18.38
C PHE C 414 -33.30 22.92 19.07
N ARG C 415 -33.30 23.10 20.39
CA ARG C 415 -34.55 23.30 21.10
C ARG C 415 -35.29 24.51 20.53
N GLY C 416 -36.56 24.33 20.21
CA GLY C 416 -37.35 25.42 19.67
C GLY C 416 -37.79 26.45 20.69
N ASP C 417 -37.56 26.18 21.97
CA ASP C 417 -37.99 27.12 23.00
C ASP C 417 -37.34 28.49 22.80
N ILE C 418 -36.05 28.51 22.49
CA ILE C 418 -35.35 29.77 22.27
C ILE C 418 -35.76 30.34 20.92
N GLN C 419 -36.20 31.59 20.92
CA GLN C 419 -36.52 32.32 19.70
C GLN C 419 -35.48 33.41 19.52
N TRP C 420 -34.79 33.38 18.37
CA TRP C 420 -33.63 34.23 18.12
C TRP C 420 -34.01 35.39 17.23
N ARG C 421 -33.36 36.53 17.45
CA ARG C 421 -33.52 37.72 16.64
C ARG C 421 -32.29 37.88 15.74
N SER C 422 -32.26 38.99 14.99
CA SER C 422 -31.19 39.19 14.03
C SER C 422 -29.87 39.49 14.73
N PHE C 423 -29.82 40.59 15.49
CA PHE C 423 -28.57 40.98 16.15
C PHE C 423 -28.06 39.88 17.08
N HIS C 424 -28.96 39.10 17.68
CA HIS C 424 -28.53 38.04 18.56
C HIS C 424 -27.60 37.07 17.85
N LEU C 425 -28.00 36.60 16.67
CA LEU C 425 -27.14 35.70 15.91
C LEU C 425 -25.99 36.47 15.26
N GLU C 426 -26.19 37.73 14.91
CA GLU C 426 -25.14 38.49 14.26
C GLU C 426 -23.93 38.64 15.16
N ALA C 427 -24.16 38.95 16.45
CA ALA C 427 -23.04 39.10 17.37
C ALA C 427 -22.27 37.80 17.52
N SER C 428 -22.98 36.68 17.66
CA SER C 428 -22.31 35.38 17.79
C SER C 428 -21.54 35.05 16.52
N LEU C 429 -22.10 35.36 15.35
CA LEU C 429 -21.40 35.12 14.10
C LEU C 429 -20.12 35.95 14.03
N MET C 430 -20.19 37.21 14.45
CA MET C 430 -18.99 38.03 14.48
C MET C 430 -17.95 37.43 15.40
N ASP C 431 -18.36 36.96 16.57
CA ASP C 431 -17.42 36.34 17.50
C ASP C 431 -16.79 35.11 16.88
N ALA C 432 -17.59 34.28 16.21
CA ALA C 432 -17.05 33.08 15.58
C ALA C 432 -16.05 33.44 14.49
N LEU C 433 -16.36 34.45 13.69
CA LEU C 433 -15.45 34.87 12.63
C LEU C 433 -14.13 35.36 13.21
N LEU C 434 -14.20 36.16 14.27
CA LEU C 434 -12.97 36.75 14.82
C LEU C 434 -12.07 35.69 15.43
N ASN C 435 -12.63 34.61 15.96
CA ASN C 435 -11.86 33.61 16.69
C ASN C 435 -11.53 32.38 15.84
N ASP C 436 -11.80 32.41 14.54
CA ASP C 436 -11.44 31.31 13.65
C ASP C 436 -12.11 30.01 14.07
N ARG C 437 -13.45 30.01 14.02
CA ARG C 437 -14.27 28.87 14.40
C ARG C 437 -15.15 28.50 13.21
N PRO C 438 -14.59 27.78 12.22
CA PRO C 438 -15.36 27.49 11.01
C PRO C 438 -16.65 26.73 11.26
N GLU C 439 -16.63 25.78 12.19
CA GLU C 439 -17.83 24.98 12.44
C GLU C 439 -18.96 25.85 12.95
N PHE C 440 -18.65 26.80 13.85
CA PHE C 440 -19.70 27.64 14.40
C PHE C 440 -20.28 28.58 13.35
N VAL C 441 -19.44 29.14 12.48
CA VAL C 441 -19.97 30.00 11.43
C VAL C 441 -20.84 29.18 10.49
N ARG C 442 -20.41 27.97 10.15
CA ARG C 442 -21.25 27.12 9.32
C ARG C 442 -22.61 26.90 9.97
N LEU C 443 -22.62 26.53 11.25
CA LEU C 443 -23.88 26.26 11.94
C LEU C 443 -24.75 27.51 12.00
N LEU C 444 -24.15 28.66 12.31
CA LEU C 444 -24.94 29.88 12.43
C LEU C 444 -25.55 30.28 11.09
N ILE C 445 -24.76 30.21 10.02
CA ILE C 445 -25.30 30.51 8.70
C ILE C 445 -26.42 29.54 8.35
N SER C 446 -26.27 28.28 8.75
CA SER C 446 -27.27 27.28 8.43
C SER C 446 -28.64 27.64 9.00
N HIS C 447 -28.70 28.47 10.03
CA HIS C 447 -29.97 28.82 10.67
C HIS C 447 -30.61 30.05 10.02
N GLY C 448 -30.65 30.04 8.69
CA GLY C 448 -31.38 31.07 7.97
C GLY C 448 -30.95 32.49 8.30
N LEU C 449 -29.71 32.67 8.75
CA LEU C 449 -29.21 34.00 9.06
C LEU C 449 -28.95 34.75 7.77
N SER C 450 -29.57 35.93 7.63
CA SER C 450 -29.33 36.75 6.45
C SER C 450 -27.94 37.36 6.51
N LEU C 451 -27.13 37.09 5.50
CA LEU C 451 -25.75 37.54 5.47
C LEU C 451 -25.56 38.87 4.76
N GLY C 452 -26.38 39.18 3.75
CA GLY C 452 -26.19 40.43 3.03
C GLY C 452 -26.29 41.63 3.94
N HIS C 453 -27.32 41.67 4.79
CA HIS C 453 -27.47 42.76 5.73
C HIS C 453 -26.48 42.66 6.89
N PHE C 454 -25.97 41.46 7.18
CA PHE C 454 -25.06 41.31 8.31
C PHE C 454 -23.78 42.09 8.09
N LEU C 455 -23.13 41.89 6.95
CA LEU C 455 -21.84 42.51 6.70
C LEU C 455 -22.02 43.99 6.45
N THR C 456 -21.24 44.81 7.14
CA THR C 456 -21.27 46.25 7.04
C THR C 456 -19.84 46.77 7.04
N PRO C 457 -19.62 47.99 6.52
CA PRO C 457 -18.25 48.51 6.52
C PRO C 457 -17.61 48.51 7.88
N MET C 458 -18.38 48.81 8.94
CA MET C 458 -17.83 48.73 10.29
C MET C 458 -17.43 47.31 10.63
N ARG C 459 -18.28 46.33 10.32
CA ARG C 459 -17.96 44.94 10.63
C ARG C 459 -16.77 44.47 9.83
N LEU C 460 -16.67 44.85 8.55
CA LEU C 460 -15.53 44.46 7.75
C LEU C 460 -14.25 45.09 8.28
N ALA C 461 -14.33 46.35 8.71
CA ALA C 461 -13.16 46.99 9.31
C ALA C 461 -12.74 46.24 10.57
N GLN C 462 -13.70 45.84 11.39
CA GLN C 462 -13.37 45.06 12.58
C GLN C 462 -12.71 43.74 12.20
N LEU C 463 -13.26 43.05 11.19
CA LEU C 463 -12.71 41.77 10.80
C LEU C 463 -11.27 41.90 10.34
N TYR C 464 -10.97 42.92 9.53
CA TYR C 464 -9.60 43.12 9.10
C TYR C 464 -8.71 43.59 10.25
N SER C 465 -9.29 44.32 11.20
CA SER C 465 -8.53 44.76 12.36
C SER C 465 -8.04 43.58 13.20
N ALA C 466 -8.68 42.42 13.06
CA ALA C 466 -8.28 41.23 13.80
C ALA C 466 -7.06 40.55 13.22
N ALA C 467 -6.34 41.20 12.30
CA ALA C 467 -5.13 40.61 11.77
C ALA C 467 -4.14 40.39 12.91
N PRO C 468 -3.43 39.26 12.94
CA PRO C 468 -2.63 38.90 14.11
C PRO C 468 -1.35 39.73 14.18
N SER C 469 -1.34 40.71 15.09
CA SER C 469 -0.13 41.45 15.48
C SER C 469 0.62 41.85 14.21
N ASN C 470 1.90 41.52 14.06
CA ASN C 470 2.67 41.87 12.88
C ASN C 470 2.56 40.72 11.89
N SER C 471 1.53 40.78 11.05
CA SER C 471 1.32 39.82 9.98
C SER C 471 1.41 40.54 8.64
N LEU C 472 1.78 39.78 7.61
CA LEU C 472 1.98 40.38 6.29
C LEU C 472 0.77 41.21 5.88
N ILE C 473 -0.42 40.69 6.13
CA ILE C 473 -1.62 41.47 5.81
C ILE C 473 -1.63 42.76 6.60
N ARG C 474 -1.22 42.71 7.86
CA ARG C 474 -1.18 43.94 8.67
C ARG C 474 -0.21 44.94 8.07
N ASN C 475 0.97 44.49 7.65
CA ASN C 475 1.94 45.39 7.05
C ASN C 475 1.40 46.01 5.77
N LEU C 476 0.77 45.19 4.92
CA LEU C 476 0.24 45.71 3.67
C LEU C 476 -0.86 46.72 3.93
N LEU C 477 -1.74 46.45 4.89
CA LEU C 477 -2.80 47.39 5.22
C LEU C 477 -2.21 48.70 5.74
N ASP C 478 -1.18 48.61 6.58
CA ASP C 478 -0.55 49.82 7.09
C ASP C 478 0.07 50.62 5.96
N GLN C 479 0.76 49.95 5.03
CA GLN C 479 1.35 50.66 3.91
C GLN C 479 0.30 51.34 3.06
N ALA C 480 -0.80 50.63 2.77
CA ALA C 480 -1.86 51.22 1.95
C ALA C 480 -2.48 52.42 2.66
N PRO C 500 -10.81 52.66 7.47
CA PRO C 500 -11.44 51.62 6.64
C PRO C 500 -10.45 50.59 6.13
N PRO C 501 -10.94 49.42 5.70
CA PRO C 501 -10.02 48.36 5.27
C PRO C 501 -9.08 48.79 4.14
N ASP C 502 -9.59 49.51 3.16
CA ASP C 502 -8.80 49.90 1.98
C ASP C 502 -8.17 48.68 1.33
N VAL C 503 -8.98 47.62 1.19
CA VAL C 503 -8.48 46.36 0.65
C VAL C 503 -8.20 46.44 -0.85
N GLY C 504 -8.96 47.26 -1.58
CA GLY C 504 -8.76 47.32 -3.02
C GLY C 504 -7.35 47.71 -3.40
N HIS C 505 -6.78 48.69 -2.69
CA HIS C 505 -5.43 49.15 -3.02
C HIS C 505 -4.41 48.03 -2.83
N VAL C 506 -4.50 47.31 -1.70
CA VAL C 506 -3.54 46.23 -1.46
C VAL C 506 -3.74 45.10 -2.47
N LEU C 507 -4.99 44.84 -2.84
CA LEU C 507 -5.25 43.81 -3.84
C LEU C 507 -4.60 44.19 -5.17
N ARG C 508 -4.78 45.44 -5.60
CA ARG C 508 -4.15 45.88 -6.83
C ARG C 508 -2.63 45.80 -6.73
N MET C 509 -2.09 46.19 -5.57
CA MET C 509 -0.63 46.14 -5.38
C MET C 509 -0.12 44.72 -5.53
N LEU C 510 -0.81 43.76 -4.90
CA LEU C 510 -0.39 42.37 -5.02
C LEU C 510 -0.50 41.87 -6.45
N LEU C 511 -1.67 42.04 -7.06
CA LEU C 511 -1.87 41.56 -8.42
C LEU C 511 -1.11 42.42 -9.42
N GLY C 512 -0.99 43.72 -9.15
CA GLY C 512 -0.33 44.67 -10.03
C GLY C 512 -1.30 45.50 -10.86
N LYS C 513 -2.54 45.01 -11.04
CA LYS C 513 -3.55 45.72 -11.81
C LYS C 513 -3.03 46.05 -13.22
N MET C 514 -2.32 45.10 -13.82
CA MET C 514 -1.78 45.30 -15.15
C MET C 514 -2.81 44.97 -16.23
N ALA C 557 -21.57 41.33 -2.91
CA ALA C 557 -21.63 39.90 -2.64
C ALA C 557 -20.87 39.61 -1.34
N PRO C 558 -21.54 39.32 -0.24
CA PRO C 558 -20.81 39.08 1.02
C PRO C 558 -19.84 37.92 0.93
N TRP C 559 -20.19 36.88 0.19
CA TRP C 559 -19.35 35.69 0.15
C TRP C 559 -18.00 36.00 -0.48
N SER C 560 -17.98 36.78 -1.55
CA SER C 560 -16.71 37.14 -2.17
C SER C 560 -15.83 37.91 -1.20
N ASP C 561 -16.41 38.89 -0.50
CA ASP C 561 -15.63 39.68 0.45
C ASP C 561 -15.09 38.80 1.58
N LEU C 562 -15.92 37.90 2.10
CA LEU C 562 -15.46 37.04 3.18
C LEU C 562 -14.39 36.07 2.71
N LEU C 563 -14.53 35.55 1.50
CA LEU C 563 -13.48 34.68 0.97
C LEU C 563 -12.18 35.44 0.82
N LEU C 564 -12.24 36.67 0.31
CA LEU C 564 -11.03 37.47 0.18
C LEU C 564 -10.41 37.73 1.55
N TRP C 565 -11.24 38.06 2.54
CA TRP C 565 -10.71 38.30 3.88
C TRP C 565 -10.03 37.06 4.44
N ALA C 566 -10.67 35.90 4.29
CA ALA C 566 -10.08 34.67 4.80
C ALA C 566 -8.77 34.36 4.10
N LEU C 567 -8.71 34.57 2.79
CA LEU C 567 -7.46 34.35 2.08
C LEU C 567 -6.37 35.28 2.56
N LEU C 568 -6.69 36.56 2.75
CA LEU C 568 -5.70 37.51 3.22
C LEU C 568 -5.17 37.13 4.60
N LEU C 569 -6.08 36.78 5.52
CA LEU C 569 -5.67 36.38 6.85
C LEU C 569 -5.19 34.94 6.91
N ASN C 570 -5.31 34.18 5.83
CA ASN C 570 -4.83 32.80 5.78
C ASN C 570 -5.51 31.93 6.84
N ARG C 571 -6.83 31.82 6.70
CA ARG C 571 -7.65 30.95 7.52
C ARG C 571 -8.18 29.85 6.62
N ALA C 572 -7.53 28.68 6.66
CA ALA C 572 -7.78 27.66 5.64
C ALA C 572 -9.23 27.21 5.65
N GLN C 573 -9.74 26.79 6.81
CA GLN C 573 -11.08 26.21 6.84
C GLN C 573 -12.14 27.26 6.54
N MET C 574 -11.97 28.47 7.06
CA MET C 574 -12.94 29.52 6.80
C MET C 574 -12.98 29.89 5.33
N ALA C 575 -11.80 30.03 4.71
CA ALA C 575 -11.77 30.31 3.29
C ALA C 575 -12.39 29.18 2.49
N MET C 576 -12.11 27.94 2.88
CA MET C 576 -12.74 26.79 2.24
C MET C 576 -14.26 26.93 2.28
N TYR C 577 -14.81 27.15 3.47
CA TYR C 577 -16.26 27.23 3.60
C TYR C 577 -16.82 28.36 2.76
N PHE C 578 -16.18 29.53 2.81
CA PHE C 578 -16.69 30.66 2.03
C PHE C 578 -16.66 30.36 0.54
N TRP C 579 -15.63 29.66 0.08
CA TRP C 579 -15.59 29.26 -1.32
C TRP C 579 -16.75 28.33 -1.64
N GLU C 580 -17.05 27.40 -0.74
CA GLU C 580 -18.16 26.47 -0.99
C GLU C 580 -19.47 27.21 -1.19
N MET C 581 -19.65 28.34 -0.51
CA MET C 581 -20.88 29.11 -0.61
C MET C 581 -20.81 30.20 -1.68
N GLY C 582 -19.68 30.35 -2.36
CA GLY C 582 -19.53 31.42 -3.33
C GLY C 582 -20.22 31.12 -4.64
N SER C 583 -20.21 32.11 -5.53
CA SER C 583 -20.89 32.01 -6.81
C SER C 583 -19.95 31.54 -7.91
N ASN C 584 -18.89 32.30 -8.18
CA ASN C 584 -17.97 31.98 -9.27
C ASN C 584 -16.93 31.00 -8.73
N ALA C 585 -17.32 29.72 -8.71
CA ALA C 585 -16.52 28.72 -8.02
C ALA C 585 -15.16 28.55 -8.68
N VAL C 586 -15.14 28.30 -9.99
CA VAL C 586 -13.88 27.98 -10.66
C VAL C 586 -12.97 29.20 -10.70
N SER C 587 -13.51 30.34 -11.12
CA SER C 587 -12.70 31.55 -11.18
C SER C 587 -12.23 31.96 -9.79
N SER C 588 -13.09 31.82 -8.79
CA SER C 588 -12.68 32.16 -7.43
C SER C 588 -11.57 31.23 -6.95
N ALA C 589 -11.66 29.94 -7.28
CA ALA C 589 -10.60 29.02 -6.88
C ALA C 589 -9.27 29.41 -7.53
N LEU C 590 -9.30 29.71 -8.83
CA LEU C 590 -8.06 30.09 -9.50
C LEU C 590 -7.51 31.40 -8.94
N GLY C 591 -8.39 32.37 -8.69
CA GLY C 591 -7.93 33.63 -8.13
C GLY C 591 -7.37 33.46 -6.73
N ALA C 592 -7.98 32.60 -5.93
CA ALA C 592 -7.45 32.33 -4.59
C ALA C 592 -6.07 31.69 -4.70
N CYS C 593 -5.89 30.75 -5.61
CA CYS C 593 -4.58 30.16 -5.81
C CYS C 593 -3.56 31.23 -6.19
N LEU C 594 -3.93 32.10 -7.13
CA LEU C 594 -3.03 33.18 -7.54
C LEU C 594 -2.65 34.05 -6.35
N LEU C 595 -3.65 34.51 -5.60
CA LEU C 595 -3.40 35.43 -4.50
C LEU C 595 -2.54 34.79 -3.43
N LEU C 596 -2.83 33.53 -3.09
CA LEU C 596 -2.05 32.86 -2.06
C LEU C 596 -0.61 32.66 -2.51
N ARG C 597 -0.38 32.27 -3.76
CA ARG C 597 0.99 32.12 -4.23
C ARG C 597 1.72 33.46 -4.20
N VAL C 598 1.04 34.53 -4.63
CA VAL C 598 1.67 35.85 -4.63
C VAL C 598 2.06 36.24 -3.21
N MET C 599 1.16 36.03 -2.26
CA MET C 599 1.48 36.36 -0.87
C MET C 599 2.62 35.50 -0.35
N ALA C 600 2.63 34.22 -0.67
CA ALA C 600 3.70 33.35 -0.21
C ALA C 600 5.05 33.83 -0.70
N ARG C 601 5.14 34.18 -1.98
CA ARG C 601 6.38 34.72 -2.51
C ARG C 601 6.76 36.05 -1.84
N LEU C 602 5.79 36.74 -1.25
CA LEU C 602 5.99 38.07 -0.68
C LEU C 602 6.08 38.04 0.83
N GLU C 603 6.18 36.84 1.40
CA GLU C 603 6.15 36.69 2.88
C GLU C 603 7.55 36.72 3.50
N PRO C 604 7.75 37.41 4.64
CA PRO C 604 9.03 37.41 5.33
C PRO C 604 9.42 36.03 5.84
N ASP C 605 8.47 35.25 6.36
CA ASP C 605 8.83 33.95 6.98
C ASP C 605 8.38 32.78 6.10
N ALA C 606 9.31 31.88 5.77
CA ALA C 606 9.01 30.72 4.89
C ALA C 606 7.97 29.79 5.53
N GLU C 607 8.05 29.55 6.82
CA GLU C 607 7.12 28.56 7.44
C GLU C 607 5.68 29.08 7.28
N GLU C 608 5.44 30.38 7.50
CA GLU C 608 4.09 30.94 7.26
C GLU C 608 3.77 30.79 5.77
N ALA C 609 4.77 31.06 4.91
CA ALA C 609 4.55 30.97 3.45
C ALA C 609 4.17 29.54 3.09
N ALA C 610 4.76 28.53 3.75
CA ALA C 610 4.43 27.18 3.32
C ALA C 610 2.95 26.89 3.53
N ARG C 611 2.37 27.43 4.60
CA ARG C 611 0.93 27.26 4.80
C ARG C 611 0.14 27.89 3.68
N ARG C 612 0.51 29.12 3.27
CA ARG C 612 -0.19 29.75 2.16
C ARG C 612 0.00 28.96 0.89
N LYS C 613 1.21 28.45 0.65
CA LYS C 613 1.44 27.66 -0.55
C LYS C 613 0.59 26.39 -0.56
N ASP C 614 0.48 25.73 0.60
CA ASP C 614 -0.35 24.53 0.68
C ASP C 614 -1.82 24.86 0.45
N LEU C 615 -2.29 25.97 1.03
CA LEU C 615 -3.68 26.36 0.81
C LEU C 615 -3.93 26.67 -0.66
N ALA C 616 -2.97 27.33 -1.32
CA ALA C 616 -3.09 27.60 -2.74
C ALA C 616 -3.17 26.30 -3.52
N PHE C 617 -2.33 25.33 -3.16
CA PHE C 617 -2.38 24.03 -3.85
C PHE C 617 -3.73 23.37 -3.66
N LYS C 618 -4.28 23.44 -2.45
CA LYS C 618 -5.59 22.86 -2.19
C LYS C 618 -6.68 23.53 -3.03
N PHE C 619 -6.64 24.86 -3.11
CA PHE C 619 -7.62 25.57 -3.93
C PHE C 619 -7.47 25.20 -5.40
N GLU C 620 -6.24 25.07 -5.89
CA GLU C 620 -6.04 24.63 -7.26
C GLU C 620 -6.63 23.25 -7.49
N GLY C 621 -6.43 22.34 -6.53
CA GLY C 621 -7.00 21.02 -6.66
C GLY C 621 -8.51 21.04 -6.72
N MET C 622 -9.14 21.85 -5.88
CA MET C 622 -10.60 21.95 -5.92
C MET C 622 -11.06 22.55 -7.25
N GLY C 623 -10.36 23.58 -7.73
CA GLY C 623 -10.73 24.17 -8.99
C GLY C 623 -10.67 23.17 -10.14
N VAL C 624 -9.59 22.39 -10.19
CA VAL C 624 -9.45 21.41 -11.27
C VAL C 624 -10.54 20.34 -11.14
N ASP C 625 -10.81 19.87 -9.93
CA ASP C 625 -11.84 18.85 -9.76
C ASP C 625 -13.21 19.38 -10.20
N LEU C 626 -13.57 20.57 -9.74
CA LEU C 626 -14.86 21.13 -10.09
C LEU C 626 -14.97 21.35 -11.58
N PHE C 627 -13.92 21.87 -12.22
CA PHE C 627 -14.01 22.08 -13.65
C PHE C 627 -14.07 20.77 -14.41
N GLY C 628 -13.39 19.73 -13.92
CA GLY C 628 -13.53 18.43 -14.56
C GLY C 628 -14.97 17.94 -14.51
N GLU C 629 -15.61 18.10 -13.35
CA GLU C 629 -17.02 17.74 -13.25
C GLU C 629 -17.85 18.53 -14.25
N CYS C 630 -17.69 19.85 -14.25
CA CYS C 630 -18.49 20.69 -15.14
C CYS C 630 -18.26 20.32 -16.60
N TYR C 631 -17.01 20.10 -16.98
CA TYR C 631 -16.70 19.78 -18.37
C TYR C 631 -17.31 18.44 -18.77
N ARG C 632 -17.09 17.41 -17.96
CA ARG C 632 -17.66 16.12 -18.32
C ARG C 632 -19.18 16.18 -18.38
N SER C 633 -19.81 17.10 -17.65
CA SER C 633 -21.26 17.24 -17.77
C SER C 633 -21.66 17.78 -19.13
N SER C 634 -21.02 18.86 -19.58
CA SER C 634 -21.41 19.51 -20.83
C SER C 634 -20.23 20.33 -21.35
N GLU C 635 -19.67 19.94 -22.49
CA GLU C 635 -18.51 20.62 -23.03
C GLU C 635 -18.85 21.94 -23.69
N VAL C 636 -20.01 22.04 -24.34
CA VAL C 636 -20.37 23.30 -25.00
C VAL C 636 -20.41 24.43 -23.99
N ARG C 637 -20.99 24.16 -22.83
CA ARG C 637 -20.85 25.06 -21.68
C ARG C 637 -19.59 24.63 -20.93
N ALA C 638 -19.40 25.12 -19.72
CA ALA C 638 -18.16 24.86 -19.01
C ALA C 638 -17.01 25.50 -19.76
N ALA C 639 -16.20 24.67 -20.43
CA ALA C 639 -14.99 25.19 -21.08
C ALA C 639 -15.31 26.36 -21.98
N ARG C 640 -16.26 26.18 -22.89
CA ARG C 640 -16.52 27.25 -23.86
C ARG C 640 -17.02 28.52 -23.19
N LEU C 641 -17.59 28.42 -22.00
CA LEU C 641 -18.19 29.59 -21.37
C LEU C 641 -17.56 29.91 -20.01
N LEU C 642 -17.39 28.92 -19.13
CA LEU C 642 -16.85 29.21 -17.81
C LEU C 642 -15.43 29.78 -17.90
N LEU C 643 -14.59 29.18 -18.74
CA LEU C 643 -13.19 29.60 -18.80
C LEU C 643 -13.04 30.91 -19.54
N ARG C 644 -13.81 31.12 -20.59
CA ARG C 644 -13.59 32.24 -21.49
C ARG C 644 -14.37 33.49 -21.10
N ARG C 645 -15.09 33.48 -19.99
CA ARG C 645 -15.75 34.66 -19.48
C ARG C 645 -14.82 35.44 -18.56
N CYS C 646 -15.06 36.74 -18.47
CA CYS C 646 -14.24 37.60 -17.63
C CYS C 646 -14.97 37.87 -16.31
N PRO C 647 -14.48 37.37 -15.17
CA PRO C 647 -15.23 37.56 -13.92
C PRO C 647 -14.93 38.88 -13.24
N LEU C 648 -15.48 39.05 -12.03
CA LEU C 648 -15.26 40.27 -11.26
C LEU C 648 -13.87 40.35 -10.63
N TRP C 649 -13.13 39.24 -10.59
CA TRP C 649 -11.83 39.23 -9.92
C TRP C 649 -10.91 40.31 -10.46
N GLY C 650 -10.55 40.22 -11.72
CA GLY C 650 -9.74 41.23 -12.36
C GLY C 650 -10.16 41.43 -13.80
N ASP C 651 -11.44 41.14 -14.08
CA ASP C 651 -11.95 41.08 -15.45
C ASP C 651 -10.97 40.30 -16.33
N ALA C 652 -10.38 39.24 -15.79
CA ALA C 652 -9.41 38.43 -16.48
C ALA C 652 -9.95 37.01 -16.59
N THR C 653 -9.92 36.45 -17.80
CA THR C 653 -10.47 35.12 -18.01
C THR C 653 -9.75 34.11 -17.13
N CYS C 654 -10.45 33.03 -16.80
CA CYS C 654 -9.89 32.03 -15.90
C CYS C 654 -8.55 31.52 -16.41
N LEU C 655 -8.38 31.43 -17.73
CA LEU C 655 -7.10 30.96 -18.26
C LEU C 655 -5.98 31.92 -17.90
N GLN C 656 -6.24 33.22 -17.93
CA GLN C 656 -5.22 34.18 -17.52
C GLN C 656 -4.84 33.98 -16.07
N LEU C 657 -5.82 33.77 -15.19
CA LEU C 657 -5.52 33.54 -13.79
C LEU C 657 -4.69 32.27 -13.62
N ALA C 658 -5.04 31.21 -14.34
CA ALA C 658 -4.28 29.97 -14.23
C ALA C 658 -2.85 30.19 -14.71
N MET C 659 -2.67 30.95 -15.79
CA MET C 659 -1.33 31.22 -16.28
C MET C 659 -0.51 32.00 -15.26
N GLN C 660 -1.08 33.07 -14.72
CA GLN C 660 -0.35 33.87 -13.75
C GLN C 660 -0.04 33.08 -12.49
N ALA C 661 -0.97 32.26 -12.04
CA ALA C 661 -0.77 31.45 -10.85
C ALA C 661 0.15 30.26 -11.08
N ASP C 662 0.55 30.01 -12.32
CA ASP C 662 1.35 28.83 -12.63
C ASP C 662 0.65 27.56 -12.18
N ALA C 663 -0.67 27.52 -12.39
CA ALA C 663 -1.48 26.37 -12.00
C ALA C 663 -1.34 25.31 -13.09
N ARG C 664 -0.20 24.62 -13.09
CA ARG C 664 0.06 23.62 -14.11
C ARG C 664 -0.97 22.51 -14.07
N ALA C 665 -1.39 22.11 -12.87
CA ALA C 665 -2.38 21.05 -12.75
C ALA C 665 -3.68 21.44 -13.45
N PHE C 666 -4.04 22.71 -13.39
CA PHE C 666 -5.27 23.14 -14.04
C PHE C 666 -5.17 23.02 -15.55
N PHE C 667 -4.03 23.37 -16.12
CA PHE C 667 -3.85 23.21 -17.56
C PHE C 667 -3.70 21.75 -17.97
N ALA C 668 -3.28 20.89 -17.05
CA ALA C 668 -3.00 19.51 -17.43
C ALA C 668 -4.28 18.75 -17.76
N GLN C 669 -5.40 19.08 -17.12
CA GLN C 669 -6.59 18.26 -17.26
C GLN C 669 -7.12 18.30 -18.68
N ASP C 670 -7.78 17.21 -19.07
CA ASP C 670 -8.14 17.01 -20.47
C ASP C 670 -9.11 18.06 -20.98
N GLY C 671 -10.01 18.56 -20.13
CA GLY C 671 -10.96 19.55 -20.58
C GLY C 671 -10.27 20.81 -21.08
N VAL C 672 -9.33 21.32 -20.29
CA VAL C 672 -8.63 22.54 -20.69
C VAL C 672 -7.80 22.31 -21.94
N GLN C 673 -7.16 21.14 -22.04
CA GLN C 673 -6.36 20.86 -23.22
C GLN C 673 -7.23 20.77 -24.46
N SER C 674 -8.40 20.15 -24.36
CA SER C 674 -9.31 20.09 -25.49
C SER C 674 -9.78 21.49 -25.88
N LEU C 675 -10.08 22.33 -24.89
CA LEU C 675 -10.47 23.70 -25.21
C LEU C 675 -9.34 24.43 -25.92
N LEU C 676 -8.10 24.26 -25.44
CA LEU C 676 -6.98 24.92 -26.08
C LEU C 676 -6.80 24.43 -27.51
N THR C 677 -6.96 23.13 -27.73
CA THR C 677 -6.88 22.61 -29.09
C THR C 677 -7.97 23.23 -29.96
N GLN C 678 -9.18 23.34 -29.43
CA GLN C 678 -10.27 23.93 -30.20
C GLN C 678 -9.95 25.37 -30.57
N LYS C 679 -9.40 26.14 -29.64
CA LYS C 679 -9.02 27.51 -29.94
C LYS C 679 -7.87 27.54 -30.95
N TRP C 680 -6.98 26.55 -30.90
CA TRP C 680 -5.84 26.52 -31.81
C TRP C 680 -6.29 26.41 -33.25
N TRP C 681 -7.30 25.59 -33.51
CA TRP C 681 -7.82 25.39 -34.86
C TRP C 681 -8.83 26.43 -35.27
N GLY C 682 -9.12 27.41 -34.42
CA GLY C 682 -10.08 28.43 -34.79
C GLY C 682 -11.42 27.82 -35.11
N ASP C 683 -12.04 28.30 -36.18
CA ASP C 683 -13.37 27.81 -36.55
C ASP C 683 -13.32 26.45 -37.21
N MET C 684 -12.17 26.03 -37.71
CA MET C 684 -12.06 24.69 -38.29
C MET C 684 -12.25 23.64 -37.21
N ALA C 685 -12.77 22.49 -37.62
CA ALA C 685 -12.96 21.40 -36.67
C ALA C 685 -11.61 20.91 -36.17
N SER C 686 -11.55 20.59 -34.88
CA SER C 686 -10.31 20.13 -34.28
C SER C 686 -9.82 18.82 -34.86
N THR C 687 -10.67 18.08 -35.56
CA THR C 687 -10.29 16.79 -36.12
C THR C 687 -9.72 16.89 -37.52
N THR C 688 -9.54 18.09 -38.05
CA THR C 688 -9.04 18.24 -39.40
C THR C 688 -7.66 17.58 -39.51
N PRO C 689 -7.43 16.69 -40.47
CA PRO C 689 -6.09 16.14 -40.63
C PRO C 689 -5.11 17.19 -41.09
N ILE C 690 -3.85 17.01 -40.70
CA ILE C 690 -2.81 17.97 -41.05
C ILE C 690 -2.67 18.06 -42.58
N TRP C 691 -2.69 16.92 -43.26
CA TRP C 691 -2.55 16.93 -44.71
C TRP C 691 -3.66 17.73 -45.36
N ALA C 692 -4.87 17.65 -44.82
CA ALA C 692 -5.97 18.46 -45.33
C ALA C 692 -5.66 19.94 -45.17
N LEU C 693 -5.11 20.32 -44.01
CA LEU C 693 -4.75 21.72 -43.80
C LEU C 693 -3.70 22.16 -44.80
N VAL C 694 -2.70 21.32 -45.06
CA VAL C 694 -1.65 21.69 -46.01
C VAL C 694 -2.23 21.87 -47.40
N LEU C 695 -3.06 20.92 -47.83
CA LEU C 695 -3.68 21.02 -49.15
C LEU C 695 -4.50 22.29 -49.26
N ALA C 696 -5.29 22.61 -48.24
CA ALA C 696 -6.05 23.84 -48.26
C ALA C 696 -5.13 25.05 -48.34
N PHE C 697 -4.02 25.02 -47.60
CA PHE C 697 -3.11 26.15 -47.59
C PHE C 697 -2.53 26.40 -48.98
N PHE C 698 -2.13 25.34 -49.68
CA PHE C 698 -1.57 25.50 -51.01
C PHE C 698 -2.63 25.52 -52.11
N CYS C 699 -3.88 25.24 -51.78
CA CYS C 699 -5.00 25.34 -52.72
C CYS C 699 -6.11 26.12 -52.06
N PRO C 700 -6.01 27.45 -52.04
CA PRO C 700 -7.01 28.28 -51.35
C PRO C 700 -8.42 27.85 -51.68
N PRO C 701 -8.76 27.67 -52.97
CA PRO C 701 -10.16 27.32 -53.27
C PRO C 701 -10.64 26.07 -52.54
N LEU C 702 -9.77 25.09 -52.32
CA LEU C 702 -10.18 23.87 -51.65
C LEU C 702 -10.76 24.12 -50.26
N ILE C 703 -10.62 25.32 -49.70
CA ILE C 703 -11.25 25.58 -48.40
C ILE C 703 -12.76 25.42 -48.53
N TYR C 704 -13.34 25.83 -49.66
CA TYR C 704 -14.77 25.73 -49.85
C TYR C 704 -15.23 24.31 -50.16
N THR C 705 -14.32 23.39 -50.43
CA THR C 705 -14.69 22.01 -50.65
C THR C 705 -15.10 21.36 -49.34
N ARG C 706 -15.94 20.33 -49.45
CA ARG C 706 -16.41 19.61 -48.27
C ARG C 706 -15.31 18.83 -47.57
N LEU C 707 -14.14 18.69 -48.18
CA LEU C 707 -13.07 17.92 -47.57
C LEU C 707 -12.47 18.59 -46.34
N ILE C 708 -12.84 19.84 -46.07
CA ILE C 708 -12.43 20.55 -44.85
C ILE C 708 -13.70 20.99 -44.13
N THR C 709 -13.79 20.68 -42.85
CA THR C 709 -15.02 20.88 -42.07
C THR C 709 -14.88 22.07 -41.13
N PHE C 710 -15.98 22.77 -40.93
CA PHE C 710 -16.01 23.94 -40.06
C PHE C 710 -17.07 23.79 -38.98
N ARG C 766 -21.04 38.27 -46.32
CA ARG C 766 -20.98 37.16 -47.26
C ARG C 766 -20.49 35.89 -46.58
N ARG C 767 -21.11 34.76 -46.93
CA ARG C 767 -20.65 33.48 -46.41
C ARG C 767 -19.24 33.16 -46.91
N CYS C 768 -18.96 33.47 -48.18
CA CYS C 768 -17.66 33.16 -48.75
C CYS C 768 -16.55 33.88 -47.99
N LEU C 769 -16.72 35.18 -47.77
CA LEU C 769 -15.70 35.94 -47.04
C LEU C 769 -15.61 35.46 -45.59
N ARG C 770 -16.75 35.10 -45.00
CA ARG C 770 -16.72 34.57 -43.64
C ARG C 770 -15.84 33.32 -43.56
N ARG C 771 -16.05 32.38 -44.48
CA ARG C 771 -15.24 31.16 -44.48
C ARG C 771 -13.79 31.48 -44.77
N TRP C 772 -13.53 32.41 -45.70
CA TRP C 772 -12.16 32.77 -46.03
C TRP C 772 -11.43 33.30 -44.81
N PHE C 773 -12.03 34.26 -44.11
CA PHE C 773 -11.38 34.82 -42.93
C PHE C 773 -11.30 33.79 -41.81
N HIS C 774 -12.27 32.89 -41.71
CA HIS C 774 -12.19 31.84 -40.70
C HIS C 774 -10.99 30.95 -40.94
N PHE C 775 -10.74 30.59 -42.20
CA PHE C 775 -9.60 29.73 -42.50
C PHE C 775 -8.28 30.47 -42.30
N TRP C 776 -8.19 31.69 -42.82
CA TRP C 776 -6.90 32.39 -42.78
C TRP C 776 -6.67 33.15 -41.49
N GLY C 777 -7.59 33.09 -40.54
CA GLY C 777 -7.40 33.77 -39.27
C GLY C 777 -7.18 32.80 -38.13
N ALA C 778 -7.40 31.51 -38.37
CA ALA C 778 -7.21 30.53 -37.32
C ALA C 778 -5.75 30.55 -36.87
N PRO C 779 -5.47 30.37 -35.58
CA PRO C 779 -4.07 30.38 -35.15
C PRO C 779 -3.23 29.35 -35.88
N VAL C 780 -3.78 28.17 -36.17
CA VAL C 780 -2.98 27.12 -36.79
C VAL C 780 -2.53 27.54 -38.18
N THR C 781 -3.41 28.15 -38.96
CA THR C 781 -3.03 28.55 -40.30
C THR C 781 -2.03 29.70 -40.27
N ILE C 782 -2.17 30.62 -39.31
CA ILE C 782 -1.18 31.67 -39.15
C ILE C 782 0.17 31.04 -38.83
N PHE C 783 0.19 30.06 -37.94
CA PHE C 783 1.43 29.38 -37.60
C PHE C 783 2.04 28.69 -38.81
N MET C 784 1.22 28.02 -39.60
CA MET C 784 1.73 27.33 -40.79
C MET C 784 2.28 28.31 -41.79
N GLY C 785 1.59 29.42 -42.02
CA GLY C 785 2.10 30.44 -42.91
C GLY C 785 3.41 31.01 -42.41
N ASN C 786 3.51 31.23 -41.10
CA ASN C 786 4.75 31.73 -40.53
C ASN C 786 5.89 30.75 -40.73
N VAL C 787 5.61 29.45 -40.55
CA VAL C 787 6.65 28.45 -40.73
C VAL C 787 7.10 28.40 -42.18
N VAL C 788 6.15 28.43 -43.12
CA VAL C 788 6.51 28.40 -44.53
C VAL C 788 7.34 29.63 -44.89
N SER C 789 6.92 30.80 -44.40
CA SER C 789 7.67 32.02 -44.69
C SER C 789 9.06 31.96 -44.10
N TYR C 790 9.20 31.42 -42.89
CA TYR C 790 10.52 31.33 -42.28
C TYR C 790 11.41 30.37 -43.06
N LEU C 791 10.86 29.25 -43.54
CA LEU C 791 11.66 28.35 -44.37
C LEU C 791 12.10 29.03 -45.65
N LEU C 792 11.20 29.78 -46.30
CA LEU C 792 11.59 30.49 -47.49
C LEU C 792 12.64 31.56 -47.18
N PHE C 793 12.53 32.19 -46.01
CA PHE C 793 13.52 33.17 -45.62
C PHE C 793 14.89 32.53 -45.46
N LEU C 794 14.94 31.38 -44.81
CA LEU C 794 16.22 30.69 -44.67
C LEU C 794 16.76 30.28 -46.04
N LEU C 795 15.89 29.84 -46.95
CA LEU C 795 16.33 29.48 -48.28
C LEU C 795 16.94 30.67 -49.00
N LEU C 796 16.28 31.82 -48.92
CA LEU C 796 16.81 33.03 -49.55
C LEU C 796 18.11 33.46 -48.90
N PHE C 797 18.19 33.34 -47.57
CA PHE C 797 19.41 33.72 -46.87
C PHE C 797 20.58 32.86 -47.34
N SER C 798 20.36 31.56 -47.44
CA SER C 798 21.42 30.68 -47.94
C SER C 798 21.77 31.01 -49.39
N ARG C 799 20.77 31.24 -50.23
CA ARG C 799 21.04 31.58 -51.61
C ARG C 799 21.92 32.82 -51.70
N VAL C 800 21.60 33.84 -50.91
CA VAL C 800 22.41 35.07 -50.94
C VAL C 800 23.81 34.79 -50.41
N LEU C 801 23.90 34.08 -49.29
CA LEU C 801 25.17 33.90 -48.62
C LEU C 801 26.14 33.10 -49.47
N LEU C 802 25.65 32.04 -50.13
CA LEU C 802 26.54 31.14 -50.86
C LEU C 802 26.85 31.61 -52.27
N VAL C 803 25.98 32.40 -52.88
CA VAL C 803 26.12 32.73 -54.29
C VAL C 803 26.19 34.24 -54.52
N ASP C 804 25.12 34.94 -54.14
CA ASP C 804 24.93 36.33 -54.54
C ASP C 804 25.68 37.33 -53.66
N PHE C 805 26.39 36.86 -52.65
CA PHE C 805 27.13 37.76 -51.77
C PHE C 805 28.50 38.03 -52.39
N GLN C 806 28.74 39.29 -52.75
CA GLN C 806 29.99 39.69 -53.38
C GLN C 806 30.42 41.04 -52.84
N PRO C 807 31.69 41.39 -52.99
CA PRO C 807 32.14 42.72 -52.54
C PRO C 807 31.41 43.86 -53.21
N ALA C 808 30.91 43.67 -54.42
CA ALA C 808 30.18 44.70 -55.12
C ALA C 808 28.97 45.15 -54.31
N PRO C 809 28.32 46.24 -54.69
CA PRO C 809 27.13 46.69 -53.98
C PRO C 809 26.04 45.64 -54.01
N PRO C 810 25.14 45.64 -53.03
CA PRO C 810 24.15 44.55 -52.94
C PRO C 810 23.30 44.46 -54.20
N GLY C 811 22.96 43.22 -54.56
CA GLY C 811 22.08 42.95 -55.68
C GLY C 811 20.63 42.95 -55.27
N SER C 812 19.77 42.60 -56.24
CA SER C 812 18.34 42.61 -56.00
C SER C 812 17.97 41.63 -54.88
N LEU C 813 18.48 40.40 -54.96
CA LEU C 813 18.14 39.41 -53.94
C LEU C 813 18.63 39.83 -52.56
N GLU C 814 19.82 40.42 -52.48
CA GLU C 814 20.32 40.85 -51.19
C GLU C 814 19.46 41.97 -50.61
N LEU C 815 18.99 42.88 -51.45
CA LEU C 815 18.09 43.92 -50.97
C LEU C 815 16.76 43.33 -50.51
N LEU C 816 16.25 42.33 -51.23
CA LEU C 816 15.05 41.65 -50.78
C LEU C 816 15.27 41.02 -49.41
N LEU C 817 16.44 40.42 -49.21
CA LEU C 817 16.76 39.84 -47.90
C LEU C 817 16.79 40.91 -46.82
N TYR C 818 17.38 42.07 -47.13
CA TYR C 818 17.40 43.16 -46.17
C TYR C 818 15.99 43.57 -45.78
N PHE C 819 15.11 43.72 -46.78
CA PHE C 819 13.73 44.11 -46.49
C PHE C 819 13.03 43.05 -45.65
N TRP C 820 13.26 41.77 -45.99
CA TRP C 820 12.65 40.68 -45.23
C TRP C 820 13.10 40.71 -43.77
N ALA C 821 14.39 40.90 -43.54
CA ALA C 821 14.90 40.99 -42.18
C ALA C 821 14.33 42.19 -41.46
N PHE C 822 14.14 43.30 -42.18
CA PHE C 822 13.52 44.46 -41.58
C PHE C 822 12.09 44.16 -41.14
N THR C 823 11.34 43.44 -41.96
CA THR C 823 9.98 43.08 -41.57
C THR C 823 10.00 42.17 -40.34
N LEU C 824 10.95 41.24 -40.27
CA LEU C 824 11.07 40.42 -39.08
C LEU C 824 11.38 41.28 -37.85
N LEU C 825 12.24 42.27 -38.00
CA LEU C 825 12.54 43.17 -36.90
C LEU C 825 11.29 43.92 -36.46
N CYS C 826 10.50 44.40 -37.42
CA CYS C 826 9.26 45.09 -37.08
C CYS C 826 8.30 44.16 -36.35
N GLU C 827 8.23 42.90 -36.77
CA GLU C 827 7.36 41.96 -36.09
C GLU C 827 7.80 41.73 -34.65
N GLU C 828 9.10 41.58 -34.43
CA GLU C 828 9.58 41.43 -33.05
C GLU C 828 9.29 42.68 -32.24
N LEU C 829 9.45 43.85 -32.85
CA LEU C 829 9.13 45.08 -32.16
C LEU C 829 7.66 45.13 -31.76
N ARG C 830 6.77 44.70 -32.67
CA ARG C 830 5.35 44.66 -32.34
C ARG C 830 5.09 43.69 -31.20
N GLN C 831 5.71 42.51 -31.23
CA GLN C 831 5.48 41.54 -30.18
C GLN C 831 5.92 42.10 -28.83
N GLY C 832 7.08 42.74 -28.78
CA GLY C 832 7.55 43.31 -27.52
C GLY C 832 6.70 44.48 -27.08
N LEU C 833 6.25 45.30 -28.02
CA LEU C 833 5.57 46.54 -27.68
C LEU C 833 4.17 46.28 -27.14
N SER C 834 3.42 45.39 -27.79
CA SER C 834 2.05 45.07 -27.42
C SER C 834 2.02 43.62 -26.98
N GLY C 835 2.28 43.37 -25.71
CA GLY C 835 2.30 42.02 -25.17
C GLY C 835 2.99 41.93 -23.84
N SER C 851 2.82 50.52 -18.71
CA SER C 851 3.65 49.40 -18.27
C SER C 851 4.68 49.05 -19.34
N LEU C 852 5.19 50.07 -20.02
CA LEU C 852 6.12 49.83 -21.12
C LEU C 852 7.29 48.97 -20.67
N SER C 853 7.93 49.33 -19.56
CA SER C 853 9.03 48.52 -19.06
C SER C 853 8.55 47.13 -18.66
N GLN C 854 7.36 47.05 -18.05
CA GLN C 854 6.84 45.76 -17.61
C GLN C 854 6.66 44.82 -18.81
N ARG C 855 5.97 45.28 -19.85
CA ARG C 855 5.73 44.42 -21.00
C ARG C 855 7.01 44.15 -21.78
N LEU C 856 7.92 45.12 -21.80
CA LEU C 856 9.21 44.88 -22.43
C LEU C 856 9.96 43.75 -21.74
N ARG C 857 9.99 43.77 -20.40
CA ARG C 857 10.62 42.68 -19.67
C ARG C 857 9.90 41.37 -19.90
N LEU C 858 8.56 41.40 -19.92
CA LEU C 858 7.81 40.18 -20.16
C LEU C 858 8.18 39.57 -21.50
N TYR C 859 8.26 40.39 -22.55
CA TYR C 859 8.66 39.91 -23.86
C TYR C 859 10.09 39.37 -23.83
N LEU C 860 11.02 40.16 -23.30
CA LEU C 860 12.42 39.76 -23.28
C LEU C 860 12.67 38.54 -22.41
N ALA C 861 11.73 38.14 -21.57
CA ALA C 861 11.92 37.00 -20.70
C ALA C 861 11.88 35.67 -21.44
N ASP C 862 11.23 35.61 -22.60
CA ASP C 862 11.12 34.36 -23.34
C ASP C 862 12.42 34.05 -24.05
N SER C 863 12.84 32.78 -24.00
CA SER C 863 14.08 32.39 -24.63
C SER C 863 14.03 32.59 -26.14
N TRP C 864 12.90 32.23 -26.75
CA TRP C 864 12.80 32.35 -28.20
C TRP C 864 12.91 33.80 -28.64
N ASN C 865 12.32 34.72 -27.88
CA ASN C 865 12.46 36.14 -28.21
C ASN C 865 13.91 36.58 -28.08
N GLN C 866 14.62 36.06 -27.08
CA GLN C 866 16.04 36.36 -26.97
C GLN C 866 16.81 35.87 -28.18
N CYS C 867 16.49 34.66 -28.64
CA CYS C 867 17.15 34.13 -29.83
C CYS C 867 16.87 34.99 -31.05
N ASP C 868 15.61 35.41 -31.23
CA ASP C 868 15.28 36.27 -32.36
C ASP C 868 16.03 37.59 -32.26
N LEU C 869 16.10 38.17 -31.07
CA LEU C 869 16.76 39.45 -30.92
C LEU C 869 18.25 39.35 -31.23
N VAL C 870 18.91 38.29 -30.75
CA VAL C 870 20.34 38.14 -31.03
C VAL C 870 20.56 37.89 -32.52
N ALA C 871 19.68 37.11 -33.15
CA ALA C 871 19.80 36.88 -34.58
C ALA C 871 19.71 38.19 -35.35
N LEU C 872 18.72 39.01 -35.02
CA LEU C 872 18.53 40.27 -35.74
C LEU C 872 19.67 41.24 -35.47
N THR C 873 20.18 41.26 -34.23
CA THR C 873 21.33 42.11 -33.94
C THR C 873 22.54 41.69 -34.77
N CYS C 874 22.81 40.38 -34.84
CA CYS C 874 23.92 39.91 -35.65
C CYS C 874 23.70 40.25 -37.12
N PHE C 875 22.47 40.15 -37.59
CA PHE C 875 22.19 40.49 -38.99
C PHE C 875 22.49 41.96 -39.26
N LEU C 876 22.05 42.84 -38.37
CA LEU C 876 22.32 44.26 -38.55
C LEU C 876 23.82 44.52 -38.53
N LEU C 877 24.53 43.90 -37.60
CA LEU C 877 25.98 44.09 -37.52
C LEU C 877 26.65 43.62 -38.79
N GLY C 878 26.24 42.46 -39.31
CA GLY C 878 26.84 41.93 -40.52
C GLY C 878 26.58 42.82 -41.72
N VAL C 879 25.35 43.31 -41.86
CA VAL C 879 25.06 44.19 -42.98
C VAL C 879 25.87 45.47 -42.88
N GLY C 880 25.96 46.04 -41.68
CA GLY C 880 26.77 47.24 -41.50
C GLY C 880 28.21 47.00 -41.90
N CYS C 881 28.79 45.90 -41.43
CA CYS C 881 30.18 45.60 -41.77
C CYS C 881 30.33 45.40 -43.27
N ARG C 882 29.38 44.71 -43.90
CA ARG C 882 29.47 44.47 -45.33
C ARG C 882 29.46 45.77 -46.12
N LEU C 883 28.59 46.70 -45.75
CA LEU C 883 28.48 47.95 -46.50
C LEU C 883 29.76 48.75 -46.41
N THR C 884 30.43 48.70 -45.27
CA THR C 884 31.68 49.44 -45.12
C THR C 884 32.71 48.89 -46.11
N PRO C 885 33.50 49.75 -46.76
CA PRO C 885 34.43 49.25 -47.79
C PRO C 885 35.43 48.23 -47.29
N GLY C 886 35.94 48.40 -46.07
CA GLY C 886 37.05 47.60 -45.62
C GLY C 886 36.68 46.34 -44.85
N LEU C 887 35.44 46.23 -44.40
CA LEU C 887 35.00 45.15 -43.52
C LEU C 887 34.10 44.15 -44.24
N TYR C 888 34.38 43.89 -45.51
CA TYR C 888 33.53 42.96 -46.25
C TYR C 888 33.62 41.54 -45.69
N HIS C 889 34.85 41.04 -45.52
CA HIS C 889 35.01 39.67 -45.05
C HIS C 889 34.44 39.51 -43.64
N LEU C 890 34.66 40.50 -42.78
CA LEU C 890 34.09 40.42 -41.44
C LEU C 890 32.58 40.36 -41.49
N GLY C 891 31.95 41.16 -42.35
CA GLY C 891 30.52 41.10 -42.50
C GLY C 891 30.06 39.74 -42.98
N ARG C 892 30.76 39.16 -43.95
CA ARG C 892 30.38 37.85 -44.44
C ARG C 892 30.46 36.81 -43.33
N THR C 893 31.52 36.85 -42.52
CA THR C 893 31.65 35.91 -41.42
C THR C 893 30.53 36.07 -40.41
N VAL C 894 30.22 37.33 -40.05
CA VAL C 894 29.16 37.56 -39.08
C VAL C 894 27.84 37.04 -39.61
N LEU C 895 27.56 37.25 -40.90
CA LEU C 895 26.33 36.73 -41.48
C LEU C 895 26.33 35.21 -41.53
N CYS C 896 27.48 34.60 -41.75
CA CYS C 896 27.55 33.14 -41.74
C CYS C 896 27.15 32.60 -40.38
N ILE C 897 27.63 33.21 -39.30
CA ILE C 897 27.20 32.77 -37.97
C ILE C 897 25.74 33.10 -37.73
N ASP C 898 25.30 34.26 -38.21
CA ASP C 898 23.91 34.66 -38.04
C ASP C 898 22.96 33.67 -38.70
N PHE C 899 23.40 33.03 -39.78
CA PHE C 899 22.55 32.03 -40.41
C PHE C 899 22.31 30.86 -39.48
N MET C 900 23.35 30.42 -38.76
CA MET C 900 23.14 29.38 -37.77
C MET C 900 22.18 29.84 -36.70
N VAL C 901 22.34 31.08 -36.24
CA VAL C 901 21.44 31.58 -35.20
C VAL C 901 20.01 31.57 -35.68
N PHE C 902 19.77 32.01 -36.91
CA PHE C 902 18.42 32.00 -37.46
C PHE C 902 17.88 30.59 -37.61
N THR C 903 18.70 29.67 -38.10
CA THR C 903 18.22 28.32 -38.35
C THR C 903 17.84 27.63 -37.05
N VAL C 904 18.56 27.93 -35.96
CA VAL C 904 18.23 27.27 -34.69
C VAL C 904 16.79 27.59 -34.28
N ARG C 905 16.24 28.70 -34.76
CA ARG C 905 14.87 29.06 -34.38
C ARG C 905 13.85 28.05 -34.87
N LEU C 906 14.17 27.24 -35.88
CA LEU C 906 13.20 26.28 -36.38
C LEU C 906 12.83 25.25 -35.33
N LEU C 907 13.65 25.07 -34.29
CA LEU C 907 13.28 24.13 -33.24
C LEU C 907 11.97 24.49 -32.57
N HIS C 908 11.58 25.77 -32.63
CA HIS C 908 10.31 26.19 -32.05
C HIS C 908 9.13 25.45 -32.67
N ILE C 909 9.27 24.94 -33.89
CA ILE C 909 8.16 24.27 -34.55
C ILE C 909 7.71 23.07 -33.74
N PHE C 910 8.66 22.29 -33.22
CA PHE C 910 8.32 21.07 -32.52
C PHE C 910 7.61 21.31 -31.19
N THR C 911 7.56 22.56 -30.71
CA THR C 911 6.85 22.83 -29.47
C THR C 911 5.35 22.69 -29.61
N VAL C 912 4.83 22.54 -30.83
CA VAL C 912 3.39 22.41 -31.00
C VAL C 912 2.96 20.95 -31.02
N ASN C 913 3.82 20.04 -31.47
CA ASN C 913 3.44 18.64 -31.52
C ASN C 913 3.24 18.09 -30.11
N LYS C 914 2.27 17.18 -29.98
CA LYS C 914 1.94 16.63 -28.67
C LYS C 914 3.08 15.81 -28.10
N GLN C 915 3.95 15.26 -28.95
CA GLN C 915 5.06 14.42 -28.49
C GLN C 915 6.39 15.16 -28.45
N LEU C 916 6.63 16.09 -29.37
CA LEU C 916 7.96 16.70 -29.47
C LEU C 916 8.20 17.79 -28.43
N GLY C 917 7.16 18.50 -28.01
CA GLY C 917 7.34 19.60 -27.08
C GLY C 917 7.93 19.17 -25.75
N PRO C 918 7.36 18.13 -25.16
CA PRO C 918 7.98 17.59 -23.95
C PRO C 918 9.41 17.15 -24.16
N LYS C 919 9.70 16.60 -25.34
CA LYS C 919 11.08 16.20 -25.65
C LYS C 919 11.99 17.41 -25.63
N ILE C 920 11.56 18.53 -26.21
CA ILE C 920 12.40 19.71 -26.23
C ILE C 920 12.60 20.24 -24.82
N VAL C 921 11.57 20.18 -23.98
CA VAL C 921 11.73 20.62 -22.60
C VAL C 921 12.78 19.76 -21.90
N ILE C 922 12.68 18.44 -22.05
CA ILE C 922 13.65 17.56 -21.42
C ILE C 922 15.05 17.86 -21.93
N VAL C 923 15.19 18.06 -23.24
CA VAL C 923 16.48 18.42 -23.79
C VAL C 923 17.03 19.67 -23.13
N SER C 924 16.18 20.68 -22.96
CA SER C 924 16.64 21.89 -22.27
C SER C 924 17.11 21.57 -20.86
N LYS C 925 16.53 20.55 -20.23
CA LYS C 925 16.93 20.20 -18.87
C LYS C 925 18.19 19.34 -18.82
N MET C 926 18.62 18.76 -19.94
CA MET C 926 19.83 17.92 -19.95
C MET C 926 21.14 18.71 -19.83
N MET C 927 21.09 20.03 -19.71
CA MET C 927 22.31 20.81 -19.84
C MET C 927 23.25 20.64 -18.66
N LYS C 928 22.73 20.31 -17.48
CA LYS C 928 23.64 20.06 -16.36
C LYS C 928 24.53 18.85 -16.63
N ASP C 929 23.94 17.77 -17.15
CA ASP C 929 24.74 16.61 -17.51
C ASP C 929 25.73 16.97 -18.62
N VAL C 930 25.28 17.76 -19.59
CA VAL C 930 26.18 18.18 -20.67
C VAL C 930 27.39 18.91 -20.09
N PHE C 931 27.15 19.83 -19.16
CA PHE C 931 28.25 20.62 -18.60
C PHE C 931 29.18 19.74 -17.77
N PHE C 932 28.62 18.80 -17.01
CA PHE C 932 29.48 17.88 -16.27
C PHE C 932 30.42 17.15 -17.22
N PHE C 933 29.86 16.60 -18.30
CA PHE C 933 30.68 15.89 -19.27
C PHE C 933 31.74 16.81 -19.86
N LEU C 934 31.35 18.03 -20.22
CA LEU C 934 32.30 18.94 -20.85
C LEU C 934 33.45 19.29 -19.91
N PHE C 935 33.15 19.54 -18.63
CA PHE C 935 34.21 19.87 -17.69
C PHE C 935 35.15 18.69 -17.49
N PHE C 936 34.59 17.49 -17.32
CA PHE C 936 35.43 16.31 -17.16
C PHE C 936 36.33 16.12 -18.38
N LEU C 937 35.74 16.25 -19.57
CA LEU C 937 36.50 16.04 -20.80
C LEU C 937 37.57 17.12 -20.97
N GLY C 938 37.26 18.35 -20.59
CA GLY C 938 38.26 19.40 -20.69
C GLY C 938 39.45 19.13 -19.79
N VAL C 939 39.19 18.73 -18.55
CA VAL C 939 40.29 18.39 -17.65
C VAL C 939 41.13 17.27 -18.24
N TRP C 940 40.48 16.21 -18.71
CA TRP C 940 41.21 15.07 -19.24
C TRP C 940 42.01 15.46 -20.49
N LEU C 941 41.41 16.26 -21.37
CA LEU C 941 42.11 16.67 -22.58
C LEU C 941 43.32 17.51 -22.24
N VAL C 942 43.18 18.46 -21.33
CA VAL C 942 44.34 19.26 -20.94
C VAL C 942 45.45 18.37 -20.45
N ALA C 943 45.13 17.47 -19.51
CA ALA C 943 46.17 16.62 -18.94
C ALA C 943 46.86 15.80 -20.01
N TYR C 944 46.08 15.05 -20.79
CA TYR C 944 46.66 14.14 -21.76
C TYR C 944 47.41 14.89 -22.85
N GLY C 945 46.82 15.95 -23.38
CA GLY C 945 47.47 16.68 -24.46
C GLY C 945 48.77 17.30 -24.03
N VAL C 946 48.80 17.93 -22.85
CA VAL C 946 50.05 18.53 -22.39
C VAL C 946 51.09 17.46 -22.12
N ALA C 947 50.68 16.33 -21.53
CA ALA C 947 51.66 15.27 -21.29
C ALA C 947 52.25 14.77 -22.60
N THR C 948 51.42 14.52 -23.59
CA THR C 948 51.92 14.01 -24.87
C THR C 948 52.80 15.04 -25.56
N GLU C 949 52.39 16.31 -25.55
CA GLU C 949 53.19 17.35 -26.18
C GLU C 949 54.55 17.46 -25.50
N GLY C 950 54.59 17.34 -24.17
CA GLY C 950 55.86 17.39 -23.48
C GLY C 950 56.73 16.20 -23.80
N LEU C 951 56.13 15.01 -23.91
CA LEU C 951 56.92 13.83 -24.21
C LEU C 951 57.50 13.88 -25.61
N LEU C 952 56.72 14.33 -26.59
CA LEU C 952 57.18 14.30 -27.97
C LEU C 952 58.25 15.36 -28.21
N ARG C 953 58.12 16.53 -27.62
CA ARG C 953 59.06 17.61 -27.83
C ARG C 953 59.17 17.99 -29.30
N PRO C 954 58.06 18.23 -30.00
CA PRO C 954 58.17 18.65 -31.39
C PRO C 954 58.94 19.96 -31.50
N ARG C 955 59.69 20.11 -32.58
CA ARG C 955 60.56 21.26 -32.74
C ARG C 955 59.88 22.46 -33.39
N ASP C 956 58.60 22.35 -33.75
CA ASP C 956 57.87 23.53 -34.20
C ASP C 956 57.78 24.55 -33.07
N SER C 957 57.31 24.13 -31.90
CA SER C 957 57.30 24.96 -30.70
C SER C 957 56.70 26.34 -31.00
N ASP C 958 55.65 26.35 -31.81
CA ASP C 958 54.94 27.56 -32.17
C ASP C 958 53.61 27.59 -31.43
N PHE C 959 53.27 28.75 -30.86
CA PHE C 959 52.11 28.79 -29.96
C PHE C 959 50.83 28.30 -30.62
N PRO C 960 50.47 28.73 -31.82
CA PRO C 960 49.30 28.12 -32.47
C PRO C 960 49.47 26.63 -32.69
N SER C 961 50.67 26.19 -33.08
CA SER C 961 50.92 24.77 -33.28
C SER C 961 50.82 24.02 -31.96
N ILE C 962 51.36 24.60 -30.88
CA ILE C 962 51.28 23.95 -29.58
C ILE C 962 49.83 23.80 -29.15
N LEU C 963 49.04 24.85 -29.31
CA LEU C 963 47.63 24.76 -28.96
C LEU C 963 46.92 23.71 -29.81
N ARG C 964 47.24 23.66 -31.11
CA ARG C 964 46.64 22.66 -31.97
C ARG C 964 46.94 21.27 -31.44
N ARG C 965 48.21 20.95 -31.25
CA ARG C 965 48.58 19.60 -30.80
C ARG C 965 48.11 19.30 -29.39
N VAL C 966 47.84 20.32 -28.57
CA VAL C 966 47.43 20.09 -27.20
C VAL C 966 45.92 19.90 -27.08
N PHE C 967 45.13 20.57 -27.90
CA PHE C 967 43.68 20.52 -27.77
C PHE C 967 43.00 19.89 -28.98
N TYR C 968 43.30 20.38 -30.18
CA TYR C 968 42.53 19.97 -31.35
C TYR C 968 42.75 18.50 -31.67
N ARG C 969 44.01 18.08 -31.77
CA ARG C 969 44.28 16.69 -32.14
C ARG C 969 43.76 15.70 -31.11
N PRO C 970 44.04 15.85 -29.81
CA PRO C 970 43.43 14.93 -28.85
C PRO C 970 41.91 14.95 -28.90
N TYR C 971 41.32 16.11 -29.15
CA TYR C 971 39.87 16.19 -29.25
C TYR C 971 39.38 15.36 -30.43
N LEU C 972 40.01 15.51 -31.59
CA LEU C 972 39.59 14.75 -32.76
C LEU C 972 39.80 13.26 -32.56
N GLN C 973 40.76 12.87 -31.73
CA GLN C 973 40.95 11.45 -31.46
C GLN C 973 39.70 10.82 -30.85
N ILE C 974 38.85 11.62 -30.19
CA ILE C 974 37.63 11.07 -29.62
C ILE C 974 36.69 10.57 -30.70
N PHE C 975 36.87 11.00 -31.93
CA PHE C 975 35.96 10.68 -33.03
C PHE C 975 36.65 9.87 -34.11
N GLY C 976 37.55 8.97 -33.71
CA GLY C 976 38.15 8.03 -34.63
C GLY C 976 39.27 8.59 -35.49
N GLN C 977 39.69 9.84 -35.27
CA GLN C 977 40.76 10.44 -36.04
C GLN C 977 42.05 10.32 -35.25
N ILE C 978 42.66 9.14 -35.33
CA ILE C 978 43.86 8.83 -34.56
C ILE C 978 45.07 8.87 -35.50
N PRO C 979 45.89 9.90 -35.45
CA PRO C 979 47.07 9.98 -36.34
C PRO C 979 48.30 9.26 -35.77
N GLN C 980 48.30 7.93 -35.90
CA GLN C 980 49.40 7.15 -35.36
C GLN C 980 50.73 7.56 -35.95
N GLU C 981 50.75 7.95 -37.22
CA GLU C 981 52.01 8.31 -37.87
C GLU C 981 52.65 9.52 -37.22
N ASP C 982 51.86 10.39 -36.59
CA ASP C 982 52.38 11.61 -35.98
C ASP C 982 52.74 11.44 -34.51
N MET C 983 52.52 10.26 -33.94
CA MET C 983 52.79 10.04 -32.52
C MET C 983 53.66 8.82 -32.28
N ASP C 984 53.49 7.77 -33.06
CA ASP C 984 54.23 6.52 -32.86
C ASP C 984 55.53 6.58 -33.64
N VAL C 985 56.66 6.37 -32.94
CA VAL C 985 57.95 6.45 -33.59
C VAL C 985 58.20 5.25 -34.49
N ALA C 986 57.57 4.11 -34.19
CA ALA C 986 57.75 2.94 -35.03
C ALA C 986 57.26 3.16 -36.45
N LEU C 987 56.39 4.15 -36.66
CA LEU C 987 55.83 4.42 -37.98
C LEU C 987 56.47 5.62 -38.67
N MET C 988 57.58 6.12 -38.14
CA MET C 988 58.22 7.31 -38.68
C MET C 988 59.64 6.98 -39.10
N GLU C 989 60.31 7.96 -39.70
CA GLU C 989 61.66 7.80 -40.22
C GLU C 989 62.65 8.45 -39.27
N HIS C 990 63.63 7.68 -38.82
CA HIS C 990 64.63 8.22 -37.92
C HIS C 990 65.54 9.18 -38.67
N SER C 991 65.84 10.31 -38.05
CA SER C 991 66.69 11.31 -38.67
C SER C 991 67.31 12.17 -37.58
N ASN C 992 68.45 12.76 -37.90
CA ASN C 992 69.16 13.66 -36.97
C ASN C 992 68.80 15.12 -37.28
N CYS C 993 67.53 15.43 -37.08
CA CYS C 993 67.04 16.78 -37.37
C CYS C 993 67.67 17.81 -36.43
N SER C 994 67.60 17.55 -35.13
CA SER C 994 67.96 18.54 -34.12
C SER C 994 69.34 18.27 -33.56
N SER C 995 70.09 19.35 -33.33
CA SER C 995 71.42 19.22 -32.75
C SER C 995 71.40 18.78 -31.29
N GLU C 996 70.25 18.90 -30.63
CA GLU C 996 70.17 18.52 -29.23
C GLU C 996 70.44 17.02 -29.09
N PRO C 997 71.05 16.59 -27.99
CA PRO C 997 71.37 15.18 -27.82
C PRO C 997 70.10 14.32 -27.76
N GLY C 998 70.22 13.10 -28.25
CA GLY C 998 69.12 12.16 -28.27
C GLY C 998 68.84 11.68 -29.67
N PHE C 999 67.75 10.93 -29.80
CA PHE C 999 67.29 10.41 -31.08
C PHE C 999 65.98 11.08 -31.46
N TRP C 1000 65.79 11.31 -32.75
CA TRP C 1000 64.64 12.06 -33.24
C TRP C 1000 64.07 11.36 -34.46
N ALA C 1001 62.78 11.55 -34.68
CA ALA C 1001 62.07 11.00 -35.82
C ALA C 1001 61.34 12.11 -36.53
N HIS C 1002 61.04 11.90 -37.81
CA HIS C 1002 60.42 12.92 -38.64
C HIS C 1002 58.98 12.53 -38.95
N PRO C 1003 57.98 13.12 -38.29
CA PRO C 1003 56.60 12.80 -38.63
C PRO C 1003 56.28 13.29 -40.04
N PRO C 1004 55.39 12.60 -40.74
CA PRO C 1004 54.96 13.09 -42.07
C PRO C 1004 53.88 14.16 -42.01
N GLY C 1005 53.21 14.32 -40.86
CA GLY C 1005 52.12 15.27 -40.79
C GLY C 1005 52.56 16.70 -41.02
N ALA C 1006 51.66 17.50 -41.59
CA ALA C 1006 51.98 18.90 -41.85
C ALA C 1006 52.12 19.68 -40.56
N GLN C 1007 51.17 19.52 -39.64
CA GLN C 1007 51.16 20.23 -38.37
C GLN C 1007 51.51 19.31 -37.20
N ALA C 1008 52.36 18.32 -37.43
CA ALA C 1008 52.75 17.37 -36.41
C ALA C 1008 54.11 17.68 -35.81
N GLY C 1009 54.69 18.83 -36.12
CA GLY C 1009 56.03 19.14 -35.67
C GLY C 1009 57.06 18.64 -36.66
N THR C 1010 58.12 19.41 -36.89
CA THR C 1010 59.10 19.00 -37.88
C THR C 1010 59.73 17.67 -37.50
N CYS C 1011 60.07 17.49 -36.23
CA CYS C 1011 60.58 16.20 -35.76
C CYS C 1011 60.34 16.11 -34.27
N VAL C 1012 60.10 14.91 -33.79
CA VAL C 1012 59.73 14.66 -32.40
C VAL C 1012 60.75 13.75 -31.76
N SER C 1013 60.99 13.97 -30.47
CA SER C 1013 61.87 13.09 -29.71
C SER C 1013 61.26 11.70 -29.61
N GLN C 1014 62.12 10.69 -29.56
CA GLN C 1014 61.68 9.31 -29.43
C GLN C 1014 62.25 8.67 -28.18
N TYR C 1015 62.46 9.46 -27.12
CA TYR C 1015 63.10 8.92 -25.93
C TYR C 1015 62.28 7.80 -25.32
N ALA C 1016 61.07 8.11 -24.85
CA ALA C 1016 60.14 7.11 -24.33
C ALA C 1016 58.86 7.25 -25.13
N ASN C 1017 58.82 6.58 -26.28
CA ASN C 1017 57.63 6.65 -27.12
C ASN C 1017 56.61 5.60 -26.72
N TRP C 1018 57.06 4.48 -26.16
CA TRP C 1018 56.12 3.52 -25.61
C TRP C 1018 55.19 4.19 -24.60
N LEU C 1019 55.72 5.18 -23.87
CA LEU C 1019 54.87 5.90 -22.92
C LEU C 1019 53.83 6.74 -23.64
N VAL C 1020 54.19 7.33 -24.77
CA VAL C 1020 53.22 8.09 -25.56
C VAL C 1020 52.13 7.17 -26.05
N VAL C 1021 52.50 5.98 -26.51
CA VAL C 1021 51.50 5.02 -26.98
C VAL C 1021 50.62 4.56 -25.83
N LEU C 1022 51.20 4.36 -24.65
CA LEU C 1022 50.42 3.96 -23.49
C LEU C 1022 49.43 5.06 -23.08
N LEU C 1023 49.88 6.31 -23.12
CA LEU C 1023 48.96 7.41 -22.83
C LEU C 1023 47.85 7.47 -23.87
N LEU C 1024 48.18 7.22 -25.13
CA LEU C 1024 47.13 7.17 -26.14
C LEU C 1024 46.12 6.08 -25.84
N VAL C 1025 46.60 4.91 -25.41
CA VAL C 1025 45.70 3.81 -25.08
C VAL C 1025 44.77 4.22 -23.95
N ILE C 1026 45.34 4.77 -22.88
CA ILE C 1026 44.53 5.15 -21.72
C ILE C 1026 43.55 6.23 -22.10
N PHE C 1027 43.98 7.20 -22.90
CA PHE C 1027 43.09 8.28 -23.30
C PHE C 1027 41.93 7.75 -24.13
N LEU C 1028 42.23 6.90 -25.10
CA LEU C 1028 41.15 6.32 -25.88
C LEU C 1028 40.17 5.62 -24.97
N LEU C 1029 40.66 4.74 -24.11
CA LEU C 1029 39.78 4.06 -23.17
C LEU C 1029 38.89 5.08 -22.48
N VAL C 1030 39.49 5.95 -21.68
CA VAL C 1030 38.71 6.86 -20.83
C VAL C 1030 37.73 7.64 -21.69
N ALA C 1031 38.25 8.49 -22.57
CA ALA C 1031 37.39 9.39 -23.34
C ALA C 1031 36.34 8.62 -24.12
N ASN C 1032 36.76 7.78 -25.06
CA ASN C 1032 35.80 7.19 -25.98
C ASN C 1032 34.79 6.32 -25.25
N ILE C 1033 35.22 5.50 -24.30
CA ILE C 1033 34.31 4.53 -23.71
C ILE C 1033 33.71 5.06 -22.43
N LEU C 1034 34.55 5.31 -21.41
CA LEU C 1034 34.03 5.53 -20.08
C LEU C 1034 33.23 6.82 -20.01
N LEU C 1035 33.80 7.94 -20.48
CA LEU C 1035 33.10 9.20 -20.38
C LEU C 1035 31.83 9.22 -21.23
N VAL C 1036 31.90 8.71 -22.45
CA VAL C 1036 30.73 8.73 -23.31
C VAL C 1036 29.62 7.86 -22.74
N ASN C 1037 29.95 6.66 -22.26
CA ASN C 1037 28.94 5.81 -21.67
C ASN C 1037 28.38 6.40 -20.38
N LEU C 1038 29.23 7.08 -19.61
CA LEU C 1038 28.74 7.76 -18.42
C LEU C 1038 27.75 8.86 -18.79
N LEU C 1039 28.04 9.60 -19.85
CA LEU C 1039 27.10 10.62 -20.31
C LEU C 1039 25.79 9.98 -20.75
N ILE C 1040 25.87 8.84 -21.44
CA ILE C 1040 24.65 8.16 -21.84
C ILE C 1040 23.83 7.76 -20.62
N ALA C 1041 24.50 7.23 -19.59
CA ALA C 1041 23.79 6.83 -18.38
C ALA C 1041 23.14 8.03 -17.69
N MET C 1042 23.87 9.14 -17.61
CA MET C 1042 23.31 10.33 -16.99
C MET C 1042 22.11 10.85 -17.78
N PHE C 1043 22.21 10.85 -19.11
CA PHE C 1043 21.08 11.27 -19.93
C PHE C 1043 19.88 10.36 -19.71
N SER C 1044 20.10 9.05 -19.65
CA SER C 1044 19.00 8.13 -19.43
C SER C 1044 18.32 8.41 -18.10
N TYR C 1045 19.12 8.57 -17.04
CA TYR C 1045 18.54 8.83 -15.73
C TYR C 1045 17.73 10.12 -15.74
N THR C 1046 18.32 11.20 -16.25
CA THR C 1046 17.62 12.48 -16.24
C THR C 1046 16.35 12.42 -17.08
N PHE C 1047 16.43 11.80 -18.26
CA PHE C 1047 15.24 11.70 -19.10
C PHE C 1047 14.12 10.95 -18.39
N GLY C 1048 14.46 9.84 -17.72
CA GLY C 1048 13.45 9.12 -16.97
C GLY C 1048 12.93 9.88 -15.78
N LYS C 1049 13.73 10.81 -15.23
CA LYS C 1049 13.34 11.46 -13.99
C LYS C 1049 12.41 12.65 -14.22
N VAL C 1050 12.63 13.41 -15.29
CA VAL C 1050 11.94 14.69 -15.47
C VAL C 1050 10.89 14.58 -16.56
N GLN C 1051 10.39 13.37 -16.81
CA GLN C 1051 9.38 13.20 -17.85
C GLN C 1051 8.08 13.92 -17.49
N GLY C 1052 7.55 13.64 -16.29
CA GLY C 1052 6.25 14.16 -15.93
C GLY C 1052 6.24 15.68 -15.79
N ASN C 1053 7.25 16.23 -15.13
CA ASN C 1053 7.32 17.68 -14.97
C ASN C 1053 7.44 18.36 -16.31
N SER C 1054 8.24 17.79 -17.22
CA SER C 1054 8.37 18.38 -18.55
C SER C 1054 7.05 18.34 -19.29
N ASP C 1055 6.32 17.23 -19.19
CA ASP C 1055 5.03 17.16 -19.84
C ASP C 1055 4.06 18.21 -19.30
N LEU C 1056 4.02 18.36 -17.97
CA LEU C 1056 3.16 19.37 -17.38
C LEU C 1056 3.56 20.76 -17.83
N TYR C 1057 4.86 21.04 -17.86
CA TYR C 1057 5.32 22.37 -18.28
C TYR C 1057 4.93 22.65 -19.71
N TRP C 1058 5.06 21.66 -20.60
CA TRP C 1058 4.64 21.88 -21.97
C TRP C 1058 3.15 22.13 -22.06
N LYS C 1059 2.35 21.33 -21.35
CA LYS C 1059 0.91 21.56 -21.36
C LYS C 1059 0.56 22.94 -20.84
N ALA C 1060 1.34 23.46 -19.90
CA ALA C 1060 1.07 24.80 -19.38
C ALA C 1060 1.43 25.87 -20.41
N GLN C 1061 2.60 25.78 -21.02
CA GLN C 1061 3.02 26.81 -21.97
C GLN C 1061 2.29 26.72 -23.30
N ARG C 1062 1.55 25.64 -23.53
CA ARG C 1062 0.73 25.55 -24.73
C ARG C 1062 -0.22 26.73 -24.83
N TYR C 1063 -0.77 27.17 -23.69
CA TYR C 1063 -1.66 28.31 -23.70
C TYR C 1063 -0.93 29.57 -24.15
N ARG C 1064 0.29 29.78 -23.67
CA ARG C 1064 1.05 30.95 -24.09
C ARG C 1064 1.30 30.92 -25.59
N LEU C 1065 1.66 29.75 -26.11
CA LEU C 1065 1.87 29.64 -27.55
C LEU C 1065 0.59 30.01 -28.31
N ILE C 1066 -0.53 29.42 -27.92
CA ILE C 1066 -1.77 29.64 -28.65
C ILE C 1066 -2.17 31.12 -28.58
N ARG C 1067 -2.04 31.73 -27.41
CA ARG C 1067 -2.40 33.13 -27.29
C ARG C 1067 -1.49 34.00 -28.14
N GLU C 1068 -0.18 33.68 -28.17
CA GLU C 1068 0.73 34.45 -28.99
C GLU C 1068 0.32 34.39 -30.46
N PHE C 1069 0.01 33.20 -30.96
CA PHE C 1069 -0.37 33.10 -32.37
C PHE C 1069 -1.80 33.52 -32.63
N HIS C 1070 -2.59 33.77 -31.60
CA HIS C 1070 -3.96 34.24 -31.79
C HIS C 1070 -4.00 35.72 -32.15
N SER C 1071 -3.01 36.49 -31.71
CA SER C 1071 -3.00 37.93 -31.91
C SER C 1071 -2.06 38.38 -33.01
N ARG C 1072 -1.32 37.48 -33.63
CA ARG C 1072 -0.39 37.88 -34.67
C ARG C 1072 -1.16 38.29 -35.93
N PRO C 1073 -0.58 39.13 -36.77
CA PRO C 1073 -1.21 39.45 -38.05
C PRO C 1073 -1.35 38.21 -38.91
N ALA C 1074 -2.42 38.17 -39.70
CA ALA C 1074 -2.73 37.00 -40.51
C ALA C 1074 -1.76 36.80 -41.67
N LEU C 1075 -0.90 37.77 -41.95
CA LEU C 1075 0.00 37.71 -43.09
C LEU C 1075 1.41 37.32 -42.66
N ALA C 1076 2.16 36.80 -43.60
CA ALA C 1076 3.50 36.30 -43.35
C ALA C 1076 4.51 37.45 -43.26
N PRO C 1077 5.68 37.20 -42.66
CA PRO C 1077 6.66 38.27 -42.44
C PRO C 1077 7.01 39.03 -43.70
N PRO C 1078 7.20 38.37 -44.85
CA PRO C 1078 7.52 39.16 -46.05
C PRO C 1078 6.46 40.18 -46.39
N PHE C 1079 5.19 39.85 -46.18
CA PHE C 1079 4.09 40.76 -46.43
C PHE C 1079 3.55 41.41 -45.16
N ILE C 1080 4.03 40.97 -43.99
CA ILE C 1080 3.50 41.49 -42.73
C ILE C 1080 3.65 42.99 -42.63
N VAL C 1081 4.45 43.61 -43.48
CA VAL C 1081 4.56 45.06 -43.47
C VAL C 1081 3.22 45.70 -43.80
N ILE C 1082 2.49 45.10 -44.75
CA ILE C 1082 1.20 45.67 -45.14
C ILE C 1082 0.21 45.62 -43.99
N SER C 1083 0.39 44.71 -43.05
CA SER C 1083 -0.49 44.62 -41.88
C SER C 1083 0.03 45.44 -40.70
N HIS C 1084 1.35 45.54 -40.53
CA HIS C 1084 1.88 46.47 -39.53
C HIS C 1084 1.50 47.89 -39.88
N LEU C 1085 1.41 48.21 -41.18
CA LEU C 1085 0.92 49.51 -41.59
C LEU C 1085 -0.51 49.71 -41.13
N ARG C 1086 -1.36 48.69 -41.31
CA ARG C 1086 -2.74 48.78 -40.84
C ARG C 1086 -2.80 48.97 -39.33
N LEU C 1087 -1.98 48.22 -38.58
CA LEU C 1087 -1.92 48.43 -37.14
C LEU C 1087 -1.45 49.84 -36.82
N LEU C 1088 -0.44 50.32 -37.53
CA LEU C 1088 -0.12 51.73 -37.47
C LEU C 1088 -1.26 52.52 -38.12
N LEU C 1089 -1.19 53.84 -37.99
CA LEU C 1089 -2.29 54.70 -38.44
C LEU C 1089 -3.58 54.33 -37.72
N ARG C 1090 -3.48 53.98 -36.45
CA ARG C 1090 -4.63 53.54 -35.67
C ARG C 1090 -4.25 53.41 -34.21
N LYS C 1115 -26.49 39.63 -17.86
CA LYS C 1115 -27.42 38.91 -18.71
C LYS C 1115 -28.14 37.82 -17.93
N GLU C 1116 -29.08 37.16 -18.59
CA GLU C 1116 -29.72 35.98 -18.02
C GLU C 1116 -28.96 34.70 -18.32
N ALA C 1117 -28.31 34.62 -19.48
CA ALA C 1117 -27.52 33.44 -19.81
C ALA C 1117 -26.36 33.27 -18.82
N GLU C 1118 -25.71 34.36 -18.46
CA GLU C 1118 -24.62 34.29 -17.50
C GLU C 1118 -25.12 33.80 -16.14
N ARG C 1119 -26.27 34.30 -15.70
CA ARG C 1119 -26.83 33.85 -14.44
C ARG C 1119 -27.17 32.36 -14.49
N LYS C 1120 -27.75 31.91 -15.61
CA LYS C 1120 -28.05 30.51 -15.76
C LYS C 1120 -26.79 29.66 -15.71
N LEU C 1121 -25.73 30.13 -16.37
CA LEU C 1121 -24.47 29.42 -16.34
C LEU C 1121 -23.93 29.30 -14.92
N LEU C 1122 -23.97 30.40 -14.17
CA LEU C 1122 -23.49 30.36 -12.79
C LEU C 1122 -24.32 29.42 -11.94
N THR C 1123 -25.64 29.41 -12.15
CA THR C 1123 -26.48 28.49 -11.39
C THR C 1123 -26.14 27.05 -11.70
N TRP C 1124 -25.91 26.73 -12.97
CA TRP C 1124 -25.54 25.38 -13.35
C TRP C 1124 -24.18 25.00 -12.73
N GLU C 1125 -23.24 25.94 -12.75
CA GLU C 1125 -21.96 25.69 -12.09
C GLU C 1125 -22.16 25.41 -10.61
N SER C 1126 -23.02 26.17 -9.95
CA SER C 1126 -23.25 25.96 -8.52
C SER C 1126 -23.87 24.60 -8.27
N VAL C 1127 -24.78 24.18 -9.13
CA VAL C 1127 -25.36 22.84 -8.98
C VAL C 1127 -24.27 21.79 -9.03
N HIS C 1128 -23.36 21.92 -10.02
CA HIS C 1128 -22.30 20.94 -10.13
C HIS C 1128 -21.36 21.00 -8.93
N LYS C 1129 -21.10 22.20 -8.41
CA LYS C 1129 -20.25 22.32 -7.23
C LYS C 1129 -20.89 21.61 -6.04
N GLU C 1130 -22.19 21.80 -5.86
CA GLU C 1130 -22.88 21.13 -4.76
C GLU C 1130 -22.79 19.61 -4.92
N ASN C 1131 -23.01 19.12 -6.13
CA ASN C 1131 -22.89 17.68 -6.35
C ASN C 1131 -21.49 17.18 -6.02
N PHE C 1132 -20.47 17.91 -6.45
CA PHE C 1132 -19.10 17.49 -6.19
C PHE C 1132 -18.80 17.48 -4.69
N LEU C 1133 -19.25 18.51 -3.97
CA LEU C 1133 -19.00 18.55 -2.53
C LEU C 1133 -19.73 17.41 -1.84
N LEU C 1134 -20.97 17.13 -2.23
CA LEU C 1134 -21.69 16.02 -1.62
C LEU C 1134 -20.98 14.70 -1.89
N ALA C 1135 -20.48 14.51 -3.11
CA ALA C 1135 -19.77 13.29 -3.43
C ALA C 1135 -18.53 13.14 -2.55
N ARG C 1136 -17.76 14.23 -2.39
CA ARG C 1136 -16.57 14.14 -1.55
C ARG C 1136 -16.94 13.83 -0.11
N ALA C 1137 -17.96 14.49 0.42
CA ALA C 1137 -18.35 14.26 1.80
C ALA C 1137 -18.80 12.82 2.01
N ARG C 1138 -19.63 12.31 1.09
CA ARG C 1138 -20.08 10.93 1.22
C ARG C 1138 -18.92 9.96 1.14
N ASP C 1139 -18.00 10.18 0.20
CA ASP C 1139 -16.85 9.28 0.09
C ASP C 1139 -16.03 9.28 1.36
N LYS C 1140 -15.80 10.46 1.94
CA LYS C 1140 -15.07 10.51 3.20
C LYS C 1140 -15.81 9.80 4.31
N ARG C 1141 -17.12 10.00 4.39
CA ARG C 1141 -17.90 9.40 5.47
C ARG C 1141 -17.90 7.88 5.38
N GLU C 1142 -17.93 7.34 4.17
CA GLU C 1142 -17.96 5.89 3.99
C GLU C 1142 -16.58 5.26 4.02
N SER C 1143 -15.53 6.04 4.23
CA SER C 1143 -14.18 5.48 4.29
C SER C 1143 -14.02 4.60 5.52
N ASP C 1144 -13.04 3.70 5.45
CA ASP C 1144 -12.84 2.75 6.54
C ASP C 1144 -12.49 3.46 7.84
N SER C 1145 -11.63 4.47 7.77
CA SER C 1145 -11.22 5.17 8.99
C SER C 1145 -12.40 5.84 9.67
N GLU C 1146 -13.22 6.54 8.88
CA GLU C 1146 -14.38 7.23 9.46
C GLU C 1146 -15.38 6.25 10.03
N ARG C 1147 -15.61 5.14 9.33
CA ARG C 1147 -16.53 4.14 9.85
C ARG C 1147 -16.01 3.53 11.15
N LEU C 1148 -14.69 3.29 11.21
CA LEU C 1148 -14.11 2.78 12.44
C LEU C 1148 -14.28 3.78 13.58
N LYS C 1149 -14.08 5.07 13.29
CA LYS C 1149 -14.26 6.08 14.32
C LYS C 1149 -15.69 6.12 14.82
N ARG C 1150 -16.66 6.05 13.89
CA ARG C 1150 -18.06 6.05 14.30
C ARG C 1150 -18.38 4.82 15.12
N THR C 1151 -17.82 3.66 14.75
CA THR C 1151 -18.04 2.46 15.54
C THR C 1151 -17.46 2.61 16.93
N SER C 1152 -16.28 3.21 17.05
CA SER C 1152 -15.70 3.41 18.36
C SER C 1152 -16.60 4.31 19.21
N GLN C 1153 -17.10 5.39 18.62
CA GLN C 1153 -17.98 6.29 19.36
C GLN C 1153 -19.26 5.58 19.79
N LYS C 1154 -19.84 4.78 18.89
CA LYS C 1154 -21.07 4.07 19.25
C LYS C 1154 -20.81 3.03 20.32
N VAL C 1155 -19.66 2.35 20.26
CA VAL C 1155 -19.32 1.40 21.31
C VAL C 1155 -19.17 2.10 22.64
N ASP C 1156 -18.53 3.26 22.65
CA ASP C 1156 -18.39 4.02 23.89
C ASP C 1156 -19.75 4.43 24.42
N LEU C 1157 -20.65 4.88 23.55
CA LEU C 1157 -21.99 5.24 23.98
C LEU C 1157 -22.72 4.04 24.57
N ALA C 1158 -22.61 2.89 23.91
CA ALA C 1158 -23.24 1.68 24.42
C ALA C 1158 -22.66 1.32 25.79
N LEU C 1159 -21.34 1.44 25.93
CA LEU C 1159 -20.70 1.13 27.21
C LEU C 1159 -21.20 2.05 28.31
N LYS C 1160 -21.32 3.34 28.02
CA LYS C 1160 -21.80 4.27 29.03
C LYS C 1160 -23.24 3.96 29.41
N GLN C 1161 -24.09 3.69 28.43
CA GLN C 1161 -25.49 3.35 28.75
C GLN C 1161 -25.56 2.04 29.51
N LEU C 1162 -24.68 1.09 29.20
CA LEU C 1162 -24.67 -0.19 29.91
C LEU C 1162 -24.28 0.00 31.36
N GLY C 1163 -23.24 0.78 31.61
CA GLY C 1163 -22.89 1.10 32.98
C GLY C 1163 -24.02 1.82 33.70
N HIS C 1164 -24.70 2.71 32.99
CA HIS C 1164 -25.81 3.46 33.58
C HIS C 1164 -26.94 2.52 33.99
N ILE C 1165 -27.34 1.62 33.08
CA ILE C 1165 -28.43 0.70 33.39
C ILE C 1165 -28.04 -0.27 34.49
N ARG C 1166 -26.77 -0.70 34.52
CA ARG C 1166 -26.37 -1.67 35.54
C ARG C 1166 -26.66 -1.15 36.94
N GLU C 1167 -26.60 0.16 37.13
CA GLU C 1167 -26.92 0.76 38.43
C GLU C 1167 -28.42 0.66 38.70
N GLU D 7 25.78 -31.96 32.84
CA GLU D 7 26.10 -31.93 34.26
C GLU D 7 25.00 -32.59 35.08
N GLN D 8 25.15 -33.91 35.27
CA GLN D 8 24.17 -34.69 36.02
C GLN D 8 24.78 -35.60 37.07
N SER D 9 26.05 -35.98 36.95
CA SER D 9 26.65 -36.93 37.88
C SER D 9 26.58 -36.41 39.31
N TRP D 10 26.48 -35.10 39.50
CA TRP D 10 26.36 -34.55 40.84
C TRP D 10 24.97 -34.74 41.43
N ILE D 11 23.96 -34.97 40.59
CA ILE D 11 22.60 -35.14 41.11
C ILE D 11 22.52 -36.34 42.05
N PRO D 12 23.02 -37.52 41.70
CA PRO D 12 23.04 -38.61 42.69
C PRO D 12 23.85 -38.28 43.92
N LYS D 13 24.85 -37.42 43.81
CA LYS D 13 25.72 -37.13 44.95
C LYS D 13 24.96 -36.49 46.09
N ILE D 14 24.05 -35.56 45.78
CA ILE D 14 23.41 -34.74 46.80
C ILE D 14 21.98 -35.13 47.08
N PHE D 15 21.38 -36.02 46.28
CA PHE D 15 20.00 -36.43 46.45
C PHE D 15 19.95 -37.92 46.76
N LYS D 16 19.03 -38.31 47.64
CA LYS D 16 18.93 -39.67 48.12
C LYS D 16 17.50 -40.17 48.04
N LYS D 17 17.37 -41.47 47.82
CA LYS D 17 16.11 -42.20 47.89
C LYS D 17 16.13 -43.10 49.12
N LYS D 18 14.94 -43.61 49.45
CA LYS D 18 14.72 -44.35 50.69
C LYS D 18 14.41 -45.80 50.40
N THR D 19 14.84 -46.69 51.31
CA THR D 19 14.61 -48.14 51.12
C THR D 19 13.64 -48.64 52.18
N CYS D 20 13.04 -49.81 51.94
CA CYS D 20 12.11 -50.39 52.95
C CYS D 20 12.87 -50.72 54.23
N THR D 21 14.09 -51.26 54.11
CA THR D 21 14.94 -51.52 55.29
C THR D 21 14.20 -52.37 56.30
N THR D 22 14.18 -51.95 57.57
CA THR D 22 13.55 -52.74 58.66
C THR D 22 12.13 -53.11 58.31
N PHE D 23 11.69 -54.29 58.77
CA PHE D 23 10.35 -54.76 58.49
C PHE D 23 9.46 -54.60 59.72
N ILE D 24 8.20 -54.24 59.48
CA ILE D 24 7.19 -54.16 60.53
C ILE D 24 5.91 -54.79 59.99
N VAL D 25 5.31 -55.69 60.78
CA VAL D 25 4.09 -56.36 60.37
C VAL D 25 2.90 -55.42 60.56
N THR D 33 3.78 -60.83 57.03
CA THR D 33 2.80 -60.71 55.97
C THR D 33 3.08 -59.51 55.09
N LEU D 34 2.65 -58.34 55.56
CA LEU D 34 2.82 -57.08 54.83
C LEU D 34 3.63 -56.11 55.69
N CYS D 35 4.61 -55.45 55.07
CA CYS D 35 5.38 -54.44 55.77
C CYS D 35 4.52 -53.25 56.11
N GLN D 36 4.84 -52.61 57.23
CA GLN D 36 4.30 -51.28 57.48
C GLN D 36 4.87 -50.25 56.50
N CYS D 37 5.89 -50.63 55.75
CA CYS D 37 6.48 -49.79 54.72
C CYS D 37 5.84 -49.98 53.35
N GLY D 38 4.71 -50.69 53.28
CA GLY D 38 3.97 -50.83 52.05
C GLY D 38 4.44 -51.93 51.12
N ARG D 39 5.54 -52.61 51.47
CA ARG D 39 6.05 -53.69 50.64
C ARG D 39 5.76 -55.05 51.27
N PRO D 40 5.58 -56.10 50.47
CA PRO D 40 5.36 -57.43 51.05
C PRO D 40 6.57 -57.89 51.85
N ARG D 41 6.29 -58.62 52.93
CA ARG D 41 7.38 -59.12 53.77
C ARG D 41 8.37 -59.94 52.96
N THR D 42 7.90 -60.65 51.94
CA THR D 42 8.80 -61.47 51.14
C THR D 42 9.81 -60.62 50.37
N ALA D 43 9.34 -59.55 49.73
CA ALA D 43 10.21 -58.71 48.90
C ALA D 43 10.87 -57.65 49.76
N HIS D 44 11.75 -58.12 50.64
CA HIS D 44 12.53 -57.25 51.51
C HIS D 44 13.98 -57.71 51.52
N PRO D 45 14.91 -56.82 51.86
CA PRO D 45 16.31 -57.22 51.94
C PRO D 45 16.56 -58.18 53.11
N ALA D 46 17.81 -58.60 53.30
CA ALA D 46 18.13 -59.50 54.39
C ALA D 46 17.95 -58.83 55.75
N VAL D 47 18.08 -57.50 55.81
CA VAL D 47 17.94 -56.79 57.08
C VAL D 47 16.52 -56.84 57.64
N ALA D 48 15.54 -57.19 56.81
CA ALA D 48 14.15 -57.26 57.26
C ALA D 48 13.82 -58.68 57.71
N THR D 59 8.07 -52.18 66.36
CA THR D 59 6.67 -52.03 66.75
C THR D 59 5.89 -51.27 65.68
N VAL D 60 6.05 -49.95 65.66
CA VAL D 60 5.42 -49.08 64.68
C VAL D 60 6.51 -48.58 63.74
N TRP D 61 6.31 -48.81 62.44
CA TRP D 61 7.34 -48.49 61.47
C TRP D 61 7.56 -46.98 61.39
N ASP D 62 8.83 -46.59 61.28
CA ASP D 62 9.22 -45.19 61.22
C ASP D 62 9.73 -44.87 59.82
N SER D 63 9.25 -43.76 59.26
CA SER D 63 9.64 -43.36 57.93
C SER D 63 11.10 -42.95 57.82
N ASP D 64 11.78 -42.74 58.95
CA ASP D 64 13.19 -42.38 58.97
C ASP D 64 14.05 -43.35 59.77
N ALA D 65 13.56 -43.81 60.93
CA ALA D 65 14.35 -44.73 61.74
C ALA D 65 14.45 -46.09 61.09
N HIS D 66 13.38 -46.54 60.42
CA HIS D 66 13.29 -47.88 59.87
C HIS D 66 13.49 -47.89 58.36
N THR D 67 14.38 -47.02 57.87
CA THR D 67 14.67 -46.93 56.45
C THR D 67 16.14 -46.56 56.27
N THR D 68 16.62 -46.73 55.04
CA THR D 68 18.00 -46.42 54.69
C THR D 68 18.02 -45.49 53.49
N GLU D 69 19.04 -44.63 53.43
CA GLU D 69 19.19 -43.66 52.36
C GLU D 69 20.29 -44.13 51.39
N LYS D 70 19.98 -44.11 50.11
CA LYS D 70 20.90 -44.48 49.05
C LYS D 70 20.91 -43.38 48.01
N PRO D 71 21.95 -43.29 47.18
CA PRO D 71 21.96 -42.28 46.13
C PRO D 71 20.77 -42.44 45.20
N THR D 72 20.20 -41.31 44.79
CA THR D 72 19.03 -41.34 43.91
C THR D 72 19.41 -41.89 42.55
N ASP D 73 18.45 -42.58 41.92
CA ASP D 73 18.68 -43.23 40.64
C ASP D 73 17.48 -43.06 39.70
N ALA D 74 16.71 -41.98 39.87
CA ALA D 74 15.52 -41.75 39.08
C ALA D 74 15.44 -40.32 38.58
N TYR D 75 16.58 -39.65 38.48
CA TYR D 75 16.60 -38.26 38.03
C TYR D 75 16.49 -38.23 36.51
N GLY D 76 16.70 -37.07 35.91
CA GLY D 76 16.59 -36.88 34.49
C GLY D 76 15.41 -36.01 34.13
N GLU D 77 14.87 -36.26 32.93
CA GLU D 77 13.71 -35.53 32.45
C GLU D 77 12.74 -36.49 31.78
N LEU D 78 11.46 -36.11 31.79
CA LEU D 78 10.40 -36.92 31.22
C LEU D 78 10.04 -36.41 29.84
N ASP D 79 9.93 -37.33 28.88
CA ASP D 79 9.46 -37.03 27.53
C ASP D 79 8.16 -37.80 27.34
N PHE D 80 7.05 -37.20 27.74
CA PHE D 80 5.76 -37.84 27.57
C PHE D 80 5.57 -38.22 26.11
N THR D 81 5.18 -39.47 25.87
CA THR D 81 5.07 -39.98 24.51
C THR D 81 4.24 -39.04 23.66
N GLY D 82 4.87 -38.47 22.64
CA GLY D 82 4.17 -37.60 21.71
C GLY D 82 4.16 -36.15 22.12
N ALA D 83 3.02 -35.67 22.59
CA ALA D 83 2.86 -34.26 22.91
C ALA D 83 3.70 -33.86 24.11
N GLY D 84 3.88 -32.56 24.26
CA GLY D 84 4.68 -31.99 25.32
C GLY D 84 5.87 -31.21 24.77
N ARG D 85 6.57 -30.57 25.69
CA ARG D 85 7.78 -29.83 25.35
C ARG D 85 9.00 -30.72 25.24
N LYS D 86 8.81 -32.03 25.14
CA LYS D 86 9.90 -33.00 25.08
C LYS D 86 10.83 -32.90 26.28
N HIS D 87 10.37 -32.26 27.35
CA HIS D 87 11.17 -32.13 28.56
C HIS D 87 10.22 -31.78 29.71
N SER D 88 10.12 -32.67 30.68
CA SER D 88 9.39 -32.41 31.93
C SER D 88 10.27 -32.97 33.04
N ASN D 89 11.16 -32.12 33.55
CA ASN D 89 12.18 -32.61 34.47
C ASN D 89 11.56 -33.29 35.67
N PHE D 90 12.08 -34.47 35.99
CA PHE D 90 11.62 -35.25 37.13
C PHE D 90 12.78 -35.39 38.11
N LEU D 91 12.47 -35.96 39.27
CA LEU D 91 13.50 -36.20 40.27
C LEU D 91 12.91 -37.03 41.40
N ARG D 92 13.78 -37.84 42.01
CA ARG D 92 13.43 -38.64 43.18
C ARG D 92 14.39 -38.27 44.30
N LEU D 93 13.84 -37.87 45.44
CA LEU D 93 14.66 -37.42 46.56
C LEU D 93 14.00 -37.78 47.87
N SER D 94 14.81 -37.91 48.90
CA SER D 94 14.31 -38.22 50.24
C SER D 94 13.51 -37.05 50.79
N ASP D 95 12.53 -37.37 51.64
CA ASP D 95 11.73 -36.32 52.26
C ASP D 95 12.60 -35.42 53.12
N ARG D 96 13.52 -36.00 53.89
CA ARG D 96 14.42 -35.24 54.75
C ARG D 96 15.56 -34.65 53.93
N THR D 97 15.19 -33.80 52.99
CA THR D 97 16.13 -33.13 52.09
C THR D 97 16.03 -31.64 52.28
N ASP D 98 17.17 -30.97 52.31
CA ASP D 98 17.17 -29.52 52.49
C ASP D 98 16.63 -28.85 51.24
N PRO D 99 15.59 -28.01 51.34
CA PRO D 99 15.00 -27.42 50.13
C PRO D 99 15.95 -26.51 49.37
N ALA D 100 17.04 -26.05 50.00
CA ALA D 100 17.94 -25.14 49.31
C ALA D 100 18.54 -25.81 48.08
N ALA D 101 18.97 -27.06 48.21
CA ALA D 101 19.53 -27.76 47.07
C ALA D 101 18.50 -27.92 45.96
N VAL D 102 17.27 -28.24 46.32
CA VAL D 102 16.21 -28.39 45.33
C VAL D 102 15.99 -27.08 44.59
N TYR D 103 15.93 -25.98 45.33
CA TYR D 103 15.70 -24.69 44.71
C TYR D 103 16.85 -24.32 43.78
N SER D 104 18.09 -24.58 44.21
CA SER D 104 19.23 -24.30 43.36
C SER D 104 19.19 -25.13 42.08
N LEU D 105 18.87 -26.41 42.21
CA LEU D 105 18.78 -27.28 41.05
C LEU D 105 17.73 -26.77 40.08
N VAL D 106 16.56 -26.41 40.60
CA VAL D 106 15.46 -25.95 39.74
C VAL D 106 15.84 -24.65 39.04
N THR D 107 16.43 -23.71 39.79
CA THR D 107 16.68 -22.39 39.24
C THR D 107 17.81 -22.41 38.21
N ARG D 108 18.92 -23.08 38.54
CA ARG D 108 20.12 -23.03 37.70
C ARG D 108 20.18 -24.18 36.71
N THR D 109 20.18 -25.42 37.20
CA THR D 109 20.39 -26.55 36.32
C THR D 109 19.23 -26.71 35.33
N TRP D 110 18.00 -26.71 35.83
CA TRP D 110 16.84 -26.94 34.97
C TRP D 110 16.43 -25.71 34.19
N GLY D 111 16.98 -24.54 34.51
CA GLY D 111 16.73 -23.34 33.73
C GLY D 111 15.52 -22.54 34.12
N PHE D 112 14.72 -23.01 35.07
CA PHE D 112 13.56 -22.24 35.51
C PHE D 112 14.00 -20.95 36.17
N ARG D 113 13.37 -19.85 35.80
CA ARG D 113 13.67 -18.58 36.44
C ARG D 113 13.12 -18.56 37.86
N ALA D 114 13.59 -17.60 38.64
CA ALA D 114 13.06 -17.43 39.98
C ALA D 114 11.59 -17.05 39.89
N PRO D 115 10.72 -17.63 40.71
CA PRO D 115 9.29 -17.29 40.62
C PRO D 115 8.99 -15.98 41.32
N ASN D 116 8.38 -15.05 40.59
CA ASN D 116 7.89 -13.82 41.20
C ASN D 116 6.72 -14.06 42.15
N LEU D 117 6.15 -15.25 42.13
CA LEU D 117 5.01 -15.62 42.96
C LEU D 117 4.84 -17.12 42.88
N VAL D 118 4.40 -17.72 43.99
CA VAL D 118 4.19 -19.15 44.07
C VAL D 118 2.79 -19.38 44.64
N VAL D 119 1.95 -20.08 43.90
CA VAL D 119 0.61 -20.42 44.34
C VAL D 119 0.59 -21.91 44.63
N SER D 120 0.47 -22.25 45.91
CA SER D 120 0.41 -23.65 46.34
C SER D 120 -1.05 -24.03 46.42
N VAL D 121 -1.53 -24.74 45.40
CA VAL D 121 -2.95 -25.07 45.32
C VAL D 121 -3.23 -26.30 46.16
N LEU D 122 -4.24 -26.21 47.01
CA LEU D 122 -4.69 -27.30 47.85
C LEU D 122 -6.13 -27.65 47.49
N GLY D 123 -6.66 -28.66 48.18
CA GLY D 123 -8.07 -29.02 47.99
C GLY D 123 -8.24 -30.44 47.48
N GLY D 124 -8.92 -31.25 48.29
CA GLY D 124 -9.24 -32.61 47.90
C GLY D 124 -10.19 -32.66 46.73
N SER D 125 -11.21 -31.80 46.75
CA SER D 125 -12.20 -31.74 45.68
C SER D 125 -12.78 -33.12 45.39
N GLY D 126 -13.47 -33.66 46.38
CA GLY D 126 -14.07 -34.97 46.25
C GLY D 126 -14.97 -35.06 45.02
N GLY D 127 -14.78 -36.10 44.23
CA GLY D 127 -15.52 -36.28 43.00
C GLY D 127 -14.75 -35.72 41.82
N PRO D 128 -14.61 -36.52 40.75
CA PRO D 128 -13.81 -36.04 39.61
C PRO D 128 -14.35 -34.77 38.97
N VAL D 129 -15.66 -34.61 38.93
CA VAL D 129 -16.27 -33.42 38.34
C VAL D 129 -16.04 -32.24 39.26
N LEU D 130 -15.96 -31.05 38.68
CA LEU D 130 -15.78 -29.81 39.41
C LEU D 130 -16.75 -28.76 38.90
N GLN D 131 -17.10 -27.83 39.77
CA GLN D 131 -18.11 -26.84 39.43
C GLN D 131 -17.63 -25.95 38.29
N THR D 132 -18.58 -25.47 37.49
CA THR D 132 -18.23 -24.65 36.33
C THR D 132 -17.54 -23.37 36.74
N TRP D 133 -18.03 -22.70 37.79
CA TRP D 133 -17.42 -21.45 38.20
C TRP D 133 -16.00 -21.67 38.72
N LEU D 134 -15.78 -22.75 39.46
CA LEU D 134 -14.42 -23.05 39.93
C LEU D 134 -13.47 -23.28 38.76
N GLN D 135 -13.90 -24.05 37.77
CA GLN D 135 -13.05 -24.32 36.62
C GLN D 135 -12.78 -23.04 35.84
N ASP D 136 -13.79 -22.18 35.69
CA ASP D 136 -13.58 -20.90 35.03
C ASP D 136 -12.58 -20.05 35.79
N LEU D 137 -12.69 -20.03 37.12
CA LEU D 137 -11.74 -19.27 37.92
C LEU D 137 -10.33 -19.79 37.73
N LEU D 138 -10.16 -21.11 37.80
CA LEU D 138 -8.81 -21.67 37.64
C LEU D 138 -8.24 -21.35 36.27
N ARG D 139 -9.02 -21.53 35.21
CA ARG D 139 -8.48 -21.34 33.87
C ARG D 139 -8.34 -19.87 33.51
N ARG D 140 -9.04 -18.98 34.21
CA ARG D 140 -9.09 -17.56 33.88
C ARG D 140 -8.50 -16.67 34.95
N GLY D 141 -8.65 -17.03 36.22
CA GLY D 141 -8.10 -16.24 37.30
C GLY D 141 -6.72 -16.69 37.71
N LEU D 142 -6.55 -17.99 37.95
CA LEU D 142 -5.28 -18.49 38.46
C LEU D 142 -4.24 -18.60 37.36
N VAL D 143 -4.53 -19.38 36.33
CA VAL D 143 -3.53 -19.64 35.30
C VAL D 143 -3.15 -18.36 34.57
N ARG D 144 -4.14 -17.52 34.27
CA ARG D 144 -3.85 -16.26 33.59
C ARG D 144 -2.92 -15.41 34.43
N ALA D 145 -3.21 -15.28 35.73
CA ALA D 145 -2.35 -14.49 36.61
C ALA D 145 -0.96 -15.08 36.69
N ALA D 146 -0.88 -16.41 36.77
CA ALA D 146 0.43 -17.06 36.85
C ALA D 146 1.26 -16.77 35.61
N GLN D 147 0.65 -16.84 34.44
CA GLN D 147 1.40 -16.51 33.23
C GLN D 147 1.78 -15.03 33.21
N SER D 148 0.87 -14.16 33.63
CA SER D 148 1.18 -12.73 33.61
C SER D 148 2.34 -12.39 34.52
N THR D 149 2.36 -12.95 35.72
CA THR D 149 3.39 -12.65 36.71
C THR D 149 4.53 -13.66 36.69
N GLY D 150 4.50 -14.63 35.77
CA GLY D 150 5.55 -15.64 35.74
C GLY D 150 5.65 -16.44 37.02
N ALA D 151 4.52 -16.74 37.64
CA ALA D 151 4.50 -17.46 38.90
C ALA D 151 4.60 -18.96 38.67
N TRP D 152 4.88 -19.68 39.74
CA TRP D 152 4.84 -21.14 39.76
C TRP D 152 3.53 -21.58 40.42
N ILE D 153 3.00 -22.70 39.95
CA ILE D 153 1.83 -23.32 40.55
C ILE D 153 2.28 -24.65 41.12
N VAL D 154 2.24 -24.80 42.43
CA VAL D 154 2.72 -26.00 43.11
C VAL D 154 1.51 -26.83 43.50
N THR D 155 1.44 -28.05 42.98
CA THR D 155 0.33 -28.96 43.29
C THR D 155 0.90 -30.36 43.43
N GLY D 156 0.00 -31.34 43.46
CA GLY D 156 0.40 -32.73 43.45
C GLY D 156 0.57 -33.24 42.02
N GLY D 157 1.77 -33.71 41.69
CA GLY D 157 2.05 -34.16 40.34
C GLY D 157 1.39 -35.47 40.00
N LEU D 158 0.07 -35.55 40.13
CA LEU D 158 -0.67 -36.76 39.82
C LEU D 158 -1.91 -36.40 39.02
N HIS D 159 -2.38 -37.34 38.23
CA HIS D 159 -3.55 -37.12 37.38
C HIS D 159 -4.83 -37.39 38.15
N THR D 160 -4.97 -36.75 39.32
CA THR D 160 -6.11 -36.99 40.18
C THR D 160 -6.29 -35.81 41.11
N GLY D 161 -7.47 -35.72 41.72
CA GLY D 161 -7.74 -34.67 42.67
C GLY D 161 -7.68 -33.31 42.01
N ILE D 162 -7.29 -32.31 42.80
CA ILE D 162 -7.18 -30.96 42.28
C ILE D 162 -6.05 -30.83 41.26
N GLY D 163 -5.07 -31.72 41.31
CA GLY D 163 -3.99 -31.66 40.35
C GLY D 163 -4.48 -31.83 38.93
N ARG D 164 -5.39 -32.78 38.71
CA ARG D 164 -5.94 -32.97 37.37
C ARG D 164 -6.68 -31.73 36.90
N HIS D 165 -7.47 -31.11 37.79
CA HIS D 165 -8.20 -29.91 37.41
C HIS D 165 -7.24 -28.78 37.05
N VAL D 166 -6.19 -28.61 37.84
CA VAL D 166 -5.21 -27.57 37.55
C VAL D 166 -4.54 -27.85 36.21
N GLY D 167 -4.18 -29.11 35.96
CA GLY D 167 -3.54 -29.45 34.70
C GLY D 167 -4.43 -29.17 33.50
N VAL D 168 -5.71 -29.55 33.59
CA VAL D 168 -6.61 -29.30 32.47
C VAL D 168 -6.83 -27.80 32.30
N ALA D 169 -6.87 -27.04 33.39
CA ALA D 169 -6.96 -25.59 33.27
C ALA D 169 -5.76 -25.03 32.53
N VAL D 170 -4.57 -25.49 32.89
CA VAL D 170 -3.36 -25.04 32.20
C VAL D 170 -3.44 -25.39 30.72
N ARG D 171 -3.83 -26.62 30.41
CA ARG D 171 -3.90 -27.05 29.02
C ARG D 171 -4.88 -26.21 28.23
N ASP D 172 -6.06 -25.96 28.80
CA ASP D 172 -7.05 -25.15 28.10
C ASP D 172 -6.53 -23.73 27.88
N HIS D 173 -5.90 -23.15 28.90
CA HIS D 173 -5.35 -21.81 28.74
C HIS D 173 -4.33 -21.77 27.61
N GLN D 174 -3.58 -22.85 27.44
CA GLN D 174 -2.57 -22.92 26.39
C GLN D 174 -3.22 -23.06 25.02
N LYS D 182 4.45 -20.84 28.06
CA LYS D 182 3.65 -21.75 28.87
C LYS D 182 3.75 -21.36 30.34
N VAL D 183 3.05 -22.12 31.18
CA VAL D 183 2.99 -21.86 32.61
C VAL D 183 3.78 -22.94 33.34
N VAL D 184 4.39 -22.57 34.46
CA VAL D 184 5.21 -23.48 35.24
C VAL D 184 4.36 -24.10 36.33
N ALA D 185 4.18 -25.41 36.27
CA ALA D 185 3.35 -26.16 37.20
C ALA D 185 4.20 -27.23 37.85
N MET D 186 4.78 -26.91 38.99
CA MET D 186 5.54 -27.90 39.75
C MET D 186 4.59 -28.89 40.42
N GLY D 187 4.97 -30.16 40.36
CA GLY D 187 4.16 -31.17 41.01
C GLY D 187 4.98 -32.00 41.98
N VAL D 188 4.67 -31.88 43.27
CA VAL D 188 5.35 -32.63 44.32
C VAL D 188 4.44 -33.79 44.69
N ALA D 189 4.90 -35.01 44.41
CA ALA D 189 4.08 -36.18 44.65
C ALA D 189 4.91 -37.26 45.32
N PRO D 190 4.28 -38.15 46.09
CA PRO D 190 5.03 -39.23 46.74
C PRO D 190 5.57 -40.20 45.71
N TRP D 191 6.68 -40.83 46.07
CA TRP D 191 7.25 -41.92 45.28
C TRP D 191 6.70 -43.24 45.83
N GLY D 192 5.83 -43.88 45.06
CA GLY D 192 5.18 -45.09 45.51
C GLY D 192 3.72 -45.15 45.10
N VAL D 193 3.10 -43.98 44.95
CA VAL D 193 1.75 -43.89 44.40
C VAL D 193 1.77 -43.53 42.93
N VAL D 194 2.95 -43.49 42.31
CA VAL D 194 3.09 -43.14 40.90
C VAL D 194 3.02 -44.42 40.08
N ARG D 195 2.09 -44.47 39.14
CA ARG D 195 1.97 -45.62 38.26
C ARG D 195 3.18 -45.72 37.35
N ASN D 196 3.62 -46.96 37.08
CA ASN D 196 4.73 -47.21 36.18
C ASN D 196 6.01 -46.54 36.68
N ARG D 197 6.32 -46.74 37.96
CA ARG D 197 7.56 -46.20 38.52
C ARG D 197 8.78 -46.94 38.01
N ASP D 198 8.61 -48.16 37.50
CA ASP D 198 9.76 -48.93 37.05
C ASP D 198 10.45 -48.27 35.87
N THR D 199 9.68 -47.76 34.91
CA THR D 199 10.26 -47.21 33.69
C THR D 199 11.11 -45.98 33.93
N LEU D 200 11.03 -45.36 35.11
CA LEU D 200 11.80 -44.16 35.40
C LEU D 200 13.16 -44.44 36.00
N ILE D 201 13.44 -45.68 36.39
CA ILE D 201 14.63 -46.00 37.17
C ILE D 201 15.81 -46.19 36.21
N ASN D 202 16.82 -45.34 36.33
CA ASN D 202 18.04 -45.43 35.55
C ASN D 202 19.17 -44.75 36.31
N PRO D 203 19.95 -45.47 37.11
CA PRO D 203 20.98 -44.79 37.92
C PRO D 203 21.96 -43.98 37.09
N LYS D 204 22.31 -44.46 35.90
CA LYS D 204 23.20 -43.69 35.04
C LYS D 204 22.59 -42.38 34.57
N GLY D 205 21.27 -42.27 34.64
CA GLY D 205 20.56 -41.09 34.16
C GLY D 205 19.42 -41.54 33.27
N SER D 206 18.41 -40.68 33.14
CA SER D 206 17.23 -40.98 32.36
C SER D 206 16.83 -39.80 31.51
N PHE D 207 17.80 -39.16 30.84
CA PHE D 207 17.48 -37.95 30.08
C PHE D 207 16.38 -38.20 29.07
N PRO D 208 16.49 -39.17 28.17
CA PRO D 208 15.30 -39.61 27.42
C PRO D 208 14.50 -40.60 28.24
N ALA D 209 13.36 -40.16 28.76
CA ALA D 209 12.51 -41.01 29.58
C ALA D 209 11.13 -41.08 28.95
N ARG D 210 10.63 -42.30 28.78
CA ARG D 210 9.33 -42.53 28.15
C ARG D 210 8.39 -43.07 29.21
N TYR D 211 7.25 -42.41 29.38
CA TYR D 211 6.29 -42.74 30.42
C TYR D 211 4.92 -43.00 29.79
N ARG D 212 4.32 -44.12 30.16
CA ARG D 212 2.99 -44.49 29.68
C ARG D 212 2.01 -44.20 30.81
N TRP D 213 1.53 -42.96 30.88
CA TRP D 213 0.61 -42.55 31.93
C TRP D 213 -0.73 -43.24 31.84
N ARG D 214 -1.03 -43.90 30.72
CA ARG D 214 -2.35 -44.45 30.45
C ARG D 214 -2.41 -45.95 30.75
N GLY D 215 -1.71 -46.41 31.78
CA GLY D 215 -1.75 -47.80 32.16
C GLY D 215 -3.18 -48.32 32.30
N ASP D 216 -3.45 -49.48 31.73
CA ASP D 216 -4.81 -49.99 31.71
C ASP D 216 -5.44 -50.09 33.09
N PRO D 217 -4.80 -50.70 34.10
CA PRO D 217 -5.43 -50.78 35.41
C PRO D 217 -5.71 -49.39 35.97
N GLU D 218 -6.83 -49.27 36.67
CA GLU D 218 -7.27 -48.00 37.25
C GLU D 218 -7.64 -48.27 38.71
N ASP D 219 -6.68 -48.09 39.61
CA ASP D 219 -6.88 -48.30 41.03
C ASP D 219 -6.35 -47.10 41.80
N GLY D 220 -6.96 -46.85 42.96
CA GLY D 220 -6.59 -45.70 43.76
C GLY D 220 -5.25 -45.81 44.45
N VAL D 221 -4.64 -47.00 44.45
CA VAL D 221 -3.35 -47.16 45.12
C VAL D 221 -2.29 -46.32 44.43
N GLN D 222 -2.28 -46.32 43.11
CA GLN D 222 -1.30 -45.57 42.33
C GLN D 222 -2.01 -44.75 41.26
N PHE D 223 -1.36 -43.67 40.84
CA PHE D 223 -1.90 -42.76 39.86
C PHE D 223 -0.81 -42.42 38.85
N PRO D 224 -1.19 -41.95 37.67
CA PRO D 224 -0.20 -41.53 36.68
C PRO D 224 0.15 -40.06 36.81
N LEU D 225 1.42 -39.78 36.54
CA LEU D 225 1.88 -38.40 36.55
C LEU D 225 1.19 -37.61 35.44
N ASP D 226 0.67 -36.44 35.79
CA ASP D 226 0.00 -35.61 34.80
C ASP D 226 1.00 -35.18 33.73
N TYR D 227 0.48 -34.88 32.54
CA TYR D 227 1.30 -34.46 31.42
C TYR D 227 1.27 -32.95 31.20
N ASN D 228 0.65 -32.19 32.10
CA ASN D 228 0.58 -30.75 31.98
C ASN D 228 1.59 -30.03 32.88
N TYR D 229 2.37 -30.76 33.65
CA TYR D 229 3.27 -30.16 34.64
C TYR D 229 4.69 -30.09 34.08
N SER D 230 5.35 -28.96 34.32
CA SER D 230 6.66 -28.74 33.74
C SER D 230 7.73 -29.54 34.47
N ALA D 231 7.59 -29.72 35.77
CA ALA D 231 8.59 -30.45 36.54
C ALA D 231 7.91 -31.18 37.71
N PHE D 232 8.56 -32.26 38.14
CA PHE D 232 8.04 -33.13 39.17
C PHE D 232 9.09 -33.34 40.25
N PHE D 233 8.62 -33.60 41.47
CA PHE D 233 9.48 -33.97 42.58
C PHE D 233 8.84 -35.19 43.24
N LEU D 234 9.47 -36.34 43.05
CA LEU D 234 8.97 -37.61 43.54
C LEU D 234 9.58 -37.84 44.92
N VAL D 235 8.90 -37.30 45.94
CA VAL D 235 9.39 -37.44 47.30
C VAL D 235 9.36 -38.91 47.70
N ASP D 236 10.49 -39.41 48.17
CA ASP D 236 10.64 -40.81 48.57
C ASP D 236 10.80 -40.87 50.08
N ASP D 237 9.91 -41.61 50.74
CA ASP D 237 9.95 -41.79 52.18
C ASP D 237 10.08 -43.26 52.56
N GLY D 238 10.56 -44.09 51.65
CA GLY D 238 10.66 -45.52 51.92
C GLY D 238 9.31 -46.18 52.08
N THR D 239 8.35 -45.80 51.25
CA THR D 239 7.02 -46.39 51.27
C THR D 239 6.58 -46.74 49.87
N HIS D 240 5.82 -47.81 49.74
CA HIS D 240 5.31 -48.27 48.45
C HIS D 240 3.86 -47.86 48.23
N GLY D 241 3.49 -46.68 48.72
CA GLY D 241 2.15 -46.17 48.56
C GLY D 241 1.62 -45.58 49.85
N CYS D 242 1.28 -44.29 49.81
CA CYS D 242 0.78 -43.56 50.96
C CYS D 242 0.48 -42.14 50.51
N LEU D 243 -0.30 -41.43 51.32
CA LEU D 243 -0.65 -40.05 51.06
C LEU D 243 -0.17 -39.18 52.22
N GLY D 244 0.28 -37.97 51.90
CA GLY D 244 0.72 -37.03 52.90
C GLY D 244 2.16 -37.22 53.36
N GLY D 245 2.88 -38.20 52.80
CA GLY D 245 4.27 -38.38 53.17
C GLY D 245 5.20 -37.30 52.63
N GLU D 246 4.77 -36.61 51.58
CA GLU D 246 5.55 -35.53 51.00
C GLU D 246 5.16 -34.16 51.53
N ASN D 247 4.18 -34.08 52.43
CA ASN D 247 3.73 -32.78 52.92
C ASN D 247 4.85 -32.03 53.62
N ARG D 248 5.67 -32.73 54.40
CA ARG D 248 6.78 -32.09 55.09
C ARG D 248 7.69 -31.38 54.09
N PHE D 249 8.11 -32.10 53.06
CA PHE D 249 9.02 -31.50 52.06
C PHE D 249 8.33 -30.37 51.33
N ARG D 250 7.05 -30.53 50.99
CA ARG D 250 6.34 -29.48 50.27
C ARG D 250 6.30 -28.19 51.09
N LEU D 251 5.95 -28.32 52.37
CA LEU D 251 5.91 -27.13 53.22
C LEU D 251 7.29 -26.52 53.39
N ARG D 252 8.31 -27.35 53.57
CA ARG D 252 9.66 -26.81 53.73
C ARG D 252 10.09 -26.05 52.47
N LEU D 253 9.82 -26.62 51.29
CA LEU D 253 10.16 -25.93 50.06
C LEU D 253 9.39 -24.62 49.92
N GLU D 254 8.10 -24.63 50.26
CA GLU D 254 7.32 -23.40 50.20
C GLU D 254 7.93 -22.33 51.10
N SER D 255 8.25 -22.69 52.34
CA SER D 255 8.85 -21.73 53.25
C SER D 255 10.17 -21.21 52.70
N TYR D 256 11.05 -22.11 52.29
CA TYR D 256 12.37 -21.67 51.81
C TYR D 256 12.22 -20.73 50.63
N ILE D 257 11.32 -21.04 49.69
CA ILE D 257 11.09 -20.14 48.57
C ILE D 257 10.61 -18.79 49.08
N SER D 258 9.68 -18.79 50.05
CA SER D 258 9.21 -17.54 50.60
C SER D 258 10.33 -16.76 51.27
N GLN D 259 11.43 -17.41 51.61
CA GLN D 259 12.58 -16.72 52.20
C GLN D 259 13.57 -16.19 51.16
N GLN D 260 13.33 -16.45 49.87
CA GLN D 260 14.26 -15.99 48.84
C GLN D 260 13.92 -14.57 48.41
N LYS D 261 14.64 -14.08 47.40
CA LYS D 261 14.46 -12.72 46.90
C LYS D 261 14.09 -12.76 45.43
N THR D 262 13.42 -11.70 44.97
CA THR D 262 12.85 -11.65 43.61
C THR D 262 13.89 -11.09 42.65
N GLY D 263 14.93 -11.88 42.41
CA GLY D 263 15.89 -11.56 41.38
C GLY D 263 16.68 -10.30 41.67
N VAL D 264 17.50 -9.93 40.69
CA VAL D 264 18.35 -8.75 40.79
C VAL D 264 19.20 -8.85 42.05
N GLY D 265 19.64 -10.07 42.36
CA GLY D 265 20.33 -10.27 43.62
C GLY D 265 19.39 -10.05 44.80
N GLY D 266 19.92 -9.41 45.84
CA GLY D 266 19.14 -9.13 47.02
C GLY D 266 18.22 -7.93 46.92
N THR D 267 18.22 -7.24 45.78
CA THR D 267 17.38 -6.07 45.64
C THR D 267 15.90 -6.43 45.77
N GLY D 268 15.48 -7.54 45.15
CA GLY D 268 14.08 -7.89 45.15
C GLY D 268 13.55 -8.15 46.54
N ILE D 269 12.23 -8.05 46.68
CA ILE D 269 11.57 -8.35 47.96
C ILE D 269 11.37 -9.85 48.08
N ASP D 270 11.00 -10.31 49.27
CA ASP D 270 10.80 -11.72 49.50
C ASP D 270 9.72 -12.25 48.56
N ILE D 271 9.99 -13.40 47.93
CA ILE D 271 9.00 -13.97 47.02
C ILE D 271 7.72 -14.25 47.78
N PRO D 272 6.56 -13.76 47.32
CA PRO D 272 5.31 -14.08 48.02
C PRO D 272 4.84 -15.49 47.68
N VAL D 273 4.54 -16.26 48.72
CA VAL D 273 4.05 -17.62 48.57
C VAL D 273 2.74 -17.72 49.33
N LEU D 274 1.66 -18.02 48.62
CA LEU D 274 0.33 -18.10 49.21
C LEU D 274 -0.32 -19.42 48.82
N LEU D 275 -1.21 -19.90 49.69
CA LEU D 275 -1.89 -21.18 49.50
C LEU D 275 -3.33 -20.92 49.10
N LEU D 276 -3.78 -21.63 48.07
CA LEU D 276 -5.16 -21.58 47.61
C LEU D 276 -5.83 -22.90 47.95
N LEU D 277 -7.02 -22.82 48.54
CA LEU D 277 -7.73 -24.00 49.05
C LEU D 277 -9.12 -24.08 48.44
N ILE D 278 -9.47 -25.25 47.93
CA ILE D 278 -10.80 -25.52 47.39
C ILE D 278 -11.30 -26.81 48.00
N ASP D 279 -12.40 -26.74 48.73
CA ASP D 279 -12.95 -27.93 49.40
C ASP D 279 -11.89 -28.46 50.34
N GLY D 280 -11.87 -29.77 50.58
CA GLY D 280 -10.84 -30.40 51.39
C GLY D 280 -11.46 -31.28 52.46
N ASP D 281 -10.68 -31.49 53.52
CA ASP D 281 -11.06 -32.36 54.62
C ASP D 281 -10.18 -32.02 55.81
N GLU D 282 -10.24 -32.87 56.85
CA GLU D 282 -9.45 -32.61 58.06
C GLU D 282 -7.96 -32.53 57.74
N LYS D 283 -7.49 -33.37 56.81
CA LYS D 283 -6.08 -33.31 56.42
C LYS D 283 -5.75 -31.95 55.84
N MET D 284 -6.64 -31.40 55.00
CA MET D 284 -6.42 -30.07 54.47
C MET D 284 -6.42 -29.03 55.59
N LEU D 285 -7.25 -29.23 56.60
CA LEU D 285 -7.26 -28.31 57.73
C LEU D 285 -5.92 -28.33 58.46
N THR D 286 -5.36 -29.52 58.66
CA THR D 286 -4.05 -29.62 59.29
C THR D 286 -2.98 -28.97 58.43
N ARG D 287 -3.05 -29.15 57.12
CA ARG D 287 -2.08 -28.51 56.24
C ARG D 287 -2.19 -27.00 56.31
N ILE D 288 -3.41 -26.47 56.37
CA ILE D 288 -3.60 -25.02 56.51
C ILE D 288 -3.01 -24.55 57.83
N GLU D 289 -3.22 -25.31 58.90
CA GLU D 289 -2.66 -24.95 60.19
C GLU D 289 -1.14 -24.89 60.12
N ASN D 290 -0.52 -25.90 59.50
CA ASN D 290 0.93 -25.90 59.38
C ASN D 290 1.42 -24.71 58.56
N ALA D 291 0.73 -24.42 57.46
CA ALA D 291 1.12 -23.29 56.62
C ALA D 291 1.04 -21.98 57.41
N THR D 292 -0.04 -21.79 58.14
CA THR D 292 -0.16 -20.59 58.96
C THR D 292 0.95 -20.52 60.00
N GLN D 293 1.27 -21.66 60.62
CA GLN D 293 2.43 -21.69 61.50
C GLN D 293 3.69 -21.28 60.77
N ALA D 294 3.76 -21.53 59.47
CA ALA D 294 4.89 -21.15 58.64
C ALA D 294 4.79 -19.73 58.11
N GLN D 295 3.77 -18.98 58.51
CA GLN D 295 3.57 -17.61 58.07
C GLN D 295 3.46 -17.54 56.55
N LEU D 296 2.42 -18.19 56.04
CA LEU D 296 2.13 -18.21 54.60
C LEU D 296 0.67 -17.80 54.41
N PRO D 297 0.40 -16.75 53.63
CA PRO D 297 -1.00 -16.36 53.42
C PRO D 297 -1.80 -17.50 52.81
N CYS D 298 -3.07 -17.58 53.20
CA CYS D 298 -3.99 -18.60 52.71
C CYS D 298 -5.19 -17.92 52.08
N LEU D 299 -5.58 -18.40 50.91
CA LEU D 299 -6.78 -17.93 50.22
C LEU D 299 -7.81 -19.05 50.23
N LEU D 300 -8.95 -18.78 50.84
CA LEU D 300 -10.03 -19.75 50.94
C LEU D 300 -11.12 -19.37 49.95
N VAL D 301 -11.50 -20.31 49.09
CA VAL D 301 -12.50 -20.06 48.07
C VAL D 301 -13.88 -20.22 48.70
N ALA D 302 -14.69 -19.16 48.62
CA ALA D 302 -16.04 -19.21 49.17
C ALA D 302 -16.92 -20.10 48.30
N GLY D 303 -17.65 -21.01 48.95
CA GLY D 303 -18.48 -21.96 48.24
C GLY D 303 -17.74 -23.14 47.66
N SER D 304 -16.44 -23.26 47.93
CA SER D 304 -15.67 -24.37 47.37
C SER D 304 -16.18 -25.71 47.89
N GLY D 305 -16.47 -25.79 49.17
CA GLY D 305 -16.99 -27.01 49.77
C GLY D 305 -16.49 -27.17 51.19
N GLY D 306 -16.59 -28.39 51.68
CA GLY D 306 -16.19 -28.67 53.04
C GLY D 306 -14.70 -28.47 53.26
N ALA D 307 -14.35 -28.07 54.49
CA ALA D 307 -13.01 -27.76 54.92
C ALA D 307 -12.50 -26.44 54.37
N ALA D 308 -13.23 -25.82 53.45
CA ALA D 308 -12.89 -24.51 52.91
C ALA D 308 -13.99 -23.50 53.15
N ASP D 309 -15.26 -23.90 52.99
CA ASP D 309 -16.36 -23.01 53.35
C ASP D 309 -16.52 -22.91 54.86
N CYS D 310 -16.10 -23.94 55.60
CA CYS D 310 -16.13 -23.87 57.06
C CYS D 310 -15.26 -22.74 57.56
N LEU D 311 -14.01 -22.69 57.09
CA LEU D 311 -13.11 -21.62 57.50
C LEU D 311 -13.61 -20.26 57.02
N ALA D 312 -14.18 -20.21 55.81
CA ALA D 312 -14.70 -18.95 55.30
C ALA D 312 -15.81 -18.42 56.20
N GLU D 313 -16.74 -19.29 56.59
CA GLU D 313 -17.81 -18.87 57.47
C GLU D 313 -17.28 -18.46 58.84
N THR D 314 -16.33 -19.23 59.38
CA THR D 314 -15.77 -18.88 60.68
C THR D 314 -15.10 -17.52 60.65
N LEU D 315 -14.35 -17.24 59.58
CA LEU D 315 -13.72 -15.92 59.44
C LEU D 315 -14.78 -14.83 59.29
N GLU D 316 -15.83 -15.11 58.51
CA GLU D 316 -16.85 -14.09 58.29
C GLU D 316 -17.52 -13.68 59.60
N ASP D 317 -17.82 -14.65 60.45
CA ASP D 317 -18.45 -14.36 61.74
C ASP D 317 -17.46 -13.68 62.67
N GLN D 328 -22.02 -22.72 68.61
CA GLN D 328 -22.38 -22.65 67.20
C GLN D 328 -21.24 -23.16 66.33
N GLY D 329 -20.00 -22.94 66.79
CA GLY D 329 -18.85 -23.39 66.02
C GLY D 329 -18.84 -24.89 65.82
N GLU D 330 -19.16 -25.65 66.88
CA GLU D 330 -19.23 -27.10 66.75
C GLU D 330 -20.33 -27.50 65.78
N ALA D 331 -21.45 -26.78 65.79
CA ALA D 331 -22.51 -27.04 64.82
C ALA D 331 -22.02 -26.82 63.40
N ARG D 332 -21.25 -25.73 63.18
CA ARG D 332 -20.69 -25.49 61.86
C ARG D 332 -19.74 -26.61 61.45
N ASP D 333 -18.89 -27.05 62.37
CA ASP D 333 -17.97 -28.14 62.06
C ASP D 333 -18.73 -29.38 61.67
N ARG D 334 -19.80 -29.70 62.40
CA ARG D 334 -20.58 -30.90 62.12
C ARG D 334 -21.28 -30.80 60.78
N ILE D 335 -21.93 -29.67 60.49
CA ILE D 335 -22.71 -29.55 59.28
C ILE D 335 -21.80 -29.50 58.05
N ARG D 336 -20.72 -28.71 58.12
CA ARG D 336 -19.87 -28.52 56.94
C ARG D 336 -18.89 -29.68 56.79
N ARG D 337 -18.07 -29.92 57.80
CA ARG D 337 -17.13 -31.02 57.75
C ARG D 337 -17.89 -32.35 57.83
N PHE D 338 -17.19 -33.42 57.47
CA PHE D 338 -17.79 -34.74 57.52
C PHE D 338 -18.19 -35.10 58.94
N PHE D 339 -19.23 -35.92 59.05
CA PHE D 339 -19.71 -36.34 60.36
C PHE D 339 -18.61 -36.93 61.23
N PRO D 340 -17.73 -37.80 60.73
CA PRO D 340 -16.63 -38.30 61.56
C PRO D 340 -15.78 -37.14 62.08
N LYS D 341 -15.46 -37.20 63.37
CA LYS D 341 -14.67 -36.20 64.08
C LYS D 341 -15.40 -34.86 64.20
N GLY D 342 -16.61 -34.73 63.66
CA GLY D 342 -17.32 -33.46 63.77
C GLY D 342 -17.57 -33.08 65.22
N ASP D 343 -18.05 -34.03 66.02
CA ASP D 343 -18.17 -33.81 67.45
C ASP D 343 -16.83 -33.84 68.15
N LEU D 344 -15.81 -34.40 67.51
CA LEU D 344 -14.49 -34.43 68.10
C LEU D 344 -14.00 -33.02 68.41
N GLU D 345 -13.46 -32.84 69.61
CA GLU D 345 -12.95 -31.53 70.02
C GLU D 345 -11.68 -31.16 69.28
N VAL D 346 -11.02 -32.12 68.63
CA VAL D 346 -9.81 -31.80 67.87
C VAL D 346 -10.12 -30.85 66.73
N LEU D 347 -11.24 -31.07 66.04
CA LEU D 347 -11.60 -30.18 64.93
C LEU D 347 -11.83 -28.76 65.43
N GLN D 348 -12.58 -28.60 66.52
CA GLN D 348 -12.85 -27.26 67.02
C GLN D 348 -11.58 -26.59 67.53
N ALA D 349 -10.72 -27.36 68.20
CA ALA D 349 -9.45 -26.80 68.66
C ALA D 349 -8.58 -26.37 67.49
N GLN D 350 -8.54 -27.17 66.43
CA GLN D 350 -7.77 -26.81 65.25
C GLN D 350 -8.34 -25.56 64.59
N VAL D 351 -9.67 -25.44 64.53
CA VAL D 351 -10.28 -24.24 63.97
C VAL D 351 -9.92 -23.03 64.80
N GLU D 352 -9.94 -23.18 66.13
CA GLU D 352 -9.56 -22.06 67.00
C GLU D 352 -8.11 -21.65 66.78
N ARG D 353 -7.21 -22.63 66.67
CA ARG D 353 -5.82 -22.31 66.39
C ARG D 353 -5.68 -21.63 65.03
N ILE D 354 -6.48 -22.04 64.05
CA ILE D 354 -6.47 -21.38 62.75
C ILE D 354 -6.87 -19.92 62.89
N MET D 355 -8.00 -19.67 63.57
CA MET D 355 -8.44 -18.30 63.75
C MET D 355 -7.47 -17.49 64.60
N THR D 356 -6.62 -18.15 65.38
CA THR D 356 -5.63 -17.43 66.16
C THR D 356 -4.75 -16.55 65.28
N ARG D 357 -4.51 -16.97 64.04
CA ARG D 357 -3.71 -16.20 63.11
C ARG D 357 -4.54 -15.83 61.89
N LYS D 358 -5.75 -15.33 62.12
CA LYS D 358 -6.65 -15.02 61.02
C LYS D 358 -6.11 -13.94 60.10
N GLU D 359 -5.10 -13.19 60.54
CA GLU D 359 -4.51 -12.17 59.67
C GLU D 359 -4.05 -12.78 58.35
N LEU D 360 -3.48 -13.98 58.40
CA LEU D 360 -3.01 -14.62 57.17
C LEU D 360 -4.17 -15.05 56.29
N LEU D 361 -5.21 -15.66 56.89
CA LEU D 361 -6.32 -16.17 56.11
C LEU D 361 -7.08 -15.03 55.44
N THR D 362 -7.50 -15.27 54.20
CA THR D 362 -8.35 -14.33 53.48
C THR D 362 -9.28 -15.11 52.58
N VAL D 363 -10.50 -14.61 52.43
CA VAL D 363 -11.54 -15.28 51.66
C VAL D 363 -11.63 -14.64 50.28
N TYR D 364 -11.51 -15.45 49.24
CA TYR D 364 -11.69 -14.99 47.87
C TYR D 364 -13.18 -14.75 47.65
N SER D 365 -13.60 -13.49 47.75
CA SER D 365 -15.00 -13.15 47.59
C SER D 365 -15.50 -13.67 46.24
N SER D 366 -16.64 -14.35 46.27
CA SER D 366 -17.20 -14.89 45.04
C SER D 366 -17.42 -13.78 44.01
N GLU D 367 -18.12 -12.72 44.42
CA GLU D 367 -18.32 -11.55 43.58
C GLU D 367 -18.84 -11.95 42.20
N ASP D 368 -19.72 -12.96 42.19
CA ASP D 368 -20.26 -13.49 40.94
C ASP D 368 -19.13 -13.88 39.98
N GLY D 369 -18.09 -14.51 40.52
CA GLY D 369 -16.94 -14.87 39.74
C GLY D 369 -16.16 -13.65 39.28
N SER D 370 -15.54 -12.95 40.23
CA SER D 370 -14.83 -11.71 39.91
C SER D 370 -13.71 -11.96 38.91
N GLU D 371 -12.98 -13.06 39.08
CA GLU D 371 -11.87 -13.40 38.18
C GLU D 371 -10.84 -12.27 38.14
N GLU D 372 -10.68 -11.58 39.26
CA GLU D 372 -9.66 -10.54 39.43
C GLU D 372 -8.69 -11.08 40.46
N PHE D 373 -7.72 -11.86 39.98
CA PHE D 373 -6.86 -12.63 40.86
C PHE D 373 -5.70 -11.82 41.42
N GLU D 374 -5.06 -11.01 40.58
CA GLU D 374 -3.86 -10.28 41.02
C GLU D 374 -4.20 -9.32 42.15
N THR D 375 -5.30 -8.58 42.02
CA THR D 375 -5.67 -7.63 43.06
C THR D 375 -5.98 -8.34 44.37
N ILE D 376 -6.67 -9.47 44.30
CA ILE D 376 -7.00 -10.23 45.52
C ILE D 376 -5.71 -10.72 46.17
N VAL D 377 -4.77 -11.23 45.37
CA VAL D 377 -3.51 -11.69 45.92
C VAL D 377 -2.78 -10.54 46.59
N LEU D 378 -2.76 -9.38 45.95
CA LEU D 378 -2.08 -8.22 46.53
C LEU D 378 -2.72 -7.82 47.85
N LYS D 379 -4.06 -7.80 47.90
CA LYS D 379 -4.75 -7.46 49.14
C LYS D 379 -4.41 -8.47 50.23
N ALA D 380 -4.40 -9.75 49.89
CA ALA D 380 -4.08 -10.78 50.89
C ALA D 380 -2.67 -10.59 51.42
N LEU D 381 -1.70 -10.33 50.53
CA LEU D 381 -0.34 -10.13 50.97
C LEU D 381 -0.21 -8.89 51.85
N VAL D 382 -0.90 -7.81 51.47
CA VAL D 382 -0.87 -6.60 52.28
C VAL D 382 -1.43 -6.86 53.67
N LYS D 383 -2.57 -7.54 53.73
CA LYS D 383 -3.16 -7.85 55.03
C LYS D 383 -2.23 -8.72 55.86
N ALA D 384 -1.60 -9.73 55.24
CA ALA D 384 -0.68 -10.59 55.98
C ALA D 384 0.50 -9.79 56.52
N CYS D 385 1.03 -8.87 55.72
CA CYS D 385 2.18 -8.10 56.15
C CYS D 385 1.85 -7.27 57.39
N GLY D 386 0.68 -6.66 57.41
CA GLY D 386 0.26 -5.85 58.55
C GLY D 386 1.02 -4.55 58.66
N TYR D 393 11.80 -3.55 53.54
CA TYR D 393 10.39 -3.74 53.89
C TYR D 393 9.60 -4.27 52.69
N LEU D 394 8.39 -4.73 52.96
CA LEU D 394 7.51 -5.25 51.92
C LEU D 394 6.46 -4.20 51.59
N ASP D 395 6.40 -3.81 50.31
CA ASP D 395 5.42 -2.86 49.82
C ASP D 395 4.75 -3.43 48.59
N ALA D 396 3.47 -3.06 48.42
CA ALA D 396 2.78 -3.44 47.20
C ALA D 396 3.48 -2.90 45.97
N LEU D 397 4.11 -1.73 46.08
CA LEU D 397 4.81 -1.16 44.93
C LEU D 397 5.95 -2.06 44.48
N ARG D 398 6.78 -2.52 45.43
CA ARG D 398 7.91 -3.36 45.04
C ARG D 398 7.43 -4.64 44.41
N LEU D 399 6.36 -5.23 44.95
CA LEU D 399 5.83 -6.45 44.37
C LEU D 399 5.29 -6.22 42.96
N ALA D 400 4.54 -5.13 42.77
CA ALA D 400 4.02 -4.82 41.45
C ALA D 400 5.16 -4.61 40.46
N VAL D 401 6.23 -3.96 40.90
CA VAL D 401 7.41 -3.82 40.04
C VAL D 401 8.01 -5.17 39.73
N ALA D 402 8.04 -6.08 40.72
CA ALA D 402 8.54 -7.41 40.48
C ALA D 402 7.75 -8.09 39.36
N TRP D 403 6.43 -8.09 39.48
CA TRP D 403 5.60 -8.41 38.34
C TRP D 403 5.70 -7.28 37.32
N ASN D 404 5.08 -7.48 36.16
CA ASN D 404 5.07 -6.45 35.14
C ASN D 404 3.74 -5.72 35.09
N ARG D 405 2.89 -5.90 36.10
CA ARG D 405 1.57 -5.27 36.12
C ARG D 405 1.73 -3.83 36.59
N VAL D 406 1.61 -2.89 35.67
CA VAL D 406 1.68 -1.48 36.03
C VAL D 406 0.30 -0.93 36.38
N ASP D 407 -0.77 -1.53 35.86
CA ASP D 407 -2.11 -1.08 36.21
C ASP D 407 -2.39 -1.29 37.69
N ILE D 408 -1.93 -2.40 38.25
CA ILE D 408 -2.15 -2.66 39.68
C ILE D 408 -1.48 -1.58 40.52
N ALA D 409 -0.23 -1.24 40.18
CA ALA D 409 0.45 -0.19 40.91
C ALA D 409 -0.22 1.16 40.67
N GLN D 410 -0.73 1.38 39.47
CA GLN D 410 -1.44 2.62 39.19
C GLN D 410 -2.64 2.77 40.10
N SER D 411 -3.40 1.69 40.28
CA SER D 411 -4.54 1.73 41.19
C SER D 411 -4.08 1.91 42.64
N GLU D 412 -2.98 1.24 43.01
CA GLU D 412 -2.50 1.35 44.39
C GLU D 412 -2.08 2.78 44.72
N LEU D 413 -1.38 3.44 43.81
CA LEU D 413 -0.92 4.80 44.03
C LEU D 413 -2.04 5.81 43.85
N PHE D 414 -3.00 5.52 42.96
CA PHE D 414 -4.05 6.50 42.66
C PHE D 414 -4.86 6.83 43.90
N ARG D 415 -5.22 5.82 44.69
CA ARG D 415 -5.93 6.07 45.94
C ARG D 415 -5.10 6.99 46.82
N GLY D 416 -5.73 8.05 47.33
CA GLY D 416 -5.04 8.98 48.19
C GLY D 416 -4.81 8.49 49.59
N ASP D 417 -5.41 7.35 49.96
CA ASP D 417 -5.25 6.85 51.32
C ASP D 417 -3.79 6.60 51.64
N ILE D 418 -3.03 6.03 50.71
CA ILE D 418 -1.62 5.76 50.95
C ILE D 418 -0.85 7.07 50.86
N GLN D 419 -0.06 7.36 51.88
CA GLN D 419 0.83 8.51 51.89
C GLN D 419 2.26 8.01 51.83
N TRP D 420 2.99 8.45 50.80
CA TRP D 420 4.31 7.92 50.49
C TRP D 420 5.40 8.86 50.97
N ARG D 421 6.53 8.29 51.38
CA ARG D 421 7.70 9.04 51.78
C ARG D 421 8.75 8.95 50.68
N SER D 422 9.93 9.52 50.95
CA SER D 422 10.97 9.58 49.94
C SER D 422 11.56 8.19 49.68
N PHE D 423 12.17 7.60 50.70
CA PHE D 423 12.82 6.30 50.52
C PHE D 423 11.84 5.24 50.02
N HIS D 424 10.57 5.35 50.41
CA HIS D 424 9.58 4.37 49.94
C HIS D 424 9.54 4.33 48.42
N LEU D 425 9.41 5.48 47.78
CA LEU D 425 9.41 5.50 46.32
C LEU D 425 10.81 5.29 45.75
N GLU D 426 11.84 5.70 46.47
CA GLU D 426 13.20 5.54 45.95
C GLU D 426 13.55 4.07 45.77
N ALA D 427 13.20 3.24 46.75
CA ALA D 427 13.49 1.81 46.65
C ALA D 427 12.77 1.19 45.46
N SER D 428 11.49 1.51 45.29
CA SER D 428 10.74 0.98 44.16
C SER D 428 11.31 1.46 42.84
N LEU D 429 11.74 2.72 42.78
CA LEU D 429 12.36 3.23 41.56
C LEU D 429 13.65 2.48 41.25
N MET D 430 14.45 2.22 42.28
CA MET D 430 15.66 1.44 42.06
C MET D 430 15.34 0.06 41.52
N ASP D 431 14.32 -0.59 42.10
CA ASP D 431 13.93 -1.91 41.63
C ASP D 431 13.49 -1.85 40.17
N ALA D 432 12.70 -0.84 39.82
CA ALA D 432 12.24 -0.71 38.43
C ALA D 432 13.42 -0.50 37.49
N LEU D 433 14.38 0.33 37.89
CA LEU D 433 15.54 0.56 37.03
C LEU D 433 16.33 -0.72 36.83
N LEU D 434 16.55 -1.48 37.91
CA LEU D 434 17.38 -2.67 37.80
C LEU D 434 16.74 -3.74 36.93
N ASN D 435 15.41 -3.80 36.87
CA ASN D 435 14.70 -4.86 36.18
C ASN D 435 14.21 -4.44 34.80
N ASP D 436 14.60 -3.27 34.31
CA ASP D 436 14.23 -2.82 32.97
C ASP D 436 12.72 -2.74 32.80
N ARG D 437 12.11 -1.84 33.59
CA ARG D 437 10.67 -1.62 33.59
C ARG D 437 10.41 -0.15 33.28
N PRO D 438 10.49 0.24 32.00
CA PRO D 438 10.35 1.67 31.66
C PRO D 438 9.03 2.28 32.12
N GLU D 439 7.93 1.54 32.00
CA GLU D 439 6.64 2.10 32.37
C GLU D 439 6.60 2.44 33.85
N PHE D 440 7.16 1.57 34.70
CA PHE D 440 7.12 1.81 36.13
C PHE D 440 7.98 3.00 36.51
N VAL D 441 9.16 3.14 35.90
CA VAL D 441 9.98 4.31 36.21
C VAL D 441 9.28 5.59 35.76
N ARG D 442 8.65 5.56 34.59
CA ARG D 442 7.88 6.71 34.15
C ARG D 442 6.83 7.08 35.18
N LEU D 443 6.05 6.09 35.61
CA LEU D 443 4.97 6.36 36.56
C LEU D 443 5.52 6.88 37.88
N LEU D 444 6.59 6.28 38.38
CA LEU D 444 7.15 6.71 39.66
C LEU D 444 7.68 8.13 39.59
N ILE D 445 8.41 8.46 38.52
CA ILE D 445 8.90 9.82 38.35
C ILE D 445 7.73 10.79 38.27
N SER D 446 6.65 10.36 37.61
CA SER D 446 5.50 11.25 37.45
C SER D 446 4.91 11.69 38.79
N HIS D 447 5.15 10.93 39.86
CA HIS D 447 4.59 11.26 41.17
C HIS D 447 5.50 12.19 41.97
N GLY D 448 5.99 13.24 41.31
CA GLY D 448 6.73 14.27 42.02
C GLY D 448 7.94 13.75 42.78
N LEU D 449 8.49 12.62 42.37
CA LEU D 449 9.67 12.08 43.02
C LEU D 449 10.89 12.92 42.67
N SER D 450 11.57 13.43 43.69
CA SER D 450 12.78 14.20 43.44
C SER D 450 13.91 13.27 43.00
N LEU D 451 14.47 13.55 41.82
CA LEU D 451 15.50 12.69 41.25
C LEU D 451 16.91 13.13 41.57
N GLY D 452 17.15 14.42 41.74
CA GLY D 452 18.50 14.88 42.02
C GLY D 452 19.07 14.26 43.27
N HIS D 453 18.28 14.26 44.35
CA HIS D 453 18.72 13.65 45.59
C HIS D 453 18.66 12.12 45.53
N PHE D 454 17.85 11.56 44.65
CA PHE D 454 17.73 10.11 44.57
C PHE D 454 19.05 9.47 44.16
N LEU D 455 19.62 9.92 43.05
CA LEU D 455 20.82 9.30 42.53
C LEU D 455 22.02 9.63 43.41
N THR D 456 22.76 8.61 43.79
CA THR D 456 23.93 8.73 44.64
C THR D 456 25.03 7.83 44.08
N PRO D 457 26.29 8.10 44.41
CA PRO D 457 27.36 7.24 43.90
C PRO D 457 27.15 5.78 44.22
N MET D 458 26.62 5.46 45.40
CA MET D 458 26.31 4.07 45.72
C MET D 458 25.24 3.52 44.78
N ARG D 459 24.17 4.30 44.55
CA ARG D 459 23.11 3.83 43.67
C ARG D 459 23.61 3.68 42.24
N LEU D 460 24.43 4.62 41.77
CA LEU D 460 24.98 4.50 40.42
C LEU D 460 25.87 3.28 40.30
N ALA D 461 26.68 3.02 41.33
CA ALA D 461 27.51 1.82 41.32
C ALA D 461 26.65 0.57 41.26
N GLN D 462 25.55 0.55 42.02
CA GLN D 462 24.64 -0.58 41.95
C GLN D 462 24.05 -0.74 40.55
N LEU D 463 23.62 0.38 39.96
CA LEU D 463 23.01 0.32 38.63
C LEU D 463 23.99 -0.25 37.61
N TYR D 464 25.23 0.21 37.64
CA TYR D 464 26.21 -0.34 36.70
C TYR D 464 26.57 -1.78 37.03
N SER D 465 26.52 -2.14 38.32
CA SER D 465 26.78 -3.51 38.71
C SER D 465 25.76 -4.48 38.13
N ALA D 466 24.59 -3.99 37.75
CA ALA D 466 23.56 -4.83 37.16
C ALA D 466 23.82 -5.17 35.71
N ALA D 467 25.02 -4.91 35.20
CA ALA D 467 25.33 -5.28 33.84
C ALA D 467 25.19 -6.80 33.68
N PRO D 468 24.62 -7.27 32.58
CA PRO D 468 24.28 -8.70 32.47
C PRO D 468 25.51 -9.56 32.24
N SER D 469 25.94 -10.25 33.28
CA SER D 469 26.96 -11.32 33.21
C SER D 469 28.12 -10.80 32.35
N ASN D 470 28.51 -11.51 31.30
CA ASN D 470 29.62 -11.10 30.43
C ASN D 470 29.02 -10.28 29.29
N SER D 471 28.90 -8.97 29.53
CA SER D 471 28.45 -8.02 28.52
C SER D 471 29.56 -7.04 28.22
N LEU D 472 29.54 -6.49 27.00
CA LEU D 472 30.60 -5.60 26.57
C LEU D 472 30.84 -4.50 27.60
N ILE D 473 29.78 -3.92 28.13
CA ILE D 473 29.93 -2.91 29.18
C ILE D 473 30.66 -3.49 30.37
N ARG D 474 30.34 -4.73 30.74
CA ARG D 474 31.02 -5.36 31.87
C ARG D 474 32.51 -5.51 31.58
N ASN D 475 32.87 -5.94 30.38
CA ASN D 475 34.28 -6.09 30.04
C ASN D 475 34.99 -4.75 30.08
N LEU D 476 34.37 -3.70 29.53
CA LEU D 476 35.01 -2.40 29.53
C LEU D 476 35.19 -1.88 30.94
N LEU D 477 34.18 -2.06 31.80
CA LEU D 477 34.31 -1.63 33.19
C LEU D 477 35.42 -2.39 33.89
N ASP D 478 35.51 -3.70 33.64
CA ASP D 478 36.59 -4.47 34.26
C ASP D 478 37.96 -3.99 33.79
N GLN D 479 38.10 -3.72 32.49
CA GLN D 479 39.37 -3.23 31.98
C GLN D 479 39.73 -1.88 32.60
N ALA D 480 38.76 -0.97 32.68
CA ALA D 480 39.03 0.33 33.28
C ALA D 480 39.42 0.20 34.73
N PRO D 500 33.82 1.81 42.41
CA PRO D 500 33.02 2.84 41.73
C PRO D 500 32.87 2.59 40.23
N PRO D 501 31.86 3.22 39.61
CA PRO D 501 31.63 2.95 38.18
C PRO D 501 32.83 3.22 37.30
N ASP D 502 33.55 4.32 37.54
CA ASP D 502 34.67 4.72 36.70
C ASP D 502 34.25 4.81 35.23
N VAL D 503 33.08 5.41 35.01
CA VAL D 503 32.53 5.50 33.66
C VAL D 503 33.29 6.48 32.78
N GLY D 504 33.87 7.53 33.36
CA GLY D 504 34.55 8.52 32.54
C GLY D 504 35.68 7.91 31.72
N HIS D 505 36.44 7.02 32.34
CA HIS D 505 37.57 6.41 31.64
C HIS D 505 37.10 5.61 30.44
N VAL D 506 36.06 4.78 30.62
CA VAL D 506 35.57 3.98 29.51
C VAL D 506 34.96 4.86 28.44
N LEU D 507 34.29 5.94 28.84
CA LEU D 507 33.74 6.87 27.85
C LEU D 507 34.86 7.49 27.01
N ARG D 508 35.92 7.93 27.66
CA ARG D 508 37.05 8.49 26.91
C ARG D 508 37.67 7.44 26.00
N MET D 509 37.80 6.21 26.50
CA MET D 509 38.36 5.14 25.68
C MET D 509 37.54 4.90 24.43
N LEU D 510 36.21 4.85 24.59
CA LEU D 510 35.35 4.65 23.42
C LEU D 510 35.45 5.83 22.46
N LEU D 511 35.26 7.04 22.97
CA LEU D 511 35.30 8.22 22.09
C LEU D 511 36.73 8.50 21.64
N GLY D 512 37.71 8.24 22.50
CA GLY D 512 39.11 8.51 22.23
C GLY D 512 39.62 9.77 22.89
N LYS D 513 38.72 10.69 23.25
CA LYS D 513 39.10 11.94 23.90
C LYS D 513 40.14 12.70 23.07
N MET D 514 39.94 12.71 21.75
CA MET D 514 40.87 13.39 20.86
C MET D 514 40.52 14.87 20.73
N ALA D 557 23.67 16.52 36.71
CA ALA D 557 22.40 16.32 36.03
C ALA D 557 22.04 14.84 36.05
N PRO D 558 21.06 14.42 36.86
CA PRO D 558 20.76 12.98 36.90
C PRO D 558 20.32 12.43 35.57
N TRP D 559 19.60 13.21 34.77
CA TRP D 559 19.08 12.67 33.51
C TRP D 559 20.20 12.31 32.55
N SER D 560 21.25 13.13 32.48
CA SER D 560 22.37 12.80 31.60
C SER D 560 23.03 11.49 32.05
N ASP D 561 23.26 11.34 33.34
CA ASP D 561 23.89 10.13 33.84
C ASP D 561 23.04 8.90 33.55
N LEU D 562 21.73 9.02 33.78
CA LEU D 562 20.85 7.88 33.53
C LEU D 562 20.77 7.54 32.05
N LEU D 563 20.74 8.56 31.18
CA LEU D 563 20.77 8.30 29.75
C LEU D 563 22.04 7.58 29.35
N LEU D 564 23.18 8.03 29.88
CA LEU D 564 24.44 7.37 29.57
C LEU D 564 24.42 5.93 30.04
N TRP D 565 23.91 5.69 31.26
CA TRP D 565 23.84 4.33 31.77
C TRP D 565 22.96 3.45 30.90
N ALA D 566 21.80 3.96 30.50
CA ALA D 566 20.90 3.17 29.65
C ALA D 566 21.55 2.86 28.31
N LEU D 567 22.25 3.84 27.73
CA LEU D 567 22.93 3.60 26.47
C LEU D 567 24.01 2.53 26.63
N LEU D 568 24.79 2.62 27.70
CA LEU D 568 25.85 1.63 27.91
C LEU D 568 25.26 0.23 28.07
N LEU D 569 24.21 0.09 28.87
CA LEU D 569 23.58 -1.20 29.06
C LEU D 569 22.64 -1.58 27.93
N ASN D 570 22.40 -0.68 26.99
CA ASN D 570 21.55 -0.95 25.82
C ASN D 570 20.14 -1.34 26.26
N ARG D 571 19.47 -0.40 26.92
CA ARG D 571 18.07 -0.52 27.31
C ARG D 571 17.30 0.50 26.50
N ALA D 572 16.66 0.03 25.41
CA ALA D 572 16.12 0.97 24.43
C ALA D 572 15.06 1.87 25.03
N GLN D 573 14.05 1.31 25.68
CA GLN D 573 12.95 2.14 26.17
C GLN D 573 13.39 3.06 27.29
N MET D 574 14.24 2.55 28.19
CA MET D 574 14.71 3.38 29.29
C MET D 574 15.53 4.55 28.78
N ALA D 575 16.44 4.28 27.83
CA ALA D 575 17.22 5.36 27.25
C ALA D 575 16.33 6.36 26.53
N MET D 576 15.33 5.86 25.80
CA MET D 576 14.36 6.74 25.17
C MET D 576 13.73 7.68 26.19
N TYR D 577 13.21 7.12 27.27
CA TYR D 577 12.52 7.93 28.26
C TYR D 577 13.47 8.95 28.87
N PHE D 578 14.70 8.54 29.21
CA PHE D 578 15.64 9.47 29.80
C PHE D 578 15.99 10.58 28.84
N TRP D 579 16.09 10.28 27.55
CA TRP D 579 16.32 11.33 26.57
C TRP D 579 15.15 12.30 26.54
N GLU D 580 13.93 11.79 26.62
CA GLU D 580 12.77 12.68 26.60
C GLU D 580 12.80 13.67 27.75
N MET D 581 13.36 13.29 28.89
CA MET D 581 13.42 14.16 30.04
C MET D 581 14.73 14.95 30.13
N GLY D 582 15.64 14.76 29.18
CA GLY D 582 16.92 15.42 29.24
C GLY D 582 16.86 16.87 28.81
N SER D 583 18.00 17.55 28.96
CA SER D 583 18.07 18.97 28.64
C SER D 583 18.57 19.23 27.22
N ASN D 584 19.78 18.76 26.90
CA ASN D 584 20.37 19.00 25.60
C ASN D 584 19.89 17.92 24.65
N ALA D 585 18.68 18.13 24.12
CA ALA D 585 18.01 17.07 23.37
C ALA D 585 18.76 16.72 22.10
N VAL D 586 19.07 17.70 21.27
CA VAL D 586 19.67 17.41 19.97
C VAL D 586 21.09 16.88 20.14
N SER D 587 21.90 17.56 20.95
CA SER D 587 23.26 17.12 21.15
C SER D 587 23.28 15.75 21.83
N SER D 588 22.38 15.52 22.79
CA SER D 588 22.33 14.22 23.43
C SER D 588 21.93 13.13 22.45
N ALA D 589 21.00 13.42 21.55
CA ALA D 589 20.62 12.42 20.55
C ALA D 589 21.80 12.09 19.65
N LEU D 590 22.52 13.10 19.18
CA LEU D 590 23.67 12.84 18.32
C LEU D 590 24.76 12.07 19.06
N GLY D 591 25.01 12.45 20.32
CA GLY D 591 26.01 11.75 21.10
C GLY D 591 25.62 10.31 21.37
N ALA D 592 24.34 10.07 21.63
CA ALA D 592 23.87 8.70 21.81
C ALA D 592 24.06 7.89 20.55
N CYS D 593 23.75 8.48 19.39
CA CYS D 593 23.97 7.78 18.14
C CYS D 593 25.46 7.43 17.98
N LEU D 594 26.33 8.40 18.24
CA LEU D 594 27.76 8.16 18.15
C LEU D 594 28.18 7.02 19.06
N LEU D 595 27.78 7.08 20.32
CA LEU D 595 28.22 6.09 21.30
C LEU D 595 27.71 4.70 20.93
N LEU D 596 26.45 4.61 20.52
CA LEU D 596 25.89 3.31 20.17
C LEU D 596 26.59 2.74 18.95
N ARG D 597 26.86 3.56 17.93
CA ARG D 597 27.57 3.03 16.77
C ARG D 597 28.97 2.56 17.16
N VAL D 598 29.66 3.34 17.99
CA VAL D 598 31.01 2.96 18.41
C VAL D 598 30.97 1.63 19.14
N MET D 599 30.01 1.46 20.06
CA MET D 599 29.90 0.20 20.76
C MET D 599 29.57 -0.95 19.82
N ALA D 600 28.67 -0.72 18.86
CA ALA D 600 28.30 -1.77 17.93
C ALA D 600 29.52 -2.24 17.14
N ARG D 601 30.33 -1.30 16.65
CA ARG D 601 31.54 -1.70 15.95
C ARG D 601 32.52 -2.43 16.87
N LEU D 602 32.38 -2.26 18.18
CA LEU D 602 33.31 -2.80 19.16
C LEU D 602 32.77 -4.03 19.87
N GLU D 603 31.64 -4.55 19.37
CA GLU D 603 30.95 -5.68 20.06
C GLU D 603 31.40 -7.04 19.54
N PRO D 604 31.62 -8.04 20.43
CA PRO D 604 31.96 -9.38 19.99
C PRO D 604 30.86 -10.05 19.18
N ASP D 605 29.59 -9.85 19.55
CA ASP D 605 28.49 -10.58 18.86
C ASP D 605 27.69 -9.62 17.97
N ALA D 606 27.53 -9.98 16.69
CA ALA D 606 26.81 -9.12 15.72
C ALA D 606 25.34 -8.95 16.11
N GLU D 607 24.68 -10.02 16.58
CA GLU D 607 23.23 -9.90 16.86
C GLU D 607 23.01 -8.86 17.97
N GLU D 608 23.85 -8.86 19.01
CA GLU D 608 23.75 -7.80 20.05
C GLU D 608 24.04 -6.46 19.39
N ALA D 609 25.05 -6.43 18.51
CA ALA D 609 25.44 -5.17 17.84
C ALA D 609 24.26 -4.67 17.01
N ALA D 610 23.49 -5.56 16.39
CA ALA D 610 22.42 -5.04 15.54
C ALA D 610 21.41 -4.26 16.36
N ARG D 611 21.16 -4.71 17.60
CA ARG D 611 20.26 -3.94 18.47
C ARG D 611 20.81 -2.56 18.76
N ARG D 612 22.11 -2.48 19.07
CA ARG D 612 22.71 -1.17 19.32
C ARG D 612 22.65 -0.31 18.06
N LYS D 613 22.90 -0.91 16.90
CA LYS D 613 22.85 -0.15 15.66
C LYS D 613 21.44 0.39 15.41
N ASP D 614 20.42 -0.43 15.66
CA ASP D 614 19.05 0.01 15.49
C ASP D 614 18.70 1.13 16.45
N LEU D 615 19.13 1.01 17.71
CA LEU D 615 18.88 2.07 18.67
C LEU D 615 19.56 3.36 18.26
N ALA D 616 20.78 3.26 17.74
CA ALA D 616 21.47 4.44 17.25
C ALA D 616 20.71 5.07 16.10
N PHE D 617 20.19 4.25 15.19
CA PHE D 617 19.41 4.79 14.09
C PHE D 617 18.16 5.49 14.59
N LYS D 618 17.51 4.92 15.60
CA LYS D 618 16.32 5.55 16.17
C LYS D 618 16.66 6.89 16.80
N PHE D 619 17.77 6.94 17.55
CA PHE D 619 18.17 8.21 18.16
C PHE D 619 18.50 9.24 17.09
N GLU D 620 19.17 8.83 16.02
CA GLU D 620 19.44 9.75 14.92
C GLU D 620 18.15 10.29 14.32
N GLY D 621 17.17 9.41 14.13
CA GLY D 621 15.89 9.86 13.61
C GLY D 621 15.21 10.87 14.51
N MET D 622 15.23 10.63 15.82
CA MET D 622 14.65 11.60 16.74
C MET D 622 15.41 12.92 16.72
N GLY D 623 16.74 12.86 16.66
CA GLY D 623 17.51 14.08 16.60
C GLY D 623 17.18 14.91 15.37
N VAL D 624 17.09 14.25 14.21
CA VAL D 624 16.78 14.98 12.99
C VAL D 624 15.38 15.56 13.05
N ASP D 625 14.41 14.79 13.55
CA ASP D 625 13.05 15.32 13.64
C ASP D 625 12.98 16.52 14.57
N LEU D 626 13.59 16.41 15.75
CA LEU D 626 13.55 17.52 16.70
C LEU D 626 14.24 18.75 16.13
N PHE D 627 15.39 18.56 15.48
CA PHE D 627 16.06 19.73 14.93
C PHE D 627 15.28 20.33 13.78
N GLY D 628 14.59 19.51 12.98
CA GLY D 628 13.73 20.07 11.96
C GLY D 628 12.65 20.94 12.56
N GLU D 629 12.02 20.47 13.63
CA GLU D 629 11.03 21.28 14.33
C GLU D 629 11.65 22.59 14.80
N CYS D 630 12.77 22.50 15.49
CA CYS D 630 13.40 23.71 16.04
C CYS D 630 13.77 24.69 14.93
N TYR D 631 14.33 24.18 13.84
CA TYR D 631 14.75 25.05 12.75
C TYR D 631 13.55 25.73 12.10
N ARG D 632 12.52 24.96 11.76
CA ARG D 632 11.36 25.58 11.13
C ARG D 632 10.71 26.59 12.06
N SER D 633 10.87 26.45 13.37
CA SER D 633 10.33 27.45 14.27
C SER D 633 11.10 28.77 14.15
N SER D 634 12.42 28.72 14.20
CA SER D 634 13.23 29.94 14.17
C SER D 634 14.64 29.60 13.71
N GLU D 635 15.02 30.13 12.54
CA GLU D 635 16.32 29.80 11.96
C GLU D 635 17.47 30.54 12.64
N VAL D 636 17.24 31.78 13.07
CA VAL D 636 18.32 32.54 13.71
C VAL D 636 18.81 31.80 14.94
N ARG D 637 17.89 31.27 15.74
CA ARG D 637 18.23 30.31 16.77
C ARG D 637 18.20 28.93 16.13
N ALA D 638 18.22 27.87 16.94
CA ALA D 638 18.33 26.53 16.39
C ALA D 638 19.67 26.39 15.69
N ALA D 639 19.66 26.38 14.36
CA ALA D 639 20.88 26.11 13.62
C ALA D 639 22.01 27.02 14.06
N ARG D 640 21.77 28.33 14.07
CA ARG D 640 22.84 29.26 14.36
C ARG D 640 23.37 29.08 15.78
N LEU D 641 22.56 28.53 16.68
CA LEU D 641 22.96 28.43 18.08
C LEU D 641 23.00 27.00 18.59
N LEU D 642 21.98 26.19 18.33
CA LEU D 642 21.96 24.83 18.87
C LEU D 642 23.11 24.01 18.30
N LEU D 643 23.35 24.12 16.99
CA LEU D 643 24.37 23.27 16.37
C LEU D 643 25.77 23.75 16.69
N ARG D 644 25.98 25.06 16.76
CA ARG D 644 27.31 25.63 16.84
C ARG D 644 27.78 25.84 18.27
N ARG D 645 27.00 25.44 19.27
CA ARG D 645 27.44 25.49 20.65
C ARG D 645 28.14 24.20 21.03
N CYS D 646 29.03 24.29 22.01
CA CYS D 646 29.78 23.14 22.47
C CYS D 646 29.15 22.60 23.75
N PRO D 647 28.56 21.40 23.74
CA PRO D 647 27.86 20.91 24.95
C PRO D 647 28.80 20.21 25.92
N LEU D 648 28.22 19.63 26.97
CA LEU D 648 29.00 18.92 27.97
C LEU D 648 29.47 17.55 27.50
N TRP D 649 28.94 17.03 26.39
CA TRP D 649 29.29 15.69 25.95
C TRP D 649 30.79 15.53 25.78
N GLY D 650 31.37 16.27 24.84
CA GLY D 650 32.80 16.26 24.65
C GLY D 650 33.30 17.63 24.29
N ASP D 651 32.58 18.66 24.74
CA ASP D 651 32.80 20.04 24.31
C ASP D 651 32.99 20.09 22.80
N ALA D 652 32.23 19.28 22.08
CA ALA D 652 32.29 19.19 20.63
C ALA D 652 30.95 19.59 20.04
N THR D 653 30.98 20.51 19.07
CA THR D 653 29.75 21.00 18.48
C THR D 653 28.95 19.84 17.88
N CYS D 654 27.64 20.03 17.81
CA CYS D 654 26.77 18.96 17.33
C CYS D 654 27.18 18.49 15.94
N LEU D 655 27.70 19.39 15.11
CA LEU D 655 28.14 18.99 13.78
C LEU D 655 29.30 18.00 13.86
N GLN D 656 30.22 18.21 14.81
CA GLN D 656 31.31 17.27 14.98
C GLN D 656 30.77 15.89 15.37
N LEU D 657 29.82 15.85 16.29
CA LEU D 657 29.23 14.57 16.68
C LEU D 657 28.56 13.90 15.50
N ALA D 658 27.83 14.66 14.70
CA ALA D 658 27.16 14.07 13.53
C ALA D 658 28.20 13.53 12.55
N MET D 659 29.29 14.26 12.35
CA MET D 659 30.33 13.79 11.45
C MET D 659 30.94 12.49 11.95
N GLN D 660 31.33 12.45 13.22
CA GLN D 660 31.95 11.24 13.76
C GLN D 660 30.99 10.07 13.75
N ALA D 661 29.71 10.31 14.03
CA ALA D 661 28.72 9.24 14.04
C ALA D 661 28.30 8.82 12.63
N ASP D 662 28.77 9.51 11.60
CA ASP D 662 28.33 9.24 10.24
C ASP D 662 26.82 9.33 10.13
N ALA D 663 26.24 10.32 10.79
CA ALA D 663 24.79 10.53 10.77
C ALA D 663 24.42 11.27 9.49
N ARG D 664 24.42 10.52 8.39
CA ARG D 664 24.14 11.13 7.11
C ARG D 664 22.75 11.74 7.07
N ALA D 665 21.78 11.07 7.69
CA ALA D 665 20.42 11.61 7.70
C ALA D 665 20.38 12.97 8.37
N PHE D 666 21.20 13.18 9.40
CA PHE D 666 21.21 14.47 10.08
C PHE D 666 21.73 15.57 9.17
N PHE D 667 22.77 15.29 8.39
CA PHE D 667 23.26 16.28 7.45
C PHE D 667 22.34 16.47 6.27
N ALA D 668 21.51 15.49 5.95
CA ALA D 668 20.68 15.59 4.76
C ALA D 668 19.59 16.65 4.90
N GLN D 669 19.08 16.87 6.10
CA GLN D 669 17.92 17.73 6.26
C GLN D 669 18.24 19.16 5.88
N ASP D 670 17.21 19.88 5.41
CA ASP D 670 17.41 21.18 4.79
C ASP D 670 17.98 22.20 5.76
N GLY D 671 17.62 22.12 7.04
CA GLY D 671 18.14 23.10 7.99
C GLY D 671 19.65 23.05 8.09
N VAL D 672 20.21 21.85 8.22
CA VAL D 672 21.65 21.72 8.35
C VAL D 672 22.33 22.15 7.06
N GLN D 673 21.75 21.81 5.91
CA GLN D 673 22.35 22.20 4.64
C GLN D 673 22.34 23.72 4.49
N SER D 674 21.25 24.38 4.87
CA SER D 674 21.21 25.83 4.81
C SER D 674 22.24 26.44 5.74
N LEU D 675 22.39 25.88 6.94
CA LEU D 675 23.42 26.38 7.84
C LEU D 675 24.80 26.23 7.25
N LEU D 676 25.07 25.08 6.63
CA LEU D 676 26.38 24.86 6.02
C LEU D 676 26.62 25.83 4.89
N THR D 677 25.60 26.10 4.08
CA THR D 677 25.73 27.09 3.02
C THR D 677 26.03 28.45 3.61
N GLN D 678 25.34 28.83 4.68
CA GLN D 678 25.59 30.11 5.31
C GLN D 678 27.03 30.22 5.80
N LYS D 679 27.54 29.16 6.41
CA LYS D 679 28.93 29.16 6.85
C LYS D 679 29.88 29.21 5.67
N TRP D 680 29.50 28.60 4.55
CA TRP D 680 30.36 28.56 3.37
C TRP D 680 30.61 29.96 2.84
N TRP D 681 29.58 30.80 2.81
CA TRP D 681 29.68 32.15 2.32
C TRP D 681 30.19 33.14 3.37
N GLY D 682 30.50 32.67 4.57
CA GLY D 682 30.99 33.58 5.58
C GLY D 682 29.99 34.68 5.87
N ASP D 683 30.49 35.91 5.97
CA ASP D 683 29.61 37.03 6.30
C ASP D 683 28.80 37.50 5.11
N MET D 684 29.21 37.14 3.89
CA MET D 684 28.42 37.49 2.72
C MET D 684 27.09 36.78 2.74
N ALA D 685 26.07 37.40 2.15
CA ALA D 685 24.76 36.79 2.09
C ALA D 685 24.82 35.53 1.23
N SER D 686 24.11 34.49 1.66
CA SER D 686 24.10 33.23 0.94
C SER D 686 23.52 33.35 -0.46
N THR D 687 22.80 34.42 -0.76
CA THR D 687 22.15 34.60 -2.05
C THR D 687 23.04 35.31 -3.06
N THR D 688 24.28 35.61 -2.70
CA THR D 688 25.15 36.34 -3.61
C THR D 688 25.33 35.53 -4.90
N PRO D 689 25.09 36.12 -6.07
CA PRO D 689 25.35 35.39 -7.30
C PRO D 689 26.84 35.13 -7.50
N ILE D 690 27.14 34.02 -8.17
CA ILE D 690 28.53 33.65 -8.39
C ILE D 690 29.24 34.73 -9.21
N TRP D 691 28.58 35.25 -10.24
CA TRP D 691 29.21 36.27 -11.06
C TRP D 691 29.56 37.50 -10.23
N ALA D 692 28.72 37.85 -9.27
CA ALA D 692 29.04 38.95 -8.38
C ALA D 692 30.30 38.65 -7.58
N LEU D 693 30.42 37.42 -7.09
CA LEU D 693 31.63 37.04 -6.35
C LEU D 693 32.86 37.15 -7.23
N VAL D 694 32.77 36.71 -8.48
CA VAL D 694 33.92 36.77 -9.38
C VAL D 694 34.30 38.22 -9.63
N LEU D 695 33.31 39.06 -9.92
CA LEU D 695 33.60 40.47 -10.15
C LEU D 695 34.27 41.10 -8.95
N ALA D 696 33.76 40.81 -7.75
CA ALA D 696 34.38 41.34 -6.55
C ALA D 696 35.82 40.83 -6.41
N PHE D 697 36.04 39.55 -6.73
CA PHE D 697 37.36 38.98 -6.59
C PHE D 697 38.36 39.68 -7.49
N PHE D 698 37.98 39.94 -8.74
CA PHE D 698 38.87 40.62 -9.67
C PHE D 698 38.81 42.13 -9.58
N CYS D 699 37.87 42.68 -8.82
CA CYS D 699 37.77 44.12 -8.57
C CYS D 699 37.61 44.33 -7.07
N PRO D 700 38.70 44.26 -6.31
CA PRO D 700 38.63 44.38 -4.86
C PRO D 700 37.74 45.54 -4.43
N PRO D 701 37.92 46.73 -4.99
CA PRO D 701 37.10 47.86 -4.52
C PRO D 701 35.60 47.58 -4.61
N LEU D 702 35.15 46.85 -5.61
CA LEU D 702 33.73 46.58 -5.77
C LEU D 702 33.13 45.88 -4.55
N ILE D 703 33.93 45.37 -3.62
CA ILE D 703 33.35 44.79 -2.42
C ILE D 703 32.55 45.84 -1.66
N TYR D 704 33.04 47.08 -1.64
CA TYR D 704 32.34 48.14 -0.93
C TYR D 704 31.12 48.65 -1.67
N THR D 705 30.93 48.28 -2.92
CA THR D 705 29.74 48.67 -3.65
C THR D 705 28.52 47.92 -3.12
N ARG D 706 27.35 48.51 -3.30
CA ARG D 706 26.11 47.90 -2.84
C ARG D 706 25.74 46.64 -3.62
N LEU D 707 26.42 46.37 -4.73
CA LEU D 707 26.09 45.20 -5.55
C LEU D 707 26.44 43.88 -4.86
N ILE D 708 27.16 43.92 -3.75
CA ILE D 708 27.45 42.74 -2.93
C ILE D 708 26.91 43.01 -1.53
N THR D 709 26.14 42.07 -1.01
CA THR D 709 25.43 42.24 0.25
C THR D 709 26.08 41.45 1.37
N PHE D 710 26.04 42.01 2.57
CA PHE D 710 26.62 41.37 3.74
C PHE D 710 25.58 41.22 4.86
N ARG D 766 37.98 49.58 12.31
CA ARG D 766 37.48 50.26 11.11
C ARG D 766 36.45 49.39 10.40
N ARG D 767 35.39 50.05 9.89
CA ARG D 767 34.40 49.33 9.10
C ARG D 767 35.00 48.83 7.80
N CYS D 768 35.86 49.63 7.18
CA CYS D 768 36.45 49.23 5.90
C CYS D 768 37.26 47.95 6.06
N LEU D 769 38.14 47.90 7.06
CA LEU D 769 38.94 46.71 7.29
C LEU D 769 38.06 45.53 7.69
N ARG D 770 36.99 45.79 8.45
CA ARG D 770 36.07 44.72 8.80
C ARG D 770 35.48 44.08 7.56
N ARG D 771 34.98 44.90 6.64
CA ARG D 771 34.40 44.37 5.41
C ARG D 771 35.45 43.68 4.57
N TRP D 772 36.65 44.24 4.50
CA TRP D 772 37.73 43.63 3.73
C TRP D 772 38.03 42.23 4.22
N PHE D 773 38.24 42.08 5.53
CA PHE D 773 38.53 40.77 6.08
C PHE D 773 37.34 39.84 5.99
N HIS D 774 36.13 40.37 6.08
CA HIS D 774 34.95 39.53 5.91
C HIS D 774 34.90 38.94 4.52
N PHE D 775 35.21 39.74 3.50
CA PHE D 775 35.19 39.24 2.14
C PHE D 775 36.33 38.25 1.89
N TRP D 776 37.54 38.61 2.31
CA TRP D 776 38.69 37.77 1.97
C TRP D 776 38.90 36.63 2.95
N GLY D 777 38.06 36.49 3.96
CA GLY D 777 38.20 35.40 4.91
C GLY D 777 37.11 34.37 4.77
N ALA D 778 36.07 34.68 4.00
CA ALA D 778 35.00 33.73 3.82
C ALA D 778 35.53 32.46 3.16
N PRO D 779 35.03 31.28 3.57
CA PRO D 779 35.53 30.06 2.93
C PRO D 779 35.39 30.06 1.43
N VAL D 780 34.31 30.63 0.90
CA VAL D 780 34.09 30.58 -0.54
C VAL D 780 35.16 31.37 -1.28
N THR D 781 35.53 32.54 -0.76
CA THR D 781 36.54 33.34 -1.44
C THR D 781 37.90 32.69 -1.33
N ILE D 782 38.20 32.06 -0.20
CA ILE D 782 39.45 31.31 -0.08
C ILE D 782 39.48 30.20 -1.12
N PHE D 783 38.36 29.49 -1.27
CA PHE D 783 38.28 28.42 -2.26
C PHE D 783 38.49 28.96 -3.67
N MET D 784 37.85 30.09 -3.98
CA MET D 784 38.01 30.66 -5.32
C MET D 784 39.44 31.09 -5.57
N GLY D 785 40.06 31.73 -4.60
CA GLY D 785 41.46 32.10 -4.75
C GLY D 785 42.35 30.89 -4.94
N ASN D 786 42.07 29.82 -4.19
CA ASN D 786 42.84 28.60 -4.34
C ASN D 786 42.68 28.01 -5.74
N VAL D 787 41.45 28.03 -6.27
CA VAL D 787 41.21 27.50 -7.60
C VAL D 787 41.94 28.33 -8.64
N VAL D 788 41.87 29.65 -8.53
CA VAL D 788 42.55 30.51 -9.49
C VAL D 788 44.06 30.28 -9.42
N SER D 789 44.61 30.18 -8.21
CA SER D 789 46.03 29.95 -8.07
C SER D 789 46.43 28.60 -8.65
N TYR D 790 45.60 27.58 -8.45
CA TYR D 790 45.92 26.26 -9.00
C TYR D 790 45.89 26.28 -10.52
N LEU D 791 44.93 26.98 -11.11
CA LEU D 791 44.90 27.10 -12.55
C LEU D 791 46.13 27.82 -13.06
N LEU D 792 46.54 28.90 -12.40
CA LEU D 792 47.76 29.58 -12.82
C LEU D 792 48.98 28.68 -12.64
N PHE D 793 48.98 27.86 -11.59
CA PHE D 793 50.09 26.94 -11.40
C PHE D 793 50.17 25.94 -12.53
N LEU D 794 49.02 25.39 -12.94
CA LEU D 794 49.04 24.47 -14.07
C LEU D 794 49.49 25.17 -15.34
N LEU D 795 49.06 26.41 -15.54
CA LEU D 795 49.49 27.15 -16.72
C LEU D 795 51.00 27.33 -16.72
N LEU D 796 51.58 27.71 -15.57
CA LEU D 796 53.03 27.87 -15.49
C LEU D 796 53.73 26.54 -15.69
N PHE D 797 53.18 25.47 -15.12
CA PHE D 797 53.79 24.15 -15.28
C PHE D 797 53.84 23.77 -16.75
N SER D 798 52.74 23.97 -17.47
CA SER D 798 52.73 23.66 -18.89
C SER D 798 53.72 24.55 -19.64
N ARG D 799 53.75 25.84 -19.32
CA ARG D 799 54.67 26.74 -19.99
C ARG D 799 56.10 26.27 -19.82
N VAL D 800 56.47 25.88 -18.61
CA VAL D 800 57.83 25.39 -18.36
C VAL D 800 58.07 24.10 -19.10
N LEU D 801 57.12 23.17 -19.02
CA LEU D 801 57.33 21.84 -19.56
C LEU D 801 57.48 21.87 -21.07
N LEU D 802 56.66 22.66 -21.75
CA LEU D 802 56.64 22.65 -23.20
C LEU D 802 57.69 23.55 -23.83
N VAL D 803 58.15 24.59 -23.14
CA VAL D 803 59.02 25.58 -23.75
C VAL D 803 60.33 25.73 -22.99
N ASP D 804 60.24 26.13 -21.72
CA ASP D 804 61.40 26.58 -20.97
C ASP D 804 62.20 25.44 -20.36
N PHE D 805 61.80 24.20 -20.56
CA PHE D 805 62.53 23.05 -20.02
C PHE D 805 63.63 22.67 -20.99
N GLN D 806 64.88 22.80 -20.57
CA GLN D 806 66.03 22.50 -21.41
C GLN D 806 67.09 21.84 -20.57
N PRO D 807 68.04 21.13 -21.20
CA PRO D 807 69.14 20.52 -20.43
C PRO D 807 69.96 21.52 -19.64
N ALA D 808 70.02 22.78 -20.07
CA ALA D 808 70.76 23.79 -19.36
C ALA D 808 70.23 23.94 -17.94
N PRO D 809 70.94 24.67 -17.08
CA PRO D 809 70.45 24.87 -15.71
C PRO D 809 69.11 25.58 -15.71
N PRO D 810 68.32 25.40 -14.66
CA PRO D 810 66.96 25.95 -14.68
C PRO D 810 66.94 27.46 -14.87
N GLY D 811 65.94 27.95 -15.59
CA GLY D 811 65.74 29.36 -15.80
C GLY D 811 64.88 29.97 -14.71
N SER D 812 64.57 31.26 -14.90
CA SER D 812 63.80 31.98 -13.90
C SER D 812 62.43 31.35 -13.70
N LEU D 813 61.73 31.06 -14.79
CA LEU D 813 60.39 30.49 -14.67
C LEU D 813 60.43 29.12 -14.00
N GLU D 814 61.44 28.31 -14.32
CA GLU D 814 61.53 27.00 -13.71
C GLU D 814 61.77 27.12 -12.21
N LEU D 815 62.61 28.08 -11.80
CA LEU D 815 62.82 28.29 -10.37
C LEU D 815 61.54 28.77 -9.69
N LEU D 816 60.78 29.64 -10.37
CA LEU D 816 59.50 30.05 -9.82
C LEU D 816 58.58 28.85 -9.64
N LEU D 817 58.59 27.93 -10.60
CA LEU D 817 57.79 26.72 -10.48
C LEU D 817 58.24 25.89 -9.30
N TYR D 818 59.55 25.77 -9.10
CA TYR D 818 60.06 25.01 -7.96
C TYR D 818 59.57 25.63 -6.65
N PHE D 819 59.65 26.95 -6.54
CA PHE D 819 59.20 27.62 -5.33
C PHE D 819 57.70 27.41 -5.12
N TRP D 820 56.93 27.50 -6.19
CA TRP D 820 55.49 27.29 -6.10
C TRP D 820 55.17 25.88 -5.62
N ALA D 821 55.85 24.88 -6.17
CA ALA D 821 55.63 23.52 -5.72
C ALA D 821 56.05 23.34 -4.27
N PHE D 822 57.11 24.03 -3.86
CA PHE D 822 57.52 23.98 -2.45
C PHE D 822 56.43 24.54 -1.55
N THR D 823 55.81 25.64 -1.96
CA THR D 823 54.72 26.20 -1.15
C THR D 823 53.55 25.24 -1.08
N LEU D 824 53.25 24.57 -2.19
CA LEU D 824 52.19 23.55 -2.15
C LEU D 824 52.55 22.43 -1.19
N LEU D 825 53.80 22.01 -1.19
CA LEU D 825 54.24 20.98 -0.25
C LEU D 825 54.07 21.45 1.19
N CYS D 826 54.45 22.70 1.47
CA CYS D 826 54.28 23.23 2.80
C CYS D 826 52.81 23.27 3.20
N GLU D 827 51.93 23.63 2.26
CA GLU D 827 50.50 23.64 2.57
C GLU D 827 49.99 22.25 2.89
N GLU D 828 50.41 21.24 2.12
CA GLU D 828 49.99 19.88 2.44
C GLU D 828 50.54 19.45 3.79
N LEU D 829 51.77 19.84 4.10
CA LEU D 829 52.34 19.53 5.41
C LEU D 829 51.52 20.16 6.52
N ARG D 830 51.11 21.42 6.35
CA ARG D 830 50.28 22.07 7.34
C ARG D 830 48.95 21.35 7.50
N GLN D 831 48.33 20.97 6.39
CA GLN D 831 47.04 20.27 6.48
C GLN D 831 47.19 18.97 7.25
N GLY D 832 48.22 18.19 6.95
CA GLY D 832 48.42 16.94 7.66
C GLY D 832 48.78 17.15 9.11
N LEU D 833 49.58 18.17 9.40
CA LEU D 833 50.10 18.36 10.75
C LEU D 833 49.02 18.84 11.70
N SER D 834 48.21 19.80 11.29
CA SER D 834 47.16 20.39 12.12
C SER D 834 45.83 20.05 11.47
N GLY D 835 45.27 18.90 11.82
CA GLY D 835 44.01 18.47 11.27
C GLY D 835 43.75 16.99 11.48
N SER D 851 48.55 13.26 19.42
CA SER D 851 47.88 12.38 18.47
C SER D 851 48.51 12.53 17.08
N LEU D 852 49.82 12.76 17.04
CA LEU D 852 50.49 13.00 15.77
C LEU D 852 50.18 11.91 14.76
N SER D 853 50.36 10.64 15.16
CA SER D 853 50.04 9.55 14.26
C SER D 853 48.56 9.52 13.92
N GLN D 854 47.70 9.81 14.90
CA GLN D 854 46.26 9.80 14.65
C GLN D 854 45.88 10.81 13.58
N ARG D 855 46.31 12.06 13.75
CA ARG D 855 45.96 13.10 12.78
C ARG D 855 46.65 12.87 11.44
N LEU D 856 47.86 12.32 11.46
CA LEU D 856 48.53 11.98 10.21
C LEU D 856 47.72 10.96 9.43
N ARG D 857 47.24 9.91 10.10
CA ARG D 857 46.40 8.92 9.45
C ARG D 857 45.10 9.55 8.96
N LEU D 858 44.50 10.41 9.77
CA LEU D 858 43.26 11.07 9.37
C LEU D 858 43.46 11.86 8.08
N TYR D 859 44.55 12.61 8.01
CA TYR D 859 44.85 13.36 6.79
C TYR D 859 45.09 12.43 5.62
N LEU D 860 45.95 11.43 5.80
CA LEU D 860 46.30 10.53 4.72
C LEU D 860 45.12 9.67 4.26
N ALA D 861 44.04 9.63 5.04
CA ALA D 861 42.89 8.81 4.66
C ALA D 861 42.11 9.40 3.50
N ASP D 862 42.19 10.70 3.27
CA ASP D 862 41.43 11.33 2.19
C ASP D 862 42.07 11.03 0.85
N SER D 863 41.24 10.72 -0.14
CA SER D 863 41.76 10.41 -1.46
C SER D 863 42.46 11.61 -2.08
N TRP D 864 41.88 12.80 -1.93
CA TRP D 864 42.47 13.98 -2.54
C TRP D 864 43.85 14.26 -1.95
N ASN D 865 44.01 14.06 -0.64
CA ASN D 865 45.32 14.25 -0.03
C ASN D 865 46.31 13.23 -0.58
N GLN D 866 45.86 12.00 -0.81
CA GLN D 866 46.74 11.00 -1.43
C GLN D 866 47.17 11.46 -2.82
N CYS D 867 46.24 11.99 -3.60
CA CYS D 867 46.56 12.48 -4.93
C CYS D 867 47.58 13.61 -4.86
N ASP D 868 47.38 14.55 -3.94
CA ASP D 868 48.34 15.65 -3.79
C ASP D 868 49.71 15.12 -3.40
N LEU D 869 49.74 14.15 -2.47
CA LEU D 869 51.03 13.63 -2.02
C LEU D 869 51.76 12.92 -3.14
N VAL D 870 51.05 12.12 -3.94
CA VAL D 870 51.72 11.43 -5.04
C VAL D 870 52.19 12.43 -6.08
N ALA D 871 51.40 13.46 -6.35
CA ALA D 871 51.82 14.48 -7.31
C ALA D 871 53.10 15.15 -6.84
N LEU D 872 53.16 15.54 -5.57
CA LEU D 872 54.34 16.23 -5.06
C LEU D 872 55.55 15.31 -5.03
N THR D 873 55.34 14.03 -4.69
CA THR D 873 56.45 13.08 -4.72
C THR D 873 57.00 12.94 -6.13
N CYS D 874 56.13 12.81 -7.12
CA CYS D 874 56.59 12.72 -8.50
C CYS D 874 57.31 13.99 -8.91
N PHE D 875 56.83 15.15 -8.48
CA PHE D 875 57.49 16.40 -8.80
C PHE D 875 58.90 16.44 -8.24
N LEU D 876 59.05 16.05 -6.97
CA LEU D 876 60.37 16.03 -6.37
C LEU D 876 61.30 15.06 -7.11
N LEU D 877 60.78 13.87 -7.45
CA LEU D 877 61.60 12.91 -8.16
C LEU D 877 62.02 13.45 -9.52
N GLY D 878 61.09 14.09 -10.23
CA GLY D 878 61.43 14.63 -11.54
C GLY D 878 62.46 15.74 -11.46
N VAL D 879 62.32 16.64 -10.49
CA VAL D 879 63.31 17.70 -10.33
C VAL D 879 64.67 17.12 -10.00
N GLY D 880 64.71 16.14 -9.10
CA GLY D 880 65.97 15.51 -8.77
C GLY D 880 66.63 14.89 -9.99
N CYS D 881 65.85 14.14 -10.77
CA CYS D 881 66.40 13.52 -11.97
C CYS D 881 66.88 14.57 -12.95
N ARG D 882 66.12 15.65 -13.11
CA ARG D 882 66.52 16.70 -14.06
C ARG D 882 67.85 17.33 -13.66
N LEU D 883 68.02 17.61 -12.37
CA LEU D 883 69.25 18.27 -11.94
C LEU D 883 70.47 17.39 -12.18
N THR D 884 70.31 16.09 -12.04
CA THR D 884 71.42 15.19 -12.27
C THR D 884 71.86 15.29 -13.73
N PRO D 885 73.17 15.29 -14.01
CA PRO D 885 73.60 15.50 -15.41
C PRO D 885 73.07 14.46 -16.38
N GLY D 886 72.99 13.19 -15.96
CA GLY D 886 72.71 12.12 -16.90
C GLY D 886 71.25 11.75 -17.05
N LEU D 887 70.40 12.20 -16.13
CA LEU D 887 69.00 11.78 -16.07
C LEU D 887 68.06 12.89 -16.49
N TYR D 888 68.45 13.70 -17.48
CA TYR D 888 67.59 14.80 -17.90
C TYR D 888 66.31 14.29 -18.54
N HIS D 889 66.42 13.37 -19.50
CA HIS D 889 65.23 12.89 -20.18
C HIS D 889 64.29 12.16 -19.23
N LEU D 890 64.86 11.38 -18.30
CA LEU D 890 64.02 10.70 -17.32
C LEU D 890 63.27 11.71 -16.47
N GLY D 891 63.94 12.77 -16.04
CA GLY D 891 63.26 13.81 -15.28
C GLY D 891 62.15 14.45 -16.08
N ARG D 892 62.40 14.74 -17.36
CA ARG D 892 61.35 15.34 -18.17
C ARG D 892 60.15 14.42 -18.29
N THR D 893 60.38 13.12 -18.48
CA THR D 893 59.27 12.18 -18.59
C THR D 893 58.48 12.13 -17.28
N VAL D 894 59.20 12.06 -16.15
CA VAL D 894 58.51 11.99 -14.87
C VAL D 894 57.67 13.24 -14.65
N LEU D 895 58.20 14.41 -15.01
CA LEU D 895 57.42 15.63 -14.88
C LEU D 895 56.23 15.65 -15.83
N CYS D 896 56.38 15.08 -17.02
CA CYS D 896 55.25 15.01 -17.94
C CYS D 896 54.10 14.20 -17.33
N ILE D 897 54.41 13.09 -16.69
CA ILE D 897 53.36 12.32 -16.02
C ILE D 897 52.83 13.08 -14.82
N ASP D 898 53.72 13.74 -14.09
CA ASP D 898 53.31 14.49 -12.91
C ASP D 898 52.33 15.60 -13.28
N PHE D 899 52.45 16.15 -14.48
CA PHE D 899 51.49 17.16 -14.90
C PHE D 899 50.09 16.58 -14.98
N MET D 900 49.96 15.36 -15.52
CA MET D 900 48.66 14.70 -15.52
C MET D 900 48.16 14.51 -14.10
N VAL D 901 49.04 14.08 -13.21
CA VAL D 901 48.63 13.84 -11.83
C VAL D 901 48.11 15.13 -11.21
N PHE D 902 48.82 16.24 -11.44
CA PHE D 902 48.38 17.52 -10.90
C PHE D 902 47.07 17.96 -11.51
N THR D 903 46.91 17.80 -12.81
CA THR D 903 45.71 18.28 -13.47
C THR D 903 44.48 17.51 -13.00
N VAL D 904 44.63 16.23 -12.70
CA VAL D 904 43.49 15.46 -12.24
C VAL D 904 42.90 16.05 -10.98
N ARG D 905 43.70 16.79 -10.20
CA ARG D 905 43.20 17.37 -8.97
C ARG D 905 42.08 18.39 -9.20
N LEU D 906 41.98 18.94 -10.41
CA LEU D 906 40.95 19.94 -10.66
C LEU D 906 39.55 19.36 -10.53
N LEU D 907 39.40 18.03 -10.59
CA LEU D 907 38.09 17.44 -10.42
C LEU D 907 37.50 17.77 -9.06
N HIS D 908 38.35 18.08 -8.07
CA HIS D 908 37.86 18.45 -6.76
C HIS D 908 36.95 19.66 -6.79
N ILE D 909 37.08 20.51 -7.82
CA ILE D 909 36.27 21.71 -7.90
C ILE D 909 34.79 21.36 -7.93
N PHE D 910 34.43 20.34 -8.71
CA PHE D 910 33.02 20.01 -8.89
C PHE D 910 32.39 19.45 -7.64
N THR D 911 33.16 19.12 -6.60
CA THR D 911 32.57 18.61 -5.37
C THR D 911 31.80 19.69 -4.62
N VAL D 912 31.90 20.94 -5.02
CA VAL D 912 31.18 22.00 -4.32
C VAL D 912 29.81 22.27 -4.95
N ASN D 913 29.68 22.06 -6.25
CA ASN D 913 28.40 22.32 -6.90
C ASN D 913 27.34 21.36 -6.39
N LYS D 914 26.12 21.86 -6.29
CA LYS D 914 25.02 21.05 -5.76
C LYS D 914 24.70 19.87 -6.65
N GLN D 915 24.99 19.97 -7.94
CA GLN D 915 24.68 18.91 -8.90
C GLN D 915 25.88 18.03 -9.23
N LEU D 916 27.08 18.60 -9.28
CA LEU D 916 28.23 17.84 -9.77
C LEU D 916 28.81 16.91 -8.72
N GLY D 917 28.73 17.24 -7.43
CA GLY D 917 29.33 16.43 -6.40
C GLY D 917 28.77 15.03 -6.34
N PRO D 918 27.45 14.91 -6.33
CA PRO D 918 26.84 13.57 -6.41
C PRO D 918 27.26 12.83 -7.66
N LYS D 919 27.41 13.54 -8.78
CA LYS D 919 27.86 12.91 -10.00
C LYS D 919 29.25 12.31 -9.83
N ILE D 920 30.15 13.05 -9.18
CA ILE D 920 31.50 12.54 -8.97
C ILE D 920 31.49 11.34 -8.05
N VAL D 921 30.62 11.36 -7.03
CA VAL D 921 30.52 10.19 -6.16
C VAL D 921 30.07 8.96 -6.95
N ILE D 922 29.05 9.13 -7.78
CA ILE D 922 28.55 8.02 -8.57
C ILE D 922 29.65 7.52 -9.51
N VAL D 923 30.38 8.44 -10.13
CA VAL D 923 31.49 8.06 -10.99
C VAL D 923 32.48 7.21 -10.22
N SER D 924 32.82 7.62 -9.00
CA SER D 924 33.74 6.83 -8.19
C SER D 924 33.17 5.43 -7.96
N LYS D 925 31.85 5.31 -7.88
CA LYS D 925 31.25 4.00 -7.65
C LYS D 925 31.14 3.14 -8.91
N MET D 926 31.30 3.73 -10.10
CA MET D 926 31.22 2.96 -11.35
C MET D 926 32.42 2.03 -11.60
N MET D 927 33.40 1.99 -10.70
CA MET D 927 34.66 1.33 -11.04
C MET D 927 34.51 -0.19 -11.11
N LYS D 928 33.56 -0.78 -10.40
CA LYS D 928 33.35 -2.21 -10.52
C LYS D 928 32.93 -2.60 -11.94
N ASP D 929 31.99 -1.84 -12.51
CA ASP D 929 31.59 -2.07 -13.88
C ASP D 929 32.76 -1.84 -14.83
N VAL D 930 33.55 -0.80 -14.57
CA VAL D 930 34.71 -0.54 -15.42
C VAL D 930 35.66 -1.74 -15.41
N PHE D 931 35.92 -2.30 -14.23
CA PHE D 931 36.85 -3.42 -14.13
C PHE D 931 36.28 -4.67 -14.79
N PHE D 932 34.98 -4.91 -14.64
CA PHE D 932 34.38 -6.03 -15.35
C PHE D 932 34.60 -5.91 -16.85
N PHE D 933 34.31 -4.72 -17.39
CA PHE D 933 34.51 -4.52 -18.82
C PHE D 933 35.96 -4.72 -19.21
N LEU D 934 36.89 -4.19 -18.41
CA LEU D 934 38.30 -4.29 -18.76
C LEU D 934 38.76 -5.75 -18.76
N PHE D 935 38.33 -6.53 -17.77
CA PHE D 935 38.74 -7.94 -17.73
C PHE D 935 38.18 -8.70 -18.91
N PHE D 936 36.90 -8.50 -19.22
CA PHE D 936 36.29 -9.16 -20.37
C PHE D 936 37.04 -8.80 -21.65
N LEU D 937 37.30 -7.50 -21.83
CA LEU D 937 37.97 -7.05 -23.04
C LEU D 937 39.40 -7.59 -23.12
N GLY D 938 40.09 -7.67 -21.99
CA GLY D 938 41.43 -8.22 -22.01
C GLY D 938 41.45 -9.66 -22.43
N VAL D 939 40.52 -10.47 -21.89
CA VAL D 939 40.44 -11.87 -22.30
C VAL D 939 40.18 -11.95 -23.79
N TRP D 940 39.20 -11.19 -24.28
CA TRP D 940 38.85 -11.25 -25.70
C TRP D 940 40.00 -10.80 -26.57
N LEU D 941 40.69 -9.73 -26.18
CA LEU D 941 41.81 -9.24 -26.97
C LEU D 941 42.92 -10.26 -27.02
N VAL D 942 43.26 -10.87 -25.89
CA VAL D 942 44.31 -11.88 -25.91
C VAL D 942 43.93 -12.99 -26.88
N ALA D 943 42.72 -13.52 -26.75
CA ALA D 943 42.32 -14.64 -27.59
C ALA D 943 42.39 -14.26 -29.06
N TYR D 944 41.72 -13.18 -29.45
CA TYR D 944 41.65 -12.81 -30.86
C TYR D 944 43.02 -12.43 -31.41
N GLY D 945 43.79 -11.64 -30.68
CA GLY D 945 45.08 -11.22 -31.17
C GLY D 945 46.03 -12.37 -31.37
N VAL D 946 46.08 -13.29 -30.40
CA VAL D 946 46.98 -14.42 -30.56
C VAL D 946 46.53 -15.31 -31.71
N ALA D 947 45.22 -15.52 -31.84
CA ALA D 947 44.75 -16.34 -32.95
C ALA D 947 45.14 -15.73 -34.29
N THR D 948 44.91 -14.42 -34.45
CA THR D 948 45.23 -13.76 -35.71
C THR D 948 46.73 -13.78 -35.98
N GLU D 949 47.53 -13.51 -34.95
CA GLU D 949 48.98 -13.53 -35.12
C GLU D 949 49.46 -14.92 -35.53
N GLY D 950 48.88 -15.96 -34.94
CA GLY D 950 49.25 -17.31 -35.34
C GLY D 950 48.84 -17.63 -36.76
N LEU D 951 47.66 -17.19 -37.17
CA LEU D 951 47.21 -17.47 -38.53
C LEU D 951 48.06 -16.75 -39.56
N LEU D 952 48.41 -15.49 -39.31
CA LEU D 952 49.14 -14.73 -40.32
C LEU D 952 50.58 -15.21 -40.45
N ARG D 953 51.22 -15.57 -39.35
CA ARG D 953 52.61 -16.00 -39.37
C ARG D 953 53.51 -14.92 -39.96
N PRO D 954 53.44 -13.69 -39.50
CA PRO D 954 54.36 -12.67 -40.02
C PRO D 954 55.81 -13.06 -39.74
N ARG D 955 56.69 -12.70 -40.67
CA ARG D 955 58.08 -13.12 -40.59
C ARG D 955 58.95 -12.17 -39.77
N ASP D 956 58.39 -11.09 -39.24
CA ASP D 956 59.16 -10.26 -38.30
C ASP D 956 59.50 -11.06 -37.06
N SER D 957 58.49 -11.66 -36.43
CA SER D 957 58.70 -12.57 -35.31
C SER D 957 59.61 -11.94 -34.26
N ASP D 958 59.43 -10.64 -34.02
CA ASP D 958 60.20 -9.90 -33.04
C ASP D 958 59.30 -9.62 -31.85
N PHE D 959 59.84 -9.83 -30.64
CA PHE D 959 58.99 -9.78 -29.45
C PHE D 959 58.24 -8.47 -29.32
N PRO D 960 58.87 -7.30 -29.44
CA PRO D 960 58.07 -6.06 -29.44
C PRO D 960 57.05 -6.03 -30.57
N SER D 961 57.42 -6.49 -31.76
CA SER D 961 56.48 -6.51 -32.87
C SER D 961 55.35 -7.48 -32.59
N ILE D 962 55.65 -8.64 -32.01
CA ILE D 962 54.61 -9.61 -31.69
C ILE D 962 53.63 -9.02 -30.69
N LEU D 963 54.16 -8.37 -29.64
CA LEU D 963 53.28 -7.74 -28.67
C LEU D 963 52.43 -6.65 -29.32
N ARG D 964 53.05 -5.86 -30.20
CA ARG D 964 52.29 -4.82 -30.90
C ARG D 964 51.11 -5.43 -31.65
N ARG D 965 51.40 -6.41 -32.51
CA ARG D 965 50.34 -6.99 -33.32
C ARG D 965 49.34 -7.79 -32.50
N VAL D 966 49.71 -8.23 -31.30
CA VAL D 966 48.81 -9.03 -30.50
C VAL D 966 47.90 -8.18 -29.63
N PHE D 967 48.37 -7.02 -29.15
CA PHE D 967 47.58 -6.20 -28.24
C PHE D 967 47.22 -4.84 -28.83
N TYR D 968 48.21 -4.10 -29.34
CA TYR D 968 47.96 -2.71 -29.71
C TYR D 968 47.02 -2.64 -30.91
N ARG D 969 47.31 -3.37 -31.98
CA ARG D 969 46.49 -3.26 -33.17
C ARG D 969 45.06 -3.74 -32.93
N PRO D 970 44.82 -4.92 -32.35
CA PRO D 970 43.43 -5.27 -32.04
C PRO D 970 42.75 -4.27 -31.14
N TYR D 971 43.49 -3.69 -30.19
CA TYR D 971 42.89 -2.68 -29.33
C TYR D 971 42.46 -1.46 -30.13
N LEU D 972 43.32 -0.98 -31.02
CA LEU D 972 42.96 0.18 -31.82
C LEU D 972 41.81 -0.13 -32.76
N GLN D 973 41.63 -1.39 -33.15
CA GLN D 973 40.49 -1.73 -33.99
C GLN D 973 39.17 -1.41 -33.30
N ILE D 974 39.14 -1.36 -31.97
CA ILE D 974 37.91 -1.04 -31.27
C ILE D 974 37.47 0.39 -31.55
N PHE D 975 38.37 1.23 -32.04
CA PHE D 975 38.11 2.65 -32.24
C PHE D 975 38.20 3.03 -33.71
N GLY D 976 37.76 2.14 -34.59
CA GLY D 976 37.66 2.45 -36.00
C GLY D 976 38.95 2.40 -36.78
N GLN D 977 40.06 1.98 -36.16
CA GLN D 977 41.34 1.90 -36.83
C GLN D 977 41.55 0.46 -37.29
N ILE D 978 40.93 0.13 -38.42
CA ILE D 978 40.97 -1.23 -38.94
C ILE D 978 41.92 -1.27 -40.13
N PRO D 979 43.13 -1.83 -39.98
CA PRO D 979 44.08 -1.90 -41.10
C PRO D 979 43.88 -3.11 -41.99
N GLN D 980 42.88 -3.04 -42.86
CA GLN D 980 42.57 -4.18 -43.73
C GLN D 980 43.76 -4.56 -44.59
N GLU D 981 44.55 -3.58 -45.03
CA GLU D 981 45.69 -3.89 -45.89
C GLU D 981 46.70 -4.78 -45.21
N ASP D 982 46.78 -4.76 -43.88
CA ASP D 982 47.76 -5.54 -43.14
C ASP D 982 47.24 -6.90 -42.71
N MET D 983 45.99 -7.21 -42.99
CA MET D 983 45.40 -8.48 -42.58
C MET D 983 44.75 -9.24 -43.72
N ASP D 984 44.13 -8.54 -44.66
CA ASP D 984 43.42 -9.19 -45.76
C ASP D 984 44.38 -9.41 -46.91
N VAL D 985 44.48 -10.66 -47.37
CA VAL D 985 45.40 -10.99 -48.44
C VAL D 985 44.90 -10.47 -49.77
N ALA D 986 43.60 -10.31 -49.93
CA ALA D 986 43.07 -9.80 -51.18
C ALA D 986 43.56 -8.40 -51.48
N LEU D 987 44.02 -7.66 -50.46
CA LEU D 987 44.46 -6.29 -50.63
C LEU D 987 45.97 -6.15 -50.65
N MET D 988 46.70 -7.26 -50.73
CA MET D 988 48.15 -7.24 -50.68
C MET D 988 48.72 -7.83 -51.96
N GLU D 989 50.05 -7.77 -52.07
CA GLU D 989 50.76 -8.23 -53.25
C GLU D 989 51.39 -9.58 -52.98
N HIS D 990 51.06 -10.57 -53.80
CA HIS D 990 51.63 -11.89 -53.63
C HIS D 990 53.11 -11.88 -53.99
N SER D 991 53.91 -12.54 -53.16
CA SER D 991 55.35 -12.59 -53.39
C SER D 991 55.91 -13.81 -52.68
N ASN D 992 57.05 -14.29 -53.17
CA ASN D 992 57.74 -15.44 -52.59
C ASN D 992 58.85 -14.96 -51.64
N CYS D 993 58.41 -14.30 -50.57
CA CYS D 993 59.36 -13.74 -49.61
C CYS D 993 60.11 -14.85 -48.87
N SER D 994 59.39 -15.82 -48.33
CA SER D 994 59.95 -16.81 -47.43
C SER D 994 60.19 -18.13 -48.14
N SER D 995 61.31 -18.77 -47.81
CA SER D 995 61.63 -20.07 -48.41
C SER D 995 60.70 -21.17 -47.91
N GLU D 996 60.00 -20.96 -46.81
CA GLU D 996 59.13 -21.99 -46.28
C GLU D 996 58.02 -22.29 -47.29
N PRO D 997 57.55 -23.54 -47.35
CA PRO D 997 56.52 -23.87 -48.32
C PRO D 997 55.22 -23.14 -48.03
N GLY D 998 54.48 -22.85 -49.10
CA GLY D 998 53.22 -22.15 -49.02
C GLY D 998 53.24 -20.89 -49.85
N PHE D 999 52.17 -20.10 -49.72
CA PHE D 999 52.03 -18.83 -50.41
C PHE D 999 52.09 -17.69 -49.39
N TRP D 1000 52.68 -16.58 -49.80
CA TRP D 1000 52.90 -15.46 -48.90
C TRP D 1000 52.54 -14.16 -49.61
N ALA D 1001 52.15 -13.17 -48.82
CA ALA D 1001 51.81 -11.85 -49.32
C ALA D 1001 52.63 -10.81 -48.55
N HIS D 1002 52.80 -9.64 -49.16
CA HIS D 1002 53.63 -8.59 -48.58
C HIS D 1002 52.75 -7.44 -48.11
N PRO D 1003 52.49 -7.31 -46.81
CA PRO D 1003 51.72 -6.17 -46.33
C PRO D 1003 52.49 -4.88 -46.56
N PRO D 1004 51.78 -3.76 -46.81
CA PRO D 1004 52.48 -2.48 -46.92
C PRO D 1004 52.78 -1.82 -45.59
N GLY D 1005 52.17 -2.26 -44.50
CA GLY D 1005 52.37 -1.61 -43.22
C GLY D 1005 53.81 -1.71 -42.74
N ALA D 1006 54.22 -0.68 -42.00
CA ALA D 1006 55.59 -0.65 -41.47
C ALA D 1006 55.79 -1.73 -40.42
N GLN D 1007 54.86 -1.84 -39.48
CA GLN D 1007 54.93 -2.82 -38.39
C GLN D 1007 53.92 -3.94 -38.55
N ALA D 1008 53.63 -4.32 -39.80
CA ALA D 1008 52.67 -5.37 -40.09
C ALA D 1008 53.34 -6.70 -40.41
N GLY D 1009 54.64 -6.80 -40.23
CA GLY D 1009 55.36 -8.00 -40.62
C GLY D 1009 55.82 -7.90 -42.06
N THR D 1010 57.02 -8.40 -42.34
CA THR D 1010 57.55 -8.27 -43.70
C THR D 1010 56.65 -8.97 -44.71
N CYS D 1011 56.18 -10.17 -44.36
CA CYS D 1011 55.22 -10.87 -45.20
C CYS D 1011 54.46 -11.86 -44.35
N VAL D 1012 53.21 -12.10 -44.70
CA VAL D 1012 52.33 -12.94 -43.90
C VAL D 1012 51.84 -14.09 -44.76
N SER D 1013 51.63 -15.24 -44.11
CA SER D 1013 51.06 -16.39 -44.79
C SER D 1013 49.63 -16.10 -45.21
N GLN D 1014 49.21 -16.70 -46.32
CA GLN D 1014 47.86 -16.54 -46.84
C GLN D 1014 47.14 -17.88 -46.93
N TYR D 1015 47.47 -18.81 -46.03
CA TYR D 1015 46.90 -20.15 -46.13
C TYR D 1015 45.39 -20.10 -46.01
N ALA D 1016 44.89 -19.69 -44.84
CA ALA D 1016 43.45 -19.52 -44.62
C ALA D 1016 43.26 -18.08 -44.17
N ASN D 1017 43.15 -17.18 -45.13
CA ASN D 1017 42.96 -15.77 -44.81
C ASN D 1017 41.50 -15.44 -44.63
N TRP D 1018 40.60 -16.18 -45.29
CA TRP D 1018 39.18 -16.00 -45.01
C TRP D 1018 38.89 -16.20 -43.54
N LEU D 1019 39.64 -17.07 -42.87
CA LEU D 1019 39.45 -17.25 -41.44
C LEU D 1019 39.90 -16.03 -40.67
N VAL D 1020 40.98 -15.38 -41.11
CA VAL D 1020 41.40 -14.15 -40.46
C VAL D 1020 40.34 -13.07 -40.60
N VAL D 1021 39.76 -12.97 -41.79
CA VAL D 1021 38.70 -11.99 -42.01
C VAL D 1021 37.47 -12.32 -41.16
N LEU D 1022 37.15 -13.60 -41.04
CA LEU D 1022 36.01 -14.00 -40.21
C LEU D 1022 36.27 -13.67 -38.74
N LEU D 1023 37.49 -13.90 -38.26
CA LEU D 1023 37.82 -13.54 -36.89
C LEU D 1023 37.73 -12.04 -36.71
N LEU D 1024 38.15 -11.26 -37.71
CA LEU D 1024 38.01 -9.82 -37.63
C LEU D 1024 36.54 -9.43 -37.52
N VAL D 1025 35.68 -10.07 -38.30
CA VAL D 1025 34.26 -9.77 -38.25
C VAL D 1025 33.71 -10.05 -36.85
N ILE D 1026 34.01 -11.23 -36.32
CA ILE D 1026 33.49 -11.60 -35.01
C ILE D 1026 34.02 -10.66 -33.94
N PHE D 1027 35.30 -10.31 -34.02
CA PHE D 1027 35.89 -9.42 -33.03
C PHE D 1027 35.24 -8.06 -33.07
N LEU D 1028 35.07 -7.50 -34.28
CA LEU D 1028 34.40 -6.22 -34.38
C LEU D 1028 33.02 -6.31 -33.75
N LEU D 1029 32.23 -7.30 -34.14
CA LEU D 1029 30.92 -7.46 -33.53
C LEU D 1029 31.03 -7.41 -32.01
N VAL D 1030 31.71 -8.40 -31.44
CA VAL D 1030 31.75 -8.55 -29.99
C VAL D 1030 32.23 -7.25 -29.36
N ALA D 1031 33.48 -6.89 -29.60
CA ALA D 1031 34.08 -5.74 -28.93
C ALA D 1031 33.26 -4.48 -29.16
N ASN D 1032 33.15 -4.03 -30.41
CA ASN D 1032 32.57 -2.71 -30.65
C ASN D 1032 31.13 -2.64 -30.19
N ILE D 1033 30.33 -3.67 -30.46
CA ILE D 1033 28.90 -3.55 -30.21
C ILE D 1033 28.55 -4.17 -28.86
N LEU D 1034 28.76 -5.47 -28.70
CA LEU D 1034 28.18 -6.16 -27.56
C LEU D 1034 28.80 -5.68 -26.25
N LEU D 1035 30.13 -5.66 -26.17
CA LEU D 1035 30.76 -5.29 -24.92
C LEU D 1035 30.50 -3.83 -24.57
N VAL D 1036 30.59 -2.94 -25.55
CA VAL D 1036 30.38 -1.53 -25.27
C VAL D 1036 28.95 -1.26 -24.83
N ASN D 1037 27.98 -1.87 -25.52
CA ASN D 1037 26.59 -1.69 -25.12
C ASN D 1037 26.31 -2.32 -23.76
N LEU D 1038 26.95 -3.44 -23.47
CA LEU D 1038 26.81 -4.04 -22.15
C LEU D 1038 27.35 -3.11 -21.07
N LEU D 1039 28.49 -2.47 -21.34
CA LEU D 1039 29.02 -1.50 -20.39
C LEU D 1039 28.06 -0.33 -20.20
N ILE D 1040 27.45 0.13 -21.29
CA ILE D 1040 26.47 1.22 -21.17
C ILE D 1040 25.30 0.78 -20.30
N ALA D 1041 24.82 -0.44 -20.50
CA ALA D 1041 23.70 -0.93 -19.70
C ALA D 1041 24.09 -1.03 -18.22
N MET D 1042 25.28 -1.54 -17.95
CA MET D 1042 25.73 -1.64 -16.56
C MET D 1042 25.87 -0.26 -15.93
N PHE D 1043 26.42 0.70 -16.67
CA PHE D 1043 26.53 2.06 -16.15
C PHE D 1043 25.15 2.63 -15.86
N SER D 1044 24.20 2.42 -16.76
CA SER D 1044 22.85 2.96 -16.54
C SER D 1044 22.26 2.36 -15.27
N TYR D 1045 22.36 1.04 -15.11
CA TYR D 1045 21.80 0.41 -13.94
C TYR D 1045 22.43 0.95 -12.67
N THR D 1046 23.77 0.98 -12.63
CA THR D 1046 24.45 1.43 -11.42
C THR D 1046 24.12 2.88 -11.11
N PHE D 1047 24.10 3.74 -12.14
CA PHE D 1047 23.78 5.15 -11.92
C PHE D 1047 22.39 5.29 -11.34
N GLY D 1048 21.42 4.55 -11.87
CA GLY D 1048 20.08 4.61 -11.30
C GLY D 1048 19.98 4.03 -9.91
N LYS D 1049 20.89 3.12 -9.56
CA LYS D 1049 20.75 2.41 -8.29
C LYS D 1049 21.34 3.20 -7.12
N VAL D 1050 22.45 3.89 -7.34
CA VAL D 1050 23.20 4.48 -6.23
C VAL D 1050 23.04 6.00 -6.22
N GLN D 1051 21.94 6.50 -6.78
CA GLN D 1051 21.72 7.94 -6.80
C GLN D 1051 21.53 8.49 -5.40
N GLY D 1052 20.61 7.90 -4.64
CA GLY D 1052 20.27 8.47 -3.33
C GLY D 1052 21.41 8.38 -2.34
N ASN D 1053 22.08 7.23 -2.28
CA ASN D 1053 23.19 7.08 -1.36
C ASN D 1053 24.32 8.05 -1.70
N SER D 1054 24.59 8.24 -3.00
CA SER D 1054 25.62 9.18 -3.41
C SER D 1054 25.23 10.60 -3.01
N ASP D 1055 23.97 10.97 -3.18
CA ASP D 1055 23.55 12.30 -2.79
C ASP D 1055 23.71 12.51 -1.28
N LEU D 1056 23.31 11.51 -0.49
CA LEU D 1056 23.48 11.62 0.96
C LEU D 1056 24.95 11.72 1.33
N TYR D 1057 25.80 10.92 0.69
CA TYR D 1057 27.22 10.97 1.00
C TYR D 1057 27.80 12.34 0.68
N TRP D 1058 27.42 12.92 -0.45
CA TRP D 1058 27.91 14.25 -0.77
C TRP D 1058 27.45 15.27 0.24
N LYS D 1059 26.16 15.21 0.62
CA LYS D 1059 25.66 16.15 1.62
C LYS D 1059 26.40 15.99 2.93
N ALA D 1060 26.82 14.77 3.26
CA ALA D 1060 27.56 14.56 4.50
C ALA D 1060 28.97 15.14 4.41
N GLN D 1061 29.69 14.87 3.32
CA GLN D 1061 31.06 15.34 3.21
C GLN D 1061 31.15 16.83 2.92
N ARG D 1062 30.03 17.47 2.59
CA ARG D 1062 30.03 18.90 2.42
C ARG D 1062 30.54 19.60 3.67
N TYR D 1063 30.19 19.08 4.84
CA TYR D 1063 30.69 19.68 6.08
C TYR D 1063 32.20 19.57 6.17
N ARG D 1064 32.77 18.43 5.81
CA ARG D 1064 34.22 18.28 5.85
C ARG D 1064 34.88 19.28 4.91
N LEU D 1065 34.33 19.44 3.71
CA LEU D 1065 34.88 20.41 2.78
C LEU D 1065 34.87 21.81 3.38
N ILE D 1066 33.71 22.22 3.91
CA ILE D 1066 33.58 23.58 4.43
C ILE D 1066 34.53 23.80 5.59
N ARG D 1067 34.63 22.82 6.49
CA ARG D 1067 35.53 22.97 7.63
C ARG D 1067 36.97 23.05 7.16
N GLU D 1068 37.35 22.25 6.16
CA GLU D 1068 38.71 22.31 5.65
C GLU D 1068 39.02 23.69 5.11
N PHE D 1069 38.13 24.27 4.33
CA PHE D 1069 38.39 25.59 3.77
C PHE D 1069 38.15 26.72 4.77
N HIS D 1070 37.58 26.42 5.93
CA HIS D 1070 37.38 27.44 6.93
C HIS D 1070 38.67 27.77 7.67
N SER D 1071 39.59 26.82 7.77
CA SER D 1071 40.81 26.97 8.55
C SER D 1071 42.03 27.23 7.69
N ARG D 1072 41.90 27.22 6.36
CA ARG D 1072 43.06 27.44 5.51
C ARG D 1072 43.49 28.91 5.58
N PRO D 1073 44.76 29.19 5.31
CA PRO D 1073 45.20 30.58 5.24
C PRO D 1073 44.46 31.31 4.12
N ALA D 1074 44.23 32.62 4.35
CA ALA D 1074 43.46 33.41 3.40
C ALA D 1074 44.21 33.69 2.11
N LEU D 1075 45.50 33.38 2.03
CA LEU D 1075 46.31 33.67 0.86
C LEU D 1075 46.50 32.44 -0.01
N ALA D 1076 46.80 32.68 -1.27
CA ALA D 1076 46.95 31.62 -2.25
C ALA D 1076 48.30 30.92 -2.12
N PRO D 1077 48.43 29.73 -2.68
CA PRO D 1077 49.66 28.93 -2.51
C PRO D 1077 50.91 29.69 -2.91
N PRO D 1078 50.92 30.45 -4.00
CA PRO D 1078 52.15 31.18 -4.35
C PRO D 1078 52.58 32.13 -3.25
N PHE D 1079 51.64 32.78 -2.57
CA PHE D 1079 51.93 33.68 -1.47
C PHE D 1079 51.71 33.05 -0.11
N ILE D 1080 51.14 31.85 -0.06
CA ILE D 1080 50.82 31.21 1.21
C ILE D 1080 52.05 31.06 2.10
N VAL D 1081 53.25 31.21 1.54
CA VAL D 1081 54.45 31.15 2.37
C VAL D 1081 54.44 32.28 3.39
N ILE D 1082 53.98 33.46 2.99
CA ILE D 1082 53.97 34.59 3.92
C ILE D 1082 53.03 34.34 5.08
N SER D 1083 52.02 33.48 4.90
CA SER D 1083 51.10 33.14 5.98
C SER D 1083 51.54 31.91 6.76
N HIS D 1084 52.19 30.95 6.11
CA HIS D 1084 52.80 29.85 6.86
C HIS D 1084 53.88 30.38 7.79
N LEU D 1085 54.57 31.43 7.36
CA LEU D 1085 55.54 32.08 8.24
C LEU D 1085 54.84 32.65 9.47
N ARG D 1086 53.69 33.31 9.27
CA ARG D 1086 52.93 33.82 10.41
C ARG D 1086 52.48 32.69 11.33
N LEU D 1087 51.99 31.60 10.76
CA LEU D 1087 51.63 30.45 11.59
C LEU D 1087 52.86 29.93 12.33
N LEU D 1088 54.00 29.83 11.65
CA LEU D 1088 55.25 29.60 12.34
C LEU D 1088 55.58 30.83 13.16
N LEU D 1089 56.61 30.71 14.00
CA LEU D 1089 56.93 31.77 14.95
C LEU D 1089 55.75 32.04 15.88
N ARG D 1090 55.04 30.98 16.26
CA ARG D 1090 53.86 31.11 17.09
C ARG D 1090 53.38 29.74 17.53
N LYS D 1115 25.66 31.15 31.02
CA LYS D 1115 24.97 32.40 30.71
C LYS D 1115 23.47 32.23 30.87
N GLU D 1116 22.75 33.34 30.71
CA GLU D 1116 21.30 33.29 30.67
C GLU D 1116 20.75 33.02 29.28
N ALA D 1117 21.44 33.49 28.24
CA ALA D 1117 21.01 33.22 26.88
C ALA D 1117 21.05 31.74 26.58
N GLU D 1118 22.09 31.05 27.03
CA GLU D 1118 22.17 29.61 26.81
C GLU D 1118 21.04 28.88 27.51
N ARG D 1119 20.72 29.27 28.75
CA ARG D 1119 19.61 28.66 29.46
C ARG D 1119 18.30 28.90 28.74
N LYS D 1120 18.09 30.12 28.24
CA LYS D 1120 16.87 30.42 27.49
C LYS D 1120 16.79 29.56 26.24
N LEU D 1121 17.93 29.39 25.55
CA LEU D 1121 17.95 28.56 24.35
C LEU D 1121 17.57 27.12 24.69
N LEU D 1122 18.13 26.58 25.78
CA LEU D 1122 17.81 25.21 26.15
C LEU D 1122 16.34 25.08 26.52
N THR D 1123 15.79 26.08 27.21
CA THR D 1123 14.37 26.02 27.55
C THR D 1123 13.50 26.02 26.31
N TRP D 1124 13.84 26.85 25.33
CA TRP D 1124 13.09 26.89 24.08
C TRP D 1124 13.19 25.55 23.35
N GLU D 1125 14.39 24.97 23.33
CA GLU D 1125 14.56 23.64 22.75
C GLU D 1125 13.68 22.62 23.45
N SER D 1126 13.63 22.68 24.78
CA SER D 1126 12.81 21.72 25.52
C SER D 1126 11.33 21.89 25.20
N VAL D 1127 10.89 23.14 25.05
CA VAL D 1127 9.50 23.39 24.67
C VAL D 1127 9.21 22.71 23.33
N HIS D 1128 10.11 22.89 22.37
CA HIS D 1128 9.88 22.28 21.07
C HIS D 1128 9.92 20.76 21.15
N LYS D 1129 10.80 20.21 21.98
CA LYS D 1129 10.84 18.77 22.15
C LYS D 1129 9.53 18.24 22.72
N GLU D 1130 8.98 18.94 23.71
CA GLU D 1130 7.71 18.53 24.28
C GLU D 1130 6.61 18.57 23.23
N ASN D 1131 6.58 19.63 22.43
CA ASN D 1131 5.57 19.71 21.38
C ASN D 1131 5.71 18.56 20.39
N PHE D 1132 6.95 18.25 20.00
CA PHE D 1132 7.17 17.16 19.04
C PHE D 1132 6.73 15.82 19.62
N LEU D 1133 7.07 15.56 20.89
CA LEU D 1133 6.65 14.30 21.51
C LEU D 1133 5.14 14.21 21.62
N LEU D 1134 4.48 15.30 22.00
CA LEU D 1134 3.03 15.27 22.06
C LEU D 1134 2.42 15.02 20.70
N ALA D 1135 2.97 15.64 19.65
CA ALA D 1135 2.46 15.41 18.31
C ALA D 1135 2.60 13.94 17.92
N ARG D 1136 3.76 13.34 18.20
CA ARG D 1136 3.95 11.94 17.85
C ARG D 1136 2.98 11.07 18.62
N ALA D 1137 2.82 11.31 19.92
CA ALA D 1137 1.92 10.49 20.73
C ALA D 1137 0.49 10.61 20.23
N ARG D 1138 0.04 11.82 19.94
CA ARG D 1138 -1.32 12.00 19.46
C ARG D 1138 -1.52 11.32 18.11
N ASP D 1139 -0.55 11.45 17.21
CA ASP D 1139 -0.67 10.79 15.91
C ASP D 1139 -0.77 9.29 16.06
N LYS D 1140 0.06 8.71 16.94
CA LYS D 1140 -0.03 7.27 17.17
C LYS D 1140 -1.37 6.89 17.76
N ARG D 1141 -1.87 7.67 18.72
CA ARG D 1141 -3.12 7.32 19.37
C ARG D 1141 -4.29 7.36 18.41
N GLU D 1142 -4.28 8.31 17.47
CA GLU D 1142 -5.37 8.45 16.52
C GLU D 1142 -5.23 7.54 15.31
N SER D 1143 -4.19 6.71 15.26
CA SER D 1143 -4.01 5.80 14.13
C SER D 1143 -5.11 4.75 14.13
N ASP D 1144 -5.33 4.16 12.95
CA ASP D 1144 -6.40 3.18 12.81
C ASP D 1144 -6.17 1.96 13.69
N SER D 1145 -4.92 1.48 13.76
CA SER D 1145 -4.64 0.29 14.55
C SER D 1145 -4.92 0.53 16.02
N GLU D 1146 -4.47 1.67 16.55
CA GLU D 1146 -4.68 1.97 17.96
C GLU D 1146 -6.15 2.16 18.26
N ARG D 1147 -6.88 2.83 17.37
CA ARG D 1147 -8.31 3.00 17.59
C ARG D 1147 -9.02 1.66 17.57
N LEU D 1148 -8.63 0.77 16.66
CA LEU D 1148 -9.22 -0.56 16.62
C LEU D 1148 -8.93 -1.32 17.91
N LYS D 1149 -7.72 -1.20 18.43
CA LYS D 1149 -7.38 -1.87 19.68
C LYS D 1149 -8.22 -1.33 20.83
N ARG D 1150 -8.38 -0.01 20.90
CA ARG D 1150 -9.21 0.57 21.95
C ARG D 1150 -10.66 0.12 21.83
N THR D 1151 -11.16 0.05 20.59
CA THR D 1151 -12.52 -0.44 20.39
C THR D 1151 -12.66 -1.88 20.85
N SER D 1152 -11.66 -2.72 20.55
CA SER D 1152 -11.73 -4.10 21.01
C SER D 1152 -11.76 -4.16 22.53
N GLN D 1153 -10.92 -3.37 23.19
CA GLN D 1153 -10.91 -3.38 24.64
C GLN D 1153 -12.24 -2.90 25.20
N LYS D 1154 -12.80 -1.85 24.62
CA LYS D 1154 -14.09 -1.34 25.10
C LYS D 1154 -15.20 -2.34 24.87
N VAL D 1155 -15.17 -3.05 23.73
CA VAL D 1155 -16.16 -4.08 23.48
C VAL D 1155 -16.04 -5.19 24.50
N ASP D 1156 -14.81 -5.59 24.82
CA ASP D 1156 -14.62 -6.62 25.83
C ASP D 1156 -15.14 -6.16 27.19
N LEU D 1157 -14.88 -4.91 27.55
CA LEU D 1157 -15.39 -4.38 28.81
C LEU D 1157 -16.92 -4.39 28.82
N ALA D 1158 -17.53 -3.97 27.72
CA ALA D 1158 -18.98 -3.98 27.62
C ALA D 1158 -19.51 -5.40 27.75
N LEU D 1159 -18.84 -6.36 27.11
CA LEU D 1159 -19.27 -7.75 27.18
C LEU D 1159 -19.20 -8.26 28.61
N LYS D 1160 -18.12 -7.95 29.32
CA LYS D 1160 -17.99 -8.40 30.69
C LYS D 1160 -19.08 -7.79 31.56
N GLN D 1161 -19.32 -6.49 31.41
CA GLN D 1161 -20.37 -5.86 32.21
C GLN D 1161 -21.74 -6.41 31.86
N LEU D 1162 -21.94 -6.75 30.59
CA LEU D 1162 -23.23 -7.31 30.17
C LEU D 1162 -23.45 -8.67 30.79
N GLY D 1163 -22.43 -9.53 30.76
CA GLY D 1163 -22.53 -10.80 31.44
C GLY D 1163 -22.77 -10.62 32.93
N HIS D 1164 -22.11 -9.63 33.53
CA HIS D 1164 -22.27 -9.37 34.95
C HIS D 1164 -23.71 -8.98 35.28
N ILE D 1165 -24.27 -8.04 34.51
CA ILE D 1165 -25.63 -7.59 34.78
C ILE D 1165 -26.63 -8.69 34.51
N ARG D 1166 -26.39 -9.53 33.50
CA ARG D 1166 -27.34 -10.59 33.18
C ARG D 1166 -27.60 -11.47 34.39
N GLU D 1167 -26.61 -11.65 35.25
CA GLU D 1167 -26.78 -12.43 36.46
C GLU D 1167 -27.67 -11.69 37.46
CA CA E . 36.03 -28.97 -15.62
CA CA F . 0.06 -11.32 -47.48
CA CA G . 9.09 36.39 -31.24
CA CA H . 45.06 18.74 0.62
#